data_3ZXR
#
_entry.id   3ZXR
#
_cell.length_a   133.260
_cell.length_b   227.470
_cell.length_c   200.590
_cell.angle_alpha   90.00
_cell.angle_beta   90.00
_cell.angle_gamma   90.00
#
_symmetry.space_group_name_H-M   'C 2 2 21'
#
loop_
_entity.id
_entity.type
_entity.pdbx_description
1 polymer 'GLUTAMINE SYNTHETASE 1'
2 non-polymer 3-(2-TERT-BUTYL-5-(PYRIDIN-4-YL)-1H-IMIDAZOL-4-YL)QUINOLINE
3 non-polymer 'MAGNESIUM ION'
4 non-polymer 'L-METHIONINE-S-SULFOXIMINE PHOSPHATE'
5 non-polymer 'PHOSPHATE ION'
6 non-polymer 'CHLORIDE ION'
7 water water
#
_entity_poly.entity_id   1
_entity_poly.type   'polypeptide(L)'
_entity_poly.pdbx_seq_one_letter_code
;MAHHHHHHGTEKTPDDVFKLAKDEKVEYVDVRFCDLPGIMQHFTIPASAFDKSVFDDGLAFDGSSIRGFQSIHESDMLLL
PDPETARIDPFRAAKTLNINFFVHDPFTLEPYSRDPRNIARKAENYLISTGIADTAYFGAEAEFYIFDSVSFDSRANGSF
YEVDAISGWWNTGAATEADGSPNRGYKVRHKGGYFPVAPNDQYVDLRDKMLTNLINSGFILEKGHHEVGSGGQAEINYQF
NSLLHAADDMQLYKYIIKNTAWQNGKTVTFMPKPLFGDNGSGMHCHQSLWKDGAPLMYDETGYAGLSDTARHYIGGLLHH
APSLLAFTNPTVNSYKRLVPGYEAPINLVYSQRNRSACVRIPITGSNPKAKRLEFRSPDSSGNPYLAFSAMLMAGLDGIK
NKIEPQAPVDKDLYELPPEEAASIPQTPTQLSDVIDRLEADHEYLTEGGVFTNDLIETWISFKRENEIEPVNIRPHPYEF
ALYYDV
;
_entity_poly.pdbx_strand_id   A,B,C,D,E,F
#
# COMPACT_ATOMS: atom_id res chain seq x y z
N LYS A 12 -9.98 -3.70 -50.65
CA LYS A 12 -8.85 -4.48 -50.06
C LYS A 12 -8.99 -5.97 -50.28
N THR A 13 -7.87 -6.64 -50.46
CA THR A 13 -7.84 -8.03 -50.84
C THR A 13 -7.45 -8.93 -49.65
N PRO A 14 -7.71 -10.26 -49.77
CA PRO A 14 -7.17 -11.23 -48.82
C PRO A 14 -5.67 -11.06 -48.57
N ASP A 15 -4.88 -10.89 -49.63
CA ASP A 15 -3.43 -10.68 -49.52
C ASP A 15 -3.05 -9.40 -48.77
N ASP A 16 -3.85 -8.36 -48.86
CA ASP A 16 -3.61 -7.16 -48.04
C ASP A 16 -3.71 -7.48 -46.56
N VAL A 17 -4.70 -8.29 -46.19
CA VAL A 17 -4.93 -8.64 -44.78
C VAL A 17 -3.79 -9.51 -44.24
N PHE A 18 -3.37 -10.50 -45.02
CA PHE A 18 -2.24 -11.33 -44.64
C PHE A 18 -0.98 -10.52 -44.43
N LYS A 19 -0.76 -9.54 -45.31
CA LYS A 19 0.40 -8.67 -45.18
C LYS A 19 0.33 -7.88 -43.88
N LEU A 20 -0.86 -7.35 -43.59
CA LEU A 20 -1.06 -6.58 -42.37
C LEU A 20 -0.79 -7.41 -41.11
N ALA A 21 -1.35 -8.62 -41.09
CA ALA A 21 -1.11 -9.58 -40.01
C ALA A 21 0.40 -9.86 -39.80
N LYS A 22 1.07 -10.16 -40.90
CA LYS A 22 2.50 -10.43 -40.91
C LYS A 22 3.29 -9.22 -40.42
N ASP A 23 3.00 -8.06 -40.99
CA ASP A 23 3.73 -6.82 -40.65
C ASP A 23 3.53 -6.41 -39.20
N GLU A 24 2.32 -6.64 -38.69
CA GLU A 24 1.96 -6.20 -37.35
C GLU A 24 2.28 -7.23 -36.28
N LYS A 25 2.85 -8.36 -36.70
CA LYS A 25 3.26 -9.46 -35.80
C LYS A 25 2.06 -9.89 -34.95
N VAL A 26 0.92 -10.07 -35.62
CA VAL A 26 -0.32 -10.47 -34.99
C VAL A 26 -0.23 -11.90 -34.42
N GLU A 27 -0.71 -12.08 -33.18
CA GLU A 27 -0.76 -13.39 -32.54
C GLU A 27 -2.10 -14.08 -32.73
N TYR A 28 -3.18 -13.28 -32.74
CA TYR A 28 -4.52 -13.83 -32.84
C TYR A 28 -5.38 -13.04 -33.81
N VAL A 29 -6.34 -13.74 -34.40
CA VAL A 29 -7.33 -13.08 -35.24
C VAL A 29 -8.70 -13.26 -34.61
N ASP A 30 -9.33 -12.12 -34.32
CA ASP A 30 -10.68 -12.12 -33.75
C ASP A 30 -11.73 -12.07 -34.86
N VAL A 31 -12.50 -13.16 -34.97
CA VAL A 31 -13.52 -13.35 -36.00
C VAL A 31 -14.82 -12.76 -35.51
N ARG A 32 -15.27 -11.67 -36.14
CA ARG A 32 -16.47 -10.95 -35.69
C ARG A 32 -17.64 -10.95 -36.66
N PHE A 33 -18.84 -10.91 -36.09
CA PHE A 33 -20.06 -10.79 -36.87
C PHE A 33 -21.16 -10.21 -35.97
N CYS A 34 -22.31 -9.91 -36.57
CA CYS A 34 -23.35 -9.21 -35.86
C CYS A 34 -24.57 -10.05 -35.63
N ASP A 35 -25.07 -10.09 -34.40
CA ASP A 35 -26.33 -10.80 -34.15
C ASP A 35 -27.52 -9.95 -34.59
N LEU A 36 -28.72 -10.54 -34.61
CA LEU A 36 -29.86 -9.77 -35.09
C LEU A 36 -30.14 -8.44 -34.31
N PRO A 37 -30.23 -8.51 -32.95
CA PRO A 37 -30.50 -7.31 -32.15
C PRO A 37 -29.49 -6.17 -32.37
N GLY A 38 -28.20 -6.51 -32.50
CA GLY A 38 -27.17 -5.52 -32.84
C GLY A 38 -25.90 -5.57 -32.01
N ILE A 39 -25.70 -6.66 -31.28
CA ILE A 39 -24.45 -6.87 -30.55
C ILE A 39 -23.47 -7.72 -31.39
N MET A 40 -22.25 -7.22 -31.54
CA MET A 40 -21.18 -7.96 -32.21
C MET A 40 -20.75 -9.22 -31.43
N GLN A 41 -20.53 -10.29 -32.17
CA GLN A 41 -20.14 -11.55 -31.61
C GLN A 41 -18.71 -11.80 -32.04
N HIS A 42 -17.98 -12.65 -31.32
CA HIS A 42 -16.60 -12.97 -31.70
C HIS A 42 -16.15 -14.33 -31.19
N PHE A 43 -15.19 -14.91 -31.92
CA PHE A 43 -14.31 -15.92 -31.36
C PHE A 43 -12.90 -15.67 -31.90
N THR A 44 -11.91 -16.32 -31.27
CA THR A 44 -10.52 -16.05 -31.58
C THR A 44 -9.87 -17.28 -32.19
N ILE A 45 -9.11 -17.09 -33.25
CA ILE A 45 -8.28 -18.14 -33.82
C ILE A 45 -6.82 -17.65 -33.77
N PRO A 46 -5.84 -18.58 -33.64
CA PRO A 46 -4.46 -18.15 -33.65
C PRO A 46 -4.02 -17.67 -35.04
N ALA A 47 -2.97 -16.86 -35.10
CA ALA A 47 -2.38 -16.42 -36.35
C ALA A 47 -2.08 -17.58 -37.29
N SER A 48 -1.49 -18.64 -36.75
CA SER A 48 -1.19 -19.85 -37.51
C SER A 48 -2.40 -20.41 -38.23
N ALA A 49 -3.60 -20.23 -37.68
CA ALA A 49 -4.82 -20.73 -38.30
C ALA A 49 -5.48 -19.74 -39.27
N PHE A 50 -4.86 -18.59 -39.47
CA PHE A 50 -5.41 -17.60 -40.37
C PHE A 50 -4.76 -17.69 -41.74
N ASP A 51 -5.42 -18.37 -42.67
CA ASP A 51 -4.85 -18.70 -43.99
C ASP A 51 -5.90 -18.58 -45.08
N LYS A 52 -5.51 -18.94 -46.32
CA LYS A 52 -6.40 -18.92 -47.48
C LYS A 52 -7.70 -19.69 -47.23
N SER A 53 -7.58 -20.82 -46.58
CA SER A 53 -8.72 -21.65 -46.20
C SER A 53 -9.85 -20.86 -45.50
N VAL A 54 -9.47 -19.85 -44.71
CA VAL A 54 -10.43 -18.98 -44.03
C VAL A 54 -11.26 -18.19 -45.07
N PHE A 55 -10.60 -17.75 -46.13
CA PHE A 55 -11.28 -17.04 -47.21
C PHE A 55 -12.06 -17.98 -48.14
N ASP A 56 -11.53 -19.17 -48.38
CA ASP A 56 -12.13 -20.12 -49.32
C ASP A 56 -13.24 -20.96 -48.71
N ASP A 57 -13.01 -21.47 -47.51
CA ASP A 57 -13.96 -22.39 -46.86
C ASP A 57 -14.80 -21.69 -45.80
N GLY A 58 -14.21 -20.69 -45.16
CA GLY A 58 -14.90 -20.01 -44.07
C GLY A 58 -14.81 -20.76 -42.76
N LEU A 59 -15.49 -20.26 -41.75
CA LEU A 59 -15.42 -20.83 -40.42
C LEU A 59 -16.81 -21.07 -39.88
N ALA A 60 -16.96 -22.11 -39.08
CA ALA A 60 -18.26 -22.49 -38.53
C ALA A 60 -18.55 -21.90 -37.14
N PHE A 61 -19.83 -21.80 -36.81
CA PHE A 61 -20.25 -21.40 -35.47
C PHE A 61 -21.64 -21.94 -35.21
N ASP A 62 -22.06 -21.87 -33.96
CA ASP A 62 -23.38 -22.35 -33.53
C ASP A 62 -24.48 -21.27 -33.70
N GLY A 63 -25.17 -21.32 -34.84
CA GLY A 63 -26.24 -20.36 -35.13
C GLY A 63 -27.43 -20.40 -34.17
N SER A 64 -27.52 -21.43 -33.35
CA SER A 64 -28.64 -21.54 -32.41
C SER A 64 -28.39 -20.80 -31.12
N SER A 65 -27.14 -20.44 -30.86
CA SER A 65 -26.84 -19.66 -29.67
C SER A 65 -26.86 -18.16 -29.94
N ILE A 66 -27.05 -17.78 -31.20
CA ILE A 66 -27.07 -16.37 -31.59
C ILE A 66 -28.49 -15.89 -31.78
N ARG A 67 -28.81 -14.74 -31.19
CA ARG A 67 -30.18 -14.22 -31.21
C ARG A 67 -30.73 -13.84 -32.61
N GLY A 68 -31.92 -14.32 -32.92
CA GLY A 68 -32.54 -14.13 -34.22
C GLY A 68 -31.94 -14.95 -35.36
N PHE A 69 -31.07 -15.92 -35.03
CA PHE A 69 -30.46 -16.77 -36.04
C PHE A 69 -31.23 -18.08 -36.19
N GLN A 70 -30.60 -19.20 -35.85
CA GLN A 70 -31.11 -20.54 -36.19
C GLN A 70 -31.74 -21.22 -34.99
N SER A 71 -32.51 -22.28 -35.29
CA SER A 71 -32.97 -23.20 -34.25
C SER A 71 -31.88 -24.25 -33.99
N ILE A 72 -32.01 -24.97 -32.87
CA ILE A 72 -30.98 -25.92 -32.42
C ILE A 72 -30.72 -27.05 -33.43
N HIS A 73 -31.77 -27.55 -34.08
CA HIS A 73 -31.63 -28.67 -35.01
C HIS A 73 -31.06 -28.27 -36.37
N GLU A 74 -30.99 -26.95 -36.62
CA GLU A 74 -30.42 -26.41 -37.84
C GLU A 74 -29.28 -25.46 -37.51
N SER A 75 -28.49 -25.86 -36.52
CA SER A 75 -27.56 -24.94 -35.85
C SER A 75 -26.37 -24.47 -36.66
N ASP A 76 -25.60 -25.37 -37.25
CA ASP A 76 -24.37 -24.98 -37.97
C ASP A 76 -24.63 -23.84 -38.95
N MET A 77 -23.80 -22.80 -38.85
CA MET A 77 -23.76 -21.72 -39.84
C MET A 77 -22.32 -21.42 -40.21
N LEU A 78 -22.13 -20.66 -41.28
CA LEU A 78 -20.82 -20.41 -41.82
C LEU A 78 -20.51 -18.92 -41.83
N LEU A 79 -19.23 -18.56 -41.71
CA LEU A 79 -18.78 -17.18 -41.83
C LEU A 79 -17.70 -17.05 -42.88
N LEU A 80 -17.80 -16.01 -43.71
CA LEU A 80 -16.77 -15.63 -44.68
C LEU A 80 -16.30 -14.18 -44.44
N PRO A 81 -14.97 -13.94 -44.44
CA PRO A 81 -14.40 -12.65 -44.01
C PRO A 81 -14.65 -11.51 -44.97
N ASP A 82 -14.63 -10.29 -44.43
CA ASP A 82 -14.72 -9.05 -45.20
C ASP A 82 -13.41 -8.29 -44.99
N PRO A 83 -12.47 -8.45 -45.93
CA PRO A 83 -11.12 -7.85 -45.85
C PRO A 83 -11.10 -6.34 -45.58
N GLU A 84 -12.16 -5.64 -46.00
CA GLU A 84 -12.31 -4.20 -45.78
C GLU A 84 -12.28 -3.81 -44.30
N THR A 85 -12.65 -4.77 -43.43
CA THR A 85 -12.93 -4.46 -42.03
C THR A 85 -11.78 -4.77 -41.08
N ALA A 86 -10.64 -5.21 -41.63
CA ALA A 86 -9.50 -5.60 -40.80
C ALA A 86 -8.88 -4.39 -40.10
N ARG A 87 -8.85 -4.43 -38.76
CA ARG A 87 -8.19 -3.43 -37.92
C ARG A 87 -7.48 -4.14 -36.81
N ILE A 88 -6.39 -3.54 -36.33
CA ILE A 88 -5.69 -4.02 -35.16
C ILE A 88 -6.48 -3.62 -33.91
N ASP A 89 -6.68 -4.57 -33.01
CA ASP A 89 -7.32 -4.30 -31.74
C ASP A 89 -6.44 -3.40 -30.85
N PRO A 90 -7.01 -2.30 -30.34
CA PRO A 90 -6.18 -1.44 -29.50
C PRO A 90 -6.05 -1.90 -28.05
N PHE A 91 -6.77 -2.96 -27.66
CA PHE A 91 -6.87 -3.31 -26.24
C PHE A 91 -6.12 -4.57 -25.82
N ARG A 92 -6.14 -5.61 -26.65
CA ARG A 92 -5.64 -6.90 -26.23
C ARG A 92 -4.11 -6.92 -26.15
N ALA A 93 -3.58 -7.34 -25.00
CA ALA A 93 -2.13 -7.43 -24.78
C ALA A 93 -1.45 -8.34 -25.80
N ALA A 94 -2.10 -9.43 -26.17
CA ALA A 94 -1.62 -10.25 -27.28
C ALA A 94 -2.08 -9.56 -28.55
N LYS A 95 -1.14 -9.11 -29.38
CA LYS A 95 -1.47 -8.42 -30.62
C LYS A 95 -2.54 -9.14 -31.42
N THR A 96 -3.61 -8.44 -31.75
CA THR A 96 -4.79 -9.07 -32.33
C THR A 96 -5.31 -8.26 -33.49
N LEU A 97 -5.64 -8.96 -34.56
CA LEU A 97 -6.30 -8.36 -35.68
C LEU A 97 -7.79 -8.71 -35.63
N ASN A 98 -8.64 -7.69 -35.66
CA ASN A 98 -10.09 -7.89 -35.75
C ASN A 98 -10.55 -7.88 -37.20
N ILE A 99 -11.47 -8.77 -37.56
CA ILE A 99 -12.07 -8.79 -38.90
C ILE A 99 -13.56 -9.14 -38.80
N ASN A 100 -14.42 -8.37 -39.49
CA ASN A 100 -15.84 -8.70 -39.60
C ASN A 100 -16.12 -9.73 -40.67
N PHE A 101 -17.15 -10.55 -40.46
CA PHE A 101 -17.51 -11.61 -41.39
C PHE A 101 -18.98 -11.50 -41.81
N PHE A 102 -19.29 -12.14 -42.94
CA PHE A 102 -20.65 -12.29 -43.42
C PHE A 102 -21.14 -13.71 -43.06
N VAL A 103 -22.39 -13.81 -42.62
CA VAL A 103 -22.97 -15.10 -42.30
C VAL A 103 -23.56 -15.74 -43.58
N HIS A 104 -23.18 -16.99 -43.82
CA HIS A 104 -23.62 -17.74 -45.00
C HIS A 104 -24.23 -19.10 -44.60
N ASP A 105 -25.19 -19.55 -45.40
CA ASP A 105 -25.73 -20.91 -45.29
C ASP A 105 -24.60 -21.92 -45.53
N PRO A 106 -24.47 -22.92 -44.64
CA PRO A 106 -23.39 -23.91 -44.73
C PRO A 106 -23.53 -24.91 -45.89
N PHE A 107 -24.73 -25.03 -46.47
CA PHE A 107 -24.95 -25.95 -47.59
C PHE A 107 -24.78 -25.26 -48.93
N THR A 108 -25.55 -24.20 -49.15
CA THR A 108 -25.60 -23.50 -50.42
C THR A 108 -24.52 -22.43 -50.55
N LEU A 109 -23.96 -22.02 -49.41
CA LEU A 109 -22.99 -20.89 -49.33
C LEU A 109 -23.62 -19.53 -49.67
N GLU A 110 -24.94 -19.49 -49.79
CA GLU A 110 -25.68 -18.25 -50.05
C GLU A 110 -25.60 -17.34 -48.82
N PRO A 111 -25.63 -16.01 -49.03
CA PRO A 111 -25.69 -15.09 -47.89
C PRO A 111 -26.94 -15.35 -47.03
N TYR A 112 -26.80 -15.16 -45.72
CA TYR A 112 -27.89 -15.43 -44.77
C TYR A 112 -28.91 -14.30 -44.78
N SER A 113 -30.19 -14.66 -44.86
CA SER A 113 -31.26 -13.66 -44.92
C SER A 113 -31.42 -12.87 -43.62
N ARG A 114 -30.83 -13.36 -42.53
CA ARG A 114 -30.88 -12.65 -41.27
C ARG A 114 -29.51 -12.21 -40.75
N ASP A 115 -28.54 -12.10 -41.65
CA ASP A 115 -27.26 -11.47 -41.35
C ASP A 115 -27.46 -9.97 -41.55
N PRO A 116 -27.36 -9.18 -40.46
CA PRO A 116 -27.50 -7.71 -40.55
C PRO A 116 -26.57 -7.07 -41.59
N ARG A 117 -25.34 -7.56 -41.65
CA ARG A 117 -24.35 -7.04 -42.61
C ARG A 117 -24.79 -7.33 -44.04
N ASN A 118 -25.47 -8.46 -44.26
CA ASN A 118 -26.00 -8.80 -45.58
C ASN A 118 -27.12 -7.83 -45.97
N ILE A 119 -27.91 -7.40 -45.00
CA ILE A 119 -29.03 -6.49 -45.25
C ILE A 119 -28.49 -5.15 -45.74
N ALA A 120 -27.42 -4.67 -45.09
CA ALA A 120 -26.72 -3.47 -45.52
C ALA A 120 -26.22 -3.61 -46.97
N ARG A 121 -25.60 -4.76 -47.27
CA ARG A 121 -25.07 -5.10 -48.58
C ARG A 121 -26.19 -4.97 -49.60
N LYS A 122 -27.30 -5.64 -49.32
CA LYS A 122 -28.45 -5.67 -50.22
C LYS A 122 -29.04 -4.26 -50.40
N ALA A 123 -29.06 -3.48 -49.32
CA ALA A 123 -29.54 -2.11 -49.38
C ALA A 123 -28.72 -1.29 -50.39
N GLU A 124 -27.38 -1.37 -50.31
CA GLU A 124 -26.51 -0.57 -51.19
C GLU A 124 -26.70 -0.95 -52.66
N ASN A 125 -26.91 -2.24 -52.90
CA ASN A 125 -27.17 -2.73 -54.25
C ASN A 125 -28.50 -2.29 -54.77
N TYR A 126 -29.53 -2.34 -53.91
CA TYR A 126 -30.85 -1.93 -54.33
C TYR A 126 -30.84 -0.46 -54.76
N LEU A 127 -30.18 0.38 -53.97
CA LEU A 127 -30.04 1.79 -54.30
C LEU A 127 -29.54 1.95 -55.74
N ILE A 128 -28.47 1.21 -56.07
CA ILE A 128 -27.85 1.28 -57.38
C ILE A 128 -28.87 0.87 -58.44
N SER A 129 -29.55 -0.24 -58.19
CA SER A 129 -30.55 -0.74 -59.13
C SER A 129 -31.73 0.19 -59.40
N THR A 130 -32.01 1.15 -58.50
CA THR A 130 -33.14 2.07 -58.72
C THR A 130 -32.77 3.16 -59.73
N GLY A 131 -31.48 3.42 -59.89
CA GLY A 131 -31.03 4.54 -60.70
C GLY A 131 -31.16 5.90 -60.02
N ILE A 132 -31.81 5.96 -58.86
CA ILE A 132 -31.97 7.22 -58.13
C ILE A 132 -30.62 7.83 -57.69
N ALA A 133 -29.72 6.97 -57.23
CA ALA A 133 -28.36 7.38 -56.82
C ALA A 133 -27.49 6.16 -56.81
N ASP A 134 -26.19 6.33 -56.62
CA ASP A 134 -25.33 5.15 -56.47
C ASP A 134 -24.67 5.00 -55.09
N THR A 135 -24.81 6.04 -54.26
CA THR A 135 -24.23 6.04 -52.91
C THR A 135 -25.13 6.76 -51.90
N ALA A 136 -25.34 6.11 -50.76
CA ALA A 136 -25.98 6.72 -49.59
C ALA A 136 -24.95 6.98 -48.49
N TYR A 137 -24.71 8.25 -48.17
CA TYR A 137 -23.76 8.62 -47.12
C TYR A 137 -24.44 8.80 -45.78
N PHE A 138 -23.88 8.19 -44.75
CA PHE A 138 -24.41 8.30 -43.38
C PHE A 138 -23.37 8.90 -42.45
N GLY A 139 -23.75 9.98 -41.81
CA GLY A 139 -22.97 10.56 -40.73
C GLY A 139 -23.74 10.37 -39.43
N ALA A 140 -23.15 9.68 -38.48
CA ALA A 140 -23.87 9.36 -37.24
C ALA A 140 -23.25 10.06 -36.02
N GLU A 141 -24.12 10.39 -35.06
CA GLU A 141 -23.68 10.87 -33.75
C GLU A 141 -24.23 9.95 -32.66
N ALA A 142 -23.39 8.99 -32.25
CA ALA A 142 -23.75 8.08 -31.18
C ALA A 142 -23.33 8.67 -29.83
N GLU A 143 -24.32 9.28 -29.18
CA GLU A 143 -24.09 9.81 -27.83
C GLU A 143 -24.02 8.69 -26.82
N PHE A 144 -23.30 8.90 -25.72
CA PHE A 144 -23.18 7.89 -24.66
C PHE A 144 -22.92 8.54 -23.27
N TYR A 145 -23.07 7.73 -22.22
CA TYR A 145 -22.79 8.17 -20.84
C TYR A 145 -21.57 7.45 -20.31
N ILE A 146 -20.66 8.18 -19.69
CA ILE A 146 -19.52 7.58 -19.01
C ILE A 146 -19.85 7.49 -17.52
N PHE A 147 -20.43 6.35 -17.10
CA PHE A 147 -20.79 6.14 -15.68
C PHE A 147 -19.61 5.55 -14.88
N ASP A 148 -19.72 5.66 -13.56
CA ASP A 148 -18.82 4.95 -12.62
C ASP A 148 -19.30 3.56 -12.22
N SER A 149 -20.62 3.34 -12.23
CA SER A 149 -21.16 2.09 -11.75
C SER A 149 -22.62 1.91 -12.12
N VAL A 150 -23.05 0.66 -12.05
CA VAL A 150 -24.44 0.31 -12.33
C VAL A 150 -24.77 -1.02 -11.65
N SER A 151 -25.97 -1.10 -11.09
CA SER A 151 -26.51 -2.38 -10.60
C SER A 151 -28.01 -2.36 -10.70
N PHE A 152 -28.60 -3.54 -10.72
CA PHE A 152 -30.03 -3.67 -10.97
C PHE A 152 -30.39 -5.11 -10.70
N ASP A 153 -31.63 -5.35 -10.30
CA ASP A 153 -32.19 -6.71 -10.25
C ASP A 153 -33.70 -6.74 -10.37
N SER A 154 -34.26 -7.95 -10.39
CA SER A 154 -35.68 -8.15 -10.55
C SER A 154 -36.01 -9.44 -9.84
N ARG A 155 -36.83 -9.32 -8.79
CA ARG A 155 -37.20 -10.42 -7.92
C ARG A 155 -38.71 -10.45 -7.74
N ALA A 156 -39.23 -11.47 -7.04
CA ALA A 156 -40.68 -11.57 -6.80
C ALA A 156 -41.21 -10.37 -6.01
N ASN A 157 -40.48 -9.95 -4.97
CA ASN A 157 -40.92 -8.96 -3.99
C ASN A 157 -40.24 -7.57 -4.13
N GLY A 158 -39.49 -7.37 -5.21
CA GLY A 158 -38.85 -6.09 -5.40
C GLY A 158 -37.98 -6.05 -6.64
N SER A 159 -37.54 -4.84 -7.00
CA SER A 159 -36.72 -4.61 -8.18
C SER A 159 -36.11 -3.22 -8.09
N PHE A 160 -34.92 -3.02 -8.69
CA PHE A 160 -34.25 -1.72 -8.66
C PHE A 160 -33.28 -1.56 -9.79
N TYR A 161 -32.89 -0.33 -10.06
CA TYR A 161 -31.64 -0.04 -10.77
C TYR A 161 -31.00 1.18 -10.13
N GLU A 162 -29.70 1.36 -10.39
CA GLU A 162 -28.98 2.56 -9.99
C GLU A 162 -27.78 2.70 -10.91
N VAL A 163 -27.67 3.86 -11.56
CA VAL A 163 -26.44 4.25 -12.22
C VAL A 163 -25.77 5.32 -11.37
N ASP A 164 -24.45 5.35 -11.35
CA ASP A 164 -23.75 6.39 -10.63
C ASP A 164 -22.54 6.92 -11.39
N ALA A 165 -22.20 8.16 -11.08
CA ALA A 165 -21.16 8.87 -11.79
C ALA A 165 -20.69 9.97 -10.85
N ILE A 166 -19.37 10.19 -10.77
CA ILE A 166 -18.81 11.21 -9.86
C ILE A 166 -19.37 12.61 -10.17
N SER A 167 -19.62 12.89 -11.44
CA SER A 167 -20.08 14.21 -11.85
C SER A 167 -21.60 14.38 -11.83
N GLY A 168 -22.30 13.36 -11.36
CA GLY A 168 -23.77 13.42 -11.30
C GLY A 168 -24.23 14.45 -10.28
N TRP A 169 -25.22 15.27 -10.65
CA TRP A 169 -25.71 16.33 -9.78
C TRP A 169 -26.31 15.74 -8.49
N TRP A 170 -26.80 14.51 -8.57
CA TRP A 170 -27.40 13.86 -7.40
C TRP A 170 -26.37 13.69 -6.29
N ASN A 171 -25.08 13.88 -6.61
CA ASN A 171 -24.02 13.66 -5.63
C ASN A 171 -23.44 14.95 -4.99
N THR A 172 -24.02 16.12 -5.27
CA THR A 172 -23.46 17.36 -4.74
C THR A 172 -23.40 17.34 -3.20
N GLY A 173 -24.28 16.55 -2.58
CA GLY A 173 -24.42 16.48 -1.15
C GLY A 173 -23.61 15.37 -0.50
N ALA A 174 -22.97 14.52 -1.30
CA ALA A 174 -22.23 13.38 -0.75
C ALA A 174 -21.09 13.84 0.17
N ALA A 175 -20.99 13.20 1.32
CA ALA A 175 -19.92 13.52 2.28
C ALA A 175 -18.53 13.21 1.71
N THR A 176 -18.43 12.12 0.95
CA THR A 176 -17.19 11.74 0.30
C THR A 176 -17.49 11.07 -1.06
N GLU A 177 -16.43 10.88 -1.84
CA GLU A 177 -16.55 10.15 -3.08
C GLU A 177 -16.63 8.65 -2.76
N ALA A 178 -16.96 7.84 -3.77
CA ALA A 178 -17.12 6.39 -3.60
C ALA A 178 -15.88 5.72 -3.02
N ASP A 179 -14.71 6.22 -3.38
CA ASP A 179 -13.45 5.70 -2.83
C ASP A 179 -13.07 6.29 -1.45
N GLY A 180 -13.90 7.17 -0.90
CA GLY A 180 -13.63 7.75 0.42
C GLY A 180 -12.95 9.11 0.38
N SER A 181 -12.49 9.50 -0.80
CA SER A 181 -11.83 10.79 -0.95
C SER A 181 -12.84 11.95 -0.90
N PRO A 182 -12.37 13.19 -0.66
CA PRO A 182 -13.30 14.30 -0.41
C PRO A 182 -14.12 14.70 -1.65
N ASN A 183 -15.34 15.18 -1.39
CA ASN A 183 -16.20 15.77 -2.42
C ASN A 183 -15.61 17.13 -2.79
N ARG A 184 -15.21 17.29 -4.06
CA ARG A 184 -14.57 18.51 -4.50
C ARG A 184 -15.46 19.42 -5.37
N GLY A 185 -16.75 19.10 -5.43
CA GLY A 185 -17.70 19.91 -6.21
C GLY A 185 -17.46 19.83 -7.70
N TYR A 186 -17.78 20.91 -8.42
CA TYR A 186 -17.70 20.94 -9.89
C TYR A 186 -18.51 19.81 -10.58
N LYS A 187 -19.59 19.41 -9.94
CA LYS A 187 -20.42 18.38 -10.56
C LYS A 187 -21.26 19.06 -11.66
N VAL A 188 -21.84 18.27 -12.55
CA VAL A 188 -22.55 18.81 -13.66
C VAL A 188 -24.03 18.93 -13.35
N ARG A 189 -24.60 20.10 -13.59
CA ARG A 189 -26.02 20.34 -13.36
C ARG A 189 -26.82 19.56 -14.39
N HIS A 190 -28.02 19.11 -14.01
CA HIS A 190 -28.88 18.51 -15.01
C HIS A 190 -29.09 19.45 -16.19
N LYS A 191 -29.00 18.92 -17.41
CA LYS A 191 -29.11 19.71 -18.64
C LYS A 191 -27.99 20.76 -18.78
N GLY A 192 -26.94 20.64 -17.99
CA GLY A 192 -25.85 21.63 -18.05
C GLY A 192 -24.45 21.14 -18.41
N GLY A 193 -24.35 19.94 -18.99
CA GLY A 193 -23.06 19.39 -19.37
C GLY A 193 -22.47 19.87 -20.70
N TYR A 194 -23.28 20.58 -21.47
CA TYR A 194 -22.84 21.06 -22.78
C TYR A 194 -22.56 22.58 -22.78
N PHE A 195 -21.29 22.99 -22.76
CA PHE A 195 -20.14 22.13 -22.44
C PHE A 195 -19.01 22.94 -21.77
N PRO A 196 -19.17 23.24 -20.48
CA PRO A 196 -18.21 24.02 -19.71
C PRO A 196 -16.82 23.39 -19.62
N VAL A 197 -15.79 24.23 -19.50
CA VAL A 197 -14.41 23.74 -19.39
C VAL A 197 -14.16 22.99 -18.09
N ALA A 198 -13.09 22.21 -18.08
CA ALA A 198 -12.64 21.56 -16.86
C ALA A 198 -12.39 22.65 -15.81
N PRO A 199 -12.50 22.31 -14.51
CA PRO A 199 -12.77 20.96 -13.98
C PRO A 199 -14.24 20.55 -13.97
N ASN A 200 -15.13 21.44 -14.38
CA ASN A 200 -16.55 21.12 -14.48
C ASN A 200 -16.74 19.94 -15.41
N ASP A 201 -15.99 19.91 -16.51
CA ASP A 201 -15.90 18.74 -17.40
C ASP A 201 -14.84 17.81 -16.79
N GLN A 202 -15.27 16.66 -16.29
CA GLN A 202 -14.38 15.78 -15.56
C GLN A 202 -13.85 14.64 -16.40
N TYR A 203 -14.14 14.66 -17.70
CA TYR A 203 -13.82 13.54 -18.57
C TYR A 203 -12.92 13.90 -19.77
N VAL A 204 -12.24 15.03 -19.67
CA VAL A 204 -11.41 15.52 -20.77
C VAL A 204 -10.33 14.49 -21.19
N ASP A 205 -9.56 14.01 -20.20
CA ASP A 205 -8.47 13.08 -20.47
C ASP A 205 -9.01 11.75 -20.95
N LEU A 206 -10.11 11.28 -20.35
CA LEU A 206 -10.68 10.03 -20.83
C LEU A 206 -11.14 10.08 -22.30
N ARG A 207 -11.85 11.16 -22.66
CA ARG A 207 -12.35 11.35 -24.01
C ARG A 207 -11.17 11.50 -24.99
N ASP A 208 -10.09 12.13 -24.56
CA ASP A 208 -8.86 12.18 -25.35
C ASP A 208 -8.35 10.77 -25.65
N LYS A 209 -8.39 9.88 -24.66
CA LYS A 209 -7.97 8.50 -24.87
C LYS A 209 -8.87 7.79 -25.89
N MET A 210 -10.17 8.04 -25.78
CA MET A 210 -11.13 7.50 -26.72
C MET A 210 -10.80 8.00 -28.12
N LEU A 211 -10.53 9.31 -28.24
CA LEU A 211 -10.23 9.93 -29.54
C LEU A 211 -8.99 9.32 -30.15
N THR A 212 -7.95 9.16 -29.32
CA THR A 212 -6.68 8.57 -29.76
C THR A 212 -6.86 7.12 -30.21
N ASN A 213 -7.59 6.32 -29.43
CA ASN A 213 -7.85 4.93 -29.81
C ASN A 213 -8.59 4.83 -31.13
N LEU A 214 -9.55 5.73 -31.34
CA LEU A 214 -10.27 5.79 -32.60
C LEU A 214 -9.34 6.15 -33.75
N ILE A 215 -8.57 7.21 -33.57
CA ILE A 215 -7.56 7.59 -34.56
C ILE A 215 -6.67 6.40 -34.91
N ASN A 216 -6.10 5.75 -33.89
CA ASN A 216 -5.23 4.60 -34.13
C ASN A 216 -5.90 3.39 -34.77
N SER A 217 -7.23 3.36 -34.81
CA SER A 217 -7.95 2.29 -35.53
C SER A 217 -8.44 2.78 -36.88
N GLY A 218 -7.82 3.84 -37.39
CA GLY A 218 -8.11 4.35 -38.72
C GLY A 218 -9.37 5.19 -38.90
N PHE A 219 -10.03 5.56 -37.80
CA PHE A 219 -11.14 6.50 -37.88
C PHE A 219 -10.62 7.89 -38.26
N ILE A 220 -11.45 8.64 -38.98
CA ILE A 220 -11.12 10.03 -39.28
C ILE A 220 -11.98 10.90 -38.38
N LEU A 221 -11.32 11.59 -37.46
CA LEU A 221 -12.03 12.24 -36.37
C LEU A 221 -12.41 13.66 -36.69
N GLU A 222 -13.54 14.08 -36.12
CA GLU A 222 -14.02 15.43 -36.32
C GLU A 222 -14.17 16.24 -35.04
N LYS A 223 -14.84 15.67 -34.03
CA LYS A 223 -14.84 16.29 -32.71
C LYS A 223 -15.23 15.35 -31.60
N GLY A 224 -14.92 15.77 -30.39
CA GLY A 224 -15.37 15.10 -29.18
C GLY A 224 -15.72 16.17 -28.18
N HIS A 225 -16.77 15.92 -27.41
CA HIS A 225 -17.18 16.84 -26.38
C HIS A 225 -18.09 16.18 -25.35
N HIS A 226 -18.19 16.83 -24.18
CA HIS A 226 -19.18 16.50 -23.17
C HIS A 226 -20.55 16.89 -23.73
N GLU A 227 -21.55 16.05 -23.50
CA GLU A 227 -22.89 16.37 -23.93
C GLU A 227 -23.74 16.91 -22.78
N VAL A 228 -25.01 17.19 -23.08
CA VAL A 228 -25.90 17.93 -22.18
C VAL A 228 -26.05 17.27 -20.83
N GLY A 229 -26.20 15.95 -20.83
CA GLY A 229 -26.58 15.24 -19.61
C GLY A 229 -25.55 15.25 -18.49
N SER A 230 -26.04 15.39 -17.26
CA SER A 230 -25.21 15.25 -16.04
C SER A 230 -24.66 13.83 -15.88
N GLY A 231 -23.54 13.67 -15.17
CA GLY A 231 -23.04 12.33 -14.89
C GLY A 231 -22.32 11.69 -16.09
N GLY A 232 -21.65 12.54 -16.87
CA GLY A 232 -20.70 12.08 -17.86
C GLY A 232 -21.16 11.84 -19.29
N GLN A 233 -22.24 12.51 -19.73
CA GLN A 233 -22.66 12.34 -21.13
C GLN A 233 -21.60 12.86 -22.11
N ALA A 234 -21.44 12.14 -23.23
CA ALA A 234 -20.41 12.49 -24.17
C ALA A 234 -20.83 12.22 -25.61
N GLU A 235 -20.08 12.84 -26.52
CA GLU A 235 -20.24 12.64 -27.94
C GLU A 235 -18.87 12.72 -28.58
N ILE A 236 -18.60 11.76 -29.47
CA ILE A 236 -17.48 11.82 -30.39
C ILE A 236 -17.99 11.61 -31.83
N ASN A 237 -17.48 12.44 -32.74
CA ASN A 237 -17.85 12.39 -34.17
C ASN A 237 -16.68 11.97 -35.03
N TYR A 238 -16.96 11.06 -35.95
CA TYR A 238 -16.01 10.66 -36.98
C TYR A 238 -16.66 10.84 -38.37
N GLN A 239 -15.81 10.93 -39.39
CA GLN A 239 -16.23 11.21 -40.74
C GLN A 239 -17.30 10.25 -41.25
N PHE A 240 -18.29 10.81 -41.94
CA PHE A 240 -19.32 10.03 -42.61
C PHE A 240 -18.74 9.03 -43.63
N ASN A 241 -19.57 8.06 -44.02
CA ASN A 241 -19.21 7.09 -45.04
C ASN A 241 -20.44 6.43 -45.68
N SER A 242 -20.23 5.65 -46.75
CA SER A 242 -21.33 4.91 -47.36
C SER A 242 -21.94 3.89 -46.38
N LEU A 243 -23.21 3.55 -46.62
CA LEU A 243 -24.05 2.84 -45.68
C LEU A 243 -23.34 1.73 -44.94
N LEU A 244 -22.94 0.69 -45.66
CA LEU A 244 -22.28 -0.46 -45.03
C LEU A 244 -21.05 -0.09 -44.22
N HIS A 245 -20.15 0.68 -44.82
CA HIS A 245 -18.95 1.09 -44.11
C HIS A 245 -19.33 1.86 -42.85
N ALA A 246 -20.34 2.73 -42.95
CA ALA A 246 -20.80 3.53 -41.81
C ALA A 246 -21.33 2.67 -40.66
N ALA A 247 -22.05 1.60 -41.00
CA ALA A 247 -22.58 0.68 -40.00
C ALA A 247 -21.45 -0.12 -39.35
N ASP A 248 -20.47 -0.51 -40.13
CA ASP A 248 -19.27 -1.17 -39.59
C ASP A 248 -18.54 -0.22 -38.65
N ASP A 249 -18.34 1.02 -39.09
CA ASP A 249 -17.73 2.06 -38.28
C ASP A 249 -18.44 2.24 -36.93
N MET A 250 -19.78 2.21 -36.97
CA MET A 250 -20.57 2.42 -35.76
C MET A 250 -20.30 1.34 -34.71
N GLN A 251 -20.35 0.08 -35.16
CA GLN A 251 -20.13 -1.08 -34.29
C GLN A 251 -18.73 -1.02 -33.68
N LEU A 252 -17.72 -0.75 -34.50
CA LEU A 252 -16.36 -0.66 -34.01
C LEU A 252 -16.20 0.49 -33.01
N TYR A 253 -16.86 1.61 -33.29
CA TYR A 253 -16.83 2.80 -32.45
C TYR A 253 -17.38 2.47 -31.07
N LYS A 254 -18.49 1.75 -31.02
CA LYS A 254 -19.10 1.41 -29.73
C LYS A 254 -18.13 0.52 -28.95
N TYR A 255 -17.52 -0.43 -29.64
CA TYR A 255 -16.54 -1.32 -29.05
C TYR A 255 -15.35 -0.56 -28.46
N ILE A 256 -14.82 0.37 -29.25
CA ILE A 256 -13.72 1.20 -28.79
C ILE A 256 -14.10 2.13 -27.60
N ILE A 257 -15.26 2.77 -27.69
CA ILE A 257 -15.72 3.62 -26.59
C ILE A 257 -15.92 2.82 -25.30
N LYS A 258 -16.71 1.74 -25.37
CA LYS A 258 -16.96 0.88 -24.22
C LYS A 258 -15.67 0.32 -23.57
N ASN A 259 -14.72 -0.10 -24.39
CA ASN A 259 -13.52 -0.71 -23.84
C ASN A 259 -12.45 0.26 -23.41
N THR A 260 -12.40 1.44 -24.03
CA THR A 260 -11.55 2.50 -23.51
C THR A 260 -12.04 2.87 -22.10
N ALA A 261 -13.35 3.03 -21.95
CA ALA A 261 -13.91 3.32 -20.62
C ALA A 261 -13.58 2.23 -19.64
N TRP A 262 -13.72 0.98 -20.09
CA TRP A 262 -13.57 -0.18 -19.19
C TRP A 262 -12.17 -0.25 -18.65
N GLN A 263 -11.20 -0.09 -19.55
CA GLN A 263 -9.78 -0.13 -19.19
C GLN A 263 -9.35 1.01 -18.31
N ASN A 264 -10.16 2.04 -18.22
CA ASN A 264 -9.87 3.20 -17.36
C ASN A 264 -10.81 3.31 -16.14
N GLY A 265 -11.35 2.19 -15.68
CA GLY A 265 -12.15 2.15 -14.49
C GLY A 265 -13.57 2.70 -14.59
N LYS A 266 -14.06 2.92 -15.82
CA LYS A 266 -15.38 3.50 -15.98
C LYS A 266 -16.28 2.46 -16.64
N THR A 267 -17.53 2.83 -16.88
CA THR A 267 -18.48 1.95 -17.56
C THR A 267 -19.45 2.79 -18.41
N VAL A 268 -19.52 2.47 -19.71
CA VAL A 268 -20.27 3.26 -20.65
C VAL A 268 -21.56 2.55 -21.00
N THR A 269 -22.63 3.32 -21.16
CA THR A 269 -23.85 2.83 -21.77
C THR A 269 -24.29 3.72 -22.93
N PHE A 270 -24.75 3.06 -24.00
CA PHE A 270 -25.39 3.73 -25.12
C PHE A 270 -26.91 3.65 -25.02
N MET A 271 -27.45 3.25 -23.87
CA MET A 271 -28.92 3.16 -23.81
C MET A 271 -29.58 4.53 -24.02
N PRO A 272 -30.79 4.55 -24.62
CA PRO A 272 -31.42 5.81 -24.99
C PRO A 272 -31.69 6.75 -23.83
N LYS A 273 -32.04 6.22 -22.66
CA LYS A 273 -32.46 7.07 -21.56
C LYS A 273 -32.17 6.44 -20.21
N PRO A 274 -30.89 6.47 -19.76
CA PRO A 274 -30.55 5.94 -18.43
C PRO A 274 -30.88 6.91 -17.29
N LEU A 275 -31.06 8.19 -17.60
CA LEU A 275 -31.36 9.19 -16.59
C LEU A 275 -32.74 9.74 -16.85
N PHE A 276 -33.53 9.81 -15.78
CA PHE A 276 -34.84 10.41 -15.81
C PHE A 276 -34.73 11.91 -15.48
N GLY A 277 -35.33 12.74 -16.32
CA GLY A 277 -35.27 14.20 -16.17
C GLY A 277 -33.94 14.80 -16.62
N ASP A 278 -33.20 14.10 -17.46
CA ASP A 278 -32.03 14.67 -18.13
C ASP A 278 -31.98 14.09 -19.54
N ASN A 279 -31.09 14.63 -20.38
CA ASN A 279 -31.02 14.26 -21.78
C ASN A 279 -30.81 12.76 -22.04
N GLY A 280 -31.55 12.24 -23.01
CA GLY A 280 -31.30 10.90 -23.51
C GLY A 280 -30.08 10.93 -24.42
N SER A 281 -29.71 9.76 -24.93
CA SER A 281 -28.64 9.62 -25.89
C SER A 281 -29.26 9.22 -27.22
N GLY A 282 -29.07 10.07 -28.23
CA GLY A 282 -29.52 9.74 -29.56
C GLY A 282 -28.42 9.21 -30.46
N MET A 283 -28.84 8.75 -31.64
CA MET A 283 -27.95 8.46 -32.75
C MET A 283 -28.49 9.19 -33.98
N HIS A 284 -28.27 10.50 -34.02
CA HIS A 284 -28.66 11.35 -35.14
C HIS A 284 -27.98 10.86 -36.40
N CYS A 285 -28.75 10.71 -37.47
CA CYS A 285 -28.21 10.27 -38.74
C CYS A 285 -28.35 11.33 -39.82
N HIS A 286 -27.22 11.95 -40.14
CA HIS A 286 -27.09 12.84 -41.29
C HIS A 286 -27.00 12.01 -42.56
N GLN A 287 -27.89 12.30 -43.50
CA GLN A 287 -28.03 11.46 -44.68
C GLN A 287 -28.02 12.27 -45.97
N SER A 288 -27.36 11.74 -46.98
CA SER A 288 -27.35 12.31 -48.32
C SER A 288 -27.23 11.24 -49.44
N LEU A 289 -27.76 11.54 -50.62
CA LEU A 289 -27.60 10.65 -51.75
C LEU A 289 -26.70 11.30 -52.80
N TRP A 290 -25.83 10.48 -53.39
CA TRP A 290 -24.92 10.94 -54.43
C TRP A 290 -25.02 10.04 -55.67
N LYS A 291 -24.80 10.63 -56.85
CA LYS A 291 -24.70 9.87 -58.08
C LYS A 291 -23.54 10.37 -58.92
N ASP A 292 -22.71 9.44 -59.38
CA ASP A 292 -21.53 9.73 -60.20
C ASP A 292 -20.62 10.78 -59.59
N GLY A 293 -20.47 10.75 -58.27
CA GLY A 293 -19.59 11.70 -57.57
C GLY A 293 -20.17 13.09 -57.37
N ALA A 294 -21.46 13.27 -57.67
CA ALA A 294 -22.12 14.56 -57.45
C ALA A 294 -23.28 14.44 -56.44
N PRO A 295 -23.43 15.46 -55.57
CA PRO A 295 -24.48 15.50 -54.55
C PRO A 295 -25.88 15.77 -55.14
N LEU A 296 -26.90 15.16 -54.55
CA LEU A 296 -28.26 15.28 -55.07
C LEU A 296 -29.21 16.06 -54.17
N MET A 297 -28.74 16.47 -53.00
CA MET A 297 -29.63 17.01 -51.97
C MET A 297 -29.91 18.50 -52.11
N TYR A 298 -29.07 19.20 -52.86
CA TYR A 298 -29.05 20.67 -52.85
C TYR A 298 -29.83 21.31 -54.00
N ASP A 299 -30.63 22.31 -53.66
CA ASP A 299 -31.29 23.19 -54.62
C ASP A 299 -31.48 24.53 -53.97
N GLU A 300 -30.76 25.52 -54.47
CA GLU A 300 -30.73 26.87 -53.91
C GLU A 300 -32.12 27.53 -53.79
N THR A 301 -33.10 27.05 -54.55
CA THR A 301 -34.44 27.63 -54.53
C THR A 301 -35.43 26.94 -53.59
N GLY A 302 -35.06 25.78 -53.08
CA GLY A 302 -35.92 25.04 -52.12
C GLY A 302 -35.80 25.52 -50.69
N TYR A 303 -36.87 25.33 -49.90
CA TYR A 303 -36.79 25.54 -48.44
C TYR A 303 -35.55 24.83 -47.84
N ALA A 304 -34.78 25.58 -47.04
CA ALA A 304 -33.54 25.11 -46.44
C ALA A 304 -32.56 24.52 -47.46
N GLY A 305 -32.59 25.03 -48.68
CA GLY A 305 -31.65 24.62 -49.73
C GLY A 305 -31.82 23.18 -50.21
N LEU A 306 -33.01 22.61 -50.01
CA LEU A 306 -33.24 21.19 -50.29
C LEU A 306 -33.82 20.96 -51.69
N SER A 307 -33.29 19.98 -52.41
CA SER A 307 -33.82 19.60 -53.72
C SER A 307 -35.12 18.81 -53.58
N ASP A 308 -35.73 18.49 -54.73
CA ASP A 308 -36.94 17.66 -54.76
C ASP A 308 -36.65 16.27 -54.23
N THR A 309 -35.50 15.71 -54.65
CA THR A 309 -35.06 14.38 -54.20
C THR A 309 -34.91 14.33 -52.66
N ALA A 310 -34.21 15.32 -52.11
CA ALA A 310 -34.06 15.48 -50.66
C ALA A 310 -35.42 15.61 -49.95
N ARG A 311 -36.29 16.46 -50.48
CA ARG A 311 -37.58 16.72 -49.86
C ARG A 311 -38.41 15.45 -49.82
N HIS A 312 -38.41 14.72 -50.93
CA HIS A 312 -39.14 13.45 -51.00
C HIS A 312 -38.53 12.34 -50.13
N TYR A 313 -37.21 12.42 -49.92
CA TYR A 313 -36.54 11.49 -49.00
C TYR A 313 -37.08 11.73 -47.59
N ILE A 314 -37.09 13.00 -47.17
CA ILE A 314 -37.65 13.40 -45.87
C ILE A 314 -39.13 12.98 -45.79
N GLY A 315 -39.87 13.19 -46.88
CA GLY A 315 -41.27 12.74 -47.00
C GLY A 315 -41.41 11.24 -46.70
N GLY A 316 -40.49 10.43 -47.21
CA GLY A 316 -40.46 9.00 -46.95
C GLY A 316 -40.25 8.71 -45.47
N LEU A 317 -39.23 9.36 -44.90
CA LEU A 317 -38.86 9.16 -43.49
C LEU A 317 -40.02 9.46 -42.59
N LEU A 318 -40.62 10.62 -42.80
CA LEU A 318 -41.70 11.06 -41.91
C LEU A 318 -42.97 10.26 -42.15
N HIS A 319 -43.20 9.87 -43.40
CA HIS A 319 -44.38 9.07 -43.71
C HIS A 319 -44.26 7.66 -43.13
N HIS A 320 -43.10 7.03 -43.26
CA HIS A 320 -42.93 5.65 -42.77
C HIS A 320 -42.55 5.54 -41.29
N ALA A 321 -42.22 6.67 -40.66
CA ALA A 321 -41.91 6.74 -39.21
C ALA A 321 -42.66 5.73 -38.30
N PRO A 322 -44.01 5.61 -38.43
CA PRO A 322 -44.71 4.75 -37.49
C PRO A 322 -44.30 3.29 -37.54
N SER A 323 -43.74 2.84 -38.67
CA SER A 323 -43.14 1.50 -38.73
C SER A 323 -41.62 1.53 -38.73
N LEU A 324 -41.03 2.50 -39.42
CA LEU A 324 -39.57 2.69 -39.46
C LEU A 324 -38.90 2.67 -38.07
N LEU A 325 -39.56 3.24 -37.07
CA LEU A 325 -38.98 3.33 -35.74
C LEU A 325 -38.74 1.96 -35.09
N ALA A 326 -39.35 0.91 -35.64
CA ALA A 326 -39.13 -0.45 -35.17
C ALA A 326 -37.69 -0.88 -35.38
N PHE A 327 -37.01 -0.31 -36.37
CA PHE A 327 -35.58 -0.51 -36.54
C PHE A 327 -34.70 0.68 -36.05
N THR A 328 -35.24 1.89 -35.99
CA THR A 328 -34.41 3.05 -35.65
C THR A 328 -34.47 3.32 -34.15
N ASN A 329 -35.57 2.88 -33.53
CA ASN A 329 -35.86 3.08 -32.10
C ASN A 329 -36.36 1.78 -31.51
N PRO A 330 -35.50 0.74 -31.50
CA PRO A 330 -36.03 -0.62 -31.40
C PRO A 330 -36.22 -1.18 -30.00
N THR A 331 -36.07 -0.36 -28.96
CA THR A 331 -36.18 -0.90 -27.60
C THR A 331 -37.31 -0.28 -26.81
N VAL A 332 -37.66 -0.87 -25.67
CA VAL A 332 -38.61 -0.25 -24.75
C VAL A 332 -38.08 1.10 -24.23
N ASN A 333 -36.81 1.13 -23.88
CA ASN A 333 -36.19 2.35 -23.35
C ASN A 333 -36.16 3.47 -24.37
N SER A 334 -36.18 3.11 -25.66
CA SER A 334 -36.17 4.10 -26.73
C SER A 334 -37.24 5.14 -26.49
N TYR A 335 -38.42 4.69 -26.06
CA TYR A 335 -39.60 5.51 -25.97
C TYR A 335 -39.63 6.40 -24.73
N LYS A 336 -38.74 6.13 -23.79
CA LYS A 336 -38.52 7.06 -22.66
C LYS A 336 -37.72 8.30 -23.07
N ARG A 337 -37.08 8.23 -24.24
CA ARG A 337 -36.28 9.34 -24.75
C ARG A 337 -37.17 10.26 -25.59
N LEU A 338 -38.13 9.67 -26.30
CA LEU A 338 -39.03 10.46 -27.15
C LEU A 338 -40.10 11.18 -26.31
N VAL A 339 -39.65 12.11 -25.47
CA VAL A 339 -40.51 12.90 -24.57
C VAL A 339 -40.05 14.37 -24.72
N PRO A 340 -40.95 15.34 -24.47
CA PRO A 340 -40.54 16.72 -24.76
C PRO A 340 -39.53 17.31 -23.76
N GLY A 341 -38.65 18.18 -24.25
CA GLY A 341 -37.76 18.98 -23.37
C GLY A 341 -36.29 18.63 -23.38
N TYR A 342 -35.86 17.69 -24.25
CA TYR A 342 -34.51 17.13 -24.13
C TYR A 342 -33.80 17.01 -25.48
N GLU A 343 -34.24 17.81 -26.45
CA GLU A 343 -33.65 17.87 -27.79
C GLU A 343 -33.81 16.57 -28.58
N ALA A 344 -34.82 15.80 -28.21
CA ALA A 344 -35.26 14.65 -29.01
C ALA A 344 -36.65 14.93 -29.59
N PRO A 345 -37.02 14.27 -30.69
CA PRO A 345 -38.29 14.53 -31.35
C PRO A 345 -39.51 14.01 -30.58
N ILE A 346 -40.62 14.72 -30.72
CA ILE A 346 -41.91 14.25 -30.18
C ILE A 346 -43.01 14.25 -31.23
N ASN A 347 -42.69 14.66 -32.45
CA ASN A 347 -43.65 14.63 -33.55
C ASN A 347 -42.91 14.57 -34.90
N LEU A 348 -43.65 14.43 -35.99
CA LEU A 348 -43.03 14.09 -37.27
C LEU A 348 -43.00 15.28 -38.20
N VAL A 349 -42.11 16.22 -37.90
CA VAL A 349 -41.92 17.39 -38.74
C VAL A 349 -40.45 17.59 -39.05
N TYR A 350 -40.18 18.28 -40.15
CA TYR A 350 -38.82 18.70 -40.43
C TYR A 350 -38.75 20.22 -40.38
N SER A 351 -37.56 20.74 -40.13
CA SER A 351 -37.37 22.15 -39.94
C SER A 351 -35.87 22.45 -39.92
N GLN A 352 -35.46 23.52 -40.59
CA GLN A 352 -34.04 23.86 -40.57
C GLN A 352 -33.65 24.45 -39.22
N ARG A 353 -32.42 24.18 -38.79
CA ARG A 353 -31.86 24.76 -37.56
C ARG A 353 -32.52 24.30 -36.25
N ASN A 354 -33.49 23.39 -36.34
CA ASN A 354 -34.42 23.10 -35.24
C ASN A 354 -34.15 21.80 -34.48
N ARG A 355 -33.56 21.93 -33.30
CA ARG A 355 -33.21 20.77 -32.46
C ARG A 355 -34.40 20.13 -31.70
N SER A 356 -35.59 20.69 -31.88
CA SER A 356 -36.80 20.08 -31.34
C SER A 356 -37.54 19.25 -32.39
N ALA A 357 -37.01 19.23 -33.61
CA ALA A 357 -37.68 18.57 -34.72
C ALA A 357 -37.22 17.13 -34.97
N CYS A 358 -38.04 16.38 -35.70
CA CYS A 358 -37.73 15.02 -36.06
C CYS A 358 -36.67 14.93 -37.14
N VAL A 359 -36.74 15.85 -38.10
CA VAL A 359 -35.67 16.03 -39.09
C VAL A 359 -35.24 17.49 -39.05
N ARG A 360 -33.99 17.69 -38.72
CA ARG A 360 -33.38 18.99 -38.75
C ARG A 360 -32.57 19.13 -40.03
N ILE A 361 -32.57 20.33 -40.60
CA ILE A 361 -31.65 20.65 -41.68
C ILE A 361 -30.58 21.58 -41.11
N PRO A 362 -29.36 21.05 -40.94
CA PRO A 362 -28.29 21.86 -40.37
C PRO A 362 -27.92 23.01 -41.30
N ILE A 363 -27.48 24.12 -40.74
CA ILE A 363 -27.10 25.29 -41.53
C ILE A 363 -25.70 25.10 -42.11
N THR A 364 -25.64 24.94 -43.43
CA THR A 364 -24.40 24.57 -44.10
C THR A 364 -24.02 25.48 -45.26
N GLY A 365 -24.76 26.57 -45.42
CA GLY A 365 -24.49 27.55 -46.48
C GLY A 365 -24.80 27.07 -47.89
N SER A 366 -24.09 27.62 -48.88
CA SER A 366 -24.39 27.33 -50.27
C SER A 366 -23.58 26.16 -50.90
N ASN A 367 -22.62 25.60 -50.16
CA ASN A 367 -21.89 24.43 -50.64
C ASN A 367 -22.81 23.22 -50.85
N PRO A 368 -22.97 22.79 -52.12
CA PRO A 368 -23.93 21.71 -52.41
C PRO A 368 -23.52 20.36 -51.80
N LYS A 369 -22.22 20.17 -51.61
CA LYS A 369 -21.68 18.91 -51.08
C LYS A 369 -22.02 18.71 -49.60
N ALA A 370 -22.30 19.82 -48.91
CA ALA A 370 -22.57 19.80 -47.46
C ALA A 370 -24.05 19.67 -47.12
N LYS A 371 -24.93 19.81 -48.11
CA LYS A 371 -26.37 19.75 -47.84
C LYS A 371 -26.83 18.36 -47.46
N ARG A 372 -27.50 18.24 -46.32
CA ARG A 372 -28.06 16.97 -45.90
C ARG A 372 -29.16 17.16 -44.88
N LEU A 373 -29.91 16.10 -44.64
CA LEU A 373 -30.94 16.10 -43.61
C LEU A 373 -30.37 15.36 -42.38
N GLU A 374 -30.77 15.82 -41.19
CA GLU A 374 -30.45 15.12 -39.95
C GLU A 374 -31.70 14.49 -39.38
N PHE A 375 -31.73 13.16 -39.41
CA PHE A 375 -32.84 12.40 -38.86
C PHE A 375 -32.51 12.16 -37.40
N ARG A 376 -33.23 12.86 -36.51
CA ARG A 376 -32.91 12.93 -35.08
C ARG A 376 -33.58 11.86 -34.22
N SER A 377 -34.57 11.20 -34.80
CA SER A 377 -35.30 10.14 -34.11
C SER A 377 -34.45 8.94 -33.58
N PRO A 378 -33.50 8.41 -34.42
CA PRO A 378 -32.88 7.14 -34.05
C PRO A 378 -32.02 7.20 -32.79
N ASP A 379 -31.86 6.06 -32.13
CA ASP A 379 -30.90 5.90 -31.04
C ASP A 379 -29.94 4.72 -31.28
N SER A 380 -29.00 4.54 -30.35
CA SER A 380 -27.98 3.48 -30.44
C SER A 380 -28.41 2.11 -29.87
N SER A 381 -29.68 1.94 -29.55
CA SER A 381 -30.06 0.77 -28.77
C SER A 381 -30.33 -0.49 -29.61
N GLY A 382 -30.00 -0.44 -30.90
CA GLY A 382 -30.26 -1.60 -31.73
C GLY A 382 -29.15 -1.91 -32.71
N ASN A 383 -29.53 -1.99 -33.98
CA ASN A 383 -28.65 -2.52 -35.02
C ASN A 383 -28.49 -1.49 -36.14
N PRO A 384 -27.30 -0.88 -36.25
CA PRO A 384 -27.03 0.15 -37.24
C PRO A 384 -27.15 -0.37 -38.67
N TYR A 385 -26.77 -1.63 -38.90
CA TYR A 385 -26.93 -2.24 -40.21
C TYR A 385 -28.40 -2.18 -40.65
N LEU A 386 -29.29 -2.64 -39.76
CA LEU A 386 -30.72 -2.62 -40.03
C LEU A 386 -31.29 -1.21 -40.00
N ALA A 387 -30.83 -0.39 -39.04
CA ALA A 387 -31.35 0.97 -38.90
C ALA A 387 -31.05 1.83 -40.15
N PHE A 388 -29.78 1.92 -40.52
CA PHE A 388 -29.39 2.65 -41.71
C PHE A 388 -30.15 2.12 -42.94
N SER A 389 -30.22 0.79 -43.08
CA SER A 389 -30.91 0.21 -44.24
C SER A 389 -32.36 0.63 -44.25
N ALA A 390 -33.04 0.44 -43.13
CA ALA A 390 -34.44 0.80 -43.01
C ALA A 390 -34.69 2.26 -43.37
N MET A 391 -33.81 3.17 -42.93
CA MET A 391 -33.93 4.61 -43.26
C MET A 391 -33.82 4.84 -44.78
N LEU A 392 -32.90 4.12 -45.41
CA LEU A 392 -32.71 4.25 -46.83
C LEU A 392 -33.94 3.77 -47.57
N MET A 393 -34.51 2.65 -47.12
CA MET A 393 -35.68 2.10 -47.80
C MET A 393 -36.87 3.05 -47.67
N ALA A 394 -37.06 3.65 -46.50
CA ALA A 394 -38.10 4.66 -46.30
C ALA A 394 -37.84 5.89 -47.19
N GLY A 395 -36.61 6.38 -47.16
CA GLY A 395 -36.19 7.49 -48.00
C GLY A 395 -36.41 7.25 -49.49
N LEU A 396 -36.04 6.06 -49.96
CA LEU A 396 -36.17 5.71 -51.38
C LEU A 396 -37.61 5.54 -51.83
N ASP A 397 -38.45 5.01 -50.94
CA ASP A 397 -39.88 4.86 -51.22
C ASP A 397 -40.50 6.24 -51.39
N GLY A 398 -40.02 7.20 -50.60
CA GLY A 398 -40.47 8.57 -50.69
C GLY A 398 -40.15 9.21 -52.04
N ILE A 399 -38.91 9.03 -52.49
CA ILE A 399 -38.46 9.53 -53.79
C ILE A 399 -39.29 8.90 -54.89
N LYS A 400 -39.40 7.57 -54.86
CA LYS A 400 -40.12 6.79 -55.87
C LYS A 400 -41.60 7.20 -55.99
N ASN A 401 -42.24 7.46 -54.86
CA ASN A 401 -43.66 7.86 -54.81
C ASN A 401 -43.86 9.36 -54.71
N LYS A 402 -42.79 10.12 -54.84
CA LYS A 402 -42.83 11.59 -54.67
C LYS A 402 -43.65 12.03 -53.45
N ILE A 403 -43.39 11.41 -52.31
CA ILE A 403 -44.14 11.71 -51.08
C ILE A 403 -43.79 13.10 -50.57
N GLU A 404 -44.79 13.95 -50.45
CA GLU A 404 -44.58 15.32 -49.97
C GLU A 404 -44.68 15.40 -48.47
N PRO A 405 -43.60 15.84 -47.80
CA PRO A 405 -43.68 16.01 -46.34
C PRO A 405 -44.60 17.17 -46.02
N GLN A 406 -45.29 17.11 -44.89
CA GLN A 406 -46.08 18.26 -44.48
C GLN A 406 -45.16 19.45 -44.22
N ALA A 407 -45.71 20.65 -44.34
CA ALA A 407 -44.91 21.88 -44.32
C ALA A 407 -44.02 21.93 -43.08
N PRO A 408 -42.78 22.41 -43.24
CA PRO A 408 -41.90 22.57 -42.08
C PRO A 408 -42.50 23.51 -41.04
N VAL A 409 -42.23 23.24 -39.76
CA VAL A 409 -42.72 24.10 -38.71
C VAL A 409 -41.49 24.66 -37.98
N ASP A 410 -41.20 25.93 -38.23
CA ASP A 410 -40.01 26.56 -37.67
C ASP A 410 -40.28 27.18 -36.31
N LYS A 411 -40.54 26.30 -35.33
CA LYS A 411 -40.86 26.73 -33.98
C LYS A 411 -40.32 25.72 -32.97
N ASP A 412 -40.15 26.14 -31.74
CA ASP A 412 -39.86 25.24 -30.63
C ASP A 412 -41.04 24.27 -30.55
N LEU A 413 -40.84 23.04 -30.95
CA LEU A 413 -41.99 22.12 -31.04
C LEU A 413 -42.52 21.61 -29.70
N TYR A 414 -41.77 21.84 -28.62
CA TYR A 414 -42.25 21.45 -27.29
C TYR A 414 -43.19 22.52 -26.71
N GLU A 415 -43.18 23.71 -27.31
CA GLU A 415 -43.96 24.83 -26.79
C GLU A 415 -45.09 25.27 -27.71
N LEU A 416 -45.66 24.35 -28.49
CA LEU A 416 -46.74 24.70 -29.43
C LEU A 416 -48.10 24.79 -28.71
N PRO A 417 -48.91 25.82 -29.04
CA PRO A 417 -50.30 25.90 -28.57
C PRO A 417 -51.12 24.62 -28.87
N PRO A 418 -52.03 24.21 -27.94
CA PRO A 418 -52.76 22.93 -28.01
C PRO A 418 -53.37 22.58 -29.38
N GLU A 419 -54.15 23.47 -29.96
CA GLU A 419 -54.79 23.24 -31.27
C GLU A 419 -53.73 22.90 -32.32
N GLU A 420 -52.69 23.73 -32.40
CA GLU A 420 -51.59 23.57 -33.36
C GLU A 420 -50.86 22.21 -33.23
N ALA A 421 -50.49 21.87 -32.00
CA ALA A 421 -49.80 20.61 -31.72
C ALA A 421 -50.58 19.39 -32.20
N ALA A 422 -51.89 19.38 -31.90
CA ALA A 422 -52.79 18.25 -32.21
C ALA A 422 -52.98 18.03 -33.71
N SER A 423 -52.66 19.03 -34.52
CA SER A 423 -52.74 18.94 -35.98
C SER A 423 -51.50 18.22 -36.57
N ILE A 424 -50.51 17.95 -35.73
CA ILE A 424 -49.26 17.30 -36.19
C ILE A 424 -49.17 15.84 -35.69
N PRO A 425 -48.82 14.89 -36.58
CA PRO A 425 -48.67 13.52 -36.15
C PRO A 425 -47.56 13.42 -35.10
N GLN A 426 -47.85 12.75 -33.98
CA GLN A 426 -46.90 12.55 -32.90
C GLN A 426 -46.01 11.35 -33.21
N THR A 427 -44.83 11.34 -32.60
CA THR A 427 -44.01 10.12 -32.54
C THR A 427 -44.78 9.05 -31.77
N PRO A 428 -44.52 7.78 -32.10
CA PRO A 428 -45.15 6.69 -31.35
C PRO A 428 -44.82 6.73 -29.84
N THR A 429 -45.75 6.21 -29.04
CA THR A 429 -45.66 6.28 -27.58
C THR A 429 -44.77 5.18 -26.99
N GLN A 430 -44.79 4.02 -27.65
CA GLN A 430 -44.18 2.79 -27.11
C GLN A 430 -43.82 1.77 -28.20
N LEU A 431 -42.89 0.87 -27.86
CA LEU A 431 -42.34 -0.10 -28.80
C LEU A 431 -43.41 -1.00 -29.40
N SER A 432 -44.36 -1.44 -28.57
CA SER A 432 -45.42 -2.32 -29.03
C SER A 432 -46.21 -1.71 -30.21
N ASP A 433 -46.38 -0.38 -30.19
CA ASP A 433 -47.06 0.34 -31.26
C ASP A 433 -46.31 0.24 -32.59
N VAL A 434 -44.99 0.41 -32.57
CA VAL A 434 -44.23 0.37 -33.81
C VAL A 434 -44.07 -1.03 -34.34
N ILE A 435 -44.08 -2.00 -33.44
CA ILE A 435 -43.96 -3.40 -33.83
C ILE A 435 -45.28 -3.82 -34.49
N ASP A 436 -46.40 -3.47 -33.85
CA ASP A 436 -47.72 -3.72 -34.44
C ASP A 436 -47.80 -3.11 -35.82
N ARG A 437 -47.32 -1.88 -35.97
CA ARG A 437 -47.38 -1.17 -37.22
C ARG A 437 -46.48 -1.77 -38.30
N LEU A 438 -45.25 -2.14 -37.91
CA LEU A 438 -44.33 -2.83 -38.78
C LEU A 438 -44.98 -4.10 -39.31
N GLU A 439 -45.61 -4.85 -38.41
CA GLU A 439 -46.29 -6.08 -38.79
C GLU A 439 -47.38 -5.84 -39.80
N ALA A 440 -48.12 -4.76 -39.61
CA ALA A 440 -49.23 -4.42 -40.50
C ALA A 440 -48.74 -3.93 -41.84
N ASP A 441 -47.69 -3.11 -41.85
CA ASP A 441 -47.28 -2.44 -43.07
C ASP A 441 -45.78 -2.26 -43.20
N HIS A 442 -45.19 -3.03 -44.10
CA HIS A 442 -43.74 -3.09 -44.22
C HIS A 442 -43.26 -3.31 -45.65
N GLU A 443 -44.14 -3.10 -46.64
CA GLU A 443 -43.81 -3.38 -48.04
C GLU A 443 -42.59 -2.60 -48.53
N TYR A 444 -42.44 -1.37 -48.06
CA TYR A 444 -41.31 -0.53 -48.47
C TYR A 444 -39.95 -1.14 -48.10
N LEU A 445 -39.93 -1.98 -47.07
CA LEU A 445 -38.71 -2.66 -46.62
C LEU A 445 -38.38 -3.91 -47.44
N THR A 446 -39.43 -4.55 -47.95
CA THR A 446 -39.28 -5.77 -48.75
C THR A 446 -38.94 -5.51 -50.21
N GLU A 447 -39.05 -4.26 -50.67
CA GLU A 447 -38.67 -3.87 -52.03
C GLU A 447 -37.28 -4.41 -52.34
N GLY A 448 -37.14 -5.06 -53.51
CA GLY A 448 -35.86 -5.62 -53.96
C GLY A 448 -35.31 -6.73 -53.07
N GLY A 449 -36.12 -7.17 -52.12
CA GLY A 449 -35.71 -8.24 -51.21
C GLY A 449 -34.68 -7.82 -50.17
N VAL A 450 -34.54 -6.51 -49.97
CA VAL A 450 -33.58 -5.97 -48.99
C VAL A 450 -33.86 -6.50 -47.57
N PHE A 451 -35.08 -6.31 -47.07
CA PHE A 451 -35.55 -7.05 -45.91
C PHE A 451 -36.43 -8.14 -46.47
N THR A 452 -36.38 -9.33 -45.87
CA THR A 452 -37.27 -10.43 -46.26
C THR A 452 -38.31 -10.69 -45.16
N ASN A 453 -39.43 -11.33 -45.50
CA ASN A 453 -40.48 -11.56 -44.50
C ASN A 453 -39.99 -12.30 -43.28
N ASP A 454 -39.07 -13.23 -43.49
CA ASP A 454 -38.53 -14.01 -42.38
C ASP A 454 -37.71 -13.14 -41.41
N LEU A 455 -36.99 -12.16 -41.95
CA LEU A 455 -36.26 -11.23 -41.10
C LEU A 455 -37.27 -10.43 -40.27
N ILE A 456 -38.31 -9.91 -40.94
CA ILE A 456 -39.27 -9.03 -40.30
C ILE A 456 -40.07 -9.76 -39.24
N GLU A 457 -40.47 -11.00 -39.54
CA GLU A 457 -41.23 -11.81 -38.60
C GLU A 457 -40.42 -12.17 -37.36
N THR A 458 -39.13 -12.45 -37.57
CA THR A 458 -38.23 -12.82 -36.49
C THR A 458 -38.06 -11.65 -35.58
N TRP A 459 -37.88 -10.47 -36.18
CA TRP A 459 -37.71 -9.22 -35.46
C TRP A 459 -38.95 -8.92 -34.59
N ILE A 460 -40.13 -9.03 -35.20
CA ILE A 460 -41.39 -8.73 -34.51
C ILE A 460 -41.54 -9.68 -33.33
N SER A 461 -41.38 -10.98 -33.64
CA SER A 461 -41.38 -12.06 -32.66
C SER A 461 -40.38 -11.88 -31.52
N PHE A 462 -39.12 -11.57 -31.86
CA PHE A 462 -38.09 -11.37 -30.84
C PHE A 462 -38.48 -10.24 -29.90
N LYS A 463 -38.85 -9.11 -30.45
CA LYS A 463 -39.14 -7.94 -29.65
C LYS A 463 -40.32 -8.20 -28.71
N ARG A 464 -41.35 -8.87 -29.23
CA ARG A 464 -42.53 -9.14 -28.41
C ARG A 464 -42.22 -10.05 -27.22
N GLU A 465 -41.57 -11.19 -27.51
CA GLU A 465 -41.29 -12.20 -26.51
C GLU A 465 -40.15 -11.87 -25.54
N ASN A 466 -39.14 -11.14 -26.00
CA ASN A 466 -37.94 -10.89 -25.19
C ASN A 466 -37.83 -9.49 -24.56
N GLU A 467 -38.64 -8.56 -25.03
CA GLU A 467 -38.54 -7.18 -24.56
C GLU A 467 -39.89 -6.62 -24.08
N ILE A 468 -40.86 -6.53 -24.99
CA ILE A 468 -42.15 -5.95 -24.67
C ILE A 468 -42.84 -6.68 -23.51
N GLU A 469 -43.07 -7.99 -23.69
CA GLU A 469 -43.80 -8.76 -22.71
C GLU A 469 -43.09 -8.82 -21.33
N PRO A 470 -41.77 -9.13 -21.31
CA PRO A 470 -41.05 -9.15 -20.03
C PRO A 470 -41.13 -7.86 -19.23
N VAL A 471 -41.16 -6.71 -19.92
CA VAL A 471 -41.36 -5.42 -19.24
C VAL A 471 -42.80 -5.29 -18.78
N ASN A 472 -43.75 -5.57 -19.67
CA ASN A 472 -45.17 -5.44 -19.33
C ASN A 472 -45.62 -6.18 -18.10
N ILE A 473 -45.06 -7.37 -17.88
CA ILE A 473 -45.49 -8.20 -16.76
C ILE A 473 -44.85 -7.82 -15.41
N ARG A 474 -43.79 -7.01 -15.43
CA ARG A 474 -43.13 -6.65 -14.19
C ARG A 474 -43.59 -5.31 -13.67
N PRO A 475 -44.09 -5.28 -12.42
CA PRO A 475 -44.48 -4.03 -11.79
C PRO A 475 -43.34 -3.01 -11.80
N HIS A 476 -43.70 -1.76 -12.07
CA HIS A 476 -42.80 -0.63 -12.11
C HIS A 476 -42.77 -0.10 -10.69
N PRO A 477 -41.58 0.28 -10.19
CA PRO A 477 -41.45 0.89 -8.85
C PRO A 477 -42.39 2.09 -8.67
N TYR A 478 -42.63 2.86 -9.74
CA TYR A 478 -43.45 4.05 -9.57
C TYR A 478 -44.91 3.71 -9.30
N GLU A 479 -45.35 2.54 -9.74
CA GLU A 479 -46.66 2.00 -9.38
C GLU A 479 -46.82 1.85 -7.86
N PHE A 480 -45.72 1.54 -7.15
CA PHE A 480 -45.74 1.50 -5.70
C PHE A 480 -45.91 2.84 -5.07
N ALA A 481 -45.19 3.84 -5.61
CA ALA A 481 -45.41 5.25 -5.25
C ALA A 481 -46.89 5.65 -5.48
N LEU A 482 -47.43 5.22 -6.60
CA LEU A 482 -48.80 5.59 -6.95
C LEU A 482 -49.84 4.83 -6.17
N TYR A 483 -49.62 3.54 -5.96
CA TYR A 483 -50.75 2.66 -5.63
C TYR A 483 -50.66 1.81 -4.36
N TYR A 484 -49.53 1.81 -3.67
CA TYR A 484 -49.42 0.96 -2.50
C TYR A 484 -50.63 1.13 -1.54
N ASP A 485 -51.07 2.38 -1.37
CA ASP A 485 -52.10 2.73 -0.39
C ASP A 485 -53.52 2.83 -0.94
N VAL A 486 -53.80 2.22 -2.10
CA VAL A 486 -55.14 2.28 -2.70
C VAL A 486 -56.27 1.69 -1.83
N LYS B 12 9.92 -40.06 -31.01
CA LYS B 12 11.05 -39.43 -30.25
C LYS B 12 11.78 -40.41 -29.33
N THR B 13 13.07 -40.19 -29.17
CA THR B 13 13.95 -41.13 -28.48
C THR B 13 14.41 -40.58 -27.13
N PRO B 14 14.91 -41.47 -26.24
CA PRO B 14 15.51 -41.05 -24.96
C PRO B 14 16.51 -39.92 -25.13
N ASP B 15 17.39 -40.08 -26.11
CA ASP B 15 18.39 -39.05 -26.42
C ASP B 15 17.80 -37.70 -26.85
N ASP B 16 16.67 -37.69 -27.54
CA ASP B 16 15.97 -36.45 -27.86
C ASP B 16 15.58 -35.72 -26.57
N VAL B 17 15.06 -36.46 -25.60
CA VAL B 17 14.63 -35.88 -24.32
C VAL B 17 15.80 -35.32 -23.51
N PHE B 18 16.90 -36.06 -23.45
CA PHE B 18 18.12 -35.57 -22.79
C PHE B 18 18.65 -34.29 -23.43
N LYS B 19 18.63 -34.24 -24.77
CA LYS B 19 19.05 -33.05 -25.48
C LYS B 19 18.18 -31.88 -25.12
N LEU B 20 16.86 -32.07 -25.12
CA LEU B 20 15.91 -31.03 -24.75
C LEU B 20 16.18 -30.49 -23.34
N ALA B 21 16.38 -31.39 -22.39
CA ALA B 21 16.65 -31.02 -21.00
C ALA B 21 17.90 -30.17 -20.91
N LYS B 22 18.96 -30.65 -21.54
CA LYS B 22 20.24 -29.96 -21.60
C LYS B 22 20.08 -28.58 -22.28
N ASP B 23 19.47 -28.54 -23.45
CA ASP B 23 19.30 -27.29 -24.20
C ASP B 23 18.46 -26.26 -23.45
N GLU B 24 17.42 -26.72 -22.76
CA GLU B 24 16.49 -25.83 -22.05
C GLU B 24 16.94 -25.46 -20.64
N LYS B 25 18.11 -25.95 -20.25
CA LYS B 25 18.68 -25.73 -18.90
C LYS B 25 17.69 -26.11 -17.79
N VAL B 26 17.14 -27.30 -17.93
CA VAL B 26 16.13 -27.81 -17.03
C VAL B 26 16.73 -28.09 -15.63
N GLU B 27 16.06 -27.63 -14.58
CA GLU B 27 16.49 -27.90 -13.22
C GLU B 27 15.85 -29.16 -12.62
N TYR B 28 14.58 -29.42 -12.98
CA TYR B 28 13.83 -30.54 -12.45
C TYR B 28 13.04 -31.26 -13.51
N VAL B 29 12.82 -32.55 -13.30
CA VAL B 29 11.97 -33.32 -14.19
C VAL B 29 10.78 -33.77 -13.37
N ASP B 30 9.59 -33.45 -13.89
CA ASP B 30 8.35 -33.84 -13.25
C ASP B 30 7.84 -35.13 -13.88
N VAL B 31 7.76 -36.16 -13.05
CA VAL B 31 7.38 -37.51 -13.46
C VAL B 31 5.88 -37.64 -13.27
N ARG B 32 5.15 -37.82 -14.36
CA ARG B 32 3.70 -37.84 -14.31
C ARG B 32 3.09 -39.14 -14.82
N PHE B 33 1.94 -39.49 -14.24
CA PHE B 33 1.12 -40.61 -14.71
C PHE B 33 -0.33 -40.36 -14.32
N CYS B 34 -1.22 -41.24 -14.76
CA CYS B 34 -2.61 -41.03 -14.58
C CYS B 34 -3.23 -42.04 -13.62
N ASP B 35 -3.99 -41.57 -12.64
CA ASP B 35 -4.73 -42.46 -11.76
C ASP B 35 -5.99 -43.01 -12.46
N LEU B 36 -6.64 -44.01 -11.87
CA LEU B 36 -7.78 -44.61 -12.54
C LEU B 36 -8.94 -43.63 -12.83
N PRO B 37 -9.37 -42.83 -11.83
CA PRO B 37 -10.47 -41.88 -12.08
C PRO B 37 -10.16 -40.84 -13.19
N GLY B 38 -8.91 -40.37 -13.28
CA GLY B 38 -8.49 -39.50 -14.37
C GLY B 38 -7.69 -38.27 -13.99
N ILE B 39 -7.19 -38.24 -12.76
CA ILE B 39 -6.35 -37.14 -12.30
C ILE B 39 -4.88 -37.49 -12.49
N MET B 40 -4.13 -36.62 -13.14
CA MET B 40 -2.69 -36.80 -13.25
C MET B 40 -1.97 -36.69 -11.89
N GLN B 41 -1.02 -37.58 -11.69
CA GLN B 41 -0.19 -37.65 -10.50
C GLN B 41 1.24 -37.26 -10.87
N HIS B 42 2.00 -36.77 -9.89
CA HIS B 42 3.37 -36.37 -10.17
C HIS B 42 4.28 -36.39 -8.95
N PHE B 43 5.56 -36.58 -9.23
CA PHE B 43 6.62 -36.26 -8.28
C PHE B 43 7.78 -35.72 -9.08
N THR B 44 8.72 -35.10 -8.39
CA THR B 44 9.78 -34.36 -9.02
C THR B 44 11.16 -34.93 -8.66
N ILE B 45 12.01 -35.07 -9.68
CA ILE B 45 13.39 -35.49 -9.48
C ILE B 45 14.28 -34.40 -10.07
N PRO B 46 15.48 -34.22 -9.49
CA PRO B 46 16.39 -33.20 -10.00
C PRO B 46 16.94 -33.58 -11.37
N ALA B 47 17.44 -32.58 -12.12
CA ALA B 47 18.00 -32.84 -13.45
C ALA B 47 19.11 -33.87 -13.37
N SER B 48 19.97 -33.69 -12.36
CA SER B 48 21.07 -34.62 -12.10
C SER B 48 20.61 -36.08 -11.98
N ALA B 49 19.40 -36.33 -11.50
CA ALA B 49 18.92 -37.70 -11.40
C ALA B 49 18.22 -38.20 -12.68
N PHE B 50 18.14 -37.35 -13.71
CA PHE B 50 17.49 -37.76 -14.95
C PHE B 50 18.49 -38.31 -15.97
N ASP B 51 18.61 -39.64 -16.01
CA ASP B 51 19.64 -40.33 -16.81
C ASP B 51 19.07 -41.59 -17.47
N LYS B 52 19.93 -42.33 -18.18
CA LYS B 52 19.55 -43.59 -18.82
C LYS B 52 18.87 -44.57 -17.88
N SER B 53 19.35 -44.62 -16.65
CA SER B 53 18.77 -45.44 -15.59
C SER B 53 17.23 -45.27 -15.48
N VAL B 54 16.76 -44.05 -15.71
CA VAL B 54 15.34 -43.75 -15.67
C VAL B 54 14.60 -44.51 -16.78
N PHE B 55 15.24 -44.60 -17.96
CA PHE B 55 14.63 -45.32 -19.08
C PHE B 55 14.78 -46.84 -18.96
N ASP B 56 15.90 -47.29 -18.39
CA ASP B 56 16.21 -48.71 -18.30
C ASP B 56 15.56 -49.35 -17.08
N ASP B 57 15.67 -48.70 -15.93
CA ASP B 57 15.17 -49.29 -14.70
C ASP B 57 13.81 -48.76 -14.29
N GLY B 58 13.55 -47.50 -14.59
CA GLY B 58 12.29 -46.86 -14.20
C GLY B 58 12.33 -46.35 -12.77
N LEU B 59 11.19 -45.86 -12.28
CA LEU B 59 11.13 -45.24 -10.98
C LEU B 59 9.98 -45.85 -10.22
N ALA B 60 10.11 -45.86 -8.89
CA ALA B 60 9.12 -46.48 -8.02
C ALA B 60 8.15 -45.47 -7.41
N PHE B 61 6.96 -45.96 -7.06
CA PHE B 61 6.01 -45.16 -6.33
C PHE B 61 5.09 -46.05 -5.52
N ASP B 62 4.31 -45.44 -4.63
CA ASP B 62 3.37 -46.15 -3.78
C ASP B 62 2.03 -46.34 -4.46
N GLY B 63 1.83 -47.51 -5.05
CA GLY B 63 0.59 -47.82 -5.75
C GLY B 63 -0.62 -47.90 -4.84
N SER B 64 -0.42 -47.95 -3.52
CA SER B 64 -1.57 -48.07 -2.62
C SER B 64 -2.17 -46.71 -2.29
N SER B 65 -1.46 -45.63 -2.61
CA SER B 65 -2.01 -44.31 -2.38
C SER B 65 -2.68 -43.75 -3.64
N ILE B 66 -2.66 -44.52 -4.72
CA ILE B 66 -3.22 -44.08 -5.98
C ILE B 66 -4.54 -44.79 -6.22
N ARG B 67 -5.58 -44.03 -6.59
CA ARG B 67 -6.95 -44.56 -6.63
C ARG B 67 -7.12 -45.53 -7.79
N GLY B 68 -7.73 -46.68 -7.48
CA GLY B 68 -7.90 -47.76 -8.45
C GLY B 68 -6.64 -48.59 -8.72
N PHE B 69 -5.58 -48.38 -7.94
CA PHE B 69 -4.35 -49.10 -8.19
C PHE B 69 -4.19 -50.34 -7.28
N GLN B 70 -3.25 -50.27 -6.35
CA GLN B 70 -2.86 -51.44 -5.56
C GLN B 70 -3.40 -51.38 -4.14
N SER B 71 -3.41 -52.54 -3.47
CA SER B 71 -3.61 -52.60 -2.03
C SER B 71 -2.27 -52.34 -1.30
N ILE B 72 -2.36 -52.09 -0.01
CA ILE B 72 -1.20 -51.64 0.78
C ILE B 72 -0.09 -52.71 0.84
N HIS B 73 -0.49 -53.98 0.91
CA HIS B 73 0.49 -55.06 1.02
C HIS B 73 1.16 -55.40 -0.32
N GLU B 74 0.59 -54.91 -1.42
CA GLU B 74 1.24 -55.05 -2.74
C GLU B 74 1.57 -53.69 -3.36
N SER B 75 2.06 -52.78 -2.53
CA SER B 75 2.09 -51.35 -2.87
C SER B 75 3.07 -50.95 -3.98
N ASP B 76 4.33 -51.40 -3.91
CA ASP B 76 5.35 -50.93 -4.88
C ASP B 76 4.89 -51.13 -6.31
N MET B 77 4.99 -50.06 -7.10
CA MET B 77 4.75 -50.13 -8.53
C MET B 77 5.88 -49.39 -9.24
N LEU B 78 5.97 -49.58 -10.56
CA LEU B 78 7.07 -49.03 -11.33
C LEU B 78 6.53 -48.14 -12.46
N LEU B 79 7.34 -47.16 -12.86
CA LEU B 79 7.02 -46.25 -13.95
C LEU B 79 8.14 -46.22 -15.00
N LEU B 80 7.76 -46.30 -16.27
CA LEU B 80 8.72 -46.14 -17.37
C LEU B 80 8.29 -44.99 -18.29
N PRO B 81 9.25 -44.10 -18.65
CA PRO B 81 8.90 -42.85 -19.37
C PRO B 81 8.38 -43.05 -20.79
N ASP B 82 7.62 -42.07 -21.27
CA ASP B 82 7.17 -42.03 -22.66
C ASP B 82 7.74 -40.76 -23.25
N PRO B 83 8.83 -40.88 -24.01
CA PRO B 83 9.60 -39.75 -24.56
C PRO B 83 8.80 -38.82 -25.46
N GLU B 84 7.75 -39.34 -26.09
CA GLU B 84 6.78 -38.54 -26.87
C GLU B 84 6.14 -37.37 -26.09
N THR B 85 6.05 -37.51 -24.76
CA THR B 85 5.23 -36.61 -23.96
C THR B 85 6.02 -35.47 -23.31
N ALA B 86 7.33 -35.40 -23.57
CA ALA B 86 8.17 -34.42 -22.89
C ALA B 86 7.84 -32.99 -23.35
N ARG B 87 7.48 -32.13 -22.39
CA ARG B 87 7.17 -30.72 -22.62
C ARG B 87 7.75 -29.91 -21.48
N ILE B 88 8.16 -28.68 -21.76
CA ILE B 88 8.57 -27.77 -20.70
C ILE B 88 7.35 -27.25 -19.96
N ASP B 89 7.46 -27.18 -18.65
CA ASP B 89 6.35 -26.66 -17.85
C ASP B 89 6.30 -25.14 -17.96
N PRO B 90 5.13 -24.58 -18.34
CA PRO B 90 5.03 -23.12 -18.48
C PRO B 90 4.88 -22.35 -17.17
N PHE B 91 4.78 -23.05 -16.03
CA PHE B 91 4.43 -22.39 -14.77
C PHE B 91 5.55 -22.30 -13.73
N ARG B 92 6.29 -23.38 -13.52
CA ARG B 92 7.25 -23.45 -12.43
C ARG B 92 8.45 -22.53 -12.65
N ALA B 93 8.72 -21.71 -11.65
CA ALA B 93 9.84 -20.76 -11.67
C ALA B 93 11.19 -21.46 -11.86
N ALA B 94 11.35 -22.64 -11.29
CA ALA B 94 12.51 -23.46 -11.55
C ALA B 94 12.23 -24.25 -12.82
N LYS B 95 13.04 -24.05 -13.86
CA LYS B 95 12.78 -24.63 -15.17
C LYS B 95 12.54 -26.13 -15.03
N THR B 96 11.39 -26.60 -15.50
CA THR B 96 11.00 -27.99 -15.31
C THR B 96 10.52 -28.62 -16.61
N LEU B 97 10.93 -29.87 -16.82
CA LEU B 97 10.47 -30.68 -17.93
C LEU B 97 9.46 -31.71 -17.42
N ASN B 98 8.26 -31.69 -17.97
CA ASN B 98 7.24 -32.70 -17.65
C ASN B 98 7.30 -33.89 -18.60
N ILE B 99 7.22 -35.10 -18.05
CA ILE B 99 7.17 -36.32 -18.88
C ILE B 99 6.12 -37.28 -18.33
N ASN B 100 5.27 -37.83 -19.22
CA ASN B 100 4.32 -38.87 -18.81
C ASN B 100 4.96 -40.26 -18.78
N PHE B 101 4.50 -41.11 -17.87
CA PHE B 101 5.06 -42.45 -17.74
C PHE B 101 3.99 -43.51 -17.88
N PHE B 102 4.41 -44.74 -18.19
CA PHE B 102 3.53 -45.90 -18.13
C PHE B 102 3.77 -46.62 -16.80
N VAL B 103 2.70 -47.14 -16.20
CA VAL B 103 2.79 -47.92 -14.98
C VAL B 103 3.07 -49.37 -15.37
N HIS B 104 4.08 -49.95 -14.73
CA HIS B 104 4.46 -51.36 -14.94
C HIS B 104 4.53 -52.14 -13.62
N ASP B 105 4.31 -53.45 -13.72
CA ASP B 105 4.53 -54.38 -12.60
C ASP B 105 6.00 -54.38 -12.23
N PRO B 106 6.32 -54.26 -10.94
CA PRO B 106 7.72 -54.14 -10.52
C PRO B 106 8.51 -55.45 -10.60
N PHE B 107 7.80 -56.58 -10.71
CA PHE B 107 8.45 -57.92 -10.79
C PHE B 107 8.65 -58.36 -12.23
N THR B 108 7.56 -58.44 -12.97
CA THR B 108 7.57 -58.93 -14.35
C THR B 108 7.94 -57.85 -15.36
N LEU B 109 7.81 -56.59 -14.95
CA LEU B 109 7.96 -55.42 -15.86
C LEU B 109 6.87 -55.32 -16.94
N GLU B 110 5.84 -56.15 -16.83
CA GLU B 110 4.70 -56.09 -17.75
C GLU B 110 3.90 -54.78 -17.54
N PRO B 111 3.24 -54.28 -18.61
CA PRO B 111 2.36 -53.12 -18.43
C PRO B 111 1.24 -53.45 -17.45
N TYR B 112 0.85 -52.45 -16.64
CA TYR B 112 -0.21 -52.54 -15.63
C TYR B 112 -1.60 -52.56 -16.28
N SER B 113 -2.41 -53.53 -15.87
CA SER B 113 -3.75 -53.69 -16.39
C SER B 113 -4.68 -52.53 -16.02
N ARG B 114 -4.31 -51.75 -15.00
CA ARG B 114 -5.14 -50.61 -14.60
C ARG B 114 -4.43 -49.27 -14.80
N ASP B 115 -3.40 -49.25 -15.66
CA ASP B 115 -2.83 -47.99 -16.14
C ASP B 115 -3.70 -47.47 -17.29
N PRO B 116 -4.33 -46.29 -17.10
CA PRO B 116 -5.19 -45.71 -18.15
C PRO B 116 -4.45 -45.53 -19.49
N ARG B 117 -3.20 -45.12 -19.42
CA ARG B 117 -2.37 -44.93 -20.59
C ARG B 117 -2.09 -46.24 -21.31
N ASN B 118 -1.99 -47.34 -20.56
CA ASN B 118 -1.85 -48.66 -21.15
C ASN B 118 -3.13 -49.06 -21.89
N ILE B 119 -4.29 -48.70 -21.33
CA ILE B 119 -5.55 -49.02 -22.00
C ILE B 119 -5.62 -48.36 -23.38
N ALA B 120 -5.21 -47.09 -23.44
CA ALA B 120 -5.19 -46.37 -24.70
C ALA B 120 -4.25 -47.02 -25.69
N ARG B 121 -3.07 -47.44 -25.20
CA ARG B 121 -2.06 -48.16 -25.98
C ARG B 121 -2.68 -49.43 -26.58
N LYS B 122 -3.31 -50.23 -25.72
CA LYS B 122 -3.94 -51.46 -26.15
C LYS B 122 -5.05 -51.19 -27.17
N ALA B 123 -5.82 -50.13 -26.95
CA ALA B 123 -6.89 -49.78 -27.86
C ALA B 123 -6.37 -49.52 -29.28
N GLU B 124 -5.31 -48.73 -29.40
CA GLU B 124 -4.77 -48.43 -30.73
C GLU B 124 -4.26 -49.70 -31.42
N ASN B 125 -3.63 -50.60 -30.64
CA ASN B 125 -3.16 -51.88 -31.18
C ASN B 125 -4.29 -52.76 -31.64
N TYR B 126 -5.34 -52.85 -30.82
CA TYR B 126 -6.49 -53.67 -31.18
C TYR B 126 -7.10 -53.19 -32.49
N LEU B 127 -7.25 -51.87 -32.63
CA LEU B 127 -7.76 -51.30 -33.87
C LEU B 127 -7.00 -51.86 -35.08
N ILE B 128 -5.67 -51.78 -35.02
CA ILE B 128 -4.80 -52.25 -36.10
C ILE B 128 -5.08 -53.74 -36.37
N SER B 129 -5.15 -54.52 -35.30
CA SER B 129 -5.34 -55.95 -35.40
C SER B 129 -6.67 -56.35 -36.02
N THR B 130 -7.69 -55.49 -36.01
CA THR B 130 -8.99 -55.83 -36.62
C THR B 130 -8.96 -55.73 -38.14
N GLY B 131 -8.01 -54.94 -38.65
CA GLY B 131 -7.95 -54.65 -40.09
C GLY B 131 -8.97 -53.61 -40.56
N ILE B 132 -9.90 -53.21 -39.69
CA ILE B 132 -10.89 -52.19 -40.02
C ILE B 132 -10.24 -50.84 -40.40
N ALA B 133 -9.22 -50.44 -39.64
CA ALA B 133 -8.50 -49.19 -39.88
C ALA B 133 -7.18 -49.29 -39.15
N ASP B 134 -6.29 -48.33 -39.34
CA ASP B 134 -5.06 -48.30 -38.56
C ASP B 134 -4.93 -47.10 -37.60
N THR B 135 -5.79 -46.09 -37.77
CA THR B 135 -5.76 -44.89 -36.93
C THR B 135 -7.15 -44.37 -36.57
N ALA B 136 -7.34 -44.10 -35.28
CA ALA B 136 -8.54 -43.47 -34.75
C ALA B 136 -8.20 -42.02 -34.34
N TYR B 137 -8.80 -41.05 -35.04
CA TYR B 137 -8.57 -39.63 -34.75
C TYR B 137 -9.64 -39.08 -33.78
N PHE B 138 -9.17 -38.40 -32.74
CA PHE B 138 -10.07 -37.78 -31.76
C PHE B 138 -9.83 -36.29 -31.72
N GLY B 139 -10.91 -35.55 -31.99
CA GLY B 139 -10.93 -34.11 -31.77
C GLY B 139 -11.86 -33.83 -30.61
N ALA B 140 -11.32 -33.17 -29.58
CA ALA B 140 -12.09 -32.93 -28.36
C ALA B 140 -12.40 -31.46 -28.08
N GLU B 141 -13.55 -31.21 -27.47
CA GLU B 141 -13.84 -29.85 -27.03
C GLU B 141 -14.16 -29.94 -25.54
N ALA B 142 -13.16 -29.67 -24.72
CA ALA B 142 -13.34 -29.65 -23.29
C ALA B 142 -13.69 -28.22 -22.84
N GLU B 143 -14.98 -28.01 -22.65
CA GLU B 143 -15.49 -26.76 -22.13
C GLU B 143 -15.23 -26.64 -20.63
N PHE B 144 -15.14 -25.41 -20.13
CA PHE B 144 -14.87 -25.18 -18.68
C PHE B 144 -15.41 -23.83 -18.21
N TYR B 145 -15.43 -23.63 -16.90
CA TYR B 145 -15.86 -22.37 -16.30
C TYR B 145 -14.70 -21.68 -15.59
N ILE B 146 -14.56 -20.37 -15.82
CA ILE B 146 -13.56 -19.58 -15.14
C ILE B 146 -14.23 -18.84 -13.98
N PHE B 147 -14.17 -19.44 -12.79
CA PHE B 147 -14.85 -18.88 -11.63
C PHE B 147 -13.90 -18.01 -10.84
N ASP B 148 -14.44 -17.22 -9.93
CA ASP B 148 -13.64 -16.40 -9.01
C ASP B 148 -13.42 -17.12 -7.70
N SER B 149 -14.43 -17.88 -7.27
CA SER B 149 -14.36 -18.58 -6.03
C SER B 149 -15.31 -19.78 -5.92
N VAL B 150 -14.96 -20.68 -5.00
CA VAL B 150 -15.81 -21.83 -4.66
C VAL B 150 -15.63 -22.19 -3.18
N SER B 151 -16.73 -22.52 -2.53
CA SER B 151 -16.68 -23.18 -1.23
C SER B 151 -17.87 -24.14 -1.03
N PHE B 152 -17.70 -25.10 -0.13
CA PHE B 152 -18.69 -26.15 0.07
C PHE B 152 -18.32 -26.90 1.33
N ASP B 153 -19.31 -27.44 2.01
CA ASP B 153 -19.06 -28.40 3.06
C ASP B 153 -20.20 -29.41 3.23
N SER B 154 -20.03 -30.33 4.16
CA SER B 154 -21.05 -31.34 4.42
C SER B 154 -20.91 -31.75 5.88
N ARG B 155 -21.95 -31.47 6.65
CA ARG B 155 -21.95 -31.66 8.11
C ARG B 155 -23.19 -32.43 8.55
N ALA B 156 -23.29 -32.76 9.84
CA ALA B 156 -24.45 -33.50 10.33
C ALA B 156 -25.77 -32.76 10.12
N ASN B 157 -25.76 -31.44 10.34
CA ASN B 157 -26.96 -30.60 10.43
C ASN B 157 -27.10 -29.62 9.26
N GLY B 158 -26.34 -29.84 8.18
CA GLY B 158 -26.42 -28.95 7.03
C GLY B 158 -25.28 -29.13 6.05
N SER B 159 -25.45 -28.56 4.87
CA SER B 159 -24.47 -28.66 3.79
C SER B 159 -24.68 -27.52 2.78
N PHE B 160 -23.65 -27.16 2.02
CA PHE B 160 -23.79 -26.12 1.02
C PHE B 160 -22.72 -26.17 -0.05
N TYR B 161 -22.99 -25.53 -1.17
CA TYR B 161 -21.93 -25.10 -2.09
C TYR B 161 -22.27 -23.71 -2.64
N GLU B 162 -21.24 -23.02 -3.07
CA GLU B 162 -21.39 -21.76 -3.75
C GLU B 162 -20.21 -21.60 -4.73
N VAL B 163 -20.53 -21.36 -6.00
CA VAL B 163 -19.53 -20.88 -6.95
C VAL B 163 -19.80 -19.40 -7.21
N ASP B 164 -18.75 -18.64 -7.47
CA ASP B 164 -18.92 -17.23 -7.80
C ASP B 164 -18.00 -16.73 -8.91
N ALA B 165 -18.45 -15.70 -9.61
CA ALA B 165 -17.77 -15.19 -10.78
C ALA B 165 -18.27 -13.80 -11.01
N ILE B 166 -17.36 -12.87 -11.30
CA ILE B 166 -17.71 -11.46 -11.48
C ILE B 166 -18.75 -11.23 -12.59
N SER B 167 -18.71 -12.07 -13.63
CA SER B 167 -19.61 -11.95 -14.76
C SER B 167 -20.91 -12.74 -14.59
N GLY B 168 -21.09 -13.41 -13.45
CA GLY B 168 -22.35 -14.10 -13.15
C GLY B 168 -23.60 -13.22 -13.10
N TRP B 169 -24.65 -13.66 -13.77
CA TRP B 169 -25.89 -12.88 -13.82
C TRP B 169 -26.51 -12.67 -12.43
N TRP B 170 -26.25 -13.61 -11.54
CA TRP B 170 -26.73 -13.51 -10.15
C TRP B 170 -26.14 -12.28 -9.42
N ASN B 171 -25.13 -11.64 -10.01
CA ASN B 171 -24.48 -10.50 -9.37
C ASN B 171 -24.87 -9.12 -9.92
N THR B 172 -25.85 -9.05 -10.80
CA THR B 172 -26.18 -7.75 -11.41
C THR B 172 -26.59 -6.74 -10.34
N GLY B 173 -27.13 -7.23 -9.23
CA GLY B 173 -27.64 -6.38 -8.16
C GLY B 173 -26.62 -6.08 -7.06
N ALA B 174 -25.41 -6.62 -7.18
CA ALA B 174 -24.43 -6.42 -6.12
C ALA B 174 -24.07 -4.96 -5.96
N ALA B 175 -23.97 -4.50 -4.73
CA ALA B 175 -23.60 -3.12 -4.45
C ALA B 175 -22.17 -2.86 -4.86
N THR B 176 -21.30 -3.84 -4.69
CA THR B 176 -19.89 -3.70 -5.08
C THR B 176 -19.37 -5.08 -5.49
N GLU B 177 -18.21 -5.09 -6.14
CA GLU B 177 -17.51 -6.34 -6.41
C GLU B 177 -16.89 -6.89 -5.12
N ALA B 178 -16.44 -8.15 -5.16
CA ALA B 178 -15.88 -8.85 -3.99
C ALA B 178 -14.75 -8.08 -3.33
N ASP B 179 -13.94 -7.39 -4.13
CA ASP B 179 -12.86 -6.59 -3.60
C ASP B 179 -13.31 -5.19 -3.10
N GLY B 180 -14.61 -4.90 -3.22
CA GLY B 180 -15.12 -3.60 -2.77
C GLY B 180 -15.20 -2.56 -3.86
N SER B 181 -14.71 -2.87 -5.06
CA SER B 181 -14.76 -1.91 -6.16
C SER B 181 -16.17 -1.89 -6.77
N PRO B 182 -16.49 -0.84 -7.54
CA PRO B 182 -17.89 -0.68 -7.99
C PRO B 182 -18.35 -1.74 -8.98
N ASN B 183 -19.65 -2.01 -8.98
CA ASN B 183 -20.30 -2.91 -9.92
C ASN B 183 -20.42 -2.13 -11.22
N ARG B 184 -19.79 -2.62 -12.28
CA ARG B 184 -19.79 -1.90 -13.55
C ARG B 184 -20.62 -2.56 -14.65
N GLY B 185 -21.47 -3.51 -14.26
CA GLY B 185 -22.41 -4.11 -15.17
C GLY B 185 -21.72 -4.95 -16.25
N TYR B 186 -22.36 -5.10 -17.40
CA TYR B 186 -21.83 -5.95 -18.46
C TYR B 186 -21.64 -7.41 -18.04
N LYS B 187 -22.46 -7.87 -17.10
CA LYS B 187 -22.42 -9.26 -16.69
C LYS B 187 -23.14 -10.12 -17.77
N VAL B 188 -22.93 -11.44 -17.70
CA VAL B 188 -23.40 -12.29 -18.77
C VAL B 188 -24.73 -12.88 -18.37
N ARG B 189 -25.73 -12.74 -19.25
CA ARG B 189 -27.06 -13.33 -19.04
C ARG B 189 -26.99 -14.85 -19.11
N HIS B 190 -27.83 -15.51 -18.34
CA HIS B 190 -27.90 -16.96 -18.41
C HIS B 190 -28.17 -17.35 -19.86
N LYS B 191 -27.49 -18.38 -20.35
CA LYS B 191 -27.54 -18.82 -21.74
C LYS B 191 -27.13 -17.76 -22.76
N GLY B 192 -26.45 -16.69 -22.31
CA GLY B 192 -26.10 -15.58 -23.20
C GLY B 192 -24.62 -15.26 -23.37
N GLY B 193 -23.73 -16.19 -23.04
CA GLY B 193 -22.28 -15.89 -23.10
C GLY B 193 -21.63 -16.23 -24.44
N TYR B 194 -22.41 -16.83 -25.32
CA TYR B 194 -21.91 -17.22 -26.64
C TYR B 194 -22.46 -16.28 -27.74
N PHE B 195 -21.66 -15.33 -28.23
CA PHE B 195 -20.40 -14.87 -27.61
C PHE B 195 -20.15 -13.37 -27.88
N PRO B 196 -20.83 -12.50 -27.13
CA PRO B 196 -20.73 -11.05 -27.34
C PRO B 196 -19.32 -10.52 -27.08
N VAL B 197 -18.95 -9.44 -27.76
CA VAL B 197 -17.62 -8.83 -27.59
C VAL B 197 -17.47 -8.20 -26.20
N ALA B 198 -16.21 -7.91 -25.85
CA ALA B 198 -15.91 -7.24 -24.61
C ALA B 198 -16.60 -5.89 -24.66
N PRO B 199 -16.93 -5.29 -23.51
CA PRO B 199 -16.61 -5.75 -22.16
C PRO B 199 -17.56 -6.82 -21.62
N ASN B 200 -18.59 -7.15 -22.41
CA ASN B 200 -19.53 -8.19 -22.01
C ASN B 200 -18.84 -9.55 -21.79
N ASP B 201 -17.87 -9.84 -22.67
CA ASP B 201 -16.89 -10.89 -22.47
C ASP B 201 -15.76 -10.31 -21.62
N GLN B 202 -15.67 -10.77 -20.37
CA GLN B 202 -14.73 -10.25 -19.40
C GLN B 202 -13.45 -11.09 -19.28
N TYR B 203 -13.27 -12.08 -20.15
CA TYR B 203 -12.18 -13.03 -20.00
C TYR B 203 -11.25 -13.10 -21.20
N VAL B 204 -11.31 -12.07 -22.07
CA VAL B 204 -10.57 -12.08 -23.33
C VAL B 204 -9.03 -12.21 -23.12
N ASP B 205 -8.49 -11.34 -22.26
CA ASP B 205 -7.06 -11.36 -21.96
C ASP B 205 -6.64 -12.68 -21.30
N LEU B 206 -7.45 -13.19 -20.38
CA LEU B 206 -7.12 -14.44 -19.69
C LEU B 206 -7.10 -15.63 -20.67
N ARG B 207 -8.14 -15.73 -21.50
CA ARG B 207 -8.17 -16.78 -22.51
C ARG B 207 -6.98 -16.65 -23.48
N ASP B 208 -6.58 -15.42 -23.78
CA ASP B 208 -5.38 -15.20 -24.63
C ASP B 208 -4.16 -15.81 -23.98
N LYS B 209 -4.05 -15.67 -22.65
CA LYS B 209 -2.92 -16.22 -21.88
C LYS B 209 -2.94 -17.74 -21.88
N MET B 210 -4.13 -18.29 -21.77
CA MET B 210 -4.37 -19.72 -21.94
C MET B 210 -3.95 -20.23 -23.33
N LEU B 211 -4.33 -19.49 -24.38
CA LEU B 211 -3.98 -19.83 -25.76
C LEU B 211 -2.48 -19.79 -25.94
N THR B 212 -1.84 -18.76 -25.38
CA THR B 212 -0.38 -18.61 -25.52
C THR B 212 0.36 -19.75 -24.82
N ASN B 213 -0.03 -20.06 -23.59
CA ASN B 213 0.60 -21.13 -22.85
C ASN B 213 0.45 -22.48 -23.56
N LEU B 214 -0.70 -22.72 -24.17
CA LEU B 214 -0.90 -23.92 -24.95
C LEU B 214 0.04 -23.95 -26.18
N ILE B 215 0.05 -22.86 -26.94
CA ILE B 215 0.94 -22.70 -28.09
C ILE B 215 2.38 -22.98 -27.65
N ASN B 216 2.83 -22.35 -26.56
CA ASN B 216 4.19 -22.56 -26.08
C ASN B 216 4.51 -23.96 -25.51
N SER B 217 3.49 -24.81 -25.33
CA SER B 217 3.70 -26.23 -25.01
C SER B 217 3.45 -27.12 -26.21
N GLY B 218 3.46 -26.53 -27.39
CA GLY B 218 3.46 -27.32 -28.60
C GLY B 218 2.08 -27.72 -29.07
N PHE B 219 1.03 -27.19 -28.47
CA PHE B 219 -0.31 -27.42 -29.00
C PHE B 219 -0.47 -26.67 -30.31
N ILE B 220 -1.25 -27.25 -31.23
CA ILE B 220 -1.64 -26.55 -32.44
C ILE B 220 -3.09 -26.07 -32.27
N LEU B 221 -3.24 -24.75 -32.24
CA LEU B 221 -4.46 -24.14 -31.79
C LEU B 221 -5.40 -23.90 -32.93
N GLU B 222 -6.68 -23.94 -32.63
CA GLU B 222 -7.68 -23.66 -33.62
C GLU B 222 -8.60 -22.50 -33.28
N LYS B 223 -9.15 -22.52 -32.06
CA LYS B 223 -9.92 -21.40 -31.59
C LYS B 223 -10.13 -21.36 -30.10
N GLY B 224 -10.51 -20.18 -29.61
CA GLY B 224 -10.89 -19.97 -28.22
C GLY B 224 -12.06 -19.00 -28.21
N HIS B 225 -12.97 -19.20 -27.26
CA HIS B 225 -14.12 -18.32 -27.14
C HIS B 225 -14.80 -18.50 -25.81
N HIS B 226 -15.60 -17.51 -25.42
CA HIS B 226 -16.53 -17.61 -24.30
C HIS B 226 -17.62 -18.59 -24.74
N GLU B 227 -18.08 -19.42 -23.84
CA GLU B 227 -19.19 -20.30 -24.13
C GLU B 227 -20.52 -19.79 -23.59
N VAL B 228 -21.60 -20.56 -23.82
CA VAL B 228 -22.96 -20.13 -23.54
C VAL B 228 -23.15 -19.69 -22.06
N GLY B 229 -22.60 -20.46 -21.12
CA GLY B 229 -22.89 -20.26 -19.69
C GLY B 229 -22.46 -18.93 -19.12
N SER B 230 -23.30 -18.33 -18.30
CA SER B 230 -22.94 -17.12 -17.53
C SER B 230 -21.80 -17.40 -16.55
N GLY B 231 -21.12 -16.35 -16.09
CA GLY B 231 -20.09 -16.55 -15.08
C GLY B 231 -18.86 -17.27 -15.59
N GLY B 232 -18.49 -17.02 -16.84
CA GLY B 232 -17.13 -17.29 -17.32
C GLY B 232 -16.93 -18.61 -18.05
N GLN B 233 -17.97 -19.15 -18.69
CA GLN B 233 -17.80 -20.40 -19.42
C GLN B 233 -16.90 -20.19 -20.62
N ALA B 234 -16.08 -21.17 -20.92
CA ALA B 234 -15.09 -20.99 -21.99
C ALA B 234 -14.85 -22.25 -22.78
N GLU B 235 -14.29 -22.09 -23.98
CA GLU B 235 -13.90 -23.22 -24.81
C GLU B 235 -12.65 -22.86 -25.60
N ILE B 236 -11.67 -23.74 -25.55
CA ILE B 236 -10.50 -23.64 -26.40
C ILE B 236 -10.36 -24.97 -27.19
N ASN B 237 -10.05 -24.87 -28.48
CA ASN B 237 -9.87 -25.99 -29.36
C ASN B 237 -8.45 -26.07 -29.88
N TYR B 238 -7.90 -27.27 -29.84
CA TYR B 238 -6.62 -27.57 -30.44
C TYR B 238 -6.81 -28.73 -31.44
N GLN B 239 -5.84 -28.87 -32.35
CA GLN B 239 -5.89 -29.87 -33.41
C GLN B 239 -6.10 -31.30 -32.92
N PHE B 240 -6.90 -32.04 -33.68
CA PHE B 240 -7.15 -33.45 -33.39
C PHE B 240 -5.84 -34.28 -33.48
N ASN B 241 -5.86 -35.49 -32.91
CA ASN B 241 -4.74 -36.43 -33.02
C ASN B 241 -5.22 -37.88 -32.85
N SER B 242 -4.31 -38.83 -33.03
CA SER B 242 -4.61 -40.23 -32.76
C SER B 242 -4.92 -40.45 -31.28
N LEU B 243 -5.66 -41.52 -31.00
CA LEU B 243 -6.28 -41.76 -29.68
C LEU B 243 -5.38 -41.43 -28.50
N LEU B 244 -4.26 -42.14 -28.36
CA LEU B 244 -3.38 -41.96 -27.22
C LEU B 244 -2.84 -40.55 -27.12
N HIS B 245 -2.33 -40.03 -28.23
CA HIS B 245 -1.79 -38.68 -28.25
C HIS B 245 -2.86 -37.66 -27.83
N ALA B 246 -4.09 -37.88 -28.31
CA ALA B 246 -5.22 -37.03 -28.00
C ALA B 246 -5.54 -37.02 -26.49
N ALA B 247 -5.44 -38.18 -25.85
CA ALA B 247 -5.74 -38.33 -24.45
C ALA B 247 -4.67 -37.67 -23.60
N ASP B 248 -3.40 -37.82 -24.01
CA ASP B 248 -2.31 -37.08 -23.41
C ASP B 248 -2.49 -35.58 -23.57
N ASP B 249 -2.85 -35.14 -24.78
CA ASP B 249 -3.15 -33.74 -25.04
C ASP B 249 -4.22 -33.23 -24.07
N MET B 250 -5.31 -33.99 -23.91
CA MET B 250 -6.42 -33.55 -23.06
C MET B 250 -5.97 -33.28 -21.62
N GLN B 251 -5.22 -34.23 -21.07
CA GLN B 251 -4.70 -34.13 -19.71
C GLN B 251 -3.81 -32.92 -19.55
N LEU B 252 -2.90 -32.70 -20.51
CA LEU B 252 -2.00 -31.57 -20.44
C LEU B 252 -2.78 -30.23 -20.60
N TYR B 253 -3.73 -30.21 -21.53
CA TYR B 253 -4.63 -29.08 -21.69
C TYR B 253 -5.32 -28.66 -20.35
N LYS B 254 -5.87 -29.64 -19.62
CA LYS B 254 -6.61 -29.33 -18.39
C LYS B 254 -5.66 -28.73 -17.40
N TYR B 255 -4.44 -29.27 -17.35
CA TYR B 255 -3.39 -28.77 -16.46
C TYR B 255 -3.05 -27.33 -16.79
N ILE B 256 -2.88 -27.04 -18.07
CA ILE B 256 -2.55 -25.69 -18.53
C ILE B 256 -3.70 -24.69 -18.28
N ILE B 257 -4.93 -25.11 -18.55
CA ILE B 257 -6.07 -24.25 -18.35
C ILE B 257 -6.16 -23.93 -16.86
N LYS B 258 -6.16 -24.96 -16.03
CA LYS B 258 -6.34 -24.81 -14.57
C LYS B 258 -5.28 -23.93 -13.95
N ASN B 259 -4.04 -24.09 -14.39
CA ASN B 259 -2.95 -23.36 -13.78
C ASN B 259 -2.73 -21.97 -14.35
N THR B 260 -3.06 -21.77 -15.63
CA THR B 260 -3.11 -20.42 -16.15
C THR B 260 -4.14 -19.62 -15.33
N ALA B 261 -5.33 -20.19 -15.11
CA ALA B 261 -6.34 -19.53 -14.30
C ALA B 261 -5.85 -19.21 -12.90
N TRP B 262 -5.20 -20.19 -12.27
CA TRP B 262 -4.76 -20.11 -10.91
C TRP B 262 -3.77 -18.99 -10.73
N GLN B 263 -2.81 -18.91 -11.65
CA GLN B 263 -1.75 -17.92 -11.58
C GLN B 263 -2.28 -16.50 -11.84
N ASN B 264 -3.47 -16.41 -12.43
CA ASN B 264 -4.11 -15.14 -12.65
C ASN B 264 -5.30 -14.88 -11.73
N GLY B 265 -5.30 -15.45 -10.54
CA GLY B 265 -6.31 -15.13 -9.52
C GLY B 265 -7.68 -15.72 -9.73
N LYS B 266 -7.81 -16.70 -10.62
CA LYS B 266 -9.11 -17.30 -10.90
C LYS B 266 -9.06 -18.78 -10.52
N THR B 267 -10.16 -19.50 -10.76
CA THR B 267 -10.24 -20.91 -10.45
C THR B 267 -11.17 -21.59 -11.44
N VAL B 268 -10.67 -22.62 -12.10
CA VAL B 268 -11.38 -23.27 -13.19
C VAL B 268 -11.92 -24.61 -12.70
N THR B 269 -13.11 -24.94 -13.19
CA THR B 269 -13.69 -26.27 -13.05
C THR B 269 -14.13 -26.83 -14.38
N PHE B 270 -13.81 -28.09 -14.56
CA PHE B 270 -14.26 -28.89 -15.69
C PHE B 270 -15.45 -29.74 -15.33
N MET B 271 -16.06 -29.52 -14.17
CA MET B 271 -17.21 -30.37 -13.81
C MET B 271 -18.39 -30.17 -14.77
N PRO B 272 -19.17 -31.24 -15.01
CA PRO B 272 -20.22 -31.21 -16.05
C PRO B 272 -21.27 -30.14 -15.84
N LYS B 273 -21.66 -29.88 -14.59
CA LYS B 273 -22.78 -28.98 -14.34
C LYS B 273 -22.65 -28.23 -13.03
N PRO B 274 -21.78 -27.20 -12.96
CA PRO B 274 -21.65 -26.43 -11.73
C PRO B 274 -22.75 -25.40 -11.55
N LEU B 275 -23.48 -25.07 -12.62
CA LEU B 275 -24.54 -24.08 -12.53
C LEU B 275 -25.86 -24.70 -12.87
N PHE B 276 -26.86 -24.43 -12.05
CA PHE B 276 -28.21 -24.93 -12.27
C PHE B 276 -29.01 -23.95 -13.14
N GLY B 277 -29.61 -24.42 -14.22
CA GLY B 277 -30.37 -23.53 -15.10
C GLY B 277 -29.51 -22.76 -16.10
N ASP B 278 -28.28 -23.21 -16.30
CA ASP B 278 -27.43 -22.68 -17.37
C ASP B 278 -26.65 -23.86 -17.94
N ASN B 279 -25.94 -23.63 -19.05
CA ASN B 279 -25.29 -24.70 -19.76
C ASN B 279 -24.30 -25.48 -18.93
N GLY B 280 -24.30 -26.81 -19.09
CA GLY B 280 -23.23 -27.64 -18.60
C GLY B 280 -21.96 -27.52 -19.45
N SER B 281 -20.93 -28.25 -19.03
CA SER B 281 -19.66 -28.30 -19.78
C SER B 281 -19.48 -29.69 -20.34
N GLY B 282 -19.43 -29.79 -21.66
CA GLY B 282 -19.21 -31.05 -22.29
C GLY B 282 -17.76 -31.25 -22.72
N MET B 283 -17.48 -32.50 -23.11
CA MET B 283 -16.30 -32.86 -23.89
C MET B 283 -16.76 -33.60 -25.16
N HIS B 284 -17.25 -32.85 -26.15
CA HIS B 284 -17.66 -33.43 -27.43
C HIS B 284 -16.45 -34.09 -28.06
N CYS B 285 -16.65 -35.31 -28.56
CA CYS B 285 -15.60 -36.02 -29.26
C CYS B 285 -15.93 -36.20 -30.74
N HIS B 286 -15.17 -35.49 -31.56
CA HIS B 286 -15.21 -35.68 -33.00
C HIS B 286 -14.31 -36.86 -33.34
N GLN B 287 -14.89 -37.87 -34.00
CA GLN B 287 -14.20 -39.11 -34.25
C GLN B 287 -14.20 -39.49 -35.72
N SER B 288 -13.06 -40.01 -36.19
CA SER B 288 -12.94 -40.59 -37.54
C SER B 288 -11.91 -41.74 -37.58
N LEU B 289 -12.10 -42.66 -38.53
CA LEU B 289 -11.16 -43.77 -38.71
C LEU B 289 -10.45 -43.62 -40.05
N TRP B 290 -9.17 -43.93 -40.04
CA TRP B 290 -8.32 -43.83 -41.23
C TRP B 290 -7.54 -45.13 -41.46
N LYS B 291 -7.33 -45.46 -42.74
CA LYS B 291 -6.48 -46.60 -43.09
C LYS B 291 -5.54 -46.25 -44.24
N ASP B 292 -4.25 -46.50 -44.05
CA ASP B 292 -3.21 -46.21 -45.04
C ASP B 292 -3.24 -44.75 -45.49
N GLY B 293 -3.50 -43.84 -44.55
CA GLY B 293 -3.54 -42.41 -44.85
C GLY B 293 -4.78 -41.93 -45.61
N ALA B 294 -5.79 -42.80 -45.75
CA ALA B 294 -7.04 -42.39 -46.40
C ALA B 294 -8.21 -42.47 -45.43
N PRO B 295 -9.13 -41.49 -45.51
CA PRO B 295 -10.29 -41.42 -44.60
C PRO B 295 -11.36 -42.46 -44.95
N LEU B 296 -12.06 -42.98 -43.94
CA LEU B 296 -13.07 -44.04 -44.14
C LEU B 296 -14.50 -43.61 -43.86
N MET B 297 -14.69 -42.37 -43.42
CA MET B 297 -15.99 -41.95 -42.94
C MET B 297 -16.95 -41.45 -44.03
N TYR B 298 -16.40 -41.09 -45.19
CA TYR B 298 -17.16 -40.35 -46.19
C TYR B 298 -17.76 -41.20 -47.29
N ASP B 299 -19.02 -40.94 -47.61
CA ASP B 299 -19.68 -41.52 -48.78
C ASP B 299 -20.73 -40.54 -49.24
N GLU B 300 -20.44 -39.90 -50.37
CA GLU B 300 -21.31 -38.90 -50.96
C GLU B 300 -22.78 -39.30 -51.03
N THR B 301 -23.07 -40.60 -51.04
CA THR B 301 -24.45 -41.06 -51.26
C THR B 301 -25.20 -41.31 -49.94
N GLY B 302 -24.46 -41.35 -48.84
CA GLY B 302 -25.05 -41.61 -47.54
C GLY B 302 -25.70 -40.38 -46.91
N TYR B 303 -26.70 -40.61 -46.06
CA TYR B 303 -27.22 -39.54 -45.21
C TYR B 303 -26.04 -38.82 -44.54
N ALA B 304 -26.07 -37.48 -44.62
CA ALA B 304 -25.02 -36.61 -44.06
C ALA B 304 -23.62 -36.97 -44.53
N GLY B 305 -23.53 -37.52 -45.75
CA GLY B 305 -22.25 -37.86 -46.36
C GLY B 305 -21.49 -38.98 -45.66
N LEU B 306 -22.20 -39.84 -44.93
CA LEU B 306 -21.56 -40.85 -44.09
C LEU B 306 -21.47 -42.20 -44.77
N SER B 307 -20.29 -42.82 -44.71
CA SER B 307 -20.10 -44.18 -45.24
C SER B 307 -20.77 -45.24 -44.37
N ASP B 308 -20.77 -46.48 -44.85
CA ASP B 308 -21.30 -47.61 -44.07
C ASP B 308 -20.50 -47.80 -42.80
N THR B 309 -19.18 -47.70 -42.90
CA THR B 309 -18.29 -47.84 -41.75
C THR B 309 -18.65 -46.81 -40.68
N ALA B 310 -18.77 -45.55 -41.10
CA ALA B 310 -19.19 -44.46 -40.22
C ALA B 310 -20.53 -44.75 -39.54
N ARG B 311 -21.52 -45.06 -40.37
CA ARG B 311 -22.89 -45.28 -39.90
C ARG B 311 -22.92 -46.40 -38.87
N HIS B 312 -22.19 -47.48 -39.13
CA HIS B 312 -22.08 -48.59 -38.17
C HIS B 312 -21.35 -48.20 -36.87
N TYR B 313 -20.36 -47.31 -36.97
CA TYR B 313 -19.63 -46.82 -35.81
C TYR B 313 -20.59 -46.07 -34.92
N ILE B 314 -21.44 -45.24 -35.55
CA ILE B 314 -22.48 -44.50 -34.82
C ILE B 314 -23.44 -45.50 -34.19
N GLY B 315 -23.80 -46.52 -34.96
CA GLY B 315 -24.67 -47.59 -34.47
C GLY B 315 -24.11 -48.22 -33.20
N GLY B 316 -22.82 -48.44 -33.18
CA GLY B 316 -22.12 -48.95 -32.01
C GLY B 316 -22.24 -48.04 -30.81
N LEU B 317 -21.91 -46.77 -31.01
CA LEU B 317 -21.99 -45.75 -29.97
C LEU B 317 -23.39 -45.67 -29.36
N LEU B 318 -24.40 -45.60 -30.19
CA LEU B 318 -25.76 -45.43 -29.71
C LEU B 318 -26.30 -46.71 -29.10
N HIS B 319 -25.86 -47.84 -29.64
CA HIS B 319 -26.27 -49.12 -29.08
C HIS B 319 -25.63 -49.39 -27.73
N HIS B 320 -24.35 -49.09 -27.60
CA HIS B 320 -23.65 -49.38 -26.34
C HIS B 320 -23.78 -48.29 -25.27
N ALA B 321 -24.29 -47.14 -25.68
CA ALA B 321 -24.52 -46.01 -24.80
C ALA B 321 -24.91 -46.33 -23.34
N PRO B 322 -25.90 -47.21 -23.11
CA PRO B 322 -26.31 -47.45 -21.71
C PRO B 322 -25.21 -47.98 -20.80
N SER B 323 -24.19 -48.61 -21.37
CA SER B 323 -23.01 -49.01 -20.61
C SER B 323 -21.83 -48.09 -20.87
N LEU B 324 -21.65 -47.69 -22.13
CA LEU B 324 -20.55 -46.82 -22.56
C LEU B 324 -20.41 -45.57 -21.67
N LEU B 325 -21.56 -45.04 -21.23
CA LEU B 325 -21.55 -43.77 -20.49
C LEU B 325 -20.88 -43.89 -19.14
N ALA B 326 -20.65 -45.11 -18.67
CA ALA B 326 -19.91 -45.38 -17.44
C ALA B 326 -18.47 -44.87 -17.52
N PHE B 327 -17.95 -44.81 -18.76
CA PHE B 327 -16.64 -44.21 -18.99
C PHE B 327 -16.68 -42.81 -19.63
N THR B 328 -17.75 -42.48 -20.34
CA THR B 328 -17.78 -41.16 -21.03
C THR B 328 -18.45 -40.11 -20.16
N ASN B 329 -19.32 -40.57 -19.25
CA ASN B 329 -20.08 -39.72 -18.34
C ASN B 329 -20.00 -40.29 -16.92
N PRO B 330 -18.79 -40.28 -16.33
CA PRO B 330 -18.50 -41.19 -15.22
C PRO B 330 -18.82 -40.69 -13.81
N THR B 331 -19.45 -39.53 -13.68
CA THR B 331 -19.72 -38.97 -12.35
C THR B 331 -21.21 -38.79 -12.06
N VAL B 332 -21.54 -38.52 -10.80
CA VAL B 332 -22.92 -38.25 -10.43
C VAL B 332 -23.38 -36.92 -11.07
N ASN B 333 -22.51 -35.92 -11.00
CA ASN B 333 -22.75 -34.64 -11.65
C ASN B 333 -22.97 -34.71 -13.18
N SER B 334 -22.42 -35.74 -13.82
CA SER B 334 -22.59 -35.93 -15.25
C SER B 334 -24.07 -35.92 -15.66
N TYR B 335 -24.91 -36.51 -14.81
CA TYR B 335 -26.31 -36.73 -15.14
C TYR B 335 -27.17 -35.49 -14.87
N LYS B 336 -26.59 -34.49 -14.22
CA LYS B 336 -27.24 -33.19 -14.10
C LYS B 336 -27.09 -32.38 -15.38
N ARG B 337 -26.14 -32.75 -16.22
CA ARG B 337 -25.97 -32.09 -17.50
C ARG B 337 -26.91 -32.67 -18.54
N LEU B 338 -27.15 -33.97 -18.46
CA LEU B 338 -28.01 -34.65 -19.46
C LEU B 338 -29.50 -34.40 -19.22
N VAL B 339 -29.88 -33.12 -19.36
CA VAL B 339 -31.24 -32.62 -19.15
C VAL B 339 -31.62 -31.71 -20.30
N PRO B 340 -32.92 -31.59 -20.61
CA PRO B 340 -33.18 -30.88 -21.85
C PRO B 340 -32.95 -29.37 -21.76
N GLY B 341 -32.65 -28.74 -22.91
CA GLY B 341 -32.56 -27.27 -22.99
C GLY B 341 -31.19 -26.62 -23.00
N TYR B 342 -30.12 -27.41 -22.94
CA TYR B 342 -28.78 -26.85 -22.78
C TYR B 342 -27.73 -27.35 -23.79
N GLU B 343 -28.21 -27.78 -24.96
CA GLU B 343 -27.34 -28.27 -26.03
C GLU B 343 -26.55 -29.55 -25.68
N ALA B 344 -27.06 -30.29 -24.69
CA ALA B 344 -26.53 -31.59 -24.35
C ALA B 344 -27.60 -32.63 -24.69
N PRO B 345 -27.21 -33.91 -24.90
CA PRO B 345 -28.16 -34.94 -25.35
C PRO B 345 -29.10 -35.40 -24.24
N ILE B 346 -30.30 -35.79 -24.64
CA ILE B 346 -31.27 -36.40 -23.72
C ILE B 346 -31.83 -37.72 -24.26
N ASN B 347 -31.37 -38.14 -25.45
CA ASN B 347 -31.77 -39.39 -26.04
C ASN B 347 -30.74 -39.86 -27.05
N LEU B 348 -30.91 -41.08 -27.55
CA LEU B 348 -29.86 -41.72 -28.33
C LEU B 348 -30.15 -41.67 -29.83
N VAL B 349 -30.01 -40.50 -30.43
CA VAL B 349 -30.19 -40.34 -31.87
C VAL B 349 -29.02 -39.59 -32.47
N TYR B 350 -28.79 -39.80 -33.77
CA TYR B 350 -27.84 -38.98 -34.51
C TYR B 350 -28.59 -38.16 -35.53
N SER B 351 -28.00 -37.03 -35.90
CA SER B 351 -28.63 -36.09 -36.81
C SER B 351 -27.60 -35.06 -37.26
N GLN B 352 -27.60 -34.73 -38.54
CA GLN B 352 -26.67 -33.73 -39.00
C GLN B 352 -27.09 -32.34 -38.52
N ARG B 353 -26.09 -31.49 -38.23
CA ARG B 353 -26.29 -30.08 -37.89
C ARG B 353 -27.05 -29.88 -36.57
N ASN B 354 -27.30 -30.96 -35.83
CA ASN B 354 -28.26 -30.92 -34.73
C ASN B 354 -27.64 -30.91 -33.31
N ARG B 355 -27.64 -29.73 -32.66
CA ARG B 355 -26.99 -29.58 -31.33
C ARG B 355 -27.82 -30.11 -30.14
N SER B 356 -29.01 -30.62 -30.46
CA SER B 356 -29.84 -31.27 -29.46
C SER B 356 -29.67 -32.79 -29.49
N ALA B 357 -28.89 -33.28 -30.44
CA ALA B 357 -28.71 -34.72 -30.63
C ALA B 357 -27.54 -35.32 -29.85
N CYS B 358 -27.56 -36.63 -29.69
CA CYS B 358 -26.46 -37.36 -29.04
C CYS B 358 -25.22 -37.46 -29.92
N VAL B 359 -25.45 -37.71 -31.22
CA VAL B 359 -24.39 -37.64 -32.21
C VAL B 359 -24.81 -36.64 -33.27
N ARG B 360 -24.00 -35.60 -33.41
CA ARG B 360 -24.18 -34.61 -34.45
C ARG B 360 -23.19 -34.88 -35.58
N ILE B 361 -23.65 -34.70 -36.81
CA ILE B 361 -22.74 -34.68 -37.95
C ILE B 361 -22.56 -33.23 -38.37
N PRO B 362 -21.35 -32.66 -38.12
CA PRO B 362 -21.11 -31.26 -38.48
C PRO B 362 -21.09 -31.10 -39.99
N ILE B 363 -21.51 -29.93 -40.46
CA ILE B 363 -21.57 -29.65 -41.89
C ILE B 363 -20.17 -29.32 -42.40
N THR B 364 -19.62 -30.20 -43.23
CA THR B 364 -18.22 -30.08 -43.64
C THR B 364 -18.02 -30.12 -45.15
N GLY B 365 -19.12 -30.15 -45.90
CA GLY B 365 -19.06 -30.18 -47.36
C GLY B 365 -18.59 -31.52 -47.93
N SER B 366 -18.04 -31.47 -49.13
CA SER B 366 -17.69 -32.71 -49.84
C SER B 366 -16.27 -33.21 -49.60
N ASN B 367 -15.46 -32.49 -48.82
CA ASN B 367 -14.09 -32.92 -48.51
C ASN B 367 -14.11 -34.20 -47.68
N PRO B 368 -13.62 -35.32 -48.25
CA PRO B 368 -13.72 -36.58 -47.53
C PRO B 368 -12.87 -36.61 -46.24
N LYS B 369 -11.81 -35.81 -46.19
CA LYS B 369 -10.92 -35.79 -45.02
C LYS B 369 -11.56 -35.15 -43.80
N ALA B 370 -12.56 -34.31 -44.04
CA ALA B 370 -13.22 -33.56 -42.97
C ALA B 370 -14.46 -34.26 -42.39
N LYS B 371 -14.93 -35.33 -43.02
CA LYS B 371 -16.13 -36.00 -42.56
C LYS B 371 -15.88 -36.75 -41.26
N ARG B 372 -16.71 -36.48 -40.26
CA ARG B 372 -16.62 -37.16 -38.96
C ARG B 372 -17.95 -37.03 -38.19
N LEU B 373 -18.08 -37.83 -37.15
CA LEU B 373 -19.22 -37.75 -36.26
C LEU B 373 -18.79 -36.99 -35.00
N GLU B 374 -19.73 -36.28 -34.39
CA GLU B 374 -19.49 -35.64 -33.11
C GLU B 374 -20.34 -36.29 -32.04
N PHE B 375 -19.67 -37.02 -31.16
CA PHE B 375 -20.33 -37.69 -30.05
C PHE B 375 -20.42 -36.65 -28.91
N ARG B 376 -21.64 -36.17 -28.69
CA ARG B 376 -21.88 -35.01 -27.81
C ARG B 376 -22.10 -35.39 -26.36
N SER B 377 -22.34 -36.66 -26.11
CA SER B 377 -22.61 -37.15 -24.76
C SER B 377 -21.48 -36.97 -23.73
N PRO B 378 -20.21 -37.24 -24.09
CA PRO B 378 -19.14 -37.25 -23.07
C PRO B 378 -18.91 -35.91 -22.38
N ASP B 379 -18.38 -35.98 -21.16
CA ASP B 379 -17.90 -34.78 -20.42
C ASP B 379 -16.46 -34.95 -19.91
N SER B 380 -15.90 -33.89 -19.33
CA SER B 380 -14.53 -33.89 -18.81
C SER B 380 -14.37 -34.44 -17.39
N SER B 381 -15.42 -35.02 -16.82
CA SER B 381 -15.37 -35.39 -15.42
C SER B 381 -14.67 -36.71 -15.10
N GLY B 382 -14.04 -37.32 -16.08
CA GLY B 382 -13.37 -38.58 -15.83
C GLY B 382 -12.00 -38.74 -16.44
N ASN B 383 -11.86 -39.78 -17.24
CA ASN B 383 -10.57 -40.21 -17.73
C ASN B 383 -10.60 -40.33 -19.24
N PRO B 384 -9.88 -39.43 -19.92
CA PRO B 384 -9.89 -39.38 -21.37
C PRO B 384 -9.31 -40.64 -22.01
N TYR B 385 -8.26 -41.20 -21.38
CA TYR B 385 -7.68 -42.46 -21.83
C TYR B 385 -8.75 -43.54 -21.93
N LEU B 386 -9.50 -43.73 -20.85
CA LEU B 386 -10.56 -44.73 -20.81
C LEU B 386 -11.77 -44.34 -21.68
N ALA B 387 -12.12 -43.05 -21.68
CA ALA B 387 -13.28 -42.58 -22.41
C ALA B 387 -13.06 -42.76 -23.91
N PHE B 388 -11.93 -42.25 -24.42
CA PHE B 388 -11.62 -42.38 -25.83
C PHE B 388 -11.59 -43.88 -26.21
N SER B 389 -10.94 -44.70 -25.38
CA SER B 389 -10.81 -46.13 -25.63
C SER B 389 -12.17 -46.79 -25.64
N ALA B 390 -13.01 -46.51 -24.65
CA ALA B 390 -14.34 -47.08 -24.61
C ALA B 390 -15.17 -46.70 -25.85
N MET B 391 -15.09 -45.45 -26.29
CA MET B 391 -15.82 -45.03 -27.49
C MET B 391 -15.37 -45.82 -28.71
N LEU B 392 -14.05 -46.01 -28.83
CA LEU B 392 -13.49 -46.77 -29.95
C LEU B 392 -14.02 -48.21 -29.93
N MET B 393 -13.98 -48.85 -28.75
CA MET B 393 -14.44 -50.22 -28.62
C MET B 393 -15.91 -50.36 -29.02
N ALA B 394 -16.75 -49.43 -28.56
CA ALA B 394 -18.15 -49.41 -28.94
C ALA B 394 -18.30 -49.19 -30.46
N GLY B 395 -17.50 -48.26 -30.99
CA GLY B 395 -17.55 -47.96 -32.41
C GLY B 395 -17.18 -49.15 -33.26
N LEU B 396 -16.08 -49.81 -32.88
CA LEU B 396 -15.57 -51.00 -33.57
C LEU B 396 -16.52 -52.18 -33.51
N ASP B 397 -17.15 -52.40 -32.34
CA ASP B 397 -18.14 -53.45 -32.19
C ASP B 397 -19.33 -53.21 -33.15
N GLY B 398 -19.67 -51.95 -33.34
CA GLY B 398 -20.73 -51.58 -34.28
C GLY B 398 -20.37 -51.94 -35.72
N ILE B 399 -19.10 -51.72 -36.09
CA ILE B 399 -18.62 -52.00 -37.43
C ILE B 399 -18.61 -53.51 -37.66
N LYS B 400 -18.02 -54.21 -36.69
CA LYS B 400 -17.87 -55.66 -36.74
C LYS B 400 -19.22 -56.36 -36.83
N ASN B 401 -20.21 -55.87 -36.08
CA ASN B 401 -21.55 -56.45 -36.09
C ASN B 401 -22.53 -55.80 -37.05
N LYS B 402 -22.04 -54.88 -37.87
CA LYS B 402 -22.87 -54.06 -38.76
C LYS B 402 -24.14 -53.55 -38.08
N ILE B 403 -23.98 -52.90 -36.92
CA ILE B 403 -25.13 -52.43 -36.14
C ILE B 403 -25.72 -51.18 -36.80
N GLU B 404 -27.00 -51.25 -37.15
CA GLU B 404 -27.67 -50.15 -37.82
C GLU B 404 -28.29 -49.20 -36.82
N PRO B 405 -27.86 -47.92 -36.81
CA PRO B 405 -28.45 -46.98 -35.86
C PRO B 405 -29.90 -46.72 -36.28
N GLN B 406 -30.77 -46.41 -35.34
CA GLN B 406 -32.13 -46.05 -35.75
C GLN B 406 -32.10 -44.74 -36.54
N ALA B 407 -33.12 -44.55 -37.40
CA ALA B 407 -33.12 -43.45 -38.38
C ALA B 407 -32.82 -42.12 -37.69
N PRO B 408 -32.03 -41.26 -38.36
CA PRO B 408 -31.75 -39.93 -37.82
C PRO B 408 -33.04 -39.10 -37.65
N VAL B 409 -33.09 -38.27 -36.61
CA VAL B 409 -34.26 -37.42 -36.39
C VAL B 409 -33.81 -35.96 -36.50
N ASP B 410 -34.20 -35.31 -37.59
CA ASP B 410 -33.78 -33.93 -37.87
C ASP B 410 -34.73 -32.87 -37.27
N LYS B 411 -34.90 -32.89 -35.95
CA LYS B 411 -35.82 -31.99 -35.22
C LYS B 411 -35.21 -31.59 -33.86
N ASP B 412 -35.77 -30.56 -33.25
CA ASP B 412 -35.36 -30.17 -31.90
C ASP B 412 -35.88 -31.25 -30.96
N LEU B 413 -34.95 -32.02 -30.39
CA LEU B 413 -35.33 -33.22 -29.64
C LEU B 413 -35.91 -32.91 -28.27
N TYR B 414 -35.64 -31.70 -27.76
CA TYR B 414 -36.24 -31.24 -26.50
C TYR B 414 -37.75 -30.98 -26.63
N GLU B 415 -38.19 -30.65 -27.84
CA GLU B 415 -39.56 -30.22 -28.07
C GLU B 415 -40.33 -31.23 -28.93
N LEU B 416 -39.98 -32.52 -28.82
CA LEU B 416 -40.77 -33.54 -29.52
C LEU B 416 -42.09 -33.76 -28.79
N PRO B 417 -43.19 -34.00 -29.55
CA PRO B 417 -44.47 -34.46 -28.95
C PRO B 417 -44.29 -35.76 -28.13
N PRO B 418 -45.06 -35.93 -27.03
CA PRO B 418 -44.89 -37.07 -26.09
C PRO B 418 -44.88 -38.49 -26.70
N GLU B 419 -45.78 -38.79 -27.63
CA GLU B 419 -45.84 -40.14 -28.24
C GLU B 419 -44.58 -40.37 -29.07
N GLU B 420 -44.22 -39.39 -29.87
CA GLU B 420 -42.98 -39.45 -30.66
C GLU B 420 -41.73 -39.61 -29.78
N ALA B 421 -41.67 -38.83 -28.69
CA ALA B 421 -40.53 -38.78 -27.78
C ALA B 421 -40.41 -40.03 -26.92
N ALA B 422 -41.53 -40.74 -26.81
CA ALA B 422 -41.61 -41.96 -26.03
C ALA B 422 -41.14 -43.16 -26.86
N SER B 423 -40.91 -42.95 -28.15
CA SER B 423 -40.47 -44.02 -29.03
C SER B 423 -38.93 -44.03 -29.20
N ILE B 424 -38.24 -43.08 -28.59
CA ILE B 424 -36.79 -42.99 -28.76
C ILE B 424 -36.12 -43.31 -27.44
N PRO B 425 -35.13 -44.22 -27.44
CA PRO B 425 -34.42 -44.53 -26.19
C PRO B 425 -33.78 -43.29 -25.58
N GLN B 426 -34.00 -43.10 -24.28
CA GLN B 426 -33.49 -41.94 -23.54
C GLN B 426 -32.04 -42.18 -23.10
N THR B 427 -31.29 -41.11 -22.90
CA THR B 427 -30.02 -41.20 -22.19
C THR B 427 -30.35 -41.67 -20.78
N PRO B 428 -29.39 -42.33 -20.11
CA PRO B 428 -29.59 -42.79 -18.73
C PRO B 428 -29.80 -41.63 -17.77
N THR B 429 -30.57 -41.88 -16.72
CA THR B 429 -30.97 -40.88 -15.74
C THR B 429 -29.87 -40.56 -14.72
N GLN B 430 -29.11 -41.58 -14.32
CA GLN B 430 -28.16 -41.45 -13.22
C GLN B 430 -27.00 -42.43 -13.32
N LEU B 431 -25.89 -42.10 -12.65
CA LEU B 431 -24.68 -42.92 -12.71
C LEU B 431 -24.90 -44.40 -12.35
N SER B 432 -25.63 -44.65 -11.27
CA SER B 432 -25.87 -46.00 -10.80
C SER B 432 -26.49 -46.88 -11.88
N ASP B 433 -27.30 -46.29 -12.77
CA ASP B 433 -27.88 -47.03 -13.91
C ASP B 433 -26.82 -47.53 -14.90
N VAL B 434 -25.87 -46.67 -15.25
CA VAL B 434 -24.84 -47.02 -16.23
C VAL B 434 -23.81 -47.96 -15.63
N ILE B 435 -23.57 -47.84 -14.32
CA ILE B 435 -22.67 -48.75 -13.62
C ILE B 435 -23.31 -50.16 -13.56
N ASP B 436 -24.59 -50.22 -13.19
CA ASP B 436 -25.30 -51.50 -13.18
C ASP B 436 -25.24 -52.14 -14.56
N ARG B 437 -25.46 -51.32 -15.60
CA ARG B 437 -25.50 -51.81 -16.96
C ARG B 437 -24.12 -52.28 -17.43
N LEU B 438 -23.08 -51.52 -17.05
CA LEU B 438 -21.70 -51.88 -17.40
C LEU B 438 -21.40 -53.24 -16.78
N GLU B 439 -21.80 -53.42 -15.52
CA GLU B 439 -21.59 -54.66 -14.81
C GLU B 439 -22.26 -55.82 -15.49
N ALA B 440 -23.47 -55.59 -15.99
CA ALA B 440 -24.24 -56.64 -16.63
C ALA B 440 -23.66 -56.98 -18.00
N ASP B 441 -23.25 -55.97 -18.76
CA ASP B 441 -22.90 -56.16 -20.16
C ASP B 441 -21.72 -55.30 -20.62
N HIS B 442 -20.56 -55.94 -20.76
CA HIS B 442 -19.36 -55.20 -21.10
C HIS B 442 -18.42 -55.93 -22.06
N GLU B 443 -18.93 -56.97 -22.73
CA GLU B 443 -18.07 -57.83 -23.55
C GLU B 443 -17.35 -57.08 -24.67
N TYR B 444 -18.01 -56.09 -25.25
CA TYR B 444 -17.40 -55.23 -26.28
C TYR B 444 -16.11 -54.47 -25.86
N LEU B 445 -15.98 -54.23 -24.55
CA LEU B 445 -14.81 -53.57 -23.98
C LEU B 445 -13.66 -54.54 -23.72
N THR B 446 -14.01 -55.80 -23.43
CA THR B 446 -13.01 -56.82 -23.16
C THR B 446 -12.38 -57.45 -24.41
N GLU B 447 -13.00 -57.25 -25.57
CA GLU B 447 -12.45 -57.69 -26.87
C GLU B 447 -10.98 -57.35 -26.99
N GLY B 448 -10.16 -58.32 -27.38
CA GLY B 448 -8.70 -58.15 -27.50
C GLY B 448 -7.98 -57.83 -26.20
N GLY B 449 -8.70 -57.91 -25.09
CA GLY B 449 -8.14 -57.60 -23.75
C GLY B 449 -7.83 -56.14 -23.53
N VAL B 450 -8.49 -55.27 -24.27
CA VAL B 450 -8.28 -53.80 -24.18
C VAL B 450 -8.66 -53.33 -22.79
N PHE B 451 -9.91 -53.59 -22.40
CA PHE B 451 -10.29 -53.52 -20.99
C PHE B 451 -10.26 -54.94 -20.45
N THR B 452 -9.76 -55.11 -19.22
CA THR B 452 -9.77 -56.42 -18.56
C THR B 452 -10.83 -56.44 -17.45
N ASN B 453 -11.30 -57.62 -17.04
CA ASN B 453 -12.33 -57.69 -16.00
C ASN B 453 -11.94 -56.99 -14.68
N ASP B 454 -10.66 -57.05 -14.32
CA ASP B 454 -10.18 -56.41 -13.11
C ASP B 454 -10.27 -54.88 -13.17
N LEU B 455 -10.03 -54.30 -14.33
CA LEU B 455 -10.24 -52.87 -14.54
C LEU B 455 -11.72 -52.51 -14.36
N ILE B 456 -12.59 -53.23 -15.05
CA ILE B 456 -14.02 -52.99 -15.02
C ILE B 456 -14.63 -53.19 -13.63
N GLU B 457 -14.17 -54.23 -12.92
CA GLU B 457 -14.64 -54.47 -11.55
C GLU B 457 -14.17 -53.40 -10.56
N THR B 458 -12.93 -52.95 -10.71
CA THR B 458 -12.40 -51.87 -9.87
C THR B 458 -13.15 -50.58 -10.10
N TRP B 459 -13.47 -50.29 -11.37
CA TRP B 459 -14.19 -49.12 -11.77
C TRP B 459 -15.60 -49.12 -11.17
N ILE B 460 -16.32 -50.23 -11.38
CA ILE B 460 -17.66 -50.39 -10.85
C ILE B 460 -17.66 -50.19 -9.35
N SER B 461 -16.73 -50.88 -8.69
CA SER B 461 -16.57 -50.84 -7.25
C SER B 461 -16.22 -49.45 -6.76
N PHE B 462 -15.24 -48.80 -7.40
CA PHE B 462 -14.83 -47.45 -7.02
C PHE B 462 -15.99 -46.44 -7.10
N LYS B 463 -16.72 -46.48 -8.20
CA LYS B 463 -17.82 -45.54 -8.38
C LYS B 463 -18.92 -45.75 -7.35
N ARG B 464 -19.21 -47.02 -7.04
CA ARG B 464 -20.28 -47.34 -6.11
C ARG B 464 -19.95 -46.85 -4.69
N GLU B 465 -18.77 -47.21 -4.20
CA GLU B 465 -18.35 -46.90 -2.84
C GLU B 465 -17.94 -45.45 -2.59
N ASN B 466 -17.35 -44.79 -3.59
CA ASN B 466 -16.77 -43.46 -3.39
C ASN B 466 -17.60 -42.29 -3.90
N GLU B 467 -18.57 -42.59 -4.76
CA GLU B 467 -19.37 -41.55 -5.41
C GLU B 467 -20.88 -41.77 -5.24
N ILE B 468 -21.40 -42.87 -5.78
CA ILE B 468 -22.84 -43.11 -5.79
C ILE B 468 -23.38 -43.11 -4.35
N GLU B 469 -22.86 -44.03 -3.54
CA GLU B 469 -23.34 -44.21 -2.19
C GLU B 469 -23.16 -42.96 -1.32
N PRO B 470 -21.98 -42.33 -1.31
CA PRO B 470 -21.82 -41.10 -0.51
C PRO B 470 -22.79 -39.96 -0.87
N VAL B 471 -23.18 -39.88 -2.15
CA VAL B 471 -24.16 -38.89 -2.55
C VAL B 471 -25.53 -39.36 -2.06
N ASN B 472 -25.84 -40.63 -2.27
CA ASN B 472 -27.16 -41.17 -1.88
C ASN B 472 -27.54 -40.99 -0.43
N ILE B 473 -26.58 -41.08 0.47
CA ILE B 473 -26.90 -41.05 1.89
C ILE B 473 -27.01 -39.63 2.46
N ARG B 474 -26.58 -38.63 1.68
CA ARG B 474 -26.57 -37.25 2.14
C ARG B 474 -27.78 -36.48 1.66
N PRO B 475 -28.62 -36.00 2.60
CA PRO B 475 -29.79 -35.20 2.23
C PRO B 475 -29.42 -34.02 1.33
N HIS B 476 -30.22 -33.83 0.30
CA HIS B 476 -30.08 -32.75 -0.65
C HIS B 476 -30.78 -31.48 -0.08
N PRO B 477 -30.13 -30.31 -0.16
CA PRO B 477 -30.78 -29.05 0.31
C PRO B 477 -32.22 -28.86 -0.23
N TYR B 478 -32.48 -29.30 -1.46
CA TYR B 478 -33.79 -29.07 -2.03
C TYR B 478 -34.85 -29.91 -1.36
N GLU B 479 -34.44 -31.02 -0.72
CA GLU B 479 -35.35 -31.85 0.08
C GLU B 479 -35.89 -31.05 1.26
N PHE B 480 -35.10 -30.08 1.75
CA PHE B 480 -35.56 -29.23 2.85
C PHE B 480 -36.59 -28.23 2.37
N ALA B 481 -36.37 -27.73 1.15
CA ALA B 481 -37.35 -26.86 0.49
C ALA B 481 -38.65 -27.64 0.30
N LEU B 482 -38.52 -28.91 -0.04
CA LEU B 482 -39.69 -29.74 -0.35
C LEU B 482 -40.41 -30.23 0.90
N TYR B 483 -39.67 -30.63 1.92
CA TYR B 483 -40.19 -31.52 2.94
C TYR B 483 -40.10 -31.05 4.38
N TYR B 484 -39.38 -29.96 4.67
CA TYR B 484 -39.23 -29.54 6.07
C TYR B 484 -40.58 -29.51 6.81
N ASP B 485 -41.61 -29.05 6.12
CA ASP B 485 -42.93 -28.85 6.71
C ASP B 485 -43.94 -29.98 6.48
N VAL B 486 -43.49 -31.19 6.17
CA VAL B 486 -44.41 -32.32 5.97
C VAL B 486 -45.27 -32.69 7.21
N LYS C 12 38.15 -34.57 4.96
CA LYS C 12 38.46 -33.11 4.89
C LYS C 12 39.23 -32.62 6.10
N THR C 13 40.10 -31.65 5.86
CA THR C 13 41.05 -31.17 6.84
C THR C 13 40.68 -29.78 7.39
N PRO C 14 41.28 -29.38 8.52
CA PRO C 14 41.15 -28.00 8.99
C PRO C 14 41.48 -26.98 7.91
N ASP C 15 42.56 -27.21 7.18
CA ASP C 15 42.95 -26.30 6.09
C ASP C 15 41.93 -26.21 4.93
N ASP C 16 41.22 -27.30 4.66
CA ASP C 16 40.13 -27.27 3.68
C ASP C 16 39.04 -26.30 4.10
N VAL C 17 38.72 -26.30 5.40
CA VAL C 17 37.65 -25.45 5.95
C VAL C 17 38.03 -23.97 5.93
N PHE C 18 39.25 -23.67 6.36
CA PHE C 18 39.81 -22.31 6.25
C PHE C 18 39.78 -21.77 4.82
N LYS C 19 40.16 -22.62 3.86
CA LYS C 19 40.14 -22.22 2.46
C LYS C 19 38.73 -21.90 2.01
N LEU C 20 37.77 -22.75 2.40
CA LEU C 20 36.37 -22.54 2.07
C LEU C 20 35.86 -21.21 2.64
N ALA C 21 36.15 -20.95 3.92
CA ALA C 21 35.78 -19.71 4.58
C ALA C 21 36.34 -18.49 3.85
N LYS C 22 37.65 -18.54 3.56
CA LYS C 22 38.33 -17.48 2.79
C LYS C 22 37.71 -17.30 1.40
N ASP C 23 37.56 -18.39 0.65
CA ASP C 23 37.03 -18.32 -0.72
C ASP C 23 35.61 -17.80 -0.78
N GLU C 24 34.81 -18.15 0.22
CA GLU C 24 33.40 -17.81 0.22
C GLU C 24 33.10 -16.47 0.86
N LYS C 25 34.16 -15.77 1.29
CA LYS C 25 34.08 -14.48 1.97
C LYS C 25 33.11 -14.54 3.15
N VAL C 26 33.33 -15.53 4.00
CA VAL C 26 32.47 -15.78 5.15
C VAL C 26 32.65 -14.68 6.20
N GLU C 27 31.54 -14.16 6.71
CA GLU C 27 31.60 -13.20 7.82
C GLU C 27 31.52 -13.85 9.19
N TYR C 28 30.79 -14.94 9.29
CA TYR C 28 30.54 -15.58 10.58
C TYR C 28 30.60 -17.09 10.48
N VAL C 29 31.03 -17.71 11.58
CA VAL C 29 31.03 -19.16 11.67
C VAL C 29 30.00 -19.55 12.72
N ASP C 30 29.05 -20.36 12.30
CA ASP C 30 28.03 -20.88 13.21
C ASP C 30 28.47 -22.26 13.76
N VAL C 31 28.74 -22.29 15.07
CA VAL C 31 29.24 -23.45 15.80
C VAL C 31 28.02 -24.24 16.27
N ARG C 32 27.87 -25.45 15.74
CA ARG C 32 26.70 -26.28 16.03
C ARG C 32 27.03 -27.60 16.69
N PHE C 33 26.13 -28.05 17.56
CA PHE C 33 26.15 -29.37 18.15
C PHE C 33 24.74 -29.83 18.51
N CYS C 34 24.61 -31.08 18.91
CA CYS C 34 23.29 -31.67 19.14
C CYS C 34 23.01 -31.88 20.63
N ASP C 35 21.82 -31.50 21.09
CA ASP C 35 21.46 -31.78 22.49
C ASP C 35 20.97 -33.21 22.57
N LEU C 36 20.69 -33.71 23.77
CA LEU C 36 20.29 -35.11 23.88
C LEU C 36 18.98 -35.46 23.17
N PRO C 37 17.90 -34.67 23.39
CA PRO C 37 16.62 -34.97 22.70
C PRO C 37 16.68 -34.98 21.18
N GLY C 38 17.51 -34.11 20.61
CA GLY C 38 17.71 -34.11 19.16
C GLY C 38 17.53 -32.80 18.42
N ILE C 39 17.61 -31.69 19.14
CA ILE C 39 17.55 -30.37 18.53
C ILE C 39 18.99 -29.85 18.46
N MET C 40 19.39 -29.36 17.29
CA MET C 40 20.70 -28.71 17.12
C MET C 40 20.78 -27.34 17.81
N GLN C 41 21.95 -27.08 18.40
CA GLN C 41 22.21 -25.90 19.21
C GLN C 41 23.27 -25.16 18.45
N HIS C 42 23.35 -23.84 18.66
CA HIS C 42 24.37 -23.04 17.97
C HIS C 42 24.72 -21.76 18.69
N PHE C 43 25.93 -21.30 18.41
CA PHE C 43 26.33 -19.94 18.68
C PHE C 43 27.25 -19.46 17.54
N THR C 44 27.35 -18.14 17.39
CA THR C 44 28.08 -17.58 16.28
C THR C 44 29.38 -16.94 16.75
N ILE C 45 30.45 -17.17 15.99
CA ILE C 45 31.70 -16.44 16.17
C ILE C 45 32.07 -15.70 14.88
N PRO C 46 32.75 -14.56 14.99
CA PRO C 46 33.14 -13.88 13.76
C PRO C 46 34.20 -14.65 12.98
N ALA C 47 34.28 -14.41 11.69
CA ALA C 47 35.34 -14.99 10.84
C ALA C 47 36.72 -14.78 11.43
N SER C 48 36.99 -13.58 11.91
CA SER C 48 38.27 -13.23 12.53
C SER C 48 38.64 -14.18 13.69
N ALA C 49 37.64 -14.74 14.38
CA ALA C 49 37.91 -15.62 15.52
C ALA C 49 38.00 -17.09 15.11
N PHE C 50 37.83 -17.37 13.82
CA PHE C 50 37.89 -18.73 13.33
C PHE C 50 39.31 -19.06 12.86
N ASP C 51 40.10 -19.68 13.74
CA ASP C 51 41.52 -19.97 13.49
C ASP C 51 41.93 -21.38 13.98
N LYS C 52 43.22 -21.70 13.90
CA LYS C 52 43.76 -22.98 14.38
C LYS C 52 43.40 -23.28 15.82
N SER C 53 43.42 -22.26 16.65
CA SER C 53 43.01 -22.34 18.04
C SER C 53 41.66 -23.06 18.25
N VAL C 54 40.73 -22.85 17.33
CA VAL C 54 39.42 -23.49 17.40
C VAL C 54 39.58 -25.03 17.27
N PHE C 55 40.49 -25.45 16.39
CA PHE C 55 40.75 -26.87 16.20
C PHE C 55 41.60 -27.48 17.34
N ASP C 56 42.55 -26.70 17.85
CA ASP C 56 43.47 -27.18 18.89
C ASP C 56 42.87 -27.09 20.29
N ASP C 57 42.25 -25.97 20.62
CA ASP C 57 41.75 -25.74 21.97
C ASP C 57 40.27 -26.00 22.09
N GLY C 58 39.53 -25.72 21.01
CA GLY C 58 38.08 -25.86 21.04
C GLY C 58 37.41 -24.66 21.69
N LEU C 59 36.09 -24.77 21.86
CA LEU C 59 35.27 -23.65 22.35
C LEU C 59 34.39 -24.10 23.50
N ALA C 60 34.14 -23.17 24.41
CA ALA C 60 33.37 -23.48 25.61
C ALA C 60 31.89 -23.17 25.45
N PHE C 61 31.07 -23.84 26.25
CA PHE C 61 29.65 -23.51 26.36
C PHE C 61 29.12 -23.98 27.70
N ASP C 62 27.88 -23.61 27.97
CA ASP C 62 27.22 -23.91 29.23
C ASP C 62 26.45 -25.19 29.10
N GLY C 63 27.06 -26.28 29.56
CA GLY C 63 26.44 -27.61 29.48
C GLY C 63 25.23 -27.79 30.37
N SER C 64 25.02 -26.89 31.33
CA SER C 64 23.87 -26.99 32.21
C SER C 64 22.60 -26.40 31.61
N SER C 65 22.72 -25.62 30.54
CA SER C 65 21.55 -25.11 29.82
C SER C 65 21.14 -26.02 28.66
N ILE C 66 21.88 -27.10 28.43
CA ILE C 66 21.56 -28.04 27.35
C ILE C 66 20.92 -29.30 27.90
N ARG C 67 19.82 -29.72 27.27
CA ARG C 67 19.05 -30.84 27.80
C ARG C 67 19.79 -32.18 27.74
N GLY C 68 19.74 -32.92 28.84
CA GLY C 68 20.45 -34.19 28.96
C GLY C 68 21.97 -34.07 29.13
N PHE C 69 22.47 -32.84 29.28
CA PHE C 69 23.92 -32.64 29.49
C PHE C 69 24.30 -32.56 30.98
N GLN C 70 24.79 -31.40 31.43
CA GLN C 70 25.45 -31.30 32.73
C GLN C 70 24.57 -30.63 33.77
N SER C 71 24.90 -30.85 35.04
CA SER C 71 24.30 -30.06 36.12
C SER C 71 25.00 -28.69 36.24
N ILE C 72 24.37 -27.76 36.94
CA ILE C 72 24.84 -26.39 37.00
C ILE C 72 26.26 -26.25 37.59
N HIS C 73 26.61 -27.11 38.55
CA HIS C 73 27.88 -26.99 39.26
C HIS C 73 29.01 -27.66 38.48
N GLU C 74 28.65 -28.39 37.43
CA GLU C 74 29.62 -28.97 36.53
C GLU C 74 29.39 -28.51 35.10
N SER C 75 29.05 -27.23 34.98
CA SER C 75 28.48 -26.68 33.73
C SER C 75 29.43 -26.62 32.51
N ASP C 76 30.64 -26.10 32.68
CA ASP C 76 31.55 -25.90 31.56
C ASP C 76 31.71 -27.19 30.75
N MET C 77 31.51 -27.08 29.43
CA MET C 77 31.83 -28.18 28.49
C MET C 77 32.60 -27.61 27.29
N LEU C 78 33.18 -28.50 26.50
CA LEU C 78 34.06 -28.11 25.42
C LEU C 78 33.57 -28.66 24.08
N LEU C 79 33.83 -27.91 23.00
CA LEU C 79 33.47 -28.34 21.66
C LEU C 79 34.69 -28.34 20.74
N LEU C 80 34.80 -29.40 19.94
CA LEU C 80 35.87 -29.55 18.93
C LEU C 80 35.26 -29.84 17.55
N PRO C 81 35.69 -29.09 16.52
CA PRO C 81 34.98 -29.06 15.21
C PRO C 81 35.08 -30.37 14.45
N ASP C 82 34.12 -30.62 13.56
CA ASP C 82 34.19 -31.74 12.65
C ASP C 82 34.23 -31.18 11.22
N PRO C 83 35.42 -31.05 10.65
CA PRO C 83 35.64 -30.46 9.32
C PRO C 83 34.76 -31.03 8.18
N GLU C 84 34.35 -32.28 8.30
CA GLU C 84 33.47 -32.93 7.31
C GLU C 84 32.12 -32.22 7.16
N THR C 85 31.72 -31.48 8.20
CA THR C 85 30.35 -31.00 8.25
C THR C 85 30.20 -29.54 7.80
N ALA C 86 31.30 -28.91 7.38
CA ALA C 86 31.27 -27.49 7.02
C ALA C 86 30.40 -27.26 5.78
N ARG C 87 29.38 -26.41 5.91
CA ARG C 87 28.53 -26.00 4.80
C ARG C 87 28.25 -24.51 4.91
N ILE C 88 28.04 -23.88 3.77
CA ILE C 88 27.56 -22.48 3.77
C ILE C 88 26.06 -22.46 4.10
N ASP C 89 25.68 -21.59 5.01
CA ASP C 89 24.31 -21.37 5.36
C ASP C 89 23.53 -20.69 4.21
N PRO C 90 22.45 -21.31 3.75
CA PRO C 90 21.69 -20.71 2.64
C PRO C 90 20.77 -19.55 3.04
N PHE C 91 20.65 -19.23 4.34
CA PHE C 91 19.64 -18.28 4.78
C PHE C 91 20.19 -16.95 5.26
N ARG C 92 21.30 -16.96 5.98
CA ARG C 92 21.75 -15.75 6.66
C ARG C 92 22.28 -14.71 5.69
N ALA C 93 21.76 -13.49 5.78
CA ALA C 93 22.18 -12.38 4.92
C ALA C 93 23.67 -12.11 5.07
N ALA C 94 24.20 -12.19 6.29
CA ALA C 94 25.64 -12.14 6.51
C ALA C 94 26.17 -13.52 6.18
N LYS C 95 27.10 -13.62 5.24
CA LYS C 95 27.64 -14.92 4.77
C LYS C 95 28.16 -15.75 5.95
N THR C 96 27.60 -16.93 6.12
CA THR C 96 27.90 -17.74 7.28
C THR C 96 28.29 -19.18 6.91
N LEU C 97 29.28 -19.69 7.61
CA LEU C 97 29.67 -21.08 7.47
C LEU C 97 29.20 -21.86 8.70
N ASN C 98 28.42 -22.90 8.47
CA ASN C 98 27.98 -23.79 9.56
C ASN C 98 28.94 -24.95 9.72
N ILE C 99 29.32 -25.25 10.96
CA ILE C 99 30.13 -26.44 11.24
C ILE C 99 29.59 -27.17 12.49
N ASN C 100 29.47 -28.48 12.40
CA ASN C 100 29.10 -29.32 13.55
C ASN C 100 30.34 -29.63 14.40
N PHE C 101 30.14 -29.69 15.72
CA PHE C 101 31.21 -30.01 16.68
C PHE C 101 30.89 -31.29 17.50
N PHE C 102 31.93 -31.86 18.09
CA PHE C 102 31.82 -32.90 19.08
C PHE C 102 31.95 -32.29 20.48
N VAL C 103 31.18 -32.81 21.42
CA VAL C 103 31.23 -32.36 22.80
C VAL C 103 32.29 -33.18 23.55
N HIS C 104 33.18 -32.47 24.24
CA HIS C 104 34.27 -33.10 24.99
C HIS C 104 34.31 -32.61 26.44
N ASP C 105 34.83 -33.45 27.34
CA ASP C 105 35.10 -33.07 28.70
C ASP C 105 36.18 -31.99 28.71
N PRO C 106 35.96 -30.90 29.48
CA PRO C 106 36.91 -29.77 29.47
C PRO C 106 38.22 -30.08 30.21
N PHE C 107 38.23 -31.10 31.04
CA PHE C 107 39.44 -31.45 31.79
C PHE C 107 40.28 -32.48 31.05
N THR C 108 39.66 -33.63 30.74
CA THR C 108 40.36 -34.76 30.14
C THR C 108 40.41 -34.68 28.63
N LEU C 109 39.55 -33.86 28.05
CA LEU C 109 39.40 -33.75 26.59
C LEU C 109 38.85 -35.02 25.92
N GLU C 110 38.41 -35.98 26.74
CA GLU C 110 37.72 -37.18 26.27
C GLU C 110 36.34 -36.84 25.67
N PRO C 111 35.91 -37.59 24.64
CA PRO C 111 34.57 -37.42 24.12
C PRO C 111 33.52 -37.58 25.22
N TYR C 112 32.44 -36.80 25.13
CA TYR C 112 31.35 -36.81 26.08
C TYR C 112 30.47 -38.04 25.87
N SER C 113 30.11 -38.70 26.96
CA SER C 113 29.30 -39.92 26.92
C SER C 113 27.86 -39.63 26.53
N ARG C 114 27.46 -38.37 26.59
CA ARG C 114 26.10 -37.99 26.21
C ARG C 114 26.06 -37.01 25.05
N ASP C 115 27.13 -36.95 24.26
CA ASP C 115 27.11 -36.29 22.96
C ASP C 115 26.53 -37.28 21.95
N PRO C 116 25.34 -36.97 21.37
CA PRO C 116 24.71 -37.84 20.36
C PRO C 116 25.65 -38.14 19.19
N ARG C 117 26.46 -37.17 18.78
CA ARG C 117 27.37 -37.36 17.66
C ARG C 117 28.49 -38.34 18.05
N ASN C 118 28.83 -38.39 19.33
CA ASN C 118 29.82 -39.33 19.80
C ASN C 118 29.25 -40.76 19.77
N ILE C 119 27.96 -40.88 20.10
CA ILE C 119 27.28 -42.18 20.05
C ILE C 119 27.38 -42.77 18.64
N ALA C 120 27.07 -41.95 17.63
CA ALA C 120 27.14 -42.39 16.23
C ALA C 120 28.57 -42.79 15.84
N ARG C 121 29.55 -42.02 16.30
CA ARG C 121 30.96 -42.28 16.08
C ARG C 121 31.27 -43.67 16.62
N LYS C 122 30.92 -43.89 17.89
CA LYS C 122 31.16 -45.15 18.59
C LYS C 122 30.47 -46.31 17.87
N ALA C 123 29.22 -46.08 17.44
CA ALA C 123 28.48 -47.10 16.68
C ALA C 123 29.24 -47.56 15.45
N GLU C 124 29.82 -46.62 14.70
CA GLU C 124 30.51 -47.00 13.45
C GLU C 124 31.76 -47.82 13.74
N ASN C 125 32.44 -47.48 14.84
CA ASN C 125 33.64 -48.21 15.24
C ASN C 125 33.32 -49.60 15.74
N TYR C 126 32.26 -49.72 16.55
CA TYR C 126 31.84 -51.01 17.05
C TYR C 126 31.54 -51.93 15.87
N LEU C 127 30.82 -51.43 14.87
CA LEU C 127 30.50 -52.23 13.70
C LEU C 127 31.78 -52.83 13.11
N ILE C 128 32.79 -51.98 12.92
CA ILE C 128 34.08 -52.44 12.35
C ILE C 128 34.70 -53.51 13.23
N SER C 129 34.68 -53.30 14.53
CA SER C 129 35.29 -54.22 15.49
C SER C 129 34.60 -55.59 15.54
N THR C 130 33.33 -55.70 15.12
CA THR C 130 32.64 -57.00 15.14
C THR C 130 33.09 -57.91 14.01
N GLY C 131 33.66 -57.34 12.95
CA GLY C 131 34.02 -58.08 11.76
C GLY C 131 32.84 -58.40 10.85
N ILE C 132 31.62 -58.14 11.33
CA ILE C 132 30.38 -58.41 10.57
C ILE C 132 30.32 -57.62 9.25
N ALA C 133 30.65 -56.34 9.33
CA ALA C 133 30.69 -55.43 8.19
C ALA C 133 31.60 -54.28 8.54
N ASP C 134 31.86 -53.38 7.58
CA ASP C 134 32.62 -52.18 7.92
C ASP C 134 31.84 -50.87 7.71
N THR C 135 30.69 -50.97 7.07
CA THR C 135 29.85 -49.79 6.77
C THR C 135 28.35 -50.11 6.90
N ALA C 136 27.65 -49.25 7.65
CA ALA C 136 26.20 -49.30 7.74
C ALA C 136 25.60 -48.13 6.96
N TYR C 137 24.90 -48.42 5.86
CA TYR C 137 24.26 -47.37 5.06
C TYR C 137 22.83 -47.08 5.52
N PHE C 138 22.53 -45.80 5.74
CA PHE C 138 21.17 -45.35 6.10
C PHE C 138 20.59 -44.42 5.05
N GLY C 139 19.44 -44.81 4.51
CA GLY C 139 18.65 -43.95 3.64
C GLY C 139 17.37 -43.61 4.38
N ALA C 140 17.13 -42.32 4.60
CA ALA C 140 16.00 -41.90 5.40
C ALA C 140 14.94 -41.12 4.62
N GLU C 141 13.70 -41.23 5.06
CA GLU C 141 12.61 -40.45 4.46
C GLU C 141 11.92 -39.69 5.56
N ALA C 142 12.37 -38.46 5.79
CA ALA C 142 11.76 -37.61 6.82
C ALA C 142 10.60 -36.82 6.21
N GLU C 143 9.39 -37.35 6.38
CA GLU C 143 8.18 -36.66 5.99
C GLU C 143 7.90 -35.44 6.91
N PHE C 144 7.23 -34.44 6.38
CA PHE C 144 6.83 -33.25 7.18
C PHE C 144 5.54 -32.59 6.64
N TYR C 145 4.99 -31.67 7.43
CA TYR C 145 3.83 -30.88 7.03
C TYR C 145 4.20 -29.43 6.85
N ILE C 146 3.74 -28.84 5.75
CA ILE C 146 3.92 -27.41 5.54
C ILE C 146 2.65 -26.69 5.95
N PHE C 147 2.60 -26.22 7.20
CA PHE C 147 1.41 -25.52 7.70
C PHE C 147 1.52 -24.00 7.47
N ASP C 148 0.38 -23.31 7.55
CA ASP C 148 0.31 -21.84 7.53
C ASP C 148 0.38 -21.25 8.92
N SER C 149 -0.16 -21.97 9.91
CA SER C 149 -0.17 -21.48 11.29
C SER C 149 -0.36 -22.56 12.36
N VAL C 150 0.04 -22.22 13.57
CA VAL C 150 -0.18 -23.10 14.71
C VAL C 150 -0.27 -22.24 15.96
N SER C 151 -1.21 -22.59 16.84
CA SER C 151 -1.24 -22.05 18.19
C SER C 151 -1.78 -23.11 19.15
N PHE C 152 -1.47 -22.95 20.43
CA PHE C 152 -1.79 -23.93 21.47
C PHE C 152 -1.48 -23.27 22.82
N ASP C 153 -2.22 -23.71 23.86
CA ASP C 153 -1.88 -23.35 25.24
C ASP C 153 -2.37 -24.37 26.24
N SER C 154 -2.03 -24.14 27.51
CA SER C 154 -2.40 -25.03 28.60
C SER C 154 -2.56 -24.21 29.86
N ARG C 155 -3.78 -24.19 30.37
CA ARG C 155 -4.16 -23.37 31.52
C ARG C 155 -4.93 -24.23 32.54
N ALA C 156 -5.26 -23.65 33.71
CA ALA C 156 -6.01 -24.38 34.72
C ALA C 156 -7.38 -24.82 34.26
N ASN C 157 -8.06 -23.95 33.54
CA ASN C 157 -9.48 -24.15 33.16
C ASN C 157 -9.70 -24.48 31.68
N GLY C 158 -8.62 -24.71 30.95
CA GLY C 158 -8.74 -25.09 29.55
C GLY C 158 -7.41 -25.21 28.85
N SER C 159 -7.48 -25.79 27.66
CA SER C 159 -6.32 -26.06 26.81
C SER C 159 -6.75 -26.34 25.35
N PHE C 160 -5.89 -25.96 24.41
CA PHE C 160 -6.18 -26.17 22.98
C PHE C 160 -4.93 -26.27 22.10
N TYR C 161 -5.12 -26.78 20.90
CA TYR C 161 -4.19 -26.56 19.80
C TYR C 161 -5.02 -26.40 18.52
N GLU C 162 -4.40 -25.78 17.54
CA GLU C 162 -4.94 -25.68 16.21
C GLU C 162 -3.76 -25.52 15.23
N VAL C 163 -3.75 -26.37 14.21
CA VAL C 163 -2.87 -26.18 13.07
C VAL C 163 -3.76 -25.78 11.88
N ASP C 164 -3.19 -24.98 10.98
CA ASP C 164 -3.93 -24.57 9.82
C ASP C 164 -3.07 -24.51 8.54
N ALA C 165 -3.76 -24.70 7.43
CA ALA C 165 -3.07 -24.83 6.14
C ALA C 165 -4.10 -24.52 5.08
N ILE C 166 -3.71 -23.71 4.11
CA ILE C 166 -4.64 -23.29 3.08
C ILE C 166 -5.26 -24.51 2.36
N SER C 167 -4.48 -25.57 2.21
CA SER C 167 -4.94 -26.74 1.44
C SER C 167 -5.68 -27.79 2.28
N GLY C 168 -5.92 -27.46 3.56
CA GLY C 168 -6.57 -28.37 4.49
C GLY C 168 -8.03 -28.61 4.12
N TRP C 169 -8.44 -29.88 4.08
CA TRP C 169 -9.81 -30.19 3.71
C TRP C 169 -10.82 -29.51 4.66
N TRP C 170 -10.45 -29.33 5.93
CA TRP C 170 -11.33 -28.65 6.89
C TRP C 170 -11.68 -27.22 6.46
N ASN C 171 -10.99 -26.69 5.45
CA ASN C 171 -11.28 -25.33 4.96
C ASN C 171 -12.14 -25.21 3.71
N THR C 172 -12.70 -26.30 3.20
CA THR C 172 -13.43 -26.23 1.91
C THR C 172 -14.62 -25.28 1.99
N GLY C 173 -15.15 -25.14 3.20
CA GLY C 173 -16.31 -24.31 3.44
C GLY C 173 -15.99 -22.91 3.89
N ALA C 174 -14.71 -22.54 3.99
CA ALA C 174 -14.34 -21.17 4.40
C ALA C 174 -14.84 -20.15 3.41
N ALA C 175 -15.40 -19.05 3.91
CA ALA C 175 -15.88 -17.98 3.02
C ALA C 175 -14.72 -17.28 2.32
N THR C 176 -13.60 -17.12 3.03
CA THR C 176 -12.41 -16.50 2.47
C THR C 176 -11.16 -17.14 3.07
N GLU C 177 -10.02 -16.89 2.42
CA GLU C 177 -8.73 -17.31 2.95
C GLU C 177 -8.37 -16.44 4.14
N ALA C 178 -7.37 -16.86 4.91
CA ALA C 178 -6.94 -16.14 6.13
C ALA C 178 -6.65 -14.68 5.86
N ASP C 179 -6.13 -14.36 4.68
CA ASP C 179 -5.77 -12.98 4.33
C ASP C 179 -6.98 -12.20 3.76
N GLY C 180 -8.15 -12.83 3.70
CA GLY C 180 -9.34 -12.17 3.17
C GLY C 180 -9.62 -12.45 1.70
N SER C 181 -8.66 -13.03 0.99
CA SER C 181 -8.85 -13.32 -0.43
C SER C 181 -9.79 -14.52 -0.65
N PRO C 182 -10.30 -14.70 -1.88
CA PRO C 182 -11.37 -15.70 -2.06
C PRO C 182 -10.91 -17.15 -1.90
N ASN C 183 -11.81 -18.02 -1.51
CA ASN C 183 -11.60 -19.46 -1.47
C ASN C 183 -11.66 -19.98 -2.92
N ARG C 184 -10.56 -20.53 -3.39
CA ARG C 184 -10.50 -20.99 -4.78
C ARG C 184 -10.58 -22.52 -4.95
N GLY C 185 -10.96 -23.21 -3.89
CA GLY C 185 -11.01 -24.67 -3.86
C GLY C 185 -9.68 -25.37 -4.13
N TYR C 186 -9.75 -26.55 -4.75
CA TYR C 186 -8.56 -27.38 -5.00
C TYR C 186 -7.80 -27.72 -3.69
N LYS C 187 -8.53 -27.85 -2.60
CA LYS C 187 -7.88 -28.23 -1.35
C LYS C 187 -7.71 -29.74 -1.39
N VAL C 188 -6.85 -30.27 -0.53
CA VAL C 188 -6.49 -31.68 -0.55
C VAL C 188 -7.40 -32.49 0.34
N ARG C 189 -7.98 -33.56 -0.21
CA ARG C 189 -8.85 -34.47 0.56
C ARG C 189 -8.01 -35.21 1.59
N HIS C 190 -8.57 -35.56 2.74
CA HIS C 190 -7.88 -36.40 3.71
C HIS C 190 -7.44 -37.69 3.04
N LYS C 191 -6.20 -38.12 3.30
CA LYS C 191 -5.57 -39.27 2.64
C LYS C 191 -5.47 -39.14 1.12
N GLY C 192 -5.59 -37.92 0.59
CA GLY C 192 -5.66 -37.67 -0.87
C GLY C 192 -4.53 -36.82 -1.47
N GLY C 193 -3.49 -36.54 -0.69
CA GLY C 193 -2.42 -35.65 -1.16
C GLY C 193 -1.30 -36.30 -1.98
N TYR C 194 -1.31 -37.63 -2.09
CA TYR C 194 -0.30 -38.36 -2.81
C TYR C 194 -0.87 -38.92 -4.14
N PHE C 195 -0.61 -38.27 -5.26
CA PHE C 195 0.00 -36.93 -5.33
C PHE C 195 -0.43 -36.23 -6.62
N PRO C 196 -1.68 -35.71 -6.62
CA PRO C 196 -2.26 -35.04 -7.81
C PRO C 196 -1.44 -33.82 -8.26
N VAL C 197 -1.47 -33.50 -9.56
CA VAL C 197 -0.80 -32.30 -10.07
C VAL C 197 -1.43 -31.00 -9.55
N ALA C 198 -0.68 -29.91 -9.66
CA ALA C 198 -1.19 -28.58 -9.34
C ALA C 198 -2.40 -28.35 -10.22
N PRO C 199 -3.36 -27.49 -9.77
CA PRO C 199 -3.29 -26.67 -8.55
C PRO C 199 -3.71 -27.41 -7.29
N ASN C 200 -4.12 -28.67 -7.45
CA ASN C 200 -4.45 -29.48 -6.30
C ASN C 200 -3.25 -29.59 -5.33
N ASP C 201 -2.06 -29.74 -5.91
CA ASP C 201 -0.81 -29.58 -5.18
C ASP C 201 -0.48 -28.07 -5.13
N GLN C 202 -0.57 -27.48 -3.95
CA GLN C 202 -0.36 -26.05 -3.78
C GLN C 202 1.07 -25.65 -3.33
N TYR C 203 1.98 -26.62 -3.32
CA TYR C 203 3.27 -26.40 -2.70
C TYR C 203 4.45 -26.67 -3.65
N VAL C 204 4.15 -26.75 -4.94
CA VAL C 204 5.16 -27.15 -5.93
C VAL C 204 6.37 -26.20 -5.92
N ASP C 205 6.11 -24.91 -6.03
CA ASP C 205 7.16 -23.91 -6.04
C ASP C 205 7.92 -23.88 -4.72
N LEU C 206 7.23 -24.01 -3.59
CA LEU C 206 7.93 -24.01 -2.31
C LEU C 206 8.85 -25.23 -2.14
N ARG C 207 8.35 -26.44 -2.47
CA ARG C 207 9.18 -27.63 -2.44
C ARG C 207 10.38 -27.50 -3.38
N ASP C 208 10.19 -26.85 -4.53
CA ASP C 208 11.29 -26.58 -5.48
C ASP C 208 12.35 -25.72 -4.82
N LYS C 209 11.94 -24.74 -4.01
CA LYS C 209 12.90 -23.93 -3.25
C LYS C 209 13.65 -24.77 -2.22
N MET C 210 12.92 -25.63 -1.53
CA MET C 210 13.53 -26.61 -0.62
C MET C 210 14.57 -27.49 -1.32
N LEU C 211 14.20 -28.06 -2.47
CA LEU C 211 15.11 -28.88 -3.27
C LEU C 211 16.38 -28.09 -3.67
N THR C 212 16.20 -26.87 -4.15
CA THR C 212 17.31 -26.03 -4.56
C THR C 212 18.24 -25.71 -3.39
N ASN C 213 17.67 -25.34 -2.24
CA ASN C 213 18.48 -25.05 -1.07
C ASN C 213 19.29 -26.26 -0.61
N LEU C 214 18.67 -27.44 -0.66
CA LEU C 214 19.38 -28.70 -0.38
C LEU C 214 20.54 -28.96 -1.36
N ILE C 215 20.25 -28.86 -2.66
CA ILE C 215 21.25 -29.00 -3.69
C ILE C 215 22.43 -28.04 -3.43
N ASN C 216 22.13 -26.76 -3.21
CA ASN C 216 23.18 -25.78 -2.92
C ASN C 216 23.94 -26.01 -1.61
N SER C 217 23.44 -26.86 -0.72
CA SER C 217 24.20 -27.26 0.49
C SER C 217 24.86 -28.61 0.30
N GLY C 218 25.01 -29.03 -0.95
CA GLY C 218 25.74 -30.24 -1.25
C GLY C 218 25.02 -31.56 -1.02
N PHE C 219 23.70 -31.51 -0.82
CA PHE C 219 22.90 -32.72 -0.79
C PHE C 219 22.81 -33.27 -2.21
N ILE C 220 22.75 -34.60 -2.33
CA ILE C 220 22.51 -35.23 -3.61
C ILE C 220 21.07 -35.69 -3.60
N LEU C 221 20.28 -35.07 -4.47
CA LEU C 221 18.82 -35.19 -4.39
C LEU C 221 18.28 -36.35 -5.21
N GLU C 222 17.18 -36.93 -4.75
CA GLU C 222 16.54 -38.00 -5.47
C GLU C 222 15.11 -37.72 -5.89
N LYS C 223 14.30 -37.25 -4.94
CA LYS C 223 12.97 -36.79 -5.29
C LYS C 223 12.31 -35.94 -4.21
N GLY C 224 11.30 -35.20 -4.66
CA GLY C 224 10.41 -34.48 -3.79
C GLY C 224 8.98 -34.68 -4.28
N HIS C 225 8.05 -34.77 -3.34
CA HIS C 225 6.66 -34.83 -3.68
C HIS C 225 5.76 -34.46 -2.49
N HIS C 226 4.50 -34.19 -2.82
CA HIS C 226 3.44 -34.02 -1.83
C HIS C 226 3.20 -35.41 -1.22
N GLU C 227 2.96 -35.48 0.07
CA GLU C 227 2.62 -36.74 0.69
C GLU C 227 1.13 -36.91 0.89
N VAL C 228 0.74 -38.03 1.49
CA VAL C 228 -0.67 -38.44 1.59
C VAL C 228 -1.56 -37.39 2.30
N GLY C 229 -1.06 -36.87 3.43
CA GLY C 229 -1.84 -35.99 4.28
C GLY C 229 -2.33 -34.67 3.67
N SER C 230 -3.58 -34.35 3.97
CA SER C 230 -4.14 -33.05 3.63
C SER C 230 -3.39 -31.92 4.38
N GLY C 231 -3.50 -30.69 3.86
CA GLY C 231 -2.89 -29.57 4.55
C GLY C 231 -1.37 -29.54 4.49
N GLY C 232 -0.81 -29.97 3.35
CA GLY C 232 0.58 -29.69 3.00
C GLY C 232 1.65 -30.72 3.34
N GLN C 233 1.28 -31.98 3.48
CA GLN C 233 2.28 -32.99 3.75
C GLN C 233 3.25 -33.14 2.57
N ALA C 234 4.52 -33.39 2.93
CA ALA C 234 5.55 -33.42 1.90
C ALA C 234 6.66 -34.42 2.20
N GLU C 235 7.38 -34.81 1.17
CA GLU C 235 8.53 -35.64 1.33
C GLU C 235 9.61 -35.24 0.35
N ILE C 236 10.84 -35.16 0.85
CA ILE C 236 12.01 -34.95 0.01
C ILE C 236 13.09 -35.98 0.37
N ASN C 237 13.66 -36.61 -0.67
CA ASN C 237 14.62 -37.67 -0.54
C ASN C 237 15.97 -37.24 -1.06
N TYR C 238 17.00 -37.56 -0.29
CA TYR C 238 18.37 -37.34 -0.69
C TYR C 238 19.13 -38.66 -0.53
N GLN C 239 20.28 -38.73 -1.18
CA GLN C 239 21.10 -39.93 -1.25
C GLN C 239 21.47 -40.46 0.14
N PHE C 240 21.42 -41.79 0.29
CA PHE C 240 21.86 -42.48 1.50
C PHE C 240 23.36 -42.24 1.78
N ASN C 241 23.76 -42.53 3.01
CA ASN C 241 25.16 -42.44 3.41
C ASN C 241 25.45 -43.30 4.64
N SER C 242 26.71 -43.35 5.04
CA SER C 242 27.08 -44.10 6.24
C SER C 242 26.52 -43.41 7.49
N LEU C 243 26.36 -44.18 8.55
CA LEU C 243 25.59 -43.81 9.73
C LEU C 243 25.77 -42.37 10.20
N LEU C 244 26.97 -42.03 10.67
CA LEU C 244 27.23 -40.69 11.15
C LEU C 244 26.90 -39.59 10.13
N HIS C 245 27.38 -39.74 8.90
CA HIS C 245 27.13 -38.76 7.86
C HIS C 245 25.62 -38.62 7.60
N ALA C 246 24.92 -39.75 7.55
CA ALA C 246 23.47 -39.76 7.39
C ALA C 246 22.74 -38.98 8.50
N ALA C 247 23.20 -39.13 9.74
CA ALA C 247 22.59 -38.45 10.85
C ALA C 247 22.86 -36.96 10.78
N ASP C 248 24.07 -36.60 10.37
CA ASP C 248 24.39 -35.20 10.12
C ASP C 248 23.52 -34.66 8.98
N ASP C 249 23.41 -35.42 7.89
CA ASP C 249 22.52 -35.02 6.80
C ASP C 249 21.09 -34.78 7.28
N MET C 250 20.57 -35.67 8.10
CA MET C 250 19.20 -35.51 8.59
C MET C 250 18.99 -34.17 9.30
N GLN C 251 19.92 -33.85 10.21
CA GLN C 251 19.81 -32.66 11.07
C GLN C 251 19.83 -31.39 10.23
N LEU C 252 20.77 -31.36 9.26
CA LEU C 252 20.88 -30.25 8.33
C LEU C 252 19.65 -30.17 7.41
N TYR C 253 19.15 -31.30 6.93
CA TYR C 253 17.93 -31.34 6.13
C TYR C 253 16.76 -30.66 6.87
N LYS C 254 16.61 -30.98 8.16
CA LYS C 254 15.48 -30.47 8.94
C LYS C 254 15.59 -28.96 9.02
N TYR C 255 16.81 -28.49 9.31
CA TYR C 255 17.10 -27.08 9.39
C TYR C 255 16.73 -26.37 8.09
N ILE C 256 17.11 -26.97 6.95
CA ILE C 256 16.88 -26.37 5.65
C ILE C 256 15.38 -26.36 5.33
N ILE C 257 14.71 -27.49 5.55
CA ILE C 257 13.27 -27.55 5.32
C ILE C 257 12.54 -26.50 6.16
N LYS C 258 12.82 -26.47 7.47
CA LYS C 258 12.11 -25.59 8.39
C LYS C 258 12.28 -24.13 7.98
N ASN C 259 13.50 -23.75 7.65
CA ASN C 259 13.83 -22.36 7.42
C ASN C 259 13.50 -21.91 6.01
N THR C 260 13.54 -22.83 5.05
CA THR C 260 13.00 -22.52 3.73
C THR C 260 11.52 -22.14 3.90
N ALA C 261 10.79 -22.95 4.65
CA ALA C 261 9.38 -22.68 4.87
C ALA C 261 9.18 -21.33 5.54
N TRP C 262 10.04 -21.07 6.55
CA TRP C 262 9.87 -19.91 7.41
C TRP C 262 10.06 -18.64 6.59
N GLN C 263 11.10 -18.63 5.76
CA GLN C 263 11.42 -17.50 4.90
C GLN C 263 10.38 -17.26 3.81
N ASN C 264 9.51 -18.24 3.57
CA ASN C 264 8.45 -18.12 2.58
C ASN C 264 7.07 -18.08 3.23
N GLY C 265 6.99 -17.61 4.47
CA GLY C 265 5.69 -17.38 5.13
C GLY C 265 4.92 -18.62 5.57
N LYS C 266 5.61 -19.75 5.66
CA LYS C 266 4.98 -20.98 6.10
C LYS C 266 5.63 -21.45 7.40
N THR C 267 5.18 -22.60 7.90
CA THR C 267 5.68 -23.17 9.14
C THR C 267 5.60 -24.68 9.07
N VAL C 268 6.76 -25.34 9.26
CA VAL C 268 6.86 -26.77 9.08
C VAL C 268 6.94 -27.46 10.43
N THR C 269 6.30 -28.62 10.52
CA THR C 269 6.49 -29.49 11.67
C THR C 269 6.85 -30.88 11.21
N PHE C 270 7.79 -31.48 11.95
CA PHE C 270 8.15 -32.87 11.72
C PHE C 270 7.50 -33.79 12.76
N MET C 271 6.56 -33.28 13.55
CA MET C 271 5.96 -34.14 14.58
C MET C 271 5.21 -35.33 13.93
N PRO C 272 5.21 -36.48 14.63
CA PRO C 272 4.71 -37.73 14.07
C PRO C 272 3.24 -37.67 13.63
N LYS C 273 2.39 -36.98 14.40
CA LYS C 273 0.95 -37.00 14.11
C LYS C 273 0.23 -35.67 14.48
N PRO C 274 0.37 -34.63 13.63
CA PRO C 274 -0.28 -33.36 13.94
C PRO C 274 -1.73 -33.35 13.52
N LEU C 275 -2.11 -34.27 12.66
CA LEU C 275 -3.48 -34.32 12.21
C LEU C 275 -4.11 -35.62 12.67
N PHE C 276 -5.30 -35.52 13.25
CA PHE C 276 -6.06 -36.70 13.64
C PHE C 276 -6.92 -37.16 12.46
N GLY C 277 -6.84 -38.45 12.11
CA GLY C 277 -7.64 -38.96 11.00
C GLY C 277 -7.01 -38.74 9.64
N ASP C 278 -5.73 -38.38 9.64
CA ASP C 278 -4.96 -38.32 8.38
C ASP C 278 -3.55 -38.86 8.68
N ASN C 279 -2.79 -39.13 7.63
CA ASN C 279 -1.47 -39.75 7.78
C ASN C 279 -0.54 -38.99 8.73
N GLY C 280 0.23 -39.75 9.48
CA GLY C 280 1.28 -39.17 10.26
C GLY C 280 2.54 -39.01 9.42
N SER C 281 3.59 -38.49 10.03
CA SER C 281 4.85 -38.30 9.32
C SER C 281 5.88 -39.27 9.90
N GLY C 282 6.40 -40.14 9.03
CA GLY C 282 7.39 -41.12 9.41
C GLY C 282 8.81 -40.69 9.06
N MET C 283 9.78 -41.40 9.60
CA MET C 283 11.16 -41.38 9.14
C MET C 283 11.59 -42.81 8.83
N HIS C 284 11.11 -43.34 7.70
CA HIS C 284 11.51 -44.66 7.24
C HIS C 284 13.02 -44.71 7.08
N CYS C 285 13.63 -45.78 7.56
CA CYS C 285 15.06 -45.97 7.45
C CYS C 285 15.39 -47.22 6.64
N HIS C 286 15.84 -46.99 5.42
CA HIS C 286 16.37 -48.02 4.56
C HIS C 286 17.80 -48.32 5.00
N GLN C 287 18.05 -49.57 5.37
CA GLN C 287 19.34 -49.96 5.95
C GLN C 287 19.99 -51.13 5.22
N SER C 288 21.32 -51.05 5.07
CA SER C 288 22.13 -52.13 4.53
C SER C 288 23.54 -52.13 5.12
N LEU C 289 24.13 -53.33 5.17
CA LEU C 289 25.51 -53.50 5.64
C LEU C 289 26.42 -53.88 4.47
N TRP C 290 27.60 -53.29 4.44
CA TRP C 290 28.60 -53.53 3.43
C TRP C 290 29.95 -53.86 4.09
N LYS C 291 30.73 -54.70 3.41
CA LYS C 291 32.10 -55.03 3.80
C LYS C 291 33.01 -55.03 2.58
N ASP C 292 34.15 -54.34 2.71
CA ASP C 292 35.16 -54.22 1.65
C ASP C 292 34.54 -53.80 0.31
N GLY C 293 33.58 -52.87 0.33
CA GLY C 293 32.94 -52.37 -0.87
C GLY C 293 31.94 -53.32 -1.53
N ALA C 294 31.60 -54.40 -0.83
CA ALA C 294 30.59 -55.33 -1.34
C ALA C 294 29.34 -55.41 -0.43
N PRO C 295 28.15 -55.51 -1.05
CA PRO C 295 26.90 -55.57 -0.29
C PRO C 295 26.66 -56.95 0.37
N LEU C 296 26.06 -56.96 1.56
CA LEU C 296 25.87 -58.18 2.32
C LEU C 296 24.40 -58.63 2.44
N MET C 297 23.48 -57.83 1.92
CA MET C 297 22.06 -58.04 2.17
C MET C 297 21.40 -59.02 1.24
N TYR C 298 22.05 -59.31 0.11
CA TYR C 298 21.40 -60.00 -1.01
C TYR C 298 21.69 -61.50 -1.08
N ASP C 299 20.64 -62.29 -1.25
CA ASP C 299 20.76 -63.69 -1.58
C ASP C 299 19.57 -64.06 -2.43
N GLU C 300 19.83 -64.34 -3.69
CA GLU C 300 18.80 -64.70 -4.68
C GLU C 300 17.84 -65.82 -4.21
N THR C 301 18.28 -66.66 -3.27
CA THR C 301 17.47 -67.81 -2.86
C THR C 301 16.61 -67.53 -1.62
N GLY C 302 16.90 -66.43 -0.93
CA GLY C 302 16.12 -66.04 0.26
C GLY C 302 14.79 -65.37 -0.08
N TYR C 303 13.81 -65.48 0.82
CA TYR C 303 12.57 -64.71 0.73
C TYR C 303 12.92 -63.24 0.51
N ALA C 304 12.26 -62.64 -0.48
CA ALA C 304 12.49 -61.24 -0.89
C ALA C 304 13.95 -60.92 -1.22
N GLY C 305 14.69 -61.91 -1.70
CA GLY C 305 16.10 -61.73 -2.06
C GLY C 305 17.03 -61.41 -0.91
N LEU C 306 16.66 -61.82 0.30
CA LEU C 306 17.41 -61.44 1.49
C LEU C 306 18.40 -62.51 1.93
N SER C 307 19.63 -62.10 2.26
CA SER C 307 20.64 -63.02 2.80
C SER C 307 20.35 -63.40 4.26
N ASP C 308 21.13 -64.32 4.81
CA ASP C 308 21.01 -64.69 6.22
C ASP C 308 21.35 -63.50 7.11
N THR C 309 22.40 -62.76 6.75
CA THR C 309 22.81 -61.58 7.49
C THR C 309 21.66 -60.54 7.57
N ALA C 310 21.06 -60.26 6.42
CA ALA C 310 19.90 -59.36 6.33
C ALA C 310 18.75 -59.88 7.19
N ARG C 311 18.43 -61.17 7.05
CA ARG C 311 17.28 -61.75 7.74
C ARG C 311 17.48 -61.65 9.24
N HIS C 312 18.70 -61.92 9.69
CA HIS C 312 19.03 -61.82 11.12
C HIS C 312 19.02 -60.37 11.62
N TYR C 313 19.43 -59.43 10.75
CA TYR C 313 19.32 -58.01 11.07
C TYR C 313 17.85 -57.62 11.34
N ILE C 314 16.97 -58.03 10.45
CA ILE C 314 15.54 -57.84 10.63
C ILE C 314 15.09 -58.50 11.92
N GLY C 315 15.59 -59.71 12.17
CA GLY C 315 15.29 -60.46 13.40
C GLY C 315 15.61 -59.68 14.66
N GLY C 316 16.76 -59.02 14.65
CA GLY C 316 17.15 -58.11 15.73
C GLY C 316 16.18 -56.95 15.91
N LEU C 317 15.89 -56.25 14.81
CA LEU C 317 15.02 -55.07 14.85
C LEU C 317 13.69 -55.44 15.47
N LEU C 318 13.09 -56.53 14.97
CA LEU C 318 11.75 -56.93 15.39
C LEU C 318 11.76 -57.46 16.81
N HIS C 319 12.85 -58.15 17.17
CA HIS C 319 12.99 -58.72 18.49
C HIS C 319 13.20 -57.59 19.52
N HIS C 320 14.06 -56.63 19.20
CA HIS C 320 14.35 -55.55 20.15
C HIS C 320 13.37 -54.38 20.17
N ALA C 321 12.48 -54.37 19.18
CA ALA C 321 11.43 -53.35 19.02
C ALA C 321 10.84 -52.79 20.32
N PRO C 322 10.44 -53.65 21.27
CA PRO C 322 9.80 -53.12 22.49
C PRO C 322 10.66 -52.16 23.32
N SER C 323 11.98 -52.23 23.16
CA SER C 323 12.85 -51.26 23.80
C SER C 323 13.47 -50.28 22.79
N LEU C 324 13.73 -50.78 21.58
CA LEU C 324 14.32 -49.97 20.51
C LEU C 324 13.50 -48.70 20.22
N LEU C 325 12.17 -48.81 20.32
CA LEU C 325 11.33 -47.69 19.96
C LEU C 325 11.52 -46.51 20.91
N ALA C 326 12.17 -46.73 22.06
CA ALA C 326 12.48 -45.64 22.97
C ALA C 326 13.41 -44.63 22.31
N PHE C 327 14.19 -45.08 21.35
CA PHE C 327 15.02 -44.16 20.56
C PHE C 327 14.46 -43.86 19.16
N THR C 328 13.67 -44.76 18.58
CA THR C 328 13.23 -44.57 17.20
C THR C 328 11.88 -43.85 17.17
N ASN C 329 11.13 -44.01 18.25
CA ASN C 329 9.79 -43.44 18.41
C ASN C 329 9.72 -42.77 19.79
N PRO C 330 10.50 -41.70 19.99
CA PRO C 330 10.81 -41.26 21.37
C PRO C 330 9.85 -40.30 22.05
N THR C 331 8.66 -40.05 21.46
CA THR C 331 7.76 -39.02 22.00
C THR C 331 6.39 -39.57 22.33
N VAL C 332 5.61 -38.82 23.09
CA VAL C 332 4.25 -39.24 23.38
C VAL C 332 3.45 -39.22 22.07
N ASN C 333 3.65 -38.19 21.25
CA ASN C 333 2.97 -38.07 19.95
C ASN C 333 3.30 -39.23 18.98
N SER C 334 4.49 -39.83 19.12
CA SER C 334 4.91 -40.97 18.30
C SER C 334 3.83 -42.05 18.25
N TYR C 335 3.17 -42.25 19.37
CA TYR C 335 2.29 -43.40 19.54
C TYR C 335 0.89 -43.12 19.01
N LYS C 336 0.63 -41.84 18.70
CA LYS C 336 -0.59 -41.47 17.95
C LYS C 336 -0.48 -41.79 16.46
N ARG C 337 0.74 -42.02 15.99
CA ARG C 337 0.97 -42.41 14.59
C ARG C 337 0.87 -43.94 14.45
N LEU C 338 1.29 -44.67 15.49
CA LEU C 338 1.26 -46.12 15.39
C LEU C 338 -0.16 -46.69 15.61
N VAL C 339 -1.06 -46.34 14.68
CA VAL C 339 -2.48 -46.74 14.71
C VAL C 339 -2.85 -47.23 13.30
N PRO C 340 -3.86 -48.13 13.18
CA PRO C 340 -4.04 -48.74 11.85
C PRO C 340 -4.64 -47.80 10.83
N GLY C 341 -4.27 -47.98 9.55
CA GLY C 341 -4.95 -47.35 8.43
C GLY C 341 -4.22 -46.21 7.76
N TYR C 342 -2.98 -45.93 8.15
CA TYR C 342 -2.25 -44.73 7.67
C TYR C 342 -0.82 -45.04 7.18
N GLU C 343 -0.62 -46.26 6.69
CA GLU C 343 0.69 -46.73 6.19
C GLU C 343 1.84 -46.65 7.23
N ALA C 344 1.48 -46.65 8.51
CA ALA C 344 2.45 -46.85 9.58
C ALA C 344 2.25 -48.25 10.20
N PRO C 345 3.29 -48.82 10.85
CA PRO C 345 3.18 -50.16 11.47
C PRO C 345 2.29 -50.23 12.73
N ILE C 346 1.61 -51.35 12.92
CA ILE C 346 0.86 -51.63 14.15
C ILE C 346 1.25 -52.98 14.76
N ASN C 347 2.20 -53.66 14.15
CA ASN C 347 2.71 -54.91 14.70
C ASN C 347 4.10 -55.22 14.14
N LEU C 348 4.76 -56.25 14.68
CA LEU C 348 6.17 -56.48 14.43
C LEU C 348 6.41 -57.56 13.38
N VAL C 349 6.13 -57.24 12.13
CA VAL C 349 6.36 -58.20 11.05
C VAL C 349 7.11 -57.56 9.89
N TYR C 350 7.81 -58.39 9.13
CA TYR C 350 8.40 -57.92 7.89
C TYR C 350 7.70 -58.56 6.71
N SER C 351 7.77 -57.91 5.56
CA SER C 351 7.07 -58.36 4.38
C SER C 351 7.53 -57.53 3.19
N GLN C 352 7.75 -58.17 2.05
CA GLN C 352 8.13 -57.42 0.87
C GLN C 352 6.93 -56.66 0.31
N ARG C 353 7.21 -55.49 -0.27
CA ARG C 353 6.21 -54.69 -0.97
C ARG C 353 5.10 -54.14 -0.05
N ASN C 354 5.22 -54.34 1.26
CA ASN C 354 4.09 -54.17 2.19
C ASN C 354 4.12 -52.90 3.06
N ARG C 355 3.33 -51.89 2.68
CA ARG C 355 3.36 -50.61 3.39
C ARG C 355 2.60 -50.62 4.71
N SER C 356 2.00 -51.75 5.03
CA SER C 356 1.30 -51.90 6.31
C SER C 356 2.20 -52.58 7.33
N ALA C 357 3.37 -53.00 6.88
CA ALA C 357 4.30 -53.77 7.73
C ALA C 357 5.30 -52.91 8.49
N CYS C 358 5.93 -53.51 9.51
CA CYS C 358 6.92 -52.82 10.31
C CYS C 358 8.25 -52.72 9.58
N VAL C 359 8.61 -53.79 8.86
CA VAL C 359 9.76 -53.76 7.97
C VAL C 359 9.25 -54.19 6.61
N ARG C 360 9.39 -53.29 5.65
CA ARG C 360 9.08 -53.55 4.25
C ARG C 360 10.38 -53.84 3.50
N ILE C 361 10.31 -54.79 2.58
CA ILE C 361 11.41 -55.01 1.65
C ILE C 361 10.97 -54.44 0.32
N PRO C 362 11.58 -53.32 -0.09
CA PRO C 362 11.17 -52.70 -1.35
C PRO C 362 11.57 -53.57 -2.54
N ILE C 363 10.80 -53.51 -3.61
CA ILE C 363 11.07 -54.30 -4.80
C ILE C 363 12.20 -53.68 -5.60
N THR C 364 13.35 -54.34 -5.61
CA THR C 364 14.55 -53.75 -6.23
C THR C 364 15.21 -54.63 -7.29
N GLY C 365 14.59 -55.77 -7.60
CA GLY C 365 15.10 -56.66 -8.65
C GLY C 365 16.32 -57.44 -8.21
N SER C 366 17.15 -57.83 -9.17
CA SER C 366 18.26 -58.72 -8.88
C SER C 366 19.59 -58.02 -8.57
N ASN C 367 19.63 -56.70 -8.66
CA ASN C 367 20.84 -55.94 -8.32
C ASN C 367 21.20 -56.05 -6.85
N PRO C 368 22.30 -56.76 -6.54
CA PRO C 368 22.66 -56.97 -5.13
C PRO C 368 22.94 -55.68 -4.37
N LYS C 369 23.37 -54.64 -5.07
CA LYS C 369 23.73 -53.37 -4.42
C LYS C 369 22.52 -52.60 -3.89
N ALA C 370 21.35 -52.91 -4.47
CA ALA C 370 20.10 -52.22 -4.15
C ALA C 370 19.30 -52.87 -3.04
N LYS C 371 19.69 -54.08 -2.63
CA LYS C 371 18.90 -54.83 -1.66
C LYS C 371 19.04 -54.25 -0.27
N ARG C 372 17.91 -53.99 0.38
CA ARG C 372 17.90 -53.43 1.72
C ARG C 372 16.53 -53.61 2.36
N LEU C 373 16.49 -53.44 3.67
CA LEU C 373 15.25 -53.48 4.43
C LEU C 373 14.82 -52.04 4.73
N GLU C 374 13.50 -51.83 4.78
CA GLU C 374 12.94 -50.53 5.18
C GLU C 374 12.27 -50.65 6.54
N PHE C 375 12.89 -50.05 7.54
CA PHE C 375 12.31 -50.05 8.89
C PHE C 375 11.35 -48.85 8.98
N ARG C 376 10.06 -49.17 8.96
CA ARG C 376 9.01 -48.15 8.81
C ARG C 376 8.57 -47.54 10.13
N SER C 377 8.93 -48.18 11.23
CA SER C 377 8.53 -47.72 12.54
C SER C 377 8.99 -46.30 12.94
N PRO C 378 10.29 -45.96 12.73
CA PRO C 378 10.83 -44.67 13.24
C PRO C 378 10.13 -43.40 12.72
N ASP C 379 10.17 -42.36 13.54
CA ASP C 379 9.73 -41.02 13.14
C ASP C 379 10.83 -39.99 13.41
N SER C 380 10.54 -38.73 13.04
CA SER C 380 11.49 -37.63 13.14
C SER C 380 11.40 -36.86 14.45
N SER C 381 10.73 -37.43 15.45
CA SER C 381 10.48 -36.65 16.66
C SER C 381 11.59 -36.69 17.70
N GLY C 382 12.72 -37.29 17.35
CA GLY C 382 13.82 -37.37 18.30
C GLY C 382 15.19 -37.07 17.73
N ASN C 383 16.09 -38.05 17.88
CA ASN C 383 17.52 -37.84 17.67
C ASN C 383 18.06 -38.88 16.72
N PRO C 384 18.33 -38.48 15.47
CA PRO C 384 18.77 -39.42 14.45
C PRO C 384 20.12 -40.09 14.80
N TYR C 385 21.00 -39.38 15.49
CA TYR C 385 22.26 -39.98 15.91
C TYR C 385 21.97 -41.20 16.76
N LEU C 386 21.09 -41.03 17.75
CA LEU C 386 20.73 -42.09 18.67
C LEU C 386 19.83 -43.11 17.97
N ALA C 387 18.91 -42.65 17.16
CA ALA C 387 17.99 -43.57 16.50
C ALA C 387 18.74 -44.50 15.57
N PHE C 388 19.54 -43.92 14.66
CA PHE C 388 20.31 -44.74 13.72
C PHE C 388 21.20 -45.72 14.48
N SER C 389 21.86 -45.25 15.53
CA SER C 389 22.79 -46.06 16.30
C SER C 389 22.05 -47.21 16.96
N ALA C 390 20.96 -46.89 17.64
CA ALA C 390 20.12 -47.91 18.29
C ALA C 390 19.67 -48.98 17.31
N MET C 391 19.21 -48.59 16.11
CA MET C 391 18.83 -49.58 15.07
C MET C 391 19.97 -50.52 14.72
N LEU C 392 21.17 -49.93 14.55
CA LEU C 392 22.34 -50.70 14.20
C LEU C 392 22.66 -51.70 15.30
N MET C 393 22.66 -51.23 16.55
CA MET C 393 22.90 -52.14 17.68
C MET C 393 21.89 -53.29 17.75
N ALA C 394 20.61 -53.01 17.50
CA ALA C 394 19.59 -54.07 17.49
C ALA C 394 19.84 -55.03 16.35
N GLY C 395 20.16 -54.47 15.18
CA GLY C 395 20.43 -55.27 13.99
C GLY C 395 21.65 -56.15 14.15
N LEU C 396 22.71 -55.62 14.76
CA LEU C 396 23.95 -56.37 15.01
C LEU C 396 23.80 -57.48 16.03
N ASP C 397 23.03 -57.22 17.10
CA ASP C 397 22.71 -58.24 18.07
C ASP C 397 21.96 -59.41 17.42
N GLY C 398 21.10 -59.09 16.45
CA GLY C 398 20.38 -60.10 15.71
C GLY C 398 21.31 -61.00 14.92
N ILE C 399 22.31 -60.40 14.28
CA ILE C 399 23.27 -61.15 13.46
C ILE C 399 24.11 -62.04 14.38
N LYS C 400 24.63 -61.42 15.44
CA LYS C 400 25.47 -62.09 16.39
C LYS C 400 24.77 -63.29 17.03
N ASN C 401 23.50 -63.13 17.39
CA ASN C 401 22.73 -64.20 17.98
C ASN C 401 21.88 -64.99 16.99
N LYS C 402 22.09 -64.77 15.69
CA LYS C 402 21.30 -65.42 14.62
C LYS C 402 19.78 -65.46 14.92
N ILE C 403 19.24 -64.32 15.34
CA ILE C 403 17.84 -64.23 15.71
C ILE C 403 16.94 -64.36 14.49
N GLU C 404 16.07 -65.35 14.49
CA GLU C 404 15.18 -65.60 13.36
C GLU C 404 13.89 -64.82 13.51
N PRO C 405 13.59 -63.93 12.54
CA PRO C 405 12.33 -63.19 12.63
C PRO C 405 11.18 -64.16 12.39
N GLN C 406 10.00 -63.87 12.93
CA GLN C 406 8.86 -64.70 12.62
C GLN C 406 8.50 -64.56 11.15
N ALA C 407 7.85 -65.58 10.59
CA ALA C 407 7.61 -65.66 9.15
C ALA C 407 6.95 -64.40 8.63
N PRO C 408 7.39 -63.91 7.47
CA PRO C 408 6.74 -62.74 6.88
C PRO C 408 5.26 -62.99 6.65
N VAL C 409 4.46 -61.92 6.76
CA VAL C 409 3.02 -62.00 6.50
C VAL C 409 2.72 -61.07 5.34
N ASP C 410 2.42 -61.65 4.19
CA ASP C 410 2.18 -60.88 2.97
C ASP C 410 0.71 -60.50 2.82
N LYS C 411 0.23 -59.72 3.79
CA LYS C 411 -1.16 -59.32 3.84
C LYS C 411 -1.28 -57.90 4.30
N ASP C 412 -2.45 -57.32 4.07
CA ASP C 412 -2.82 -56.05 4.68
C ASP C 412 -2.93 -56.30 6.18
N LEU C 413 -1.96 -55.82 6.93
CA LEU C 413 -1.90 -56.09 8.36
C LEU C 413 -2.95 -55.33 9.18
N TYR C 414 -3.63 -54.35 8.57
CA TYR C 414 -4.71 -53.65 9.27
C TYR C 414 -6.00 -54.43 9.19
N GLU C 415 -6.05 -55.42 8.30
CA GLU C 415 -7.29 -56.15 8.07
C GLU C 415 -7.25 -57.62 8.51
N LEU C 416 -6.25 -58.01 9.31
CA LEU C 416 -6.11 -59.40 9.72
C LEU C 416 -7.30 -59.89 10.54
N PRO C 417 -7.84 -61.07 10.20
CA PRO C 417 -8.91 -61.65 11.02
C PRO C 417 -8.43 -61.80 12.49
N PRO C 418 -9.34 -61.55 13.45
CA PRO C 418 -9.10 -61.43 14.90
C PRO C 418 -8.09 -62.39 15.55
N GLU C 419 -8.13 -63.65 15.13
CA GLU C 419 -7.32 -64.69 15.72
C GLU C 419 -5.88 -64.58 15.22
N GLU C 420 -5.73 -64.56 13.89
CA GLU C 420 -4.45 -64.34 13.21
C GLU C 420 -3.76 -63.07 13.67
N ALA C 421 -4.56 -62.02 13.91
CA ALA C 421 -4.05 -60.76 14.40
C ALA C 421 -3.40 -60.91 15.76
N ALA C 422 -4.13 -61.47 16.71
CA ALA C 422 -3.65 -61.56 18.11
C ALA C 422 -2.42 -62.46 18.32
N SER C 423 -2.12 -63.29 17.32
CA SER C 423 -0.94 -64.17 17.31
C SER C 423 0.30 -63.47 16.70
N ILE C 424 0.23 -62.15 16.55
CA ILE C 424 1.38 -61.38 16.12
C ILE C 424 1.63 -60.33 17.19
N PRO C 425 2.90 -60.18 17.63
CA PRO C 425 3.23 -59.14 18.60
C PRO C 425 2.90 -57.74 18.06
N GLN C 426 2.15 -56.97 18.84
CA GLN C 426 1.79 -55.60 18.48
C GLN C 426 2.93 -54.61 18.73
N THR C 427 2.91 -53.48 18.03
CA THR C 427 3.76 -52.35 18.39
C THR C 427 3.30 -51.85 19.76
N PRO C 428 4.22 -51.26 20.54
CA PRO C 428 3.82 -50.70 21.83
C PRO C 428 2.75 -49.63 21.71
N THR C 429 1.93 -49.50 22.74
CA THR C 429 0.79 -48.58 22.81
C THR C 429 1.18 -47.14 23.16
N GLN C 430 2.21 -46.96 23.98
CA GLN C 430 2.57 -45.65 24.49
C GLN C 430 4.03 -45.58 24.92
N LEU C 431 4.55 -44.37 25.02
CA LEU C 431 5.94 -44.10 25.31
C LEU C 431 6.40 -44.71 26.64
N SER C 432 5.53 -44.66 27.65
CA SER C 432 5.88 -45.12 28.98
C SER C 432 6.20 -46.61 28.94
N ASP C 433 5.54 -47.32 28.02
CA ASP C 433 5.80 -48.75 27.88
C ASP C 433 7.21 -49.02 27.38
N VAL C 434 7.65 -48.25 26.38
CA VAL C 434 8.97 -48.50 25.79
C VAL C 434 10.06 -48.01 26.70
N ILE C 435 9.77 -46.96 27.45
CA ILE C 435 10.73 -46.45 28.42
C ILE C 435 10.92 -47.47 29.54
N ASP C 436 9.83 -48.04 30.05
CA ASP C 436 9.88 -49.09 31.06
C ASP C 436 10.68 -50.24 30.53
N ARG C 437 10.41 -50.62 29.29
CA ARG C 437 11.10 -51.76 28.70
C ARG C 437 12.60 -51.53 28.50
N LEU C 438 12.95 -50.33 28.03
CA LEU C 438 14.35 -49.93 27.84
C LEU C 438 15.09 -50.05 29.15
N GLU C 439 14.44 -49.56 30.22
CA GLU C 439 15.02 -49.61 31.55
C GLU C 439 15.27 -51.04 32.01
N ALA C 440 14.32 -51.92 31.69
CA ALA C 440 14.43 -53.32 32.09
C ALA C 440 15.48 -54.06 31.26
N ASP C 441 15.52 -53.82 29.96
CA ASP C 441 16.38 -54.60 29.09
C ASP C 441 17.02 -53.77 27.99
N HIS C 442 18.32 -53.51 28.12
CA HIS C 442 19.05 -52.65 27.20
C HIS C 442 20.51 -53.11 26.95
N GLU C 443 20.81 -54.37 27.23
CA GLU C 443 22.21 -54.85 27.12
C GLU C 443 22.76 -54.78 25.70
N TYR C 444 21.89 -54.99 24.71
CA TYR C 444 22.30 -54.90 23.28
C TYR C 444 22.83 -53.52 22.89
N LEU C 445 22.41 -52.48 23.61
CA LEU C 445 22.83 -51.10 23.35
C LEU C 445 24.18 -50.77 23.99
N THR C 446 24.44 -51.43 25.13
CA THR C 446 25.67 -51.20 25.89
C THR C 446 26.86 -51.99 25.35
N GLU C 447 26.62 -52.95 24.45
CA GLU C 447 27.70 -53.69 23.79
C GLU C 447 28.76 -52.74 23.23
N GLY C 448 30.03 -53.04 23.52
CA GLY C 448 31.14 -52.21 23.07
C GLY C 448 31.17 -50.80 23.66
N GLY C 449 30.25 -50.53 24.59
CA GLY C 449 30.14 -49.20 25.20
C GLY C 449 29.56 -48.12 24.29
N VAL C 450 28.85 -48.54 23.24
CA VAL C 450 28.22 -47.59 22.29
C VAL C 450 27.24 -46.67 23.02
N PHE C 451 26.23 -47.27 23.66
CA PHE C 451 25.46 -46.55 24.65
C PHE C 451 26.03 -46.89 26.02
N THR C 452 26.09 -45.91 26.92
CA THR C 452 26.54 -46.17 28.27
C THR C 452 25.35 -46.06 29.22
N ASN C 453 25.45 -46.64 30.41
CA ASN C 453 24.33 -46.62 31.37
C ASN C 453 23.86 -45.21 31.72
N ASP C 454 24.80 -44.25 31.77
CA ASP C 454 24.49 -42.88 32.14
C ASP C 454 23.68 -42.17 31.05
N LEU C 455 23.95 -42.52 29.78
CA LEU C 455 23.14 -42.04 28.67
C LEU C 455 21.71 -42.57 28.78
N ILE C 456 21.60 -43.88 29.00
CA ILE C 456 20.31 -44.57 29.03
C ILE C 456 19.49 -44.10 30.23
N GLU C 457 20.14 -43.91 31.37
CA GLU C 457 19.45 -43.45 32.57
C GLU C 457 18.95 -42.03 32.40
N THR C 458 19.75 -41.18 31.76
CA THR C 458 19.39 -39.79 31.54
C THR C 458 18.21 -39.72 30.57
N TRP C 459 18.24 -40.57 29.56
CA TRP C 459 17.19 -40.63 28.58
C TRP C 459 15.87 -41.04 29.22
N ILE C 460 15.90 -42.13 29.98
CA ILE C 460 14.73 -42.63 30.68
C ILE C 460 14.14 -41.54 31.59
N SER C 461 15.02 -40.96 32.41
CA SER C 461 14.66 -39.94 33.36
C SER C 461 14.08 -38.70 32.67
N PHE C 462 14.74 -38.23 31.61
CA PHE C 462 14.27 -37.06 30.87
C PHE C 462 12.86 -37.26 30.30
N LYS C 463 12.64 -38.40 29.65
CA LYS C 463 11.38 -38.69 29.02
C LYS C 463 10.25 -38.77 30.05
N ARG C 464 10.54 -39.36 31.20
CA ARG C 464 9.54 -39.53 32.25
C ARG C 464 9.14 -38.19 32.87
N GLU C 465 10.13 -37.37 33.22
CA GLU C 465 9.87 -36.11 33.93
C GLU C 465 9.41 -34.98 33.03
N ASN C 466 9.85 -34.97 31.78
CA ASN C 466 9.57 -33.84 30.89
C ASN C 466 8.51 -34.10 29.83
N GLU C 467 8.16 -35.36 29.60
CA GLU C 467 7.19 -35.68 28.55
C GLU C 467 6.02 -36.55 29.03
N ILE C 468 6.32 -37.76 29.52
CA ILE C 468 5.29 -38.70 29.98
C ILE C 468 4.40 -38.11 31.08
N GLU C 469 5.02 -37.75 32.20
CA GLU C 469 4.29 -37.22 33.32
C GLU C 469 3.50 -35.92 33.01
N PRO C 470 4.14 -34.90 32.38
CA PRO C 470 3.41 -33.66 32.05
C PRO C 470 2.17 -33.86 31.17
N VAL C 471 2.21 -34.82 30.26
CA VAL C 471 1.03 -35.16 29.45
C VAL C 471 0.00 -35.89 30.32
N ASN C 472 0.46 -36.87 31.11
CA ASN C 472 -0.43 -37.66 31.97
C ASN C 472 -1.29 -36.86 32.92
N ILE C 473 -0.74 -35.81 33.51
CA ILE C 473 -1.46 -35.03 34.52
C ILE C 473 -2.44 -34.01 33.91
N ARG C 474 -2.33 -33.76 32.60
CA ARG C 474 -3.20 -32.78 31.99
C ARG C 474 -4.43 -33.39 31.33
N PRO C 475 -5.63 -33.03 31.80
CA PRO C 475 -6.85 -33.47 31.14
C PRO C 475 -6.86 -33.20 29.62
N HIS C 476 -7.23 -34.22 28.88
CA HIS C 476 -7.36 -34.21 27.44
C HIS C 476 -8.74 -33.60 27.10
N PRO C 477 -8.80 -32.73 26.09
CA PRO C 477 -10.10 -32.17 25.67
C PRO C 477 -11.17 -33.25 25.43
N TYR C 478 -10.78 -34.39 24.89
CA TYR C 478 -11.77 -35.40 24.57
C TYR C 478 -12.42 -36.00 25.82
N GLU C 479 -11.71 -35.96 26.93
CA GLU C 479 -12.29 -36.31 28.21
C GLU C 479 -13.53 -35.45 28.55
N PHE C 480 -13.54 -34.20 28.11
CA PHE C 480 -14.68 -33.33 28.32
C PHE C 480 -15.87 -33.72 27.46
N ALA C 481 -15.58 -34.10 26.23
CA ALA C 481 -16.56 -34.69 25.34
C ALA C 481 -17.15 -35.92 25.99
N LEU C 482 -16.29 -36.77 26.56
CA LEU C 482 -16.72 -38.06 27.13
C LEU C 482 -17.42 -37.90 28.48
N TYR C 483 -16.90 -37.00 29.32
CA TYR C 483 -17.24 -37.08 30.74
C TYR C 483 -17.85 -35.86 31.43
N TYR C 484 -17.93 -34.72 30.77
CA TYR C 484 -18.47 -33.53 31.43
C TYR C 484 -19.81 -33.83 32.14
N ASP C 485 -20.66 -34.62 31.47
CA ASP C 485 -22.02 -34.87 31.96
C ASP C 485 -22.20 -36.16 32.77
N VAL C 486 -21.12 -36.74 33.32
CA VAL C 486 -21.22 -37.97 34.13
C VAL C 486 -22.12 -37.82 35.38
N LYS D 12 46.51 7.57 21.45
CA LYS D 12 46.09 8.43 20.31
C LYS D 12 46.08 9.90 20.68
N THR D 13 46.38 10.74 19.68
CA THR D 13 46.57 12.17 19.86
C THR D 13 45.40 12.99 19.31
N PRO D 14 45.27 14.26 19.76
CA PRO D 14 44.34 15.19 19.11
C PRO D 14 44.45 15.17 17.58
N ASP D 15 45.68 15.20 17.05
CA ASP D 15 45.90 15.21 15.60
C ASP D 15 45.40 13.95 14.89
N ASP D 16 45.48 12.81 15.57
CA ASP D 16 44.87 11.57 15.06
C ASP D 16 43.36 11.70 14.87
N VAL D 17 42.69 12.33 15.83
CA VAL D 17 41.23 12.53 15.78
C VAL D 17 40.82 13.49 14.65
N PHE D 18 41.52 14.61 14.52
CA PHE D 18 41.29 15.55 13.41
C PHE D 18 41.47 14.88 12.03
N LYS D 19 42.51 14.04 11.91
CA LYS D 19 42.75 13.33 10.67
C LYS D 19 41.58 12.40 10.37
N LEU D 20 41.12 11.66 11.39
CA LEU D 20 39.98 10.74 11.25
C LEU D 20 38.72 11.47 10.80
N ALA D 21 38.42 12.62 11.44
CA ALA D 21 37.29 13.47 11.07
C ALA D 21 37.35 13.94 9.63
N LYS D 22 38.52 14.49 9.26
CA LYS D 22 38.80 14.90 7.89
C LYS D 22 38.66 13.74 6.91
N ASP D 23 39.35 12.63 7.16
CA ASP D 23 39.33 11.45 6.28
C ASP D 23 37.94 10.85 6.09
N GLU D 24 37.17 10.82 7.19
CA GLU D 24 35.84 10.24 7.16
C GLU D 24 34.72 11.18 6.67
N LYS D 25 35.09 12.42 6.31
CA LYS D 25 34.15 13.49 5.89
C LYS D 25 33.02 13.69 6.90
N VAL D 26 33.42 13.82 8.15
CA VAL D 26 32.50 13.95 9.26
C VAL D 26 31.76 15.29 9.20
N GLU D 27 30.43 15.25 9.34
CA GLU D 27 29.62 16.47 9.42
C GLU D 27 29.43 16.99 10.86
N TYR D 28 29.31 16.07 11.82
CA TYR D 28 29.07 16.45 13.21
C TYR D 28 29.94 15.68 14.19
N VAL D 29 30.22 16.30 15.31
CA VAL D 29 30.90 15.61 16.40
C VAL D 29 29.97 15.55 17.57
N ASP D 30 29.70 14.33 18.02
CA ASP D 30 28.87 14.07 19.19
C ASP D 30 29.75 14.01 20.46
N VAL D 31 29.53 14.97 21.34
CA VAL D 31 30.28 15.13 22.58
C VAL D 31 29.57 14.34 23.65
N ARG D 32 30.23 13.30 24.15
CA ARG D 32 29.63 12.38 25.13
C ARG D 32 30.33 12.34 26.48
N PHE D 33 29.54 12.12 27.53
CA PHE D 33 30.07 11.87 28.86
C PHE D 33 29.06 11.05 29.64
N CYS D 34 29.43 10.65 30.85
CA CYS D 34 28.63 9.72 31.63
C CYS D 34 28.04 10.39 32.84
N ASP D 35 26.74 10.21 33.08
CA ASP D 35 26.13 10.71 34.34
C ASP D 35 26.40 9.77 35.50
N LEU D 36 26.04 10.16 36.70
CA LEU D 36 26.41 9.33 37.84
C LEU D 36 25.77 7.92 37.82
N PRO D 37 24.44 7.84 37.57
CA PRO D 37 23.76 6.54 37.52
C PRO D 37 24.30 5.59 36.46
N GLY D 38 24.69 6.11 35.29
CA GLY D 38 25.37 5.29 34.27
C GLY D 38 24.88 5.43 32.84
N ILE D 39 24.09 6.46 32.58
CA ILE D 39 23.58 6.73 31.24
C ILE D 39 24.49 7.76 30.59
N MET D 40 24.94 7.46 29.37
CA MET D 40 25.71 8.40 28.58
C MET D 40 24.88 9.63 28.11
N GLN D 41 25.49 10.79 28.19
CA GLN D 41 24.87 12.07 27.82
C GLN D 41 25.60 12.61 26.60
N HIS D 42 24.91 13.44 25.83
CA HIS D 42 25.51 13.94 24.60
C HIS D 42 24.92 15.27 24.13
N PHE D 43 25.78 16.05 23.46
CA PHE D 43 25.31 17.09 22.57
C PHE D 43 26.15 17.11 21.30
N THR D 44 25.65 17.77 20.27
CA THR D 44 26.31 17.76 18.98
C THR D 44 26.87 19.14 18.61
N ILE D 45 28.08 19.15 18.04
CA ILE D 45 28.67 20.36 17.50
C ILE D 45 29.01 20.07 16.05
N PRO D 46 28.96 21.09 15.18
CA PRO D 46 29.32 20.86 13.78
C PRO D 46 30.82 20.57 13.60
N ALA D 47 31.19 19.91 12.50
CA ALA D 47 32.60 19.66 12.19
C ALA D 47 33.40 20.95 12.25
N SER D 48 32.85 22.00 11.64
CA SER D 48 33.51 23.31 11.64
C SER D 48 33.91 23.81 13.04
N ALA D 49 33.17 23.42 14.07
CA ALA D 49 33.49 23.86 15.43
C ALA D 49 34.42 22.90 16.17
N PHE D 50 34.84 21.83 15.50
CA PHE D 50 35.73 20.85 16.14
C PHE D 50 37.18 21.18 15.83
N ASP D 51 37.86 21.88 16.74
CA ASP D 51 39.23 22.39 16.52
C ASP D 51 40.08 22.24 17.77
N LYS D 52 41.32 22.73 17.73
CA LYS D 52 42.23 22.73 18.88
C LYS D 52 41.63 23.30 20.17
N SER D 53 40.84 24.36 20.02
CA SER D 53 40.11 25.00 21.09
C SER D 53 39.35 24.00 21.96
N VAL D 54 38.78 22.98 21.31
CA VAL D 54 38.01 21.94 22.02
C VAL D 54 38.93 21.18 23.00
N PHE D 55 40.17 20.90 22.56
CA PHE D 55 41.14 20.22 23.38
C PHE D 55 41.78 21.15 24.44
N ASP D 56 41.96 22.43 24.10
CA ASP D 56 42.62 23.38 24.99
C ASP D 56 41.67 23.98 26.01
N ASP D 57 40.50 24.42 25.55
CA ASP D 57 39.56 25.12 26.43
C ASP D 57 38.43 24.24 26.92
N GLY D 58 38.07 23.25 26.10
CA GLY D 58 36.97 22.36 26.42
C GLY D 58 35.62 22.97 26.11
N LEU D 59 34.56 22.27 26.49
CA LEU D 59 33.21 22.70 26.20
C LEU D 59 32.39 22.71 27.49
N ALA D 60 31.39 23.59 27.53
CA ALA D 60 30.54 23.78 28.71
C ALA D 60 29.20 23.03 28.62
N PHE D 61 28.64 22.70 29.78
CA PHE D 61 27.30 22.14 29.84
C PHE D 61 26.69 22.47 31.19
N ASP D 62 25.42 22.18 31.33
CA ASP D 62 24.66 22.44 32.56
C ASP D 62 24.72 21.24 33.51
N GLY D 63 25.63 21.35 34.48
CA GLY D 63 25.83 20.31 35.44
C GLY D 63 24.63 20.06 36.35
N SER D 64 23.69 21.00 36.38
CA SER D 64 22.54 20.87 37.29
C SER D 64 21.42 20.05 36.67
N SER D 65 21.51 19.77 35.36
CA SER D 65 20.51 18.92 34.71
C SER D 65 21.00 17.46 34.62
N ILE D 66 22.21 17.21 35.08
CA ILE D 66 22.79 15.86 35.02
C ILE D 66 22.72 15.22 36.40
N ARG D 67 22.21 13.99 36.46
CA ARG D 67 21.98 13.32 37.74
C ARG D 67 23.26 13.03 38.50
N GLY D 68 23.28 13.42 39.77
CA GLY D 68 24.44 13.22 40.64
C GLY D 68 25.55 14.22 40.40
N PHE D 69 25.28 15.28 39.64
CA PHE D 69 26.31 16.29 39.39
C PHE D 69 26.11 17.51 40.29
N GLN D 70 25.77 18.65 39.69
CA GLN D 70 25.80 19.94 40.39
C GLN D 70 24.43 20.43 40.82
N SER D 71 24.40 21.37 41.76
CA SER D 71 23.18 22.12 42.08
C SER D 71 23.03 23.31 41.10
N ILE D 72 21.82 23.85 41.03
CA ILE D 72 21.49 24.87 40.03
C ILE D 72 22.37 26.14 40.11
N HIS D 73 22.71 26.55 41.33
CA HIS D 73 23.51 27.76 41.51
C HIS D 73 25.01 27.58 41.23
N GLU D 74 25.47 26.33 41.09
CA GLU D 74 26.83 26.01 40.72
C GLU D 74 26.85 25.15 39.44
N SER D 75 25.95 25.50 38.51
CA SER D 75 25.61 24.66 37.36
C SER D 75 26.72 24.44 36.33
N ASP D 76 27.39 25.50 35.88
CA ASP D 76 28.35 25.34 34.77
C ASP D 76 29.40 24.31 35.12
N MET D 77 29.67 23.40 34.17
CA MET D 77 30.74 22.44 34.25
C MET D 77 31.47 22.37 32.92
N LEU D 78 32.65 21.77 32.92
CA LEU D 78 33.51 21.76 31.73
C LEU D 78 33.80 20.32 31.29
N LEU D 79 33.96 20.12 29.98
CA LEU D 79 34.34 18.83 29.40
C LEU D 79 35.60 18.94 28.55
N LEU D 80 36.50 17.96 28.70
CA LEU D 80 37.73 17.85 27.91
C LEU D 80 37.79 16.48 27.25
N PRO D 81 38.12 16.45 25.95
CA PRO D 81 38.00 15.19 25.15
C PRO D 81 39.00 14.06 25.50
N ASP D 82 38.59 12.83 25.25
CA ASP D 82 39.48 11.69 25.35
C ASP D 82 39.67 11.10 23.97
N PRO D 83 40.75 11.49 23.28
CA PRO D 83 41.05 11.06 21.91
C PRO D 83 41.02 9.54 21.69
N GLU D 84 41.33 8.75 22.71
CA GLU D 84 41.23 7.29 22.66
C GLU D 84 39.84 6.77 22.28
N THR D 85 38.80 7.56 22.52
CA THR D 85 37.42 7.07 22.44
C THR D 85 36.72 7.44 21.14
N ALA D 86 37.40 8.11 20.23
CA ALA D 86 36.79 8.56 18.98
C ALA D 86 36.38 7.39 18.08
N ARG D 87 35.10 7.30 17.77
CA ARG D 87 34.58 6.29 16.85
C ARG D 87 33.57 6.96 15.94
N ILE D 88 33.43 6.44 14.71
CA ILE D 88 32.37 6.88 13.82
C ILE D 88 31.08 6.27 14.30
N ASP D 89 30.02 7.08 14.33
CA ASP D 89 28.67 6.57 14.67
C ASP D 89 28.07 5.75 13.55
N PRO D 90 27.67 4.50 13.84
CA PRO D 90 27.09 3.66 12.78
C PRO D 90 25.65 4.01 12.39
N PHE D 91 24.99 4.91 13.10
CA PHE D 91 23.55 5.11 12.90
C PHE D 91 23.14 6.40 12.22
N ARG D 92 23.79 7.50 12.55
CA ARG D 92 23.35 8.82 12.09
C ARG D 92 23.60 9.04 10.61
N ALA D 93 22.53 9.41 9.89
CA ALA D 93 22.58 9.63 8.43
C ALA D 93 23.60 10.70 8.09
N ALA D 94 23.67 11.76 8.91
CA ALA D 94 24.76 12.73 8.78
C ALA D 94 26.00 12.15 9.45
N LYS D 95 27.07 11.96 8.67
CA LYS D 95 28.28 11.31 9.18
C LYS D 95 28.72 11.98 10.47
N THR D 96 28.87 11.19 11.54
CA THR D 96 29.11 11.72 12.87
C THR D 96 30.23 10.97 13.57
N LEU D 97 31.11 11.73 14.22
CA LEU D 97 32.17 11.18 15.03
C LEU D 97 31.80 11.33 16.52
N ASN D 98 31.71 10.20 17.24
CA ASN D 98 31.48 10.19 18.68
C ASN D 98 32.78 10.25 19.47
N ILE D 99 32.82 11.11 20.48
CA ILE D 99 33.98 11.18 21.38
C ILE D 99 33.51 11.29 22.85
N ASN D 100 34.11 10.49 23.74
CA ASN D 100 33.89 10.64 25.18
C ASN D 100 34.74 11.73 25.80
N PHE D 101 34.21 12.39 26.83
CA PHE D 101 34.90 13.49 27.50
C PHE D 101 35.03 13.24 29.01
N PHE D 102 35.98 13.91 29.63
CA PHE D 102 36.13 13.90 31.07
C PHE D 102 35.51 15.19 31.61
N VAL D 103 34.80 15.08 32.73
CA VAL D 103 34.17 16.25 33.34
C VAL D 103 35.18 16.94 34.24
N HIS D 104 35.34 18.26 34.07
CA HIS D 104 36.26 19.06 34.87
C HIS D 104 35.56 20.27 35.53
N ASP D 105 36.10 20.70 36.66
CA ASP D 105 35.72 21.97 37.31
C ASP D 105 36.08 23.14 36.38
N PRO D 106 35.13 24.08 36.17
CA PRO D 106 35.30 25.19 35.23
C PRO D 106 36.26 26.27 35.72
N PHE D 107 36.50 26.31 37.03
CA PHE D 107 37.45 27.28 37.59
C PHE D 107 38.87 26.76 37.67
N THR D 108 39.06 25.62 38.35
CA THR D 108 40.39 25.07 38.63
C THR D 108 40.88 24.15 37.50
N LEU D 109 39.95 23.71 36.66
CA LEU D 109 40.24 22.72 35.60
C LEU D 109 40.62 21.34 36.13
N GLU D 110 40.47 21.14 37.44
CA GLU D 110 40.70 19.83 38.05
C GLU D 110 39.63 18.84 37.59
N PRO D 111 39.99 17.53 37.53
CA PRO D 111 38.98 16.49 37.25
C PRO D 111 37.87 16.49 38.31
N TYR D 112 36.65 16.21 37.86
CA TYR D 112 35.47 16.23 38.71
C TYR D 112 35.47 14.98 39.59
N SER D 113 35.24 15.17 40.88
CA SER D 113 35.13 14.07 41.82
C SER D 113 33.94 13.12 41.57
N ARG D 114 32.93 13.59 40.85
CA ARG D 114 31.79 12.72 40.50
C ARG D 114 31.66 12.41 39.00
N ASP D 115 32.76 12.56 38.25
CA ASP D 115 32.81 12.06 36.87
C ASP D 115 33.14 10.56 36.93
N PRO D 116 32.22 9.68 36.48
CA PRO D 116 32.46 8.23 36.54
C PRO D 116 33.75 7.82 35.83
N ARG D 117 34.04 8.47 34.71
CA ARG D 117 35.22 8.15 33.94
C ARG D 117 36.48 8.56 34.69
N ASN D 118 36.37 9.55 35.56
CA ASN D 118 37.51 9.96 36.38
C ASN D 118 37.79 8.90 37.45
N ILE D 119 36.73 8.33 38.00
CA ILE D 119 36.87 7.29 39.00
C ILE D 119 37.65 6.10 38.42
N ALA D 120 37.31 5.72 37.19
CA ALA D 120 38.03 4.65 36.50
C ALA D 120 39.51 5.00 36.30
N ARG D 121 39.77 6.23 35.86
CA ARG D 121 41.11 6.79 35.73
C ARG D 121 41.88 6.66 37.04
N LYS D 122 41.28 7.11 38.13
CA LYS D 122 41.90 7.07 39.44
C LYS D 122 42.14 5.62 39.90
N ALA D 123 41.20 4.74 39.57
CA ALA D 123 41.31 3.32 39.94
C ALA D 123 42.55 2.71 39.29
N GLU D 124 42.75 2.98 38.01
CA GLU D 124 43.91 2.42 37.29
C GLU D 124 45.24 2.92 37.87
N ASN D 125 45.28 4.19 38.24
CA ASN D 125 46.47 4.77 38.85
C ASN D 125 46.76 4.22 40.24
N TYR D 126 45.72 4.06 41.05
CA TYR D 126 45.88 3.50 42.38
C TYR D 126 46.45 2.10 42.29
N LEU D 127 45.95 1.30 41.34
CA LEU D 127 46.46 -0.05 41.14
C LEU D 127 47.98 0.00 40.98
N ILE D 128 48.46 0.84 40.07
CA ILE D 128 49.89 0.97 39.80
C ILE D 128 50.61 1.38 41.08
N SER D 129 50.04 2.33 41.82
CA SER D 129 50.71 2.85 43.01
C SER D 129 50.86 1.82 44.16
N THR D 130 50.06 0.75 44.14
CA THR D 130 50.14 -0.29 45.16
C THR D 130 51.32 -1.23 44.95
N GLY D 131 51.78 -1.33 43.70
CA GLY D 131 52.84 -2.27 43.33
C GLY D 131 52.31 -3.68 43.11
N ILE D 132 51.06 -3.94 43.48
CA ILE D 132 50.47 -5.27 43.33
C ILE D 132 50.44 -5.73 41.87
N ALA D 133 50.10 -4.82 40.97
CA ALA D 133 49.99 -5.11 39.55
C ALA D 133 50.07 -3.78 38.82
N ASP D 134 50.09 -3.81 37.49
CA ASP D 134 50.00 -2.56 36.74
C ASP D 134 48.79 -2.49 35.81
N THR D 135 48.11 -3.61 35.63
CA THR D 135 46.95 -3.68 34.74
C THR D 135 45.89 -4.61 35.31
N ALA D 136 44.66 -4.11 35.36
CA ALA D 136 43.45 -4.89 35.66
C ALA D 136 42.62 -5.11 34.38
N TYR D 137 42.51 -6.37 33.96
CA TYR D 137 41.74 -6.70 32.76
C TYR D 137 40.33 -7.12 33.11
N PHE D 138 39.37 -6.56 32.40
CA PHE D 138 37.95 -6.89 32.60
C PHE D 138 37.37 -7.42 31.30
N GLY D 139 36.77 -8.59 31.39
CA GLY D 139 36.01 -9.18 30.29
C GLY D 139 34.59 -9.27 30.78
N ALA D 140 33.67 -8.62 30.08
CA ALA D 140 32.27 -8.51 30.51
C ALA D 140 31.33 -9.25 29.59
N GLU D 141 30.23 -9.70 30.14
CA GLU D 141 29.16 -10.29 29.36
C GLU D 141 27.87 -9.59 29.73
N ALA D 142 27.51 -8.56 28.97
CA ALA D 142 26.28 -7.85 29.19
C ALA D 142 25.15 -8.50 28.39
N GLU D 143 24.39 -9.35 29.06
CA GLU D 143 23.19 -9.95 28.47
C GLU D 143 22.06 -8.93 28.34
N PHE D 144 21.15 -9.13 27.37
CA PHE D 144 20.02 -8.25 27.15
C PHE D 144 18.81 -8.98 26.55
N TYR D 145 17.64 -8.33 26.57
CA TYR D 145 16.45 -8.86 25.93
C TYR D 145 16.07 -8.05 24.69
N ILE D 146 15.74 -8.75 23.60
CA ILE D 146 15.26 -8.08 22.40
C ILE D 146 13.72 -8.17 22.38
N PHE D 147 13.04 -7.17 22.93
CA PHE D 147 11.58 -7.17 22.98
C PHE D 147 11.01 -6.50 21.74
N ASP D 148 9.71 -6.73 21.50
CA ASP D 148 8.95 -6.03 20.48
C ASP D 148 8.31 -4.75 21.04
N SER D 149 7.89 -4.78 22.31
CA SER D 149 7.21 -3.63 22.90
C SER D 149 7.25 -3.61 24.44
N VAL D 150 6.98 -2.42 24.98
CA VAL D 150 6.87 -2.25 26.41
C VAL D 150 5.95 -1.07 26.68
N SER D 151 5.09 -1.23 27.68
CA SER D 151 4.39 -0.10 28.24
C SER D 151 4.22 -0.30 29.76
N PHE D 152 3.97 0.81 30.45
CA PHE D 152 3.84 0.83 31.90
C PHE D 152 3.33 2.19 32.35
N ASP D 153 2.71 2.24 33.53
CA ASP D 153 2.32 3.50 34.16
C ASP D 153 2.13 3.33 35.68
N SER D 154 1.83 4.43 36.36
CA SER D 154 1.65 4.43 37.80
C SER D 154 0.73 5.59 38.14
N ARG D 155 -0.48 5.26 38.60
CA ARG D 155 -1.55 6.22 38.86
C ARG D 155 -2.08 6.01 40.27
N ALA D 156 -2.99 6.86 40.70
CA ALA D 156 -3.51 6.75 42.08
C ALA D 156 -4.26 5.41 42.32
N ASN D 157 -5.00 4.96 41.31
CA ASN D 157 -5.93 3.81 41.44
C ASN D 157 -5.48 2.55 40.68
N GLY D 158 -4.26 2.56 40.19
CA GLY D 158 -3.77 1.46 39.40
C GLY D 158 -2.41 1.69 38.80
N SER D 159 -1.77 0.59 38.42
CA SER D 159 -0.42 0.59 37.86
C SER D 159 -0.21 -0.69 37.07
N PHE D 160 0.63 -0.66 36.04
CA PHE D 160 0.93 -1.88 35.27
C PHE D 160 2.26 -1.79 34.55
N TYR D 161 2.78 -2.94 34.11
CA TYR D 161 3.78 -3.00 33.04
C TYR D 161 3.44 -4.19 32.16
N GLU D 162 3.93 -4.16 30.93
CA GLU D 162 3.87 -5.31 30.01
C GLU D 162 5.04 -5.21 29.02
N VAL D 163 5.82 -6.28 28.94
CA VAL D 163 6.80 -6.40 27.87
C VAL D 163 6.26 -7.48 26.94
N ASP D 164 6.59 -7.37 25.65
CA ASP D 164 6.12 -8.35 24.70
C ASP D 164 7.19 -8.60 23.63
N ALA D 165 7.11 -9.78 23.04
CA ALA D 165 8.12 -10.29 22.13
C ALA D 165 7.46 -11.42 21.38
N ILE D 166 7.69 -11.50 20.08
CA ILE D 166 7.05 -12.49 19.23
C ILE D 166 7.39 -13.92 19.67
N SER D 167 8.62 -14.10 20.16
CA SER D 167 9.11 -15.40 20.57
C SER D 167 8.77 -15.80 22.01
N GLY D 168 8.13 -14.92 22.75
CA GLY D 168 7.72 -15.18 24.14
C GLY D 168 6.76 -16.35 24.23
N TRP D 169 7.02 -17.26 25.18
CA TRP D 169 6.19 -18.44 25.34
C TRP D 169 4.74 -18.10 25.70
N TRP D 170 4.55 -16.96 26.35
CA TRP D 170 3.21 -16.49 26.70
C TRP D 170 2.33 -16.28 25.46
N ASN D 171 2.91 -16.27 24.27
CA ASN D 171 2.15 -16.03 23.05
C ASN D 171 1.83 -17.29 22.22
N THR D 172 2.09 -18.48 22.75
CA THR D 172 1.88 -19.71 21.94
C THR D 172 0.41 -19.87 21.50
N GLY D 173 -0.49 -19.28 22.29
CA GLY D 173 -1.90 -19.37 22.11
C GLY D 173 -2.49 -18.17 21.38
N ALA D 174 -1.67 -17.19 20.99
CA ALA D 174 -2.20 -16.03 20.24
C ALA D 174 -2.76 -16.46 18.90
N ALA D 175 -3.92 -15.93 18.56
CA ALA D 175 -4.57 -16.22 17.29
C ALA D 175 -3.79 -15.64 16.13
N THR D 176 -3.17 -14.47 16.31
CA THR D 176 -2.35 -13.86 15.27
C THR D 176 -1.23 -13.09 15.94
N GLU D 177 -0.23 -12.72 15.15
CA GLU D 177 0.84 -11.86 15.63
C GLU D 177 0.33 -10.43 15.76
N ALA D 178 1.11 -9.57 16.44
CA ALA D 178 0.72 -8.17 16.69
C ALA D 178 0.28 -7.44 15.41
N ASP D 179 0.93 -7.76 14.29
CA ASP D 179 0.63 -7.10 13.03
C ASP D 179 -0.54 -7.75 12.27
N GLY D 180 -1.14 -8.78 12.87
CA GLY D 180 -2.27 -9.48 12.26
C GLY D 180 -1.90 -10.70 11.46
N SER D 181 -0.60 -10.91 11.23
CA SER D 181 -0.14 -12.08 10.47
C SER D 181 -0.22 -13.37 11.32
N PRO D 182 -0.24 -14.55 10.68
CA PRO D 182 -0.53 -15.79 11.44
C PRO D 182 0.57 -16.17 12.47
N ASN D 183 0.13 -16.84 13.53
CA ASN D 183 1.01 -17.47 14.53
C ASN D 183 1.67 -18.71 13.92
N ARG D 184 3.00 -18.67 13.78
CA ARG D 184 3.71 -19.73 13.12
C ARG D 184 4.51 -20.64 14.10
N GLY D 185 4.23 -20.50 15.40
CA GLY D 185 4.89 -21.30 16.42
C GLY D 185 6.38 -21.03 16.52
N TYR D 186 7.13 -22.05 16.97
CA TYR D 186 8.59 -21.96 17.15
C TYR D 186 8.95 -20.87 18.16
N LYS D 187 8.06 -20.64 19.11
CA LYS D 187 8.34 -19.68 20.16
C LYS D 187 9.31 -20.34 21.16
N VAL D 188 9.94 -19.56 22.01
CA VAL D 188 10.97 -20.08 22.90
C VAL D 188 10.39 -20.42 24.25
N ARG D 189 10.63 -21.64 24.73
CA ARG D 189 10.15 -22.10 26.04
C ARG D 189 10.86 -21.35 27.13
N HIS D 190 10.19 -21.12 28.26
CA HIS D 190 10.87 -20.51 29.39
C HIS D 190 12.10 -21.33 29.77
N LYS D 191 13.22 -20.66 30.01
CA LYS D 191 14.50 -21.32 30.30
C LYS D 191 15.02 -22.15 29.11
N GLY D 192 14.41 -21.98 27.93
CA GLY D 192 14.79 -22.80 26.77
C GLY D 192 15.42 -22.12 25.59
N GLY D 193 15.92 -20.90 25.79
CA GLY D 193 16.46 -20.12 24.67
C GLY D 193 17.90 -20.38 24.33
N TYR D 194 18.59 -21.10 25.19
CA TYR D 194 20.02 -21.39 25.01
C TYR D 194 20.27 -22.85 24.59
N PHE D 195 20.54 -23.11 23.30
CA PHE D 195 20.39 -22.14 22.19
C PHE D 195 20.06 -22.84 20.87
N PRO D 196 18.82 -23.30 20.74
CA PRO D 196 18.40 -24.01 19.53
C PRO D 196 18.57 -23.19 18.25
N VAL D 197 18.84 -23.87 17.14
CA VAL D 197 18.91 -23.22 15.84
C VAL D 197 17.57 -22.58 15.41
N ALA D 198 17.65 -21.69 14.42
CA ALA D 198 16.49 -21.14 13.77
C ALA D 198 15.67 -22.30 13.18
N PRO D 199 14.35 -22.11 13.02
CA PRO D 199 13.60 -20.88 13.28
C PRO D 199 13.22 -20.65 14.74
N ASN D 200 13.56 -21.62 15.59
CA ASN D 200 13.31 -21.48 17.02
C ASN D 200 14.01 -20.24 17.56
N ASP D 201 15.22 -19.98 17.08
CA ASP D 201 15.95 -18.75 17.30
C ASP D 201 15.50 -17.74 16.23
N GLN D 202 14.76 -16.72 16.64
CA GLN D 202 14.13 -15.81 15.70
C GLN D 202 14.92 -14.51 15.51
N TYR D 203 16.10 -14.45 16.11
CA TYR D 203 16.84 -13.20 16.13
C TYR D 203 18.24 -13.32 15.49
N VAL D 204 18.44 -14.35 14.68
CA VAL D 204 19.74 -14.62 14.08
C VAL D 204 20.24 -13.45 13.24
N ASP D 205 19.41 -13.03 12.28
CA ASP D 205 19.76 -11.91 11.39
C ASP D 205 19.97 -10.61 12.16
N LEU D 206 19.09 -10.31 13.12
CA LEU D 206 19.26 -9.10 13.91
C LEU D 206 20.58 -9.11 14.67
N ARG D 207 20.90 -10.21 15.36
CA ARG D 207 22.14 -10.28 16.14
C ARG D 207 23.37 -10.15 15.23
N ASP D 208 23.27 -10.69 14.00
CA ASP D 208 24.29 -10.52 12.97
C ASP D 208 24.52 -9.03 12.69
N LYS D 209 23.44 -8.26 12.58
CA LYS D 209 23.54 -6.80 12.40
C LYS D 209 24.22 -6.15 13.59
N MET D 210 23.85 -6.56 14.80
CA MET D 210 24.54 -6.09 16.00
C MET D 210 26.04 -6.42 15.95
N LEU D 211 26.40 -7.66 15.58
CA LEU D 211 27.79 -8.07 15.49
C LEU D 211 28.55 -7.25 14.45
N THR D 212 27.93 -7.05 13.28
CA THR D 212 28.53 -6.24 12.23
C THR D 212 28.75 -4.77 12.65
N ASN D 213 27.74 -4.16 13.26
CA ASN D 213 27.88 -2.80 13.78
C ASN D 213 28.99 -2.67 14.80
N LEU D 214 29.12 -3.66 15.68
CA LEU D 214 30.19 -3.65 16.67
C LEU D 214 31.57 -3.76 16.00
N ILE D 215 31.68 -4.67 15.04
CA ILE D 215 32.92 -4.87 14.29
C ILE D 215 33.31 -3.57 13.60
N ASN D 216 32.34 -2.95 12.94
CA ASN D 216 32.57 -1.67 12.26
C ASN D 216 32.90 -0.48 13.18
N SER D 217 32.66 -0.61 14.48
CA SER D 217 33.08 0.39 15.48
C SER D 217 34.35 -0.03 16.20
N GLY D 218 35.06 -0.97 15.63
CA GLY D 218 36.37 -1.33 16.14
C GLY D 218 36.39 -2.25 17.33
N PHE D 219 35.25 -2.88 17.62
CA PHE D 219 35.21 -3.93 18.64
C PHE D 219 35.87 -5.18 18.06
N ILE D 220 36.50 -5.96 18.94
CA ILE D 220 37.03 -7.24 18.55
C ILE D 220 36.10 -8.33 19.10
N LEU D 221 35.42 -8.99 18.18
CA LEU D 221 34.30 -9.84 18.55
C LEU D 221 34.71 -11.25 18.86
N GLU D 222 33.96 -11.87 19.77
CA GLU D 222 34.23 -13.25 20.15
C GLU D 222 33.08 -14.17 19.92
N LYS D 223 31.91 -13.82 20.42
CA LYS D 223 30.71 -14.57 20.07
C LYS D 223 29.41 -13.83 20.30
N GLY D 224 28.37 -14.37 19.67
CA GLY D 224 27.02 -13.89 19.82
C GLY D 224 26.13 -15.11 19.87
N HIS D 225 25.13 -15.05 20.73
CA HIS D 225 24.14 -16.14 20.79
C HIS D 225 22.86 -15.69 21.48
N HIS D 226 21.79 -16.45 21.24
CA HIS D 226 20.57 -16.36 22.02
C HIS D 226 20.88 -16.87 23.46
N GLU D 227 20.25 -16.28 24.45
CA GLU D 227 20.46 -16.70 25.82
C GLU D 227 19.25 -17.48 26.32
N VAL D 228 19.32 -17.89 27.59
CA VAL D 228 18.35 -18.82 28.18
C VAL D 228 16.90 -18.30 28.11
N GLY D 229 16.74 -16.99 28.31
CA GLY D 229 15.43 -16.36 28.45
C GLY D 229 14.53 -16.44 27.23
N SER D 230 13.25 -16.77 27.45
CA SER D 230 12.24 -16.69 26.39
C SER D 230 12.00 -15.23 25.98
N GLY D 231 11.47 -15.03 24.77
CA GLY D 231 11.18 -13.69 24.33
C GLY D 231 12.41 -12.83 24.00
N GLY D 232 13.46 -13.48 23.46
CA GLY D 232 14.55 -12.80 22.77
C GLY D 232 15.79 -12.45 23.58
N GLN D 233 16.13 -13.26 24.59
CA GLN D 233 17.31 -12.94 25.38
C GLN D 233 18.53 -13.19 24.53
N ALA D 234 19.55 -12.35 24.69
CA ALA D 234 20.75 -12.46 23.87
C ALA D 234 22.02 -12.12 24.61
N GLU D 235 23.14 -12.57 24.05
CA GLU D 235 24.44 -12.25 24.55
C GLU D 235 25.40 -12.09 23.38
N ILE D 236 26.21 -11.03 23.47
CA ILE D 236 27.32 -10.82 22.56
C ILE D 236 28.57 -10.53 23.39
N ASN D 237 29.68 -11.16 22.98
CA ASN D 237 30.94 -11.00 23.67
C ASN D 237 31.96 -10.34 22.76
N TYR D 238 32.70 -9.41 23.35
CA TYR D 238 33.83 -8.78 22.70
C TYR D 238 35.07 -8.93 23.61
N GLN D 239 36.25 -8.76 23.01
CA GLN D 239 37.51 -8.95 23.71
C GLN D 239 37.64 -8.11 24.97
N PHE D 240 38.19 -8.70 26.02
CA PHE D 240 38.51 -8.01 27.28
C PHE D 240 39.46 -6.84 27.03
N ASN D 241 39.54 -5.93 28.02
CA ASN D 241 40.52 -4.83 28.00
C ASN D 241 40.81 -4.32 29.41
N SER D 242 41.76 -3.38 29.53
CA SER D 242 42.04 -2.75 30.82
C SER D 242 40.84 -1.90 31.30
N LEU D 243 40.78 -1.66 32.61
CA LEU D 243 39.58 -1.19 33.29
C LEU D 243 38.83 -0.09 32.55
N LEU D 244 39.47 1.06 32.39
CA LEU D 244 38.84 2.22 31.77
C LEU D 244 38.38 1.95 30.34
N HIS D 245 39.24 1.35 29.53
CA HIS D 245 38.88 1.02 28.16
C HIS D 245 37.67 0.07 28.12
N ALA D 246 37.66 -0.88 29.04
CA ALA D 246 36.58 -1.85 29.14
C ALA D 246 35.23 -1.18 29.47
N ALA D 247 35.26 -0.21 30.37
CA ALA D 247 34.07 0.50 30.77
C ALA D 247 33.56 1.37 29.61
N ASP D 248 34.48 2.03 28.90
CA ASP D 248 34.11 2.78 27.70
C ASP D 248 33.53 1.84 26.67
N ASP D 249 34.16 0.68 26.49
CA ASP D 249 33.63 -0.36 25.59
C ASP D 249 32.21 -0.75 25.96
N MET D 250 31.95 -0.93 27.27
CA MET D 250 30.62 -1.36 27.71
C MET D 250 29.55 -0.34 27.33
N GLN D 251 29.83 0.94 27.61
CA GLN D 251 28.88 2.00 27.31
C GLN D 251 28.59 2.05 25.80
N LEU D 252 29.65 1.99 24.99
CA LEU D 252 29.48 2.04 23.56
C LEU D 252 28.69 0.82 23.04
N TYR D 253 28.99 -0.35 23.60
CA TYR D 253 28.30 -1.59 23.27
C TYR D 253 26.80 -1.48 23.51
N LYS D 254 26.41 -0.93 24.67
CA LYS D 254 25.01 -0.80 25.01
C LYS D 254 24.33 0.11 23.98
N TYR D 255 25.01 1.22 23.64
CA TYR D 255 24.51 2.17 22.66
C TYR D 255 24.27 1.47 21.32
N ILE D 256 25.27 0.73 20.86
CA ILE D 256 25.16 0.01 19.60
C ILE D 256 24.04 -1.04 19.64
N ILE D 257 23.94 -1.78 20.74
CA ILE D 257 22.94 -2.84 20.82
C ILE D 257 21.56 -2.23 20.78
N LYS D 258 21.33 -1.22 21.63
CA LYS D 258 20.03 -0.57 21.74
C LYS D 258 19.60 0.04 20.41
N ASN D 259 20.53 0.69 19.73
CA ASN D 259 20.14 1.42 18.53
C ASN D 259 20.08 0.57 17.28
N THR D 260 20.90 -0.50 17.23
CA THR D 260 20.73 -1.53 16.20
C THR D 260 19.29 -2.09 16.30
N ALA D 261 18.86 -2.39 17.53
CA ALA D 261 17.50 -2.92 17.74
C ALA D 261 16.46 -1.91 17.30
N TRP D 262 16.65 -0.66 17.74
CA TRP D 262 15.69 0.39 17.47
C TRP D 262 15.45 0.57 15.98
N GLN D 263 16.56 0.62 15.22
CA GLN D 263 16.53 0.81 13.78
C GLN D 263 15.90 -0.35 13.04
N ASN D 264 15.80 -1.49 13.71
CA ASN D 264 15.20 -2.67 13.12
C ASN D 264 13.83 -3.01 13.71
N GLY D 265 13.17 -2.02 14.30
CA GLY D 265 11.80 -2.17 14.77
C GLY D 265 11.66 -2.91 16.08
N LYS D 266 12.75 -3.08 16.81
CA LYS D 266 12.69 -3.79 18.10
C LYS D 266 13.04 -2.80 19.22
N THR D 267 13.09 -3.30 20.46
CA THR D 267 13.41 -2.48 21.61
C THR D 267 14.13 -3.36 22.61
N VAL D 268 15.31 -2.93 23.03
CA VAL D 268 16.18 -3.71 23.91
C VAL D 268 16.15 -3.16 25.33
N THR D 269 16.23 -4.07 26.30
CA THR D 269 16.43 -3.66 27.69
C THR D 269 17.55 -4.46 28.28
N PHE D 270 18.42 -3.76 29.00
CA PHE D 270 19.46 -4.37 29.82
C PHE D 270 19.04 -4.47 31.29
N MET D 271 17.78 -4.23 31.61
CA MET D 271 17.37 -4.37 33.03
C MET D 271 17.59 -5.82 33.53
N PRO D 272 17.97 -5.97 34.82
CA PRO D 272 18.32 -7.24 35.40
C PRO D 272 17.24 -8.31 35.32
N LYS D 273 15.99 -7.94 35.48
CA LYS D 273 14.95 -8.96 35.53
C LYS D 273 13.59 -8.47 34.97
N PRO D 274 13.47 -8.37 33.64
CA PRO D 274 12.19 -7.97 33.06
C PRO D 274 11.13 -9.07 33.04
N LEU D 275 11.55 -10.32 33.18
CA LEU D 275 10.63 -11.44 33.11
C LEU D 275 10.66 -12.17 34.44
N PHE D 276 9.48 -12.47 34.95
CA PHE D 276 9.32 -13.19 36.18
C PHE D 276 9.19 -14.67 35.86
N GLY D 277 10.01 -15.49 36.54
CA GLY D 277 10.05 -16.94 36.26
C GLY D 277 10.85 -17.33 35.00
N ASP D 278 11.76 -16.47 34.54
CA ASP D 278 12.71 -16.82 33.52
C ASP D 278 14.03 -16.08 33.87
N ASN D 279 15.10 -16.38 33.15
CA ASN D 279 16.41 -15.84 33.50
C ASN D 279 16.49 -14.33 33.46
N GLY D 280 17.17 -13.76 34.44
CA GLY D 280 17.51 -12.36 34.39
C GLY D 280 18.70 -12.15 33.45
N SER D 281 19.15 -10.92 33.33
CA SER D 281 20.29 -10.58 32.49
C SER D 281 21.40 -10.09 33.42
N GLY D 282 22.55 -10.76 33.34
CA GLY D 282 23.68 -10.38 34.14
C GLY D 282 24.72 -9.61 33.37
N MET D 283 25.70 -9.10 34.12
CA MET D 283 26.93 -8.59 33.54
C MET D 283 28.11 -9.26 34.27
N HIS D 284 28.38 -10.52 33.91
CA HIS D 284 29.48 -11.28 34.49
C HIS D 284 30.77 -10.54 34.17
N CYS D 285 31.63 -10.41 35.16
CA CYS D 285 32.91 -9.76 34.96
C CYS D 285 34.06 -10.72 35.21
N HIS D 286 34.73 -11.07 34.13
CA HIS D 286 35.93 -11.90 34.19
C HIS D 286 37.09 -10.95 34.50
N GLN D 287 37.82 -11.26 35.56
CA GLN D 287 38.85 -10.33 36.04
C GLN D 287 40.21 -10.98 36.19
N SER D 288 41.25 -10.27 35.79
CA SER D 288 42.63 -10.69 36.06
C SER D 288 43.58 -9.52 36.29
N LEU D 289 44.63 -9.75 37.07
CA LEU D 289 45.68 -8.74 37.26
C LEU D 289 46.98 -9.16 36.59
N TRP D 290 47.64 -8.19 35.96
CA TRP D 290 48.88 -8.41 35.26
C TRP D 290 49.92 -7.41 35.73
N LYS D 291 51.19 -7.84 35.74
CA LYS D 291 52.32 -6.97 36.01
C LYS D 291 53.44 -7.22 35.01
N ASP D 292 53.95 -6.14 34.41
CA ASP D 292 55.05 -6.18 33.44
C ASP D 292 54.78 -7.14 32.29
N GLY D 293 53.52 -7.25 31.88
CA GLY D 293 53.15 -8.14 30.77
C GLY D 293 53.04 -9.62 31.13
N ALA D 294 53.07 -9.93 32.43
CA ALA D 294 52.91 -11.31 32.89
C ALA D 294 51.65 -11.47 33.77
N PRO D 295 50.92 -12.58 33.60
CA PRO D 295 49.71 -12.84 34.39
C PRO D 295 50.01 -13.21 35.85
N LEU D 296 49.15 -12.79 36.78
CA LEU D 296 49.36 -13.04 38.19
C LEU D 296 48.37 -14.01 38.83
N MET D 297 47.39 -14.45 38.06
CA MET D 297 46.29 -15.22 38.63
C MET D 297 46.57 -16.73 38.79
N TYR D 298 47.57 -17.24 38.08
CA TYR D 298 47.74 -18.69 37.92
C TYR D 298 48.76 -19.33 38.87
N ASP D 299 48.38 -20.46 39.47
CA ASP D 299 49.29 -21.30 40.23
C ASP D 299 48.79 -22.71 40.09
N GLU D 300 49.58 -23.53 39.42
CA GLU D 300 49.24 -24.91 39.14
C GLU D 300 48.91 -25.74 40.38
N THR D 301 49.36 -25.29 41.55
CA THR D 301 49.14 -26.06 42.78
C THR D 301 47.92 -25.60 43.59
N GLY D 302 47.33 -24.46 43.24
CA GLY D 302 46.13 -23.96 43.90
C GLY D 302 44.84 -24.61 43.41
N TYR D 303 43.83 -24.61 44.27
CA TYR D 303 42.48 -24.99 43.85
C TYR D 303 42.06 -24.20 42.62
N ALA D 304 41.56 -24.92 41.62
CA ALA D 304 41.17 -24.35 40.32
C ALA D 304 42.30 -23.55 39.63
N GLY D 305 43.53 -23.92 39.90
CA GLY D 305 44.67 -23.25 39.27
C GLY D 305 44.89 -21.82 39.68
N LEU D 306 44.40 -21.44 40.86
CA LEU D 306 44.44 -20.04 41.29
C LEU D 306 45.62 -19.74 42.18
N SER D 307 46.32 -18.63 41.91
CA SER D 307 47.40 -18.17 42.79
C SER D 307 46.91 -17.58 44.11
N ASP D 308 47.84 -17.23 45.00
CA ASP D 308 47.50 -16.59 46.27
C ASP D 308 46.90 -15.21 46.00
N THR D 309 47.48 -14.48 45.05
CA THR D 309 46.97 -13.16 44.69
C THR D 309 45.51 -13.25 44.20
N ALA D 310 45.24 -14.19 43.29
CA ALA D 310 43.89 -14.47 42.80
C ALA D 310 42.91 -14.82 43.93
N ARG D 311 43.32 -15.76 44.79
CA ARG D 311 42.47 -16.25 45.86
C ARG D 311 42.11 -15.10 46.83
N HIS D 312 43.09 -14.27 47.16
CA HIS D 312 42.85 -13.12 48.01
C HIS D 312 41.99 -12.05 47.32
N TYR D 313 42.04 -11.96 46.00
CA TYR D 313 41.19 -11.02 45.26
C TYR D 313 39.74 -11.49 45.41
N ILE D 314 39.53 -12.79 45.24
CA ILE D 314 38.20 -13.38 45.43
C ILE D 314 37.77 -13.16 46.87
N GLY D 315 38.70 -13.33 47.81
CA GLY D 315 38.46 -13.07 49.23
C GLY D 315 37.93 -11.67 49.48
N GLY D 316 38.50 -10.70 48.77
CA GLY D 316 38.05 -9.31 48.83
C GLY D 316 36.62 -9.13 48.31
N LEU D 317 36.37 -9.69 47.11
CA LEU D 317 35.08 -9.61 46.46
C LEU D 317 33.99 -10.15 47.36
N LEU D 318 34.18 -11.38 47.82
CA LEU D 318 33.18 -12.04 48.66
C LEU D 318 33.03 -11.38 50.02
N HIS D 319 34.14 -10.89 50.59
CA HIS D 319 34.09 -10.20 51.87
C HIS D 319 33.38 -8.84 51.77
N HIS D 320 33.63 -8.09 50.70
CA HIS D 320 33.07 -6.76 50.60
C HIS D 320 31.73 -6.74 49.92
N ALA D 321 31.32 -7.89 49.39
CA ALA D 321 30.03 -8.04 48.72
C ALA D 321 28.88 -7.26 49.33
N PRO D 322 28.69 -7.32 50.67
CA PRO D 322 27.51 -6.67 51.21
C PRO D 322 27.43 -5.18 50.92
N SER D 323 28.57 -4.52 50.72
CA SER D 323 28.56 -3.11 50.36
C SER D 323 28.89 -2.96 48.86
N LEU D 324 29.80 -3.79 48.36
CA LEU D 324 30.18 -3.77 46.94
C LEU D 324 28.99 -3.76 45.97
N LEU D 325 27.93 -4.48 46.32
CA LEU D 325 26.80 -4.64 45.39
C LEU D 325 26.02 -3.35 45.17
N ALA D 326 26.27 -2.35 46.01
CA ALA D 326 25.70 -1.03 45.83
C ALA D 326 26.14 -0.42 44.49
N PHE D 327 27.32 -0.80 44.03
CA PHE D 327 27.80 -0.39 42.73
C PHE D 327 27.69 -1.47 41.67
N THR D 328 27.66 -2.73 42.07
CA THR D 328 27.64 -3.80 41.05
C THR D 328 26.21 -4.18 40.69
N ASN D 329 25.31 -3.96 41.66
CA ASN D 329 23.90 -4.35 41.55
C ASN D 329 23.07 -3.19 42.07
N PRO D 330 23.06 -2.08 41.34
CA PRO D 330 22.69 -0.81 41.98
C PRO D 330 21.21 -0.41 41.90
N THR D 331 20.34 -1.31 41.44
CA THR D 331 18.92 -0.98 41.30
C THR D 331 17.98 -1.87 42.13
N VAL D 332 16.76 -1.42 42.34
CA VAL D 332 15.75 -2.27 43.00
C VAL D 332 15.53 -3.57 42.21
N ASN D 333 15.43 -3.44 40.90
CA ASN D 333 15.26 -4.62 40.02
C ASN D 333 16.41 -5.63 40.09
N SER D 334 17.62 -5.15 40.40
CA SER D 334 18.79 -6.04 40.56
C SER D 334 18.49 -7.21 41.49
N TYR D 335 17.75 -6.94 42.56
CA TYR D 335 17.52 -7.92 43.62
C TYR D 335 16.43 -8.95 43.29
N LYS D 336 15.69 -8.68 42.22
CA LYS D 336 14.74 -9.65 41.66
C LYS D 336 15.47 -10.71 40.81
N ARG D 337 16.74 -10.44 40.50
CA ARG D 337 17.53 -11.39 39.73
C ARG D 337 18.23 -12.36 40.66
N LEU D 338 18.62 -11.86 41.85
CA LEU D 338 19.37 -12.64 42.82
C LEU D 338 18.44 -13.57 43.59
N VAL D 339 17.86 -14.52 42.86
CA VAL D 339 16.90 -15.48 43.40
C VAL D 339 17.29 -16.83 42.81
N PRO D 340 17.03 -17.94 43.54
CA PRO D 340 17.60 -19.21 43.06
C PRO D 340 16.90 -19.78 41.81
N GLY D 341 17.68 -20.46 40.96
CA GLY D 341 17.14 -21.23 39.83
C GLY D 341 17.40 -20.70 38.44
N TYR D 342 18.17 -19.61 38.34
CA TYR D 342 18.32 -18.89 37.06
C TYR D 342 19.77 -18.53 36.69
N GLU D 343 20.71 -19.30 37.24
CA GLU D 343 22.14 -19.12 36.94
C GLU D 343 22.70 -17.79 37.43
N ALA D 344 22.03 -17.20 38.40
CA ALA D 344 22.54 -16.04 39.11
C ALA D 344 22.84 -16.43 40.57
N PRO D 345 23.77 -15.71 41.24
CA PRO D 345 24.19 -16.05 42.62
C PRO D 345 23.13 -15.79 43.67
N ILE D 346 23.10 -16.61 44.73
CA ILE D 346 22.23 -16.39 45.89
C ILE D 346 23.02 -16.42 47.20
N ASN D 347 24.32 -16.65 47.08
CA ASN D 347 25.18 -16.62 48.26
C ASN D 347 26.62 -16.34 47.86
N LEU D 348 27.48 -16.16 48.84
CA LEU D 348 28.80 -15.63 48.58
C LEU D 348 29.87 -16.71 48.62
N VAL D 349 29.88 -17.56 47.59
CA VAL D 349 30.89 -18.61 47.47
C VAL D 349 31.53 -18.58 46.09
N TYR D 350 32.75 -19.07 46.01
CA TYR D 350 33.40 -19.28 44.72
C TYR D 350 33.55 -20.77 44.50
N SER D 351 33.62 -21.16 43.23
CA SER D 351 33.65 -22.56 42.84
C SER D 351 33.99 -22.66 41.36
N GLN D 352 34.88 -23.58 41.01
CA GLN D 352 35.19 -23.78 39.61
C GLN D 352 34.02 -24.44 38.87
N ARG D 353 33.83 -24.05 37.60
CA ARG D 353 32.85 -24.68 36.71
C ARG D 353 31.38 -24.48 37.15
N ASN D 354 31.17 -23.66 38.19
CA ASN D 354 29.89 -23.60 38.87
C ASN D 354 29.01 -22.37 38.54
N ARG D 355 28.01 -22.57 37.68
CA ARG D 355 27.12 -21.45 37.30
C ARG D 355 26.07 -21.01 38.36
N SER D 356 26.07 -21.70 39.50
CA SER D 356 25.19 -21.35 40.60
C SER D 356 25.96 -20.54 41.64
N ALA D 357 27.24 -20.36 41.41
CA ALA D 357 28.07 -19.67 42.38
C ALA D 357 28.20 -18.15 42.15
N CYS D 358 28.67 -17.45 43.16
CA CYS D 358 28.88 -16.01 43.07
C CYS D 358 30.14 -15.67 42.27
N VAL D 359 31.20 -16.44 42.50
CA VAL D 359 32.41 -16.37 41.68
C VAL D 359 32.66 -17.75 41.08
N ARG D 360 32.61 -17.84 39.77
CA ARG D 360 32.91 -19.06 39.06
C ARG D 360 34.36 -18.99 38.54
N ILE D 361 35.08 -20.11 38.61
CA ILE D 361 36.37 -20.19 37.93
C ILE D 361 36.19 -21.00 36.67
N PRO D 362 36.22 -20.34 35.49
CA PRO D 362 35.99 -21.07 34.22
C PRO D 362 37.12 -22.06 33.95
N ILE D 363 36.79 -23.17 33.31
CA ILE D 363 37.78 -24.18 32.97
C ILE D 363 38.61 -23.73 31.78
N THR D 364 39.88 -23.41 32.02
CA THR D 364 40.73 -22.84 30.99
C THR D 364 42.04 -23.59 30.78
N GLY D 365 42.23 -24.71 31.48
CA GLY D 365 43.42 -25.55 31.34
C GLY D 365 44.67 -24.94 31.97
N SER D 366 45.84 -25.29 31.45
CA SER D 366 47.09 -24.91 32.10
C SER D 366 47.72 -23.60 31.61
N ASN D 367 47.13 -22.96 30.60
CA ASN D 367 47.62 -21.69 30.09
C ASN D 367 47.49 -20.59 31.15
N PRO D 368 48.63 -20.09 31.65
CA PRO D 368 48.57 -19.11 32.71
C PRO D 368 47.86 -17.81 32.30
N LYS D 369 47.94 -17.46 31.01
CA LYS D 369 47.37 -16.21 30.52
C LYS D 369 45.84 -16.20 30.53
N ALA D 370 45.25 -17.40 30.52
CA ALA D 370 43.79 -17.57 30.48
C ALA D 370 43.12 -17.66 31.84
N LYS D 371 43.91 -17.79 32.91
CA LYS D 371 43.34 -17.97 34.25
C LYS D 371 42.71 -16.68 34.75
N ARG D 372 41.45 -16.76 35.15
CA ARG D 372 40.77 -15.63 35.74
C ARG D 372 39.57 -16.08 36.59
N LEU D 373 39.00 -15.13 37.33
CA LEU D 373 37.79 -15.38 38.10
C LEU D 373 36.63 -14.71 37.36
N GLU D 374 35.46 -15.36 37.41
CA GLU D 374 34.24 -14.75 36.90
C GLU D 374 33.33 -14.35 38.06
N PHE D 375 33.26 -13.04 38.31
CA PHE D 375 32.34 -12.47 39.29
C PHE D 375 30.94 -12.34 38.65
N ARG D 376 30.05 -13.23 39.05
CA ARG D 376 28.74 -13.42 38.38
C ARG D 376 27.65 -12.51 38.94
N SER D 377 27.92 -11.88 40.07
CA SER D 377 26.93 -11.04 40.73
C SER D 377 26.47 -9.78 39.98
N PRO D 378 27.40 -9.04 39.36
CA PRO D 378 27.02 -7.77 38.75
C PRO D 378 25.96 -7.87 37.63
N ASP D 379 25.22 -6.79 37.43
CA ASP D 379 24.31 -6.64 36.28
C ASP D 379 24.60 -5.33 35.54
N SER D 380 23.86 -5.11 34.44
CA SER D 380 24.04 -3.94 33.59
C SER D 380 23.23 -2.70 34.00
N SER D 381 22.57 -2.73 35.15
CA SER D 381 21.60 -1.71 35.48
C SER D 381 22.21 -0.44 36.06
N GLY D 382 23.54 -0.33 36.04
CA GLY D 382 24.19 0.83 36.62
C GLY D 382 25.33 1.42 35.81
N ASN D 383 26.47 1.58 36.45
CA ASN D 383 27.55 2.36 35.91
C ASN D 383 28.82 1.50 35.89
N PRO D 384 29.24 1.07 34.68
CA PRO D 384 30.37 0.17 34.55
C PRO D 384 31.65 0.84 35.04
N TYR D 385 31.77 2.16 34.87
CA TYR D 385 32.96 2.85 35.38
C TYR D 385 33.07 2.60 36.87
N LEU D 386 31.97 2.82 37.57
CA LEU D 386 31.96 2.68 39.03
C LEU D 386 31.98 1.23 39.43
N ALA D 387 31.32 0.37 38.63
CA ALA D 387 31.19 -1.05 39.01
C ALA D 387 32.57 -1.69 38.93
N PHE D 388 33.24 -1.50 37.80
CA PHE D 388 34.54 -2.10 37.59
C PHE D 388 35.48 -1.59 38.64
N SER D 389 35.46 -0.28 38.84
CA SER D 389 36.33 0.34 39.85
C SER D 389 36.09 -0.23 41.24
N ALA D 390 34.82 -0.28 41.66
CA ALA D 390 34.48 -0.84 42.97
C ALA D 390 34.96 -2.29 43.16
N MET D 391 34.79 -3.13 42.12
CA MET D 391 35.33 -4.52 42.16
C MET D 391 36.86 -4.56 42.35
N LEU D 392 37.56 -3.68 41.63
CA LEU D 392 38.99 -3.64 41.75
C LEU D 392 39.39 -3.25 43.16
N MET D 393 38.74 -2.22 43.70
CA MET D 393 39.03 -1.77 45.05
C MET D 393 38.80 -2.90 46.07
N ALA D 394 37.69 -3.63 45.92
CA ALA D 394 37.41 -4.75 46.82
C ALA D 394 38.48 -5.84 46.69
N GLY D 395 38.81 -6.15 45.43
CA GLY D 395 39.82 -7.13 45.12
C GLY D 395 41.17 -6.77 45.70
N LEU D 396 41.57 -5.51 45.53
CA LEU D 396 42.88 -5.03 46.02
C LEU D 396 42.98 -5.03 47.55
N ASP D 397 41.87 -4.68 48.21
CA ASP D 397 41.82 -4.71 49.67
C ASP D 397 41.99 -6.15 50.18
N GLY D 398 41.44 -7.10 49.43
CA GLY D 398 41.62 -8.51 49.70
C GLY D 398 43.09 -8.93 49.65
N ILE D 399 43.79 -8.49 48.62
CA ILE D 399 45.18 -8.83 48.43
C ILE D 399 46.01 -8.21 49.55
N LYS D 400 45.80 -6.91 49.74
CA LYS D 400 46.51 -6.14 50.75
C LYS D 400 46.35 -6.73 52.16
N ASN D 401 45.14 -7.17 52.49
CA ASN D 401 44.87 -7.74 53.79
C ASN D 401 44.93 -9.26 53.82
N LYS D 402 45.37 -9.87 52.72
CA LYS D 402 45.40 -11.34 52.57
C LYS D 402 44.10 -12.01 53.05
N ILE D 403 42.97 -11.51 52.57
CA ILE D 403 41.66 -12.02 53.02
C ILE D 403 41.39 -13.42 52.43
N GLU D 404 41.19 -14.40 53.29
CA GLU D 404 40.98 -15.76 52.82
C GLU D 404 39.51 -16.01 52.58
N PRO D 405 39.13 -16.38 51.34
CA PRO D 405 37.73 -16.68 51.09
C PRO D 405 37.36 -17.98 51.78
N GLN D 406 36.09 -18.14 52.15
CA GLN D 406 35.69 -19.41 52.75
C GLN D 406 35.76 -20.51 51.68
N ALA D 407 35.93 -21.75 52.12
CA ALA D 407 36.24 -22.84 51.20
C ALA D 407 35.24 -22.89 50.05
N PRO D 408 35.73 -23.19 48.84
CA PRO D 408 34.83 -23.36 47.70
C PRO D 408 33.81 -24.47 47.94
N VAL D 409 32.60 -24.29 47.43
CA VAL D 409 31.57 -25.33 47.54
C VAL D 409 31.23 -25.80 46.14
N ASP D 410 31.67 -27.00 45.79
CA ASP D 410 31.45 -27.55 44.44
C ASP D 410 30.13 -28.35 44.33
N LYS D 411 29.01 -27.64 44.45
CA LYS D 411 27.67 -28.24 44.49
C LYS D 411 26.61 -27.35 43.80
N ASP D 412 25.48 -27.92 43.37
CA ASP D 412 24.35 -27.05 42.99
C ASP D 412 23.88 -26.22 44.19
N LEU D 413 24.35 -24.99 44.29
CA LEU D 413 24.02 -24.16 45.46
C LEU D 413 22.52 -23.81 45.62
N TYR D 414 21.69 -24.05 44.60
CA TYR D 414 20.24 -23.88 44.75
C TYR D 414 19.59 -25.09 45.44
N GLU D 415 20.35 -26.17 45.64
CA GLU D 415 19.82 -27.46 46.12
C GLU D 415 20.46 -27.90 47.42
N LEU D 416 21.31 -27.06 47.99
CA LEU D 416 21.85 -27.34 49.31
C LEU D 416 20.74 -27.63 50.33
N PRO D 417 20.87 -28.73 51.09
CA PRO D 417 20.05 -28.97 52.28
C PRO D 417 20.06 -27.73 53.18
N PRO D 418 18.90 -27.38 53.78
CA PRO D 418 18.70 -26.14 54.54
C PRO D 418 19.78 -25.87 55.58
N GLU D 419 20.23 -26.94 56.21
CA GLU D 419 21.27 -26.87 57.21
C GLU D 419 22.58 -26.40 56.61
N GLU D 420 22.97 -26.98 55.47
CA GLU D 420 24.20 -26.59 54.79
C GLU D 420 24.11 -25.15 54.30
N ALA D 421 23.04 -24.85 53.56
CA ALA D 421 22.80 -23.50 53.05
C ALA D 421 22.95 -22.48 54.16
N ALA D 422 22.34 -22.77 55.31
CA ALA D 422 22.37 -21.90 56.48
C ALA D 422 23.76 -21.56 57.03
N SER D 423 24.79 -22.32 56.68
CA SER D 423 26.16 -21.96 57.06
C SER D 423 26.80 -20.84 56.19
N ILE D 424 26.22 -20.59 55.03
CA ILE D 424 26.86 -19.74 54.03
C ILE D 424 26.20 -18.38 53.96
N PRO D 425 27.00 -17.29 53.96
CA PRO D 425 26.44 -15.95 53.84
C PRO D 425 25.66 -15.81 52.53
N GLN D 426 24.43 -15.32 52.64
CA GLN D 426 23.56 -15.10 51.50
C GLN D 426 23.90 -13.76 50.82
N THR D 427 23.56 -13.66 49.55
CA THR D 427 23.53 -12.36 48.87
C THR D 427 22.46 -11.49 49.53
N PRO D 428 22.64 -10.15 49.50
CA PRO D 428 21.67 -9.23 50.06
C PRO D 428 20.29 -9.38 49.39
N THR D 429 19.24 -9.10 50.17
CA THR D 429 17.85 -9.29 49.74
C THR D 429 17.35 -8.15 48.89
N GLN D 430 17.79 -6.93 49.19
CA GLN D 430 17.27 -5.72 48.55
C GLN D 430 18.27 -4.57 48.57
N LEU D 431 18.05 -3.61 47.67
CA LEU D 431 18.95 -2.47 47.48
C LEU D 431 19.20 -1.64 48.75
N SER D 432 18.15 -1.41 49.53
CA SER D 432 18.27 -0.61 50.75
C SER D 432 19.29 -1.20 51.72
N ASP D 433 19.38 -2.53 51.78
CA ASP D 433 20.37 -3.21 52.62
C ASP D 433 21.80 -2.88 52.21
N VAL D 434 22.09 -2.92 50.90
CA VAL D 434 23.46 -2.64 50.42
C VAL D 434 23.81 -1.15 50.54
N ILE D 435 22.82 -0.30 50.35
CA ILE D 435 23.02 1.13 50.51
C ILE D 435 23.31 1.45 51.99
N ASP D 436 22.53 0.85 52.88
CA ASP D 436 22.76 1.00 54.33
C ASP D 436 24.16 0.54 54.65
N ARG D 437 24.57 -0.60 54.07
CA ARG D 437 25.86 -1.19 54.35
C ARG D 437 27.01 -0.36 53.78
N LEU D 438 26.82 0.15 52.57
CA LEU D 438 27.79 1.03 51.94
C LEU D 438 28.03 2.27 52.80
N GLU D 439 26.93 2.80 53.33
CA GLU D 439 26.98 3.98 54.19
C GLU D 439 27.78 3.71 55.46
N ALA D 440 27.58 2.52 56.04
CA ALA D 440 28.23 2.12 57.28
C ALA D 440 29.69 1.82 57.08
N ASP D 441 30.04 1.14 55.98
CA ASP D 441 31.40 0.67 55.78
C ASP D 441 31.85 0.72 54.33
N HIS D 442 32.75 1.66 54.03
CA HIS D 442 33.17 1.92 52.64
C HIS D 442 34.62 2.35 52.54
N GLU D 443 35.42 2.15 53.60
CA GLU D 443 36.82 2.61 53.61
C GLU D 443 37.66 2.03 52.46
N TYR D 444 37.36 0.80 52.05
CA TYR D 444 38.13 0.15 50.99
C TYR D 444 37.99 0.90 49.67
N LEU D 445 36.90 1.64 49.53
CA LEU D 445 36.62 2.42 48.31
C LEU D 445 37.33 3.76 48.30
N THR D 446 37.49 4.34 49.48
CA THR D 446 38.15 5.63 49.65
C THR D 446 39.68 5.57 49.63
N GLU D 447 40.25 4.37 49.74
CA GLU D 447 41.73 4.17 49.60
C GLU D 447 42.27 4.89 48.38
N GLY D 448 43.36 5.64 48.58
CA GLY D 448 43.99 6.45 47.51
C GLY D 448 43.07 7.49 46.90
N GLY D 449 41.93 7.74 47.55
CA GLY D 449 40.93 8.71 47.06
C GLY D 449 40.26 8.35 45.75
N VAL D 450 40.26 7.06 45.41
CA VAL D 450 39.59 6.56 44.19
C VAL D 450 38.10 6.93 44.20
N PHE D 451 37.39 6.51 45.25
CA PHE D 451 36.06 7.05 45.54
C PHE D 451 36.27 8.08 46.63
N THR D 452 35.56 9.21 46.55
CA THR D 452 35.60 10.22 47.60
C THR D 452 34.30 10.20 48.39
N ASN D 453 34.29 10.79 49.59
CA ASN D 453 33.08 10.74 50.41
C ASN D 453 31.86 11.40 49.77
N ASP D 454 32.12 12.46 49.00
CA ASP D 454 31.05 13.17 48.32
C ASP D 454 30.40 12.31 47.22
N LEU D 455 31.19 11.50 46.53
CA LEU D 455 30.65 10.58 45.54
C LEU D 455 29.73 9.56 46.23
N ILE D 456 30.25 8.96 47.30
CA ILE D 456 29.55 7.93 48.04
C ILE D 456 28.25 8.44 48.66
N GLU D 457 28.32 9.62 49.28
CA GLU D 457 27.14 10.26 49.86
C GLU D 457 26.10 10.62 48.80
N THR D 458 26.53 11.15 47.65
CA THR D 458 25.62 11.45 46.54
C THR D 458 24.91 10.20 46.05
N TRP D 459 25.68 9.12 45.93
CA TRP D 459 25.18 7.84 45.44
C TRP D 459 24.11 7.32 46.39
N ILE D 460 24.45 7.28 47.69
CA ILE D 460 23.54 6.77 48.73
C ILE D 460 22.25 7.57 48.70
N SER D 461 22.42 8.89 48.70
CA SER D 461 21.31 9.84 48.67
C SER D 461 20.43 9.65 47.42
N PHE D 462 21.08 9.59 46.25
CA PHE D 462 20.35 9.45 44.99
C PHE D 462 19.49 8.20 44.95
N LYS D 463 20.08 7.06 45.33
CA LYS D 463 19.39 5.78 45.33
C LYS D 463 18.20 5.78 46.29
N ARG D 464 18.36 6.38 47.47
CA ARG D 464 17.30 6.37 48.47
C ARG D 464 16.11 7.19 48.00
N GLU D 465 16.39 8.43 47.56
CA GLU D 465 15.34 9.39 47.17
C GLU D 465 14.66 9.12 45.83
N ASN D 466 15.42 8.61 44.86
CA ASN D 466 14.92 8.40 43.49
C ASN D 466 14.51 6.98 43.12
N GLU D 467 14.93 5.98 43.92
CA GLU D 467 14.67 4.58 43.59
C GLU D 467 13.99 3.81 44.72
N ILE D 468 14.70 3.67 45.85
CA ILE D 468 14.22 2.90 47.00
C ILE D 468 12.86 3.41 47.48
N GLU D 469 12.81 4.68 47.88
CA GLU D 469 11.59 5.25 48.43
C GLU D 469 10.42 5.24 47.43
N PRO D 470 10.64 5.71 46.18
CA PRO D 470 9.55 5.68 45.18
C PRO D 470 8.93 4.32 44.94
N VAL D 471 9.73 3.26 45.02
CA VAL D 471 9.21 1.91 44.92
C VAL D 471 8.46 1.52 46.19
N ASN D 472 9.07 1.76 47.34
CA ASN D 472 8.45 1.43 48.64
C ASN D 472 7.06 1.97 48.86
N ILE D 473 6.80 3.18 48.39
CA ILE D 473 5.53 3.83 48.68
C ILE D 473 4.40 3.40 47.73
N ARG D 474 4.77 2.78 46.61
CA ARG D 474 3.77 2.38 45.62
C ARG D 474 3.35 0.95 45.85
N PRO D 475 2.03 0.70 46.06
CA PRO D 475 1.50 -0.65 46.16
C PRO D 475 1.89 -1.48 44.96
N HIS D 476 2.29 -2.70 45.21
CA HIS D 476 2.62 -3.72 44.20
C HIS D 476 1.31 -4.43 43.76
N PRO D 477 1.15 -4.71 42.46
CA PRO D 477 -0.04 -5.42 41.98
C PRO D 477 -0.27 -6.73 42.68
N TYR D 478 0.79 -7.42 43.08
CA TYR D 478 0.62 -8.71 43.75
C TYR D 478 0.00 -8.59 45.16
N GLU D 479 0.18 -7.41 45.79
CA GLU D 479 -0.52 -7.09 47.04
C GLU D 479 -2.03 -7.14 46.85
N PHE D 480 -2.50 -6.83 45.65
CA PHE D 480 -3.95 -6.89 45.39
C PHE D 480 -4.43 -8.32 45.27
N ALA D 481 -3.63 -9.15 44.59
CA ALA D 481 -3.83 -10.59 44.56
C ALA D 481 -3.91 -11.16 45.97
N LEU D 482 -3.00 -10.69 46.82
CA LEU D 482 -2.88 -11.19 48.18
C LEU D 482 -3.92 -10.62 49.14
N TYR D 483 -4.25 -9.35 49.01
CA TYR D 483 -4.93 -8.69 50.12
C TYR D 483 -6.24 -7.97 49.82
N TYR D 484 -6.68 -7.92 48.56
CA TYR D 484 -7.91 -7.18 48.27
C TYR D 484 -9.06 -7.61 49.18
N ASP D 485 -9.14 -8.90 49.49
CA ASP D 485 -10.27 -9.48 50.19
C ASP D 485 -10.03 -9.72 51.69
N VAL D 486 -9.02 -9.07 52.28
CA VAL D 486 -8.73 -9.24 53.71
C VAL D 486 -9.89 -8.86 54.65
N LYS E 12 26.79 44.25 1.73
CA LYS E 12 26.32 43.69 0.41
C LYS E 12 25.43 44.65 -0.38
N THR E 13 25.57 44.58 -1.70
CA THR E 13 24.95 45.54 -2.60
C THR E 13 23.76 44.93 -3.36
N PRO E 14 22.89 45.78 -3.95
CA PRO E 14 21.87 45.30 -4.87
C PRO E 14 22.41 44.37 -5.96
N ASP E 15 23.55 44.74 -6.54
CA ASP E 15 24.18 43.92 -7.58
C ASP E 15 24.66 42.56 -7.09
N ASP E 16 25.06 42.48 -5.82
CA ASP E 16 25.38 41.19 -5.19
C ASP E 16 24.16 40.25 -5.18
N VAL E 17 23.00 40.80 -4.81
CA VAL E 17 21.77 40.03 -4.76
C VAL E 17 21.33 39.54 -6.15
N PHE E 18 21.36 40.43 -7.15
CA PHE E 18 21.04 40.03 -8.52
C PHE E 18 21.93 38.91 -9.02
N LYS E 19 23.22 38.99 -8.71
CA LYS E 19 24.18 37.96 -9.10
C LYS E 19 23.82 36.63 -8.45
N LEU E 20 23.53 36.66 -7.15
CA LEU E 20 23.07 35.47 -6.43
C LEU E 20 21.82 34.84 -7.05
N ALA E 21 20.83 35.65 -7.36
CA ALA E 21 19.60 35.18 -7.98
C ALA E 21 19.87 34.52 -9.34
N LYS E 22 20.70 35.18 -10.16
CA LYS E 22 21.12 34.67 -11.46
C LYS E 22 21.90 33.37 -11.31
N ASP E 23 22.90 33.35 -10.45
CA ASP E 23 23.76 32.18 -10.23
C ASP E 23 22.99 30.97 -9.70
N GLU E 24 22.01 31.25 -8.85
CA GLU E 24 21.25 30.18 -8.20
C GLU E 24 20.04 29.74 -9.02
N LYS E 25 19.86 30.33 -10.20
CA LYS E 25 18.71 30.03 -11.07
C LYS E 25 17.38 30.16 -10.31
N VAL E 26 17.26 31.27 -9.59
CA VAL E 26 16.09 31.56 -8.79
C VAL E 26 14.82 31.76 -9.66
N GLU E 27 13.72 31.12 -9.29
CA GLU E 27 12.44 31.30 -9.99
C GLU E 27 11.54 32.36 -9.33
N TYR E 28 11.64 32.49 -8.01
CA TYR E 28 10.81 33.40 -7.26
C TYR E 28 11.60 34.11 -6.16
N VAL E 29 11.20 35.35 -5.88
CA VAL E 29 11.74 36.08 -4.76
C VAL E 29 10.63 36.27 -3.74
N ASP E 30 10.93 35.84 -2.53
CA ASP E 30 9.99 35.98 -1.42
C ASP E 30 10.33 37.26 -0.63
N VAL E 31 9.39 38.20 -0.67
CA VAL E 31 9.51 39.50 -0.05
C VAL E 31 9.00 39.38 1.38
N ARG E 32 9.89 39.60 2.35
CA ARG E 32 9.55 39.42 3.76
C ARG E 32 9.74 40.67 4.62
N PHE E 33 8.88 40.79 5.63
CA PHE E 33 9.00 41.83 6.65
C PHE E 33 8.30 41.34 7.92
N CYS E 34 8.48 42.09 8.99
CA CYS E 34 8.02 41.67 10.30
C CYS E 34 6.83 42.49 10.77
N ASP E 35 5.78 41.82 11.25
CA ASP E 35 4.67 42.56 11.88
C ASP E 35 5.03 43.00 13.31
N LEU E 36 4.17 43.82 13.90
CA LEU E 36 4.50 44.30 15.23
C LEU E 36 4.70 43.18 16.28
N PRO E 37 3.73 42.24 16.41
CA PRO E 37 3.88 41.18 17.44
C PRO E 37 5.14 40.30 17.28
N GLY E 38 5.56 40.02 16.04
CA GLY E 38 6.83 39.34 15.82
C GLY E 38 6.80 38.20 14.81
N ILE E 39 5.74 38.12 14.01
CA ILE E 39 5.62 37.11 12.98
C ILE E 39 6.02 37.69 11.63
N MET E 40 6.95 37.01 10.98
CA MET E 40 7.32 37.37 9.61
C MET E 40 6.15 37.22 8.61
N GLN E 41 6.04 38.21 7.74
CA GLN E 41 5.02 38.25 6.67
C GLN E 41 5.73 38.09 5.36
N HIS E 42 5.01 37.60 4.34
CA HIS E 42 5.61 37.47 3.02
C HIS E 42 4.62 37.51 1.83
N PHE E 43 5.13 37.94 0.69
CA PHE E 43 4.50 37.64 -0.58
C PHE E 43 5.59 37.32 -1.58
N THR E 44 5.18 36.69 -2.69
CA THR E 44 6.10 36.20 -3.69
C THR E 44 6.00 36.98 -5.02
N ILE E 45 7.17 37.33 -5.57
CA ILE E 45 7.22 37.89 -6.91
C ILE E 45 8.06 36.97 -7.79
N PRO E 46 7.75 36.90 -9.10
CA PRO E 46 8.62 36.11 -9.98
C PRO E 46 10.03 36.72 -10.15
N ALA E 47 10.98 35.90 -10.56
CA ALA E 47 12.35 36.36 -10.83
C ALA E 47 12.35 37.48 -11.84
N SER E 48 11.53 37.34 -12.88
CA SER E 48 11.38 38.36 -13.91
C SER E 48 10.99 39.74 -13.37
N ALA E 49 10.27 39.80 -12.25
CA ALA E 49 9.90 41.08 -11.61
C ALA E 49 10.92 41.59 -10.59
N PHE E 50 12.00 40.85 -10.38
CA PHE E 50 13.00 41.27 -9.43
C PHE E 50 14.12 42.07 -10.12
N ASP E 51 14.01 43.40 -10.10
CA ASP E 51 14.92 44.30 -10.86
C ASP E 51 15.29 45.52 -10.03
N LYS E 52 16.04 46.46 -10.63
CA LYS E 52 16.42 47.71 -9.95
C LYS E 52 15.25 48.47 -9.37
N SER E 53 14.13 48.43 -10.09
CA SER E 53 12.91 49.09 -9.69
C SER E 53 12.50 48.72 -8.25
N VAL E 54 12.75 47.48 -7.86
CA VAL E 54 12.44 46.98 -6.53
C VAL E 54 13.27 47.73 -5.48
N PHE E 55 14.52 48.06 -5.83
CA PHE E 55 15.41 48.78 -4.92
C PHE E 55 15.14 50.27 -4.92
N ASP E 56 14.75 50.82 -6.07
CA ASP E 56 14.53 52.26 -6.24
C ASP E 56 13.12 52.69 -5.81
N ASP E 57 12.10 51.94 -6.23
CA ASP E 57 10.72 52.31 -5.96
C ASP E 57 10.13 51.56 -4.79
N GLY E 58 10.59 50.32 -4.60
CA GLY E 58 10.02 49.47 -3.57
C GLY E 58 8.73 48.81 -4.00
N LEU E 59 8.08 48.14 -3.06
CA LEU E 59 6.88 47.37 -3.35
C LEU E 59 5.82 47.68 -2.31
N ALA E 60 4.56 47.61 -2.75
CA ALA E 60 3.41 47.97 -1.94
C ALA E 60 2.78 46.77 -1.23
N PHE E 61 2.12 47.03 -0.11
CA PHE E 61 1.31 46.05 0.56
C PHE E 61 0.24 46.75 1.38
N ASP E 62 -0.72 45.95 1.86
CA ASP E 62 -1.85 46.42 2.68
C ASP E 62 -1.49 46.48 4.16
N GLY E 63 -1.10 47.68 4.60
CA GLY E 63 -0.73 47.92 5.98
C GLY E 63 -1.88 47.76 6.96
N SER E 64 -3.11 47.71 6.47
CA SER E 64 -4.25 47.53 7.37
C SER E 64 -4.54 46.07 7.73
N SER E 65 -3.97 45.12 6.98
CA SER E 65 -4.09 43.70 7.32
C SER E 65 -2.92 43.19 8.19
N ILE E 66 -1.98 44.07 8.51
CA ILE E 66 -0.83 43.70 9.33
C ILE E 66 -1.00 44.23 10.76
N ARG E 67 -0.75 43.38 11.74
CA ARG E 67 -1.00 43.74 13.14
C ARG E 67 -0.05 44.82 13.66
N GLY E 68 -0.66 45.83 14.25
CA GLY E 68 0.04 46.99 14.79
C GLY E 68 0.52 47.97 13.74
N PHE E 69 0.01 47.82 12.53
CA PHE E 69 0.39 48.71 11.45
C PHE E 69 -0.63 49.86 11.24
N GLN E 70 -1.33 49.84 10.10
CA GLN E 70 -2.14 50.97 9.67
C GLN E 70 -3.62 50.70 9.83
N SER E 71 -4.42 51.75 9.81
CA SER E 71 -5.87 51.62 9.73
C SER E 71 -6.27 51.46 8.25
N ILE E 72 -7.51 51.08 8.02
CA ILE E 72 -7.95 50.73 6.68
C ILE E 72 -7.91 51.91 5.69
N HIS E 73 -8.20 53.12 6.17
CA HIS E 73 -8.28 54.28 5.30
C HIS E 73 -6.89 54.86 4.99
N GLU E 74 -5.88 54.41 5.74
CA GLU E 74 -4.49 54.78 5.46
C GLU E 74 -3.65 53.55 5.14
N SER E 75 -4.24 52.63 4.37
CA SER E 75 -3.70 51.26 4.26
C SER E 75 -2.35 51.14 3.57
N ASP E 76 -2.20 51.76 2.40
CA ASP E 76 -1.02 51.53 1.56
C ASP E 76 0.27 51.82 2.31
N MET E 77 1.16 50.83 2.30
CA MET E 77 2.51 51.00 2.82
C MET E 77 3.53 50.50 1.80
N LEU E 78 4.79 50.86 2.03
CA LEU E 78 5.85 50.57 1.09
C LEU E 78 6.96 49.76 1.74
N LEU E 79 7.59 48.89 0.95
CA LEU E 79 8.75 48.09 1.38
C LEU E 79 9.98 48.33 0.53
N LEU E 80 11.14 48.46 1.19
CA LEU E 80 12.44 48.60 0.52
C LEU E 80 13.41 47.52 1.02
N PRO E 81 14.09 46.83 0.08
CA PRO E 81 14.85 45.62 0.42
C PRO E 81 16.10 45.86 1.28
N ASP E 82 16.49 44.84 2.03
CA ASP E 82 17.75 44.87 2.76
C ASP E 82 18.65 43.76 2.21
N PRO E 83 19.56 44.12 1.27
CA PRO E 83 20.42 43.19 0.55
C PRO E 83 21.25 42.25 1.45
N GLU E 84 21.51 42.70 2.69
CA GLU E 84 22.21 41.88 3.70
C GLU E 84 21.46 40.59 4.07
N THR E 85 20.15 40.56 3.84
CA THR E 85 19.34 39.46 4.33
C THR E 85 19.01 38.37 3.31
N ALA E 86 19.53 38.51 2.09
CA ALA E 86 19.18 37.59 1.00
C ALA E 86 19.73 36.18 1.26
N ARG E 87 18.83 35.20 1.32
CA ARG E 87 19.20 33.80 1.50
C ARG E 87 18.35 32.95 0.57
N ILE E 88 18.90 31.84 0.09
CA ILE E 88 18.09 30.86 -0.64
C ILE E 88 17.17 30.11 0.35
N ASP E 89 15.91 29.96 -0.02
CA ASP E 89 14.98 29.17 0.78
C ASP E 89 15.30 27.66 0.67
N PRO E 90 15.46 26.97 1.82
CA PRO E 90 15.77 25.54 1.77
C PRO E 90 14.57 24.62 1.53
N PHE E 91 13.37 25.18 1.47
CA PHE E 91 12.17 24.33 1.45
C PHE E 91 11.41 24.30 0.13
N ARG E 92 11.29 25.45 -0.54
CA ARG E 92 10.42 25.53 -1.70
C ARG E 92 10.98 24.81 -2.91
N ALA E 93 10.17 23.94 -3.50
CA ALA E 93 10.54 23.16 -4.68
C ALA E 93 10.92 24.04 -5.85
N ALA E 94 10.23 25.15 -6.03
CA ALA E 94 10.64 26.19 -6.98
C ALA E 94 11.72 27.04 -6.32
N LYS E 95 12.91 27.07 -6.91
CA LYS E 95 14.05 27.76 -6.30
C LYS E 95 13.67 29.21 -5.94
N THR E 96 13.81 29.54 -4.66
CA THR E 96 13.34 30.82 -4.15
C THR E 96 14.39 31.55 -3.35
N LEU E 97 14.49 32.85 -3.58
CA LEU E 97 15.35 33.71 -2.81
C LEU E 97 14.53 34.52 -1.82
N ASN E 98 14.85 34.40 -0.53
CA ASN E 98 14.21 35.19 0.53
C ASN E 98 14.95 36.48 0.82
N ILE E 99 14.23 37.59 0.87
CA ILE E 99 14.83 38.87 1.26
C ILE E 99 13.95 39.61 2.27
N ASN E 100 14.57 40.13 3.35
CA ASN E 100 13.84 40.98 4.30
C ASN E 100 13.79 42.43 3.83
N PHE E 101 12.68 43.11 4.14
CA PHE E 101 12.47 44.49 3.72
C PHE E 101 12.22 45.39 4.93
N PHE E 102 12.45 46.70 4.73
CA PHE E 102 12.10 47.71 5.73
C PHE E 102 10.78 48.32 5.27
N VAL E 103 9.93 48.65 6.22
CA VAL E 103 8.65 49.30 5.93
C VAL E 103 8.86 50.81 5.91
N HIS E 104 8.35 51.44 4.86
CA HIS E 104 8.46 52.89 4.67
C HIS E 104 7.10 53.52 4.38
N ASP E 105 6.96 54.79 4.79
CA ASP E 105 5.81 55.62 4.40
C ASP E 105 5.77 55.79 2.88
N PRO E 106 4.60 55.54 2.27
CA PRO E 106 4.48 55.60 0.81
C PRO E 106 4.53 57.02 0.23
N PHE E 107 4.35 58.04 1.08
CA PHE E 107 4.42 59.44 0.63
C PHE E 107 5.81 60.05 0.82
N THR E 108 6.31 60.03 2.04
CA THR E 108 7.55 60.70 2.38
C THR E 108 8.75 59.80 2.15
N LEU E 109 8.49 58.50 2.03
CA LEU E 109 9.55 57.47 1.95
C LEU E 109 10.41 57.37 3.23
N GLU E 110 9.96 58.00 4.31
CA GLU E 110 10.59 57.88 5.60
C GLU E 110 10.39 56.46 6.18
N PRO E 111 11.39 55.94 6.94
CA PRO E 111 11.20 54.68 7.69
C PRO E 111 9.96 54.72 8.60
N TYR E 112 9.24 53.60 8.67
CA TYR E 112 8.03 53.49 9.47
C TYR E 112 8.33 53.41 10.96
N SER E 113 7.63 54.20 11.76
CA SER E 113 7.84 54.23 13.22
C SER E 113 7.47 52.92 13.91
N ARG E 114 6.63 52.10 13.25
CA ARG E 114 6.24 50.83 13.80
C ARG E 114 6.74 49.60 12.99
N ASP E 115 7.82 49.80 12.22
CA ASP E 115 8.54 48.69 11.61
C ASP E 115 9.56 48.20 12.62
N PRO E 116 9.42 46.92 13.07
CA PRO E 116 10.33 46.34 14.08
C PRO E 116 11.79 46.39 13.65
N ARG E 117 12.04 46.19 12.35
CA ARG E 117 13.38 46.24 11.82
C ARG E 117 13.98 47.63 11.86
N ASN E 118 13.13 48.65 11.71
CA ASN E 118 13.57 50.02 11.86
C ASN E 118 13.96 50.32 13.30
N ILE E 119 13.22 49.78 14.26
CA ILE E 119 13.55 49.95 15.69
C ILE E 119 14.96 49.45 15.98
N ALA E 120 15.29 48.28 15.43
CA ALA E 120 16.63 47.70 15.64
C ALA E 120 17.70 48.60 15.00
N ARG E 121 17.38 49.11 13.81
CA ARG E 121 18.24 50.05 13.08
C ARG E 121 18.53 51.26 13.98
N LYS E 122 17.48 51.89 14.47
CA LYS E 122 17.59 53.06 15.34
C LYS E 122 18.38 52.74 16.61
N ALA E 123 18.12 51.57 17.20
CA ALA E 123 18.83 51.16 18.40
C ALA E 123 20.35 51.13 18.16
N GLU E 124 20.78 50.57 17.02
CA GLU E 124 22.23 50.46 16.75
C GLU E 124 22.87 51.84 16.58
N ASN E 125 22.15 52.73 15.92
CA ASN E 125 22.59 54.12 15.74
C ASN E 125 22.65 54.88 17.04
N TYR E 126 21.63 54.73 17.88
CA TYR E 126 21.62 55.39 19.17
C TYR E 126 22.84 54.99 20.00
N LEU E 127 23.13 53.68 20.05
CA LEU E 127 24.30 53.18 20.77
C LEU E 127 25.56 53.95 20.34
N ILE E 128 25.78 54.05 19.02
CA ILE E 128 26.97 54.75 18.47
C ILE E 128 26.97 56.19 18.94
N SER E 129 25.81 56.85 18.86
CA SER E 129 25.65 58.24 19.25
C SER E 129 25.91 58.52 20.75
N THR E 130 25.76 57.52 21.62
CA THR E 130 26.08 57.73 23.05
C THR E 130 27.59 57.78 23.34
N GLY E 131 28.40 57.22 22.45
CA GLY E 131 29.84 57.11 22.70
C GLY E 131 30.24 55.99 23.66
N ILE E 132 29.25 55.34 24.27
CA ILE E 132 29.47 54.24 25.22
C ILE E 132 30.14 53.04 24.54
N ALA E 133 29.69 52.72 23.34
CA ALA E 133 30.23 51.59 22.55
C ALA E 133 29.77 51.81 21.12
N ASP E 134 30.27 50.99 20.20
CA ASP E 134 29.78 51.07 18.82
C ASP E 134 29.08 49.80 18.33
N THR E 135 29.15 48.73 19.11
CA THR E 135 28.52 47.48 18.74
C THR E 135 27.94 46.75 19.96
N ALA E 136 26.70 46.31 19.84
CA ALA E 136 26.05 45.44 20.83
C ALA E 136 25.90 44.03 20.27
N TYR E 137 26.62 43.07 20.86
CA TYR E 137 26.55 41.65 20.44
C TYR E 137 25.49 40.85 21.20
N PHE E 138 24.63 40.15 20.45
CA PHE E 138 23.58 39.31 21.01
C PHE E 138 23.76 37.86 20.59
N GLY E 139 23.89 36.99 21.59
CA GLY E 139 23.91 35.56 21.40
C GLY E 139 22.62 35.03 21.99
N ALA E 140 21.82 34.35 21.19
CA ALA E 140 20.53 33.90 21.67
C ALA E 140 20.40 32.38 21.70
N GLU E 141 19.59 31.89 22.65
CA GLU E 141 19.27 30.47 22.72
C GLU E 141 17.77 30.34 22.68
N ALA E 142 17.22 30.09 21.49
CA ALA E 142 15.78 29.90 21.34
C ALA E 142 15.46 28.42 21.44
N GLU E 143 15.02 28.02 22.63
CA GLU E 143 14.59 26.65 22.86
C GLU E 143 13.22 26.45 22.21
N PHE E 144 12.87 25.19 21.93
CA PHE E 144 11.58 24.86 21.29
C PHE E 144 11.20 23.39 21.54
N TYR E 145 9.93 23.06 21.31
CA TYR E 145 9.45 21.70 21.45
C TYR E 145 9.12 21.10 20.08
N ILE E 146 9.57 19.87 19.85
CA ILE E 146 9.20 19.15 18.65
C ILE E 146 8.02 18.24 18.98
N PHE E 147 6.79 18.72 18.74
CA PHE E 147 5.61 17.91 19.04
C PHE E 147 5.18 17.09 17.81
N ASP E 148 4.29 16.12 18.02
CA ASP E 148 3.67 15.35 16.94
C ASP E 148 2.31 15.94 16.53
N SER E 149 1.60 16.53 17.50
CA SER E 149 0.31 17.10 17.23
C SER E 149 -0.15 18.15 18.25
N VAL E 150 -1.11 18.95 17.83
CA VAL E 150 -1.76 19.90 18.72
C VAL E 150 -3.19 20.13 18.24
N SER E 151 -4.10 20.29 19.19
CA SER E 151 -5.43 20.79 18.92
C SER E 151 -5.95 21.54 20.13
N PHE E 152 -6.95 22.38 19.90
CA PHE E 152 -7.50 23.29 20.91
C PHE E 152 -8.72 23.97 20.35
N ASP E 153 -9.62 24.36 21.25
CA ASP E 153 -10.78 25.16 20.88
C ASP E 153 -11.36 25.94 22.06
N SER E 154 -12.35 26.77 21.80
CA SER E 154 -12.93 27.63 22.81
C SER E 154 -14.36 27.89 22.38
N ARG E 155 -15.31 27.36 23.15
CA ARG E 155 -16.73 27.43 22.85
C ARG E 155 -17.49 27.96 24.09
N ALA E 156 -18.80 28.15 23.97
CA ALA E 156 -19.63 28.65 25.06
C ALA E 156 -19.62 27.71 26.28
N ASN E 157 -19.68 26.40 26.02
CA ASN E 157 -19.87 25.38 27.07
C ASN E 157 -18.63 24.54 27.31
N GLY E 158 -17.48 24.94 26.74
CA GLY E 158 -16.26 24.18 26.99
C GLY E 158 -15.07 24.66 26.20
N SER E 159 -13.90 24.17 26.58
CA SER E 159 -12.62 24.59 25.98
C SER E 159 -11.53 23.57 26.31
N PHE E 160 -10.55 23.40 25.41
CA PHE E 160 -9.48 22.46 25.64
C PHE E 160 -8.22 22.80 24.86
N TYR E 161 -7.11 22.18 25.27
CA TYR E 161 -5.96 22.01 24.40
C TYR E 161 -5.33 20.64 24.66
N GLU E 162 -4.60 20.15 23.66
CA GLU E 162 -3.78 18.98 23.85
C GLU E 162 -2.58 19.06 22.92
N VAL E 163 -1.37 18.94 23.49
CA VAL E 163 -0.16 18.71 22.70
C VAL E 163 0.27 17.24 22.87
N ASP E 164 0.81 16.65 21.81
CA ASP E 164 1.27 15.30 21.92
C ASP E 164 2.60 15.08 21.21
N ALA E 165 3.34 14.11 21.73
CA ALA E 165 4.69 13.81 21.29
C ALA E 165 4.98 12.35 21.62
N ILE E 166 5.52 11.60 20.67
CA ILE E 166 5.86 10.18 20.91
C ILE E 166 6.71 9.95 22.17
N SER E 167 7.62 10.87 22.45
CA SER E 167 8.54 10.74 23.56
C SER E 167 8.01 11.34 24.88
N GLY E 168 6.79 11.85 24.88
CA GLY E 168 6.22 12.40 26.11
C GLY E 168 5.98 11.34 27.17
N TRP E 169 6.34 11.67 28.41
CA TRP E 169 6.24 10.72 29.50
C TRP E 169 4.78 10.26 29.74
N TRP E 170 3.82 11.14 29.44
CA TRP E 170 2.40 10.81 29.59
C TRP E 170 1.97 9.63 28.72
N ASN E 171 2.82 9.22 27.78
CA ASN E 171 2.49 8.09 26.88
C ASN E 171 3.16 6.75 27.22
N THR E 172 3.80 6.65 28.38
CA THR E 172 4.48 5.39 28.73
C THR E 172 3.53 4.22 28.85
N GLY E 173 2.27 4.50 29.17
CA GLY E 173 1.23 3.49 29.27
C GLY E 173 0.40 3.22 28.02
N ALA E 174 0.70 3.91 26.92
CA ALA E 174 -0.10 3.75 25.69
C ALA E 174 0.06 2.34 25.12
N ALA E 175 -1.06 1.71 24.78
CA ALA E 175 -1.04 0.39 24.19
C ALA E 175 -0.32 0.40 22.85
N THR E 176 -0.51 1.46 22.06
CA THR E 176 0.18 1.58 20.77
C THR E 176 0.51 3.05 20.50
N GLU E 177 1.38 3.29 19.52
CA GLU E 177 1.68 4.63 19.06
C GLU E 177 0.50 5.15 18.22
N ALA E 178 0.46 6.45 17.97
CA ALA E 178 -0.66 7.09 17.24
C ALA E 178 -0.98 6.41 15.92
N ASP E 179 0.05 5.94 15.22
CA ASP E 179 -0.11 5.24 13.95
C ASP E 179 -0.46 3.75 14.12
N GLY E 180 -0.62 3.27 15.35
CA GLY E 180 -0.98 1.87 15.59
C GLY E 180 0.21 0.93 15.84
N SER E 181 1.43 1.43 15.63
CA SER E 181 2.61 0.60 15.83
C SER E 181 2.93 0.44 17.34
N PRO E 182 3.76 -0.55 17.69
CA PRO E 182 3.92 -0.86 19.12
C PRO E 182 4.61 0.27 19.93
N ASN E 183 4.31 0.34 21.22
CA ASN E 183 4.97 1.22 22.16
C ASN E 183 6.32 0.57 22.50
N ARG E 184 7.41 1.24 22.19
CA ARG E 184 8.73 0.66 22.38
C ARG E 184 9.53 1.35 23.49
N GLY E 185 8.83 2.13 24.32
CA GLY E 185 9.42 2.74 25.50
C GLY E 185 10.50 3.75 25.16
N TYR E 186 11.49 3.90 26.04
CA TYR E 186 12.52 4.95 25.88
C TYR E 186 11.92 6.38 25.78
N LYS E 187 10.75 6.61 26.38
CA LYS E 187 10.18 7.95 26.40
C LYS E 187 10.96 8.79 27.42
N VAL E 188 10.82 10.10 27.35
CA VAL E 188 11.63 10.99 28.15
C VAL E 188 10.89 11.34 29.43
N ARG E 189 11.58 11.19 30.55
CA ARG E 189 11.03 11.55 31.87
C ARG E 189 10.90 13.08 32.00
N HIS E 190 9.86 13.56 32.68
CA HIS E 190 9.72 14.97 32.92
C HIS E 190 11.00 15.49 33.57
N LYS E 191 11.48 16.64 33.11
CA LYS E 191 12.76 17.21 33.53
C LYS E 191 13.98 16.30 33.25
N GLY E 192 13.83 15.29 32.38
CA GLY E 192 14.91 14.34 32.12
C GLY E 192 15.44 14.24 30.69
N GLY E 193 15.18 15.26 29.86
CA GLY E 193 15.54 15.23 28.43
C GLY E 193 16.95 15.73 28.17
N TYR E 194 17.57 16.30 29.19
CA TYR E 194 18.90 16.88 29.04
C TYR E 194 19.99 16.02 29.71
N PHE E 195 20.75 15.25 28.94
CA PHE E 195 20.48 14.91 27.52
C PHE E 195 21.01 13.49 27.19
N PRO E 196 20.23 12.46 27.58
CA PRO E 196 20.64 11.05 27.35
C PRO E 196 20.77 10.69 25.88
N VAL E 197 21.66 9.74 25.55
CA VAL E 197 21.85 9.29 24.16
C VAL E 197 20.63 8.55 23.62
N ALA E 198 20.59 8.42 22.30
CA ALA E 198 19.54 7.67 21.64
C ALA E 198 19.63 6.23 22.15
N PRO E 199 18.50 5.49 22.14
CA PRO E 199 17.19 5.84 21.60
C PRO E 199 16.31 6.67 22.56
N ASN E 200 16.83 6.98 23.74
CA ASN E 200 16.08 7.81 24.68
C ASN E 200 15.84 9.20 24.04
N ASP E 201 16.85 9.69 23.32
CA ASP E 201 16.74 10.86 22.50
C ASP E 201 16.23 10.42 21.14
N GLN E 202 14.97 10.75 20.86
CA GLN E 202 14.29 10.24 19.67
C GLN E 202 14.35 11.21 18.49
N TYR E 203 15.09 12.31 18.66
CA TYR E 203 15.04 13.38 17.68
C TYR E 203 16.41 13.71 17.06
N VAL E 204 17.36 12.78 17.18
CA VAL E 204 18.74 13.04 16.73
C VAL E 204 18.84 13.35 15.23
N ASP E 205 18.19 12.50 14.42
CA ASP E 205 18.23 12.67 12.99
C ASP E 205 17.51 13.95 12.57
N LEU E 206 16.37 14.24 13.21
CA LEU E 206 15.62 15.45 12.87
C LEU E 206 16.41 16.74 13.19
N ARG E 207 17.06 16.77 14.35
CA ARG E 207 17.85 17.93 14.74
C ARG E 207 19.08 18.07 13.82
N ASP E 208 19.63 16.95 13.36
CA ASP E 208 20.69 16.99 12.34
C ASP E 208 20.19 17.68 11.08
N LYS E 209 18.95 17.40 10.70
CA LYS E 209 18.33 18.01 9.50
C LYS E 209 18.13 19.53 9.70
N MET E 210 17.71 19.91 10.91
CA MET E 210 17.64 21.31 11.27
C MET E 210 19.05 21.94 11.20
N LEU E 211 20.05 21.27 11.77
CA LEU E 211 21.42 21.81 11.76
C LEU E 211 21.95 22.00 10.34
N THR E 212 21.70 21.02 9.47
CA THR E 212 22.11 21.08 8.07
C THR E 212 21.42 22.23 7.30
N ASN E 213 20.12 22.36 7.48
CA ASN E 213 19.37 23.46 6.86
C ASN E 213 19.87 24.83 7.31
N LEU E 214 20.17 24.98 8.60
CA LEU E 214 20.76 26.22 9.08
C LEU E 214 22.13 26.50 8.43
N ILE E 215 23.03 25.51 8.48
CA ILE E 215 24.34 25.61 7.83
C ILE E 215 24.20 26.04 6.36
N ASN E 216 23.34 25.34 5.62
CA ASN E 216 23.11 25.68 4.22
C ASN E 216 22.44 27.06 3.96
N SER E 217 21.95 27.73 5.02
CA SER E 217 21.44 29.12 4.89
C SER E 217 22.42 30.09 5.48
N GLY E 218 23.67 29.65 5.59
CA GLY E 218 24.74 30.53 6.00
C GLY E 218 24.84 30.79 7.48
N PHE E 219 24.13 30.03 8.33
CA PHE E 219 24.33 30.16 9.78
C PHE E 219 25.66 29.53 10.15
N ILE E 220 26.29 30.07 11.18
CA ILE E 220 27.48 29.46 11.73
C ILE E 220 27.08 28.79 13.03
N LEU E 221 27.17 27.46 13.00
CA LEU E 221 26.58 26.65 14.03
C LEU E 221 27.53 26.41 15.17
N GLU E 222 26.98 26.24 16.36
CA GLU E 222 27.79 25.92 17.52
C GLU E 222 27.43 24.64 18.23
N LYS E 223 26.14 24.45 18.48
CA LYS E 223 25.65 23.18 18.98
C LYS E 223 24.17 22.96 18.85
N GLY E 224 23.80 21.69 18.98
CA GLY E 224 22.40 21.29 19.03
C GLY E 224 22.28 20.19 20.06
N HIS E 225 21.16 20.19 20.78
CA HIS E 225 20.89 19.13 21.72
C HIS E 225 19.42 19.05 22.10
N HIS E 226 19.06 17.91 22.72
CA HIS E 226 17.75 17.74 23.34
C HIS E 226 17.79 18.62 24.59
N GLU E 227 16.67 19.23 24.95
CA GLU E 227 16.59 20.01 26.16
C GLU E 227 15.82 19.27 27.27
N VAL E 228 15.78 19.90 28.45
CA VAL E 228 15.29 19.28 29.65
C VAL E 228 13.88 18.66 29.48
N GLY E 229 12.98 19.36 28.78
CA GLY E 229 11.55 19.00 28.75
C GLY E 229 11.24 17.73 28.03
N SER E 230 10.35 16.91 28.61
CA SER E 230 9.86 15.69 27.96
C SER E 230 9.11 16.02 26.68
N GLY E 231 8.93 15.02 25.81
CA GLY E 231 8.14 15.27 24.59
C GLY E 231 8.82 16.18 23.58
N GLY E 232 10.15 16.13 23.51
CA GLY E 232 10.85 16.64 22.34
C GLY E 232 11.46 18.02 22.45
N GLN E 233 11.76 18.48 23.66
CA GLN E 233 12.31 19.82 23.78
C GLN E 233 13.71 19.82 23.15
N ALA E 234 14.05 20.92 22.49
CA ALA E 234 15.34 21.01 21.82
C ALA E 234 15.96 22.39 21.94
N GLU E 235 17.28 22.45 21.66
CA GLU E 235 17.99 23.70 21.54
C GLU E 235 19.05 23.59 20.45
N ILE E 236 19.13 24.62 19.62
CA ILE E 236 20.20 24.78 18.66
C ILE E 236 20.80 26.17 18.81
N ASN E 237 22.13 26.24 18.81
CA ASN E 237 22.85 27.47 18.96
C ASN E 237 23.62 27.82 17.70
N TYR E 238 23.52 29.08 17.30
CA TYR E 238 24.33 29.62 16.23
C TYR E 238 25.16 30.81 16.76
N GLN E 239 26.19 31.18 16.02
CA GLN E 239 27.10 32.27 16.42
C GLN E 239 26.41 33.62 16.65
N PHE E 240 26.83 34.29 17.72
CA PHE E 240 26.34 35.65 18.05
C PHE E 240 26.60 36.65 16.92
N ASN E 241 25.92 37.78 16.98
CA ASN E 241 26.12 38.86 16.00
C ASN E 241 25.63 40.19 16.55
N SER E 242 25.87 41.28 15.80
CA SER E 242 25.36 42.59 16.23
C SER E 242 23.84 42.60 16.19
N LEU E 243 23.25 43.49 16.98
CA LEU E 243 21.82 43.53 17.27
C LEU E 243 20.88 43.23 16.08
N LEU E 244 20.89 44.07 15.06
CA LEU E 244 20.00 43.88 13.94
C LEU E 244 20.20 42.55 13.26
N HIS E 245 21.45 42.23 12.92
CA HIS E 245 21.77 40.96 12.27
C HIS E 245 21.31 39.75 13.10
N ALA E 246 21.50 39.87 14.43
CA ALA E 246 21.06 38.85 15.36
C ALA E 246 19.53 38.65 15.36
N ALA E 247 18.77 39.75 15.31
CA ALA E 247 17.30 39.69 15.22
C ALA E 247 16.83 39.06 13.90
N ASP E 248 17.50 39.42 12.82
CA ASP E 248 17.23 38.80 11.53
C ASP E 248 17.54 37.32 11.57
N ASP E 249 18.71 36.98 12.09
CA ASP E 249 19.07 35.58 12.35
C ASP E 249 17.99 34.82 13.11
N MET E 250 17.45 35.42 14.18
CA MET E 250 16.46 34.75 15.01
C MET E 250 15.21 34.39 14.23
N GLN E 251 14.69 35.37 13.50
CA GLN E 251 13.49 35.17 12.71
C GLN E 251 13.70 34.07 11.70
N LEU E 252 14.85 34.09 11.01
CA LEU E 252 15.12 33.09 9.98
C LEU E 252 15.28 31.68 10.62
N TYR E 253 15.94 31.64 11.77
CA TYR E 253 16.08 30.42 12.53
C TYR E 253 14.72 29.80 12.86
N LYS E 254 13.76 30.62 13.28
CA LYS E 254 12.48 30.05 13.70
C LYS E 254 11.80 29.46 12.46
N TYR E 255 11.94 30.17 11.34
CA TYR E 255 11.34 29.74 10.09
C TYR E 255 11.94 28.39 9.69
N ILE E 256 13.26 28.29 9.74
CA ILE E 256 13.93 27.06 9.37
C ILE E 256 13.56 25.90 10.31
N ILE E 257 13.60 26.14 11.62
CA ILE E 257 13.25 25.11 12.58
C ILE E 257 11.82 24.62 12.35
N LYS E 258 10.88 25.57 12.26
CA LYS E 258 9.44 25.25 12.09
C LYS E 258 9.18 24.43 10.82
N ASN E 259 9.81 24.83 9.73
CA ASN E 259 9.56 24.18 8.47
C ASN E 259 10.35 22.90 8.25
N THR E 260 11.54 22.82 8.85
CA THR E 260 12.24 21.53 8.88
C THR E 260 11.33 20.51 9.58
N ALA E 261 10.78 20.88 10.73
CA ALA E 261 9.89 20.00 11.46
C ALA E 261 8.70 19.61 10.61
N TRP E 262 8.09 20.63 9.99
CA TRP E 262 6.86 20.44 9.25
C TRP E 262 7.04 19.42 8.15
N GLN E 263 8.12 19.57 7.36
CA GLN E 263 8.39 18.73 6.21
C GLN E 263 8.71 17.30 6.62
N ASN E 264 9.03 17.11 7.90
CA ASN E 264 9.32 15.80 8.43
C ASN E 264 8.23 15.25 9.35
N GLY E 265 6.98 15.65 9.12
CA GLY E 265 5.86 15.09 9.87
C GLY E 265 5.73 15.54 11.32
N LYS E 266 6.45 16.58 11.72
CA LYS E 266 6.34 17.06 13.10
C LYS E 266 5.75 18.45 13.13
N THR E 267 5.65 19.03 14.31
CA THR E 267 5.14 20.38 14.47
C THR E 267 5.84 21.02 15.66
N VAL E 268 6.44 22.19 15.44
CA VAL E 268 7.25 22.88 16.43
C VAL E 268 6.51 24.06 17.06
N THR E 269 6.67 24.26 18.36
CA THR E 269 6.21 25.48 19.01
C THR E 269 7.34 26.14 19.78
N PHE E 270 7.39 27.45 19.66
CA PHE E 270 8.34 28.23 20.45
C PHE E 270 7.64 28.88 21.65
N MET E 271 6.39 28.47 21.93
CA MET E 271 5.69 29.10 23.06
C MET E 271 6.42 28.87 24.39
N PRO E 272 6.36 29.85 25.30
CA PRO E 272 7.14 29.77 26.55
C PRO E 272 6.87 28.55 27.46
N LYS E 273 5.63 28.06 27.50
CA LYS E 273 5.23 27.01 28.44
C LYS E 273 4.07 26.18 27.91
N PRO E 274 4.32 25.30 26.94
CA PRO E 274 3.26 24.41 26.46
C PRO E 274 2.99 23.23 27.38
N LEU E 275 3.97 22.89 28.23
CA LEU E 275 3.81 21.77 29.16
C LEU E 275 3.77 22.26 30.60
N PHE E 276 2.79 21.76 31.35
CA PHE E 276 2.64 22.09 32.76
C PHE E 276 3.44 21.11 33.61
N GLY E 277 4.27 21.63 34.52
CA GLY E 277 5.12 20.75 35.35
C GLY E 277 6.35 20.21 34.64
N ASP E 278 6.72 20.81 33.51
CA ASP E 278 8.01 20.54 32.87
C ASP E 278 8.59 21.87 32.38
N ASN E 279 9.85 21.86 31.99
CA ASN E 279 10.54 23.09 31.60
C ASN E 279 9.81 23.86 30.51
N GLY E 280 9.78 25.18 30.68
CA GLY E 280 9.41 26.08 29.62
C GLY E 280 10.58 26.29 28.65
N SER E 281 10.30 27.05 27.59
CA SER E 281 11.27 27.34 26.56
C SER E 281 11.66 28.80 26.67
N GLY E 282 12.94 29.06 26.90
CA GLY E 282 13.41 30.44 27.02
C GLY E 282 14.10 30.91 25.75
N MET E 283 14.36 32.23 25.70
CA MET E 283 15.29 32.80 24.74
C MET E 283 16.35 33.58 25.50
N HIS E 284 17.28 32.85 26.12
CA HIS E 284 18.39 33.48 26.85
C HIS E 284 19.18 34.38 25.91
N CYS E 285 19.48 35.58 26.35
CA CYS E 285 20.26 36.52 25.54
C CYS E 285 21.60 36.85 26.21
N HIS E 286 22.66 36.34 25.61
CA HIS E 286 24.01 36.66 26.00
C HIS E 286 24.38 37.99 25.36
N GLN E 287 24.78 38.95 26.16
CA GLN E 287 24.98 40.30 25.67
C GLN E 287 26.37 40.85 26.04
N SER E 288 26.95 41.59 25.10
CA SER E 288 28.20 42.33 25.35
C SER E 288 28.29 43.61 24.52
N LEU E 289 29.06 44.57 25.02
CA LEU E 289 29.32 45.80 24.29
C LEU E 289 30.79 45.90 23.90
N TRP E 290 31.00 46.32 22.64
CA TRP E 290 32.32 46.50 22.09
C TRP E 290 32.51 47.91 21.50
N LYS E 291 33.73 48.44 21.62
CA LYS E 291 34.12 49.69 21.00
C LYS E 291 35.48 49.59 20.31
N ASP E 292 35.51 50.01 19.06
CA ASP E 292 36.72 49.98 18.21
C ASP E 292 37.36 48.59 18.21
N GLY E 293 36.53 47.55 18.11
CA GLY E 293 37.02 46.17 18.09
C GLY E 293 37.56 45.62 19.41
N ALA E 294 37.31 46.31 20.51
CA ALA E 294 37.73 45.82 21.81
C ALA E 294 36.54 45.62 22.76
N PRO E 295 36.59 44.55 23.59
CA PRO E 295 35.49 44.21 24.48
C PRO E 295 35.46 45.13 25.69
N LEU E 296 34.28 45.44 26.21
CA LEU E 296 34.14 46.37 27.35
C LEU E 296 33.63 45.71 28.64
N MET E 297 33.26 44.43 28.56
CA MET E 297 32.59 43.78 29.70
C MET E 297 33.53 43.28 30.82
N TYR E 298 34.82 43.15 30.52
CA TYR E 298 35.74 42.41 31.39
C TYR E 298 36.58 43.30 32.29
N ASP E 299 36.67 42.90 33.56
CA ASP E 299 37.58 43.50 34.53
C ASP E 299 37.94 42.41 35.52
N GLU E 300 39.19 41.99 35.47
CA GLU E 300 39.70 40.93 36.30
C GLU E 300 39.41 41.12 37.80
N THR E 301 39.21 42.37 38.23
CA THR E 301 39.03 42.64 39.67
C THR E 301 37.55 42.68 40.10
N GLY E 302 36.65 42.66 39.13
CA GLY E 302 35.23 42.69 39.43
C GLY E 302 34.64 41.33 39.78
N TYR E 303 33.59 41.30 40.58
CA TYR E 303 32.81 40.09 40.79
C TYR E 303 32.48 39.45 39.46
N ALA E 304 32.73 38.14 39.35
CA ALA E 304 32.53 37.38 38.09
C ALA E 304 33.25 37.99 36.87
N GLY E 305 34.38 38.65 37.11
CA GLY E 305 35.16 39.24 36.02
C GLY E 305 34.52 40.38 35.26
N LEU E 306 33.52 41.01 35.86
CA LEU E 306 32.73 42.06 35.20
C LEU E 306 33.28 43.47 35.42
N SER E 307 33.35 44.26 34.34
CA SER E 307 33.70 45.69 34.42
C SER E 307 32.57 46.54 35.01
N ASP E 308 32.87 47.81 35.25
CA ASP E 308 31.84 48.77 35.70
C ASP E 308 30.76 48.93 34.64
N THR E 309 31.17 49.03 33.37
CA THR E 309 30.20 49.14 32.25
C THR E 309 29.22 47.95 32.24
N ALA E 310 29.77 46.75 32.37
CA ALA E 310 28.99 45.52 32.47
C ALA E 310 28.04 45.53 33.66
N ARG E 311 28.58 45.83 34.84
CA ARG E 311 27.79 45.83 36.06
C ARG E 311 26.62 46.79 35.95
N HIS E 312 26.89 48.00 35.43
CA HIS E 312 25.85 49.00 35.23
C HIS E 312 24.82 48.60 34.18
N TYR E 313 25.23 47.86 33.16
CA TYR E 313 24.31 47.33 32.15
C TYR E 313 23.35 46.36 32.82
N ILE E 314 23.88 45.49 33.68
CA ILE E 314 23.06 44.57 34.45
C ILE E 314 22.13 45.37 35.37
N GLY E 315 22.68 46.42 35.97
CA GLY E 315 21.89 47.30 36.83
C GLY E 315 20.68 47.84 36.10
N GLY E 316 20.88 48.25 34.83
CA GLY E 316 19.80 48.73 33.97
C GLY E 316 18.74 47.66 33.71
N LEU E 317 19.19 46.48 33.29
CA LEU E 317 18.30 45.35 33.02
C LEU E 317 17.43 45.02 34.22
N LEU E 318 18.06 44.89 35.37
CA LEU E 318 17.33 44.48 36.57
C LEU E 318 16.41 45.58 37.07
N HIS E 319 16.89 46.83 36.95
CA HIS E 319 16.10 47.98 37.35
C HIS E 319 14.89 48.20 36.44
N HIS E 320 15.08 48.07 35.13
CA HIS E 320 13.97 48.30 34.21
C HIS E 320 13.05 47.11 33.96
N ALA E 321 13.44 45.94 34.49
CA ALA E 321 12.71 44.69 34.33
C ALA E 321 11.20 44.83 34.38
N PRO E 322 10.64 45.54 35.40
CA PRO E 322 9.17 45.59 35.54
C PRO E 322 8.45 46.13 34.29
N SER E 323 9.15 46.92 33.48
CA SER E 323 8.56 47.39 32.23
C SER E 323 9.19 46.72 31.02
N LEU E 324 10.49 46.43 31.11
CA LEU E 324 11.25 45.77 30.05
C LEU E 324 10.59 44.46 29.61
N LEU E 325 10.03 43.72 30.58
CA LEU E 325 9.48 42.41 30.25
C LEU E 325 8.26 42.50 29.31
N ALA E 326 7.69 43.69 29.17
CA ALA E 326 6.63 43.92 28.18
C ALA E 326 7.08 43.61 26.75
N PHE E 327 8.38 43.75 26.49
CA PHE E 327 8.96 43.37 25.21
C PHE E 327 9.75 42.05 25.25
N THR E 328 10.24 41.65 26.42
CA THR E 328 11.09 40.45 26.47
C THR E 328 10.27 39.19 26.78
N ASN E 329 9.14 39.40 27.47
CA ASN E 329 8.22 38.36 27.88
C ASN E 329 6.81 38.82 27.55
N PRO E 330 6.50 38.94 26.25
CA PRO E 330 5.35 39.76 25.85
C PRO E 330 3.98 39.06 25.78
N THR E 331 3.88 37.84 26.24
CA THR E 331 2.60 37.10 26.12
C THR E 331 2.04 36.67 27.48
N VAL E 332 0.77 36.26 27.51
CA VAL E 332 0.19 35.75 28.75
C VAL E 332 0.95 34.48 29.18
N ASN E 333 1.18 33.59 28.22
CA ASN E 333 1.87 32.34 28.46
C ASN E 333 3.29 32.55 29.02
N SER E 334 3.90 33.71 28.71
CA SER E 334 5.26 34.00 29.20
C SER E 334 5.32 33.81 30.72
N TYR E 335 4.25 34.23 31.40
CA TYR E 335 4.22 34.29 32.88
C TYR E 335 3.95 32.94 33.51
N LYS E 336 3.55 31.95 32.70
CA LYS E 336 3.49 30.55 33.14
C LYS E 336 4.88 29.90 33.25
N ARG E 337 5.87 30.52 32.59
CA ARG E 337 7.23 30.01 32.60
C ARG E 337 7.98 30.57 33.78
N LEU E 338 7.68 31.82 34.14
CA LEU E 338 8.36 32.48 35.26
C LEU E 338 7.87 31.97 36.63
N VAL E 339 8.09 30.68 36.88
CA VAL E 339 7.65 29.98 38.08
C VAL E 339 8.81 29.13 38.60
N PRO E 340 8.89 28.91 39.91
CA PRO E 340 10.15 28.27 40.37
C PRO E 340 10.29 26.80 40.00
N GLY E 341 11.55 26.36 39.84
CA GLY E 341 11.89 24.97 39.69
C GLY E 341 12.26 24.49 38.27
N TYR E 342 12.26 25.40 37.29
CA TYR E 342 12.45 25.00 35.87
C TYR E 342 13.60 25.74 35.14
N GLU E 343 14.59 26.20 35.89
CA GLU E 343 15.74 26.95 35.34
C GLU E 343 15.37 28.27 34.65
N ALA E 344 14.18 28.79 34.95
CA ALA E 344 13.78 30.14 34.56
C ALA E 344 13.76 31.07 35.80
N PRO E 345 13.88 32.40 35.60
CA PRO E 345 13.96 33.32 36.73
C PRO E 345 12.62 33.51 37.47
N ILE E 346 12.71 33.78 38.77
CA ILE E 346 11.56 34.15 39.57
C ILE E 346 11.79 35.43 40.36
N ASN E 347 12.99 36.00 40.25
CA ASN E 347 13.28 37.28 40.88
C ASN E 347 14.41 38.00 40.14
N LEU E 348 14.72 39.23 40.53
CA LEU E 348 15.63 40.07 39.76
C LEU E 348 17.02 40.14 40.40
N VAL E 349 17.76 39.04 40.30
CA VAL E 349 19.14 39.02 40.78
C VAL E 349 20.09 38.50 39.70
N TYR E 350 21.34 38.94 39.78
CA TYR E 350 22.40 38.37 38.95
C TYR E 350 23.33 37.53 39.81
N SER E 351 23.97 36.55 39.18
CA SER E 351 24.83 35.61 39.90
C SER E 351 25.61 34.77 38.89
N GLN E 352 26.90 34.55 39.16
CA GLN E 352 27.70 33.76 38.24
C GLN E 352 27.34 32.29 38.39
N ARG E 353 27.40 31.58 37.28
CA ARG E 353 27.20 30.13 37.23
C ARG E 353 25.76 29.70 37.59
N ASN E 354 24.87 30.67 37.80
CA ASN E 354 23.58 30.38 38.49
C ASN E 354 22.36 30.31 37.57
N ARG E 355 21.88 29.09 37.30
CA ARG E 355 20.77 28.88 36.35
C ARG E 355 19.39 29.15 36.95
N SER E 356 19.37 29.57 38.23
CA SER E 356 18.11 29.96 38.87
C SER E 356 17.98 31.50 38.90
N ALA E 357 19.00 32.20 38.40
CA ALA E 357 19.04 33.64 38.48
C ALA E 357 18.45 34.30 37.24
N CYS E 358 18.19 35.60 37.35
CA CYS E 358 17.64 36.36 36.24
C CYS E 358 18.72 36.71 35.22
N VAL E 359 19.88 37.09 35.74
CA VAL E 359 21.08 37.26 34.93
C VAL E 359 22.16 36.35 35.46
N ARG E 360 22.54 35.39 34.62
CA ARG E 360 23.67 34.50 34.89
C ARG E 360 24.94 35.06 34.22
N ILE E 361 26.08 34.93 34.90
CA ILE E 361 27.36 35.18 34.28
C ILE E 361 28.01 33.81 34.02
N PRO E 362 28.07 33.40 32.75
CA PRO E 362 28.67 32.10 32.42
C PRO E 362 30.17 32.07 32.74
N ILE E 363 30.67 30.90 33.13
CA ILE E 363 32.07 30.77 33.46
C ILE E 363 32.92 30.69 32.18
N THR E 364 33.70 31.73 31.93
CA THR E 364 34.42 31.84 30.66
C THR E 364 35.94 32.05 30.80
N GLY E 365 36.43 32.02 32.03
CA GLY E 365 37.85 32.22 32.30
C GLY E 365 38.33 33.64 32.10
N SER E 366 39.62 33.81 31.79
CA SER E 366 40.22 35.13 31.82
C SER E 366 40.22 35.84 30.45
N ASN E 367 39.75 35.15 29.41
CA ASN E 367 39.65 35.75 28.07
C ASN E 367 38.65 36.91 28.06
N PRO E 368 39.14 38.14 27.86
CA PRO E 368 38.25 39.31 27.93
C PRO E 368 37.19 39.30 26.84
N LYS E 369 37.48 38.72 25.68
CA LYS E 369 36.54 38.66 24.55
C LYS E 369 35.30 37.81 24.83
N ALA E 370 35.45 36.87 25.75
CA ALA E 370 34.38 35.92 26.06
C ALA E 370 33.46 36.37 27.20
N LYS E 371 33.84 37.44 27.91
CA LYS E 371 33.06 37.90 29.06
C LYS E 371 31.73 38.49 28.63
N ARG E 372 30.64 37.97 29.19
CA ARG E 372 29.32 38.51 28.91
C ARG E 372 28.30 38.18 30.02
N LEU E 373 27.13 38.81 29.93
CA LEU E 373 26.04 38.51 30.84
C LEU E 373 25.01 37.70 30.05
N GLU E 374 24.34 36.78 30.74
CA GLU E 374 23.22 36.05 30.16
C GLU E 374 21.92 36.45 30.83
N PHE E 375 21.12 37.21 30.09
CA PHE E 375 19.79 37.62 30.54
C PHE E 375 18.83 36.48 30.24
N ARG E 376 18.45 35.77 31.29
CA ARG E 376 17.67 34.51 31.21
C ARG E 376 16.16 34.72 31.13
N SER E 377 15.71 35.93 31.50
CA SER E 377 14.29 36.25 31.51
C SER E 377 13.54 36.11 30.16
N PRO E 378 14.09 36.64 29.04
CA PRO E 378 13.33 36.63 27.76
C PRO E 378 12.86 35.26 27.25
N ASP E 379 11.76 35.24 26.50
CA ASP E 379 11.35 34.06 25.74
C ASP E 379 11.14 34.38 24.23
N SER E 380 10.79 33.37 23.44
CA SER E 380 10.62 33.52 21.99
C SER E 380 9.19 33.91 21.57
N SER E 381 8.35 34.32 22.51
CA SER E 381 6.92 34.47 22.17
C SER E 381 6.58 35.84 21.55
N GLY E 382 7.60 36.65 21.29
CA GLY E 382 7.34 37.95 20.71
C GLY E 382 8.22 38.32 19.54
N ASN E 383 8.87 39.48 19.69
CA ASN E 383 9.57 40.18 18.60
C ASN E 383 11.01 40.46 18.96
N PRO E 384 11.93 39.69 18.36
CA PRO E 384 13.35 39.81 18.70
C PRO E 384 13.90 41.19 18.39
N TYR E 385 13.41 41.83 17.32
CA TYR E 385 13.85 43.19 16.97
C TYR E 385 13.56 44.11 18.14
N LEU E 386 12.32 44.05 18.65
CA LEU E 386 11.91 44.88 19.79
C LEU E 386 12.59 44.45 21.08
N ALA E 387 12.60 43.15 21.34
CA ALA E 387 13.18 42.56 22.54
C ALA E 387 14.65 42.95 22.68
N PHE E 388 15.44 42.67 21.66
CA PHE E 388 16.84 43.02 21.67
C PHE E 388 17.03 44.51 21.92
N SER E 389 16.28 45.33 21.18
CA SER E 389 16.38 46.78 21.27
C SER E 389 16.03 47.26 22.67
N ALA E 390 14.89 46.77 23.20
CA ALA E 390 14.48 47.13 24.55
C ALA E 390 15.55 46.79 25.59
N MET E 391 16.16 45.59 25.49
CA MET E 391 17.24 45.21 26.40
C MET E 391 18.41 46.19 26.32
N LEU E 392 18.78 46.56 25.10
CA LEU E 392 19.91 47.49 24.91
C LEU E 392 19.60 48.84 25.56
N MET E 393 18.38 49.35 25.34
CA MET E 393 17.95 50.63 25.92
C MET E 393 18.01 50.60 27.45
N ALA E 394 17.54 49.49 28.03
CA ALA E 394 17.59 49.32 29.48
C ALA E 394 19.04 49.29 29.95
N GLY E 395 19.87 48.53 29.22
CA GLY E 395 21.28 48.39 29.56
C GLY E 395 22.00 49.73 29.48
N LEU E 396 21.71 50.49 28.43
CA LEU E 396 22.38 51.79 28.20
C LEU E 396 21.97 52.85 29.22
N ASP E 397 20.70 52.85 29.60
CA ASP E 397 20.22 53.71 30.67
C ASP E 397 20.96 53.40 31.99
N GLY E 398 21.21 52.12 32.22
CA GLY E 398 21.96 51.67 33.39
C GLY E 398 23.37 52.26 33.41
N ILE E 399 24.03 52.23 32.25
CA ILE E 399 25.40 52.75 32.11
C ILE E 399 25.43 54.27 32.31
N LYS E 400 24.49 54.94 31.66
CA LYS E 400 24.39 56.38 31.67
C LYS E 400 24.14 56.88 33.08
N ASN E 401 23.24 56.20 33.80
CA ASN E 401 22.90 56.59 35.15
C ASN E 401 23.72 55.91 36.23
N LYS E 402 24.75 55.16 35.83
CA LYS E 402 25.55 54.31 36.74
C LYS E 402 24.70 53.55 37.76
N ILE E 403 23.67 52.85 37.28
CA ILE E 403 22.74 52.14 38.16
C ILE E 403 23.39 50.89 38.74
N GLU E 404 23.47 50.81 40.07
CA GLU E 404 24.15 49.71 40.72
C GLU E 404 23.14 48.61 40.98
N PRO E 405 23.39 47.41 40.43
CA PRO E 405 22.51 46.27 40.73
C PRO E 405 22.67 45.85 42.17
N GLN E 406 21.62 45.32 42.78
CA GLN E 406 21.75 44.83 44.15
C GLN E 406 22.72 43.63 44.16
N ALA E 407 23.35 43.39 45.31
CA ALA E 407 24.44 42.42 45.39
C ALA E 407 24.02 41.09 44.81
N PRO E 408 24.93 40.41 44.08
CA PRO E 408 24.66 39.07 43.59
C PRO E 408 24.32 38.07 44.72
N VAL E 409 23.42 37.14 44.43
CA VAL E 409 23.05 36.10 45.40
C VAL E 409 23.42 34.75 44.81
N ASP E 410 24.50 34.17 45.35
CA ASP E 410 25.06 32.90 44.85
C ASP E 410 24.42 31.69 45.55
N LYS E 411 23.11 31.50 45.30
CA LYS E 411 22.28 30.46 45.94
C LYS E 411 21.24 29.90 44.96
N ASP E 412 20.73 28.71 45.26
CA ASP E 412 19.54 28.22 44.58
C ASP E 412 18.40 29.11 45.02
N LEU E 413 17.97 29.99 44.11
CA LEU E 413 16.93 30.95 44.44
C LEU E 413 15.49 30.36 44.50
N TYR E 414 15.31 29.12 44.05
CA TYR E 414 14.03 28.43 44.21
C TYR E 414 13.85 27.92 45.63
N GLU E 415 14.95 27.65 46.32
CA GLU E 415 14.88 27.01 47.63
C GLU E 415 14.95 28.00 48.79
N LEU E 416 14.84 29.28 48.48
CA LEU E 416 15.03 30.28 49.54
C LEU E 416 13.85 30.24 50.51
N PRO E 417 14.14 30.23 51.82
CA PRO E 417 13.04 30.34 52.76
C PRO E 417 12.24 31.63 52.48
N PRO E 418 10.88 31.56 52.60
CA PRO E 418 9.96 32.68 52.34
C PRO E 418 10.36 34.08 52.85
N GLU E 419 11.07 34.16 53.98
CA GLU E 419 11.45 35.46 54.56
C GLU E 419 12.61 36.09 53.80
N GLU E 420 13.60 35.27 53.43
CA GLU E 420 14.75 35.78 52.65
C GLU E 420 14.31 36.12 51.21
N ALA E 421 13.39 35.31 50.67
CA ALA E 421 12.86 35.47 49.31
C ALA E 421 12.08 36.76 49.12
N ALA E 422 11.46 37.24 50.19
CA ALA E 422 10.70 38.49 50.12
C ALA E 422 11.62 39.71 50.00
N SER E 423 12.81 39.63 50.59
CA SER E 423 13.78 40.75 50.56
C SER E 423 14.53 40.88 49.23
N ILE E 424 13.96 40.29 48.17
CA ILE E 424 14.44 40.46 46.80
C ILE E 424 13.23 40.72 45.89
N PRO E 425 13.33 41.71 44.95
CA PRO E 425 12.23 41.99 44.02
C PRO E 425 11.95 40.77 43.15
N GLN E 426 10.67 40.38 43.08
CA GLN E 426 10.22 39.24 42.31
C GLN E 426 10.05 39.67 40.87
N THR E 427 10.10 38.70 39.95
CA THR E 427 9.68 38.91 38.57
C THR E 427 8.19 39.18 38.62
N PRO E 428 7.65 39.92 37.62
CA PRO E 428 6.22 40.19 37.54
C PRO E 428 5.40 38.92 37.38
N THR E 429 4.18 38.93 37.92
CA THR E 429 3.29 37.77 37.98
C THR E 429 2.58 37.50 36.67
N GLN E 430 2.22 38.57 35.96
CA GLN E 430 1.35 38.46 34.77
C GLN E 430 1.55 39.63 33.80
N LEU E 431 1.13 39.43 32.55
CA LEU E 431 1.38 40.36 31.47
C LEU E 431 0.79 41.75 31.75
N SER E 432 -0.42 41.77 32.31
CA SER E 432 -1.12 43.02 32.54
C SER E 432 -0.31 43.92 33.47
N ASP E 433 0.46 43.30 34.37
CA ASP E 433 1.31 44.07 35.26
C ASP E 433 2.39 44.79 34.49
N VAL E 434 3.04 44.10 33.56
CA VAL E 434 4.17 44.70 32.84
C VAL E 434 3.72 45.76 31.82
N ILE E 435 2.54 45.52 31.23
CA ILE E 435 1.92 46.47 30.33
C ILE E 435 1.54 47.76 31.10
N ASP E 436 0.89 47.60 32.26
CA ASP E 436 0.56 48.75 33.12
C ASP E 436 1.81 49.53 33.46
N ARG E 437 2.87 48.80 33.81
CA ARG E 437 4.13 49.43 34.18
C ARG E 437 4.82 50.14 33.01
N LEU E 438 4.77 49.51 31.82
CA LEU E 438 5.35 50.09 30.61
C LEU E 438 4.66 51.41 30.31
N GLU E 439 3.33 51.37 30.41
CA GLU E 439 2.50 52.55 30.22
C GLU E 439 2.85 53.68 31.17
N ALA E 440 3.10 53.33 32.43
CA ALA E 440 3.44 54.32 33.44
C ALA E 440 4.85 54.88 33.25
N ASP E 441 5.81 54.01 32.90
CA ASP E 441 7.20 54.43 32.87
C ASP E 441 8.01 53.78 31.75
N HIS E 442 8.34 54.57 30.75
CA HIS E 442 9.00 54.06 29.53
C HIS E 442 9.98 55.04 28.90
N GLU E 443 10.40 56.05 29.66
CA GLU E 443 11.28 57.10 29.13
C GLU E 443 12.62 56.57 28.60
N TYR E 444 13.17 55.53 29.24
CA TYR E 444 14.42 54.92 28.82
C TYR E 444 14.34 54.33 27.38
N LEU E 445 13.13 53.98 26.96
CA LEU E 445 12.92 53.41 25.64
C LEU E 445 12.78 54.48 24.57
N THR E 446 12.27 55.65 24.97
CA THR E 446 12.08 56.78 24.03
C THR E 446 13.34 57.61 23.81
N GLU E 447 14.40 57.36 24.59
CA GLU E 447 15.69 58.04 24.41
C GLU E 447 16.14 57.93 22.95
N GLY E 448 16.57 59.05 22.38
CA GLY E 448 17.04 59.08 20.99
C GLY E 448 15.97 58.76 19.95
N GLY E 449 14.72 58.63 20.40
CA GLY E 449 13.62 58.26 19.52
C GLY E 449 13.66 56.82 19.04
N VAL E 450 14.41 55.97 19.73
CA VAL E 450 14.50 54.54 19.36
C VAL E 450 13.10 53.87 19.37
N PHE E 451 12.40 53.93 20.51
CA PHE E 451 10.97 53.63 20.56
C PHE E 451 10.25 54.96 20.57
N THR E 452 9.14 55.06 19.83
CA THR E 452 8.36 56.29 19.83
C THR E 452 7.06 56.04 20.57
N ASN E 453 6.41 57.10 21.06
CA ASN E 453 5.18 56.94 21.86
C ASN E 453 4.07 56.19 21.12
N ASP E 454 4.01 56.36 19.80
CA ASP E 454 3.00 55.68 19.00
C ASP E 454 3.23 54.17 18.95
N LEU E 455 4.50 53.76 18.92
CA LEU E 455 4.84 52.33 18.98
C LEU E 455 4.40 51.76 20.32
N ILE E 456 4.79 52.45 21.40
CA ILE E 456 4.52 52.00 22.76
C ILE E 456 3.02 51.93 23.06
N GLU E 457 2.29 52.95 22.64
CA GLU E 457 0.85 52.98 22.78
C GLU E 457 0.16 51.87 22.01
N THR E 458 0.61 51.63 20.78
CA THR E 458 0.04 50.56 19.94
C THR E 458 0.27 49.20 20.55
N TRP E 459 1.47 49.02 21.11
CA TRP E 459 1.87 47.79 21.77
C TRP E 459 0.96 47.55 22.98
N ILE E 460 0.88 48.55 23.86
CA ILE E 460 0.06 48.47 25.07
C ILE E 460 -1.37 48.11 24.68
N SER E 461 -1.91 48.91 23.77
CA SER E 461 -3.26 48.72 23.24
C SER E 461 -3.51 47.32 22.65
N PHE E 462 -2.61 46.87 21.77
CA PHE E 462 -2.72 45.55 21.14
C PHE E 462 -2.75 44.40 22.18
N LYS E 463 -1.82 44.45 23.14
CA LYS E 463 -1.73 43.41 24.14
C LYS E 463 -3.00 43.35 25.00
N ARG E 464 -3.54 44.52 25.35
CA ARG E 464 -4.71 44.56 26.22
C ARG E 464 -5.93 44.00 25.53
N GLU E 465 -6.21 44.49 24.32
CA GLU E 465 -7.39 44.09 23.57
C GLU E 465 -7.34 42.69 22.93
N ASN E 466 -6.16 42.26 22.50
CA ASN E 466 -6.04 40.98 21.77
C ASN E 466 -5.54 39.79 22.57
N GLU E 467 -4.97 40.04 23.75
CA GLU E 467 -4.35 38.98 24.55
C GLU E 467 -4.87 38.94 25.99
N ILE E 468 -4.56 39.99 26.75
CA ILE E 468 -4.94 40.08 28.16
C ILE E 468 -6.44 39.86 28.37
N GLU E 469 -7.26 40.74 27.78
CA GLU E 469 -8.69 40.67 27.95
C GLU E 469 -9.34 39.36 27.45
N PRO E 470 -9.02 38.92 26.22
CA PRO E 470 -9.58 37.65 25.73
C PRO E 470 -9.28 36.43 26.65
N VAL E 471 -8.11 36.40 27.28
CA VAL E 471 -7.81 35.35 28.23
C VAL E 471 -8.64 35.54 29.51
N ASN E 472 -8.61 36.75 30.08
CA ASN E 472 -9.36 37.08 31.29
C ASN E 472 -10.84 36.73 31.26
N ILE E 473 -11.50 36.92 30.14
CA ILE E 473 -12.95 36.68 30.10
C ILE E 473 -13.34 35.21 29.93
N ARG E 474 -12.38 34.36 29.59
CA ARG E 474 -12.65 32.93 29.36
C ARG E 474 -12.33 32.08 30.58
N PRO E 475 -13.34 31.39 31.11
CA PRO E 475 -13.12 30.44 32.20
C PRO E 475 -11.99 29.45 31.88
N HIS E 476 -11.15 29.20 32.88
CA HIS E 476 -10.05 28.28 32.79
C HIS E 476 -10.61 26.89 33.20
N PRO E 477 -10.19 25.82 32.53
CA PRO E 477 -10.61 24.46 32.89
C PRO E 477 -10.43 24.13 34.37
N TYR E 478 -9.32 24.58 34.95
CA TYR E 478 -9.02 24.29 36.35
C TYR E 478 -9.98 24.93 37.36
N GLU E 479 -10.66 26.00 36.93
CA GLU E 479 -11.76 26.62 37.70
C GLU E 479 -12.89 25.62 37.87
N PHE E 480 -13.11 24.77 36.86
CA PHE E 480 -14.12 23.69 36.95
C PHE E 480 -13.70 22.60 37.94
N ALA E 481 -12.40 22.28 37.95
CA ALA E 481 -11.86 21.39 38.97
C ALA E 481 -12.07 22.01 40.35
N LEU E 482 -11.85 23.32 40.44
CA LEU E 482 -11.92 24.01 41.72
C LEU E 482 -13.33 24.27 42.20
N TYR E 483 -14.23 24.63 41.29
CA TYR E 483 -15.47 25.30 41.68
C TYR E 483 -16.80 24.72 41.19
N TYR E 484 -16.81 23.72 40.33
CA TYR E 484 -18.07 23.20 39.84
C TYR E 484 -19.05 22.87 40.98
N ASP E 485 -18.54 22.39 42.11
CA ASP E 485 -19.35 21.94 43.24
C ASP E 485 -19.50 22.93 44.40
N VAL E 486 -19.24 24.20 44.16
CA VAL E 486 -19.38 25.22 45.21
C VAL E 486 -20.80 25.35 45.80
N LYS F 12 -1.39 38.69 -34.28
CA LYS F 12 -1.04 37.31 -34.74
C LYS F 12 -1.97 36.77 -35.82
N THR F 13 -1.41 35.98 -36.72
CA THR F 13 -2.10 35.52 -37.93
C THR F 13 -2.47 34.04 -37.83
N PRO F 14 -3.41 33.58 -38.68
CA PRO F 14 -3.70 32.16 -38.81
C PRO F 14 -2.45 31.31 -39.00
N ASP F 15 -1.56 31.73 -39.88
CA ASP F 15 -0.28 31.03 -40.11
C ASP F 15 0.63 30.97 -38.87
N ASP F 16 0.60 31.98 -38.01
CA ASP F 16 1.32 31.90 -36.72
C ASP F 16 0.79 30.73 -35.85
N VAL F 17 -0.52 30.57 -35.82
CA VAL F 17 -1.16 29.53 -35.03
C VAL F 17 -0.83 28.13 -35.58
N PHE F 18 -0.91 27.96 -36.90
CA PHE F 18 -0.53 26.70 -37.54
C PHE F 18 0.93 26.31 -37.28
N LYS F 19 1.81 27.31 -37.32
CA LYS F 19 3.21 27.09 -36.99
C LYS F 19 3.38 26.62 -35.55
N LEU F 20 2.71 27.29 -34.62
CA LEU F 20 2.74 26.93 -33.21
C LEU F 20 2.26 25.49 -32.98
N ALA F 21 1.12 25.13 -33.57
CA ALA F 21 0.58 23.77 -33.49
C ALA F 21 1.57 22.73 -34.01
N LYS F 22 2.10 22.97 -35.21
CA LYS F 22 3.13 22.12 -35.82
C LYS F 22 4.38 22.01 -34.92
N ASP F 23 4.95 23.16 -34.52
CA ASP F 23 6.16 23.17 -33.68
C ASP F 23 5.97 22.47 -32.35
N GLU F 24 4.79 22.61 -31.75
CA GLU F 24 4.54 22.06 -30.43
C GLU F 24 4.02 20.62 -30.46
N LYS F 25 3.94 20.04 -31.65
CA LYS F 25 3.44 18.66 -31.86
C LYS F 25 2.09 18.42 -31.20
N VAL F 26 1.19 19.36 -31.45
CA VAL F 26 -0.15 19.37 -30.88
C VAL F 26 -0.96 18.20 -31.44
N GLU F 27 -1.69 17.51 -30.56
CA GLU F 27 -2.57 16.43 -30.98
C GLU F 27 -4.02 16.88 -31.12
N TYR F 28 -4.44 17.84 -30.30
CA TYR F 28 -5.82 18.32 -30.30
C TYR F 28 -5.88 19.83 -30.18
N VAL F 29 -6.94 20.39 -30.75
CA VAL F 29 -7.25 21.80 -30.61
C VAL F 29 -8.55 21.92 -29.84
N ASP F 30 -8.49 22.67 -28.73
CA ASP F 30 -9.65 22.89 -27.90
C ASP F 30 -10.25 24.23 -28.29
N VAL F 31 -11.48 24.17 -28.84
CA VAL F 31 -12.22 25.31 -29.33
C VAL F 31 -13.01 25.90 -28.18
N ARG F 32 -12.68 27.12 -27.80
CA ARG F 32 -13.32 27.76 -26.65
C ARG F 32 -14.12 29.01 -27.00
N PHE F 33 -15.21 29.21 -26.27
CA PHE F 33 -15.95 30.48 -26.31
C PHE F 33 -16.64 30.70 -24.98
N CYS F 34 -17.24 31.88 -24.81
CA CYS F 34 -17.81 32.28 -23.52
C CYS F 34 -19.33 32.30 -23.52
N ASP F 35 -19.97 31.66 -22.53
CA ASP F 35 -21.43 31.75 -22.43
C ASP F 35 -21.83 33.10 -21.83
N LEU F 36 -23.11 33.43 -21.80
CA LEU F 36 -23.50 34.73 -21.29
C LEU F 36 -23.16 34.99 -19.81
N PRO F 37 -23.52 34.04 -18.89
CA PRO F 37 -23.17 34.24 -17.45
C PRO F 37 -21.65 34.41 -17.16
N GLY F 38 -20.79 33.74 -17.93
CA GLY F 38 -19.35 33.96 -17.82
C GLY F 38 -18.49 32.70 -17.69
N ILE F 39 -19.07 31.54 -17.98
CA ILE F 39 -18.33 30.28 -17.98
C ILE F 39 -17.85 29.93 -19.39
N MET F 40 -16.55 29.67 -19.54
CA MET F 40 -15.99 29.21 -20.81
C MET F 40 -16.49 27.80 -21.22
N GLN F 41 -16.77 27.67 -22.51
CA GLN F 41 -17.31 26.44 -23.09
C GLN F 41 -16.26 25.89 -24.02
N HIS F 42 -16.31 24.60 -24.32
CA HIS F 42 -15.30 24.01 -25.17
C HIS F 42 -15.72 22.71 -25.84
N PHE F 43 -15.15 22.47 -27.00
CA PHE F 43 -15.11 21.15 -27.57
C PHE F 43 -13.75 20.95 -28.22
N THR F 44 -13.44 19.70 -28.52
CA THR F 44 -12.12 19.35 -29.02
C THR F 44 -12.20 18.82 -30.44
N ILE F 45 -11.26 19.26 -31.27
CA ILE F 45 -11.09 18.70 -32.62
C ILE F 45 -9.67 18.20 -32.74
N PRO F 46 -9.44 17.16 -33.55
CA PRO F 46 -8.08 16.66 -33.73
C PRO F 46 -7.21 17.63 -34.50
N ALA F 47 -5.89 17.52 -34.32
CA ALA F 47 -4.93 18.37 -35.06
C ALA F 47 -5.17 18.30 -36.57
N SER F 48 -5.37 17.09 -37.08
CA SER F 48 -5.71 16.85 -38.48
C SER F 48 -6.90 17.67 -38.99
N ALA F 49 -7.87 17.97 -38.12
CA ALA F 49 -9.01 18.80 -38.52
C ALA F 49 -8.77 20.33 -38.36
N PHE F 50 -7.59 20.72 -37.90
CA PHE F 50 -7.32 22.14 -37.68
C PHE F 50 -6.61 22.74 -38.89
N ASP F 51 -7.38 23.36 -39.79
CA ASP F 51 -6.88 23.83 -41.10
C ASP F 51 -7.47 25.18 -41.45
N LYS F 52 -7.12 25.71 -42.63
CA LYS F 52 -7.67 26.99 -43.13
C LYS F 52 -9.19 27.08 -43.08
N SER F 53 -9.87 25.98 -43.41
CA SER F 53 -11.31 25.86 -43.34
C SER F 53 -11.88 26.36 -41.99
N VAL F 54 -11.15 26.13 -40.89
CA VAL F 54 -11.59 26.55 -39.56
C VAL F 54 -11.62 28.08 -39.48
N PHE F 55 -10.67 28.72 -40.16
CA PHE F 55 -10.60 30.19 -40.22
C PHE F 55 -11.57 30.78 -41.24
N ASP F 56 -11.78 30.07 -42.35
CA ASP F 56 -12.65 30.55 -43.42
C ASP F 56 -14.13 30.25 -43.19
N ASP F 57 -14.45 29.02 -42.80
CA ASP F 57 -15.85 28.59 -42.63
C ASP F 57 -16.30 28.62 -41.17
N GLY F 58 -15.35 28.42 -40.26
CA GLY F 58 -15.68 28.30 -38.84
C GLY F 58 -16.29 26.95 -38.46
N LEU F 59 -16.78 26.85 -37.22
CA LEU F 59 -17.26 25.58 -36.71
C LEU F 59 -18.62 25.78 -36.06
N ALA F 60 -19.44 24.74 -36.11
CA ALA F 60 -20.82 24.80 -35.61
C ALA F 60 -20.93 24.36 -34.17
N PHE F 61 -21.96 24.83 -33.47
CA PHE F 61 -22.31 24.28 -32.17
C PHE F 61 -23.79 24.49 -31.90
N ASP F 62 -24.28 23.94 -30.80
CA ASP F 62 -25.69 24.05 -30.42
C ASP F 62 -25.92 25.23 -29.50
N GLY F 63 -26.31 26.35 -30.09
CA GLY F 63 -26.62 27.57 -29.33
C GLY F 63 -27.76 27.42 -28.34
N SER F 64 -28.58 26.39 -28.46
CA SER F 64 -29.70 26.25 -27.53
C SER F 64 -29.30 25.60 -26.20
N SER F 65 -28.10 25.01 -26.15
CA SER F 65 -27.63 24.40 -24.91
C SER F 65 -26.73 25.36 -24.14
N ILE F 66 -26.52 26.55 -24.70
CA ILE F 66 -25.63 27.55 -24.06
C ILE F 66 -26.48 28.65 -23.47
N ARG F 67 -26.22 28.96 -22.20
CA ARG F 67 -27.02 29.92 -21.44
C ARG F 67 -26.96 31.36 -22.00
N GLY F 68 -28.14 31.95 -22.16
CA GLY F 68 -28.25 33.29 -22.71
C GLY F 68 -28.08 33.34 -24.23
N PHE F 69 -27.97 32.20 -24.89
CA PHE F 69 -27.83 32.17 -26.36
C PHE F 69 -29.17 31.99 -27.08
N GLN F 70 -29.33 30.89 -27.80
CA GLN F 70 -30.44 30.68 -28.73
C GLN F 70 -31.55 29.82 -28.14
N SER F 71 -32.73 29.87 -28.77
CA SER F 71 -33.81 28.94 -28.47
C SER F 71 -33.60 27.68 -29.33
N ILE F 72 -34.32 26.61 -29.01
CA ILE F 72 -34.08 25.29 -29.63
C ILE F 72 -34.32 25.26 -31.16
N HIS F 73 -35.34 26.01 -31.61
CA HIS F 73 -35.68 26.03 -33.03
C HIS F 73 -34.75 26.91 -33.87
N GLU F 74 -33.93 27.72 -33.20
CA GLU F 74 -32.92 28.53 -33.89
C GLU F 74 -31.51 28.21 -33.38
N SER F 75 -31.27 26.92 -33.21
CA SER F 75 -30.13 26.45 -32.42
C SER F 75 -28.75 26.68 -33.05
N ASP F 76 -28.54 26.23 -34.30
CA ASP F 76 -27.21 26.28 -34.93
C ASP F 76 -26.59 27.67 -34.79
N MET F 77 -25.36 27.71 -34.31
CA MET F 77 -24.58 28.93 -34.30
C MET F 77 -23.21 28.64 -34.85
N LEU F 78 -22.43 29.68 -35.11
CA LEU F 78 -21.13 29.52 -35.74
C LEU F 78 -20.03 30.17 -34.89
N LEU F 79 -18.83 29.59 -34.96
CA LEU F 79 -17.64 30.11 -34.27
C LEU F 79 -16.48 30.41 -35.23
N LEU F 80 -15.82 31.55 -35.04
CA LEU F 80 -14.64 31.92 -35.83
C LEU F 80 -13.48 32.25 -34.89
N PRO F 81 -12.28 31.72 -35.16
CA PRO F 81 -11.17 31.74 -34.19
C PRO F 81 -10.58 33.11 -33.98
N ASP F 82 -10.00 33.33 -32.81
CA ASP F 82 -9.22 34.54 -32.54
C ASP F 82 -7.78 34.12 -32.31
N PRO F 83 -6.94 34.22 -33.35
CA PRO F 83 -5.53 33.80 -33.33
C PRO F 83 -4.69 34.37 -32.17
N GLU F 84 -5.07 35.54 -31.68
CA GLU F 84 -4.42 36.18 -30.54
C GLU F 84 -4.46 35.30 -29.28
N THR F 85 -5.45 34.42 -29.20
CA THR F 85 -5.71 33.72 -27.95
C THR F 85 -5.10 32.32 -27.83
N ALA F 86 -4.33 31.90 -28.83
CA ALA F 86 -3.80 30.54 -28.87
C ALA F 86 -2.74 30.33 -27.79
N ARG F 87 -2.98 29.35 -26.92
CA ARG F 87 -2.04 28.96 -25.88
C ARG F 87 -1.99 27.45 -25.81
N ILE F 88 -0.84 26.90 -25.47
CA ILE F 88 -0.78 25.48 -25.14
C ILE F 88 -1.43 25.23 -23.77
N ASP F 89 -2.26 24.19 -23.70
CA ASP F 89 -2.87 23.78 -22.44
C ASP F 89 -1.86 23.11 -21.51
N PRO F 90 -1.70 23.66 -20.29
CA PRO F 90 -0.73 23.07 -19.37
C PRO F 90 -1.14 21.76 -18.71
N PHE F 91 -2.38 21.32 -18.91
CA PHE F 91 -2.90 20.19 -18.13
C PHE F 91 -3.11 18.87 -18.87
N ARG F 92 -3.59 18.92 -20.11
CA ARG F 92 -3.94 17.70 -20.83
C ARG F 92 -2.73 16.87 -21.26
N ALA F 93 -2.80 15.59 -20.97
CA ALA F 93 -1.67 14.68 -21.24
C ALA F 93 -1.43 14.56 -22.75
N ALA F 94 -2.51 14.58 -23.53
CA ALA F 94 -2.41 14.72 -24.98
C ALA F 94 -2.19 16.20 -25.28
N LYS F 95 -1.05 16.54 -25.89
CA LYS F 95 -0.69 17.94 -26.17
C LYS F 95 -1.83 18.66 -26.88
N THR F 96 -2.30 19.74 -26.26
CA THR F 96 -3.48 20.46 -26.73
C THR F 96 -3.23 21.96 -26.83
N LEU F 97 -3.68 22.53 -27.95
CA LEU F 97 -3.69 23.97 -28.15
C LEU F 97 -5.08 24.51 -27.95
N ASN F 98 -5.23 25.43 -27.00
CA ASN F 98 -6.49 26.13 -26.72
C ASN F 98 -6.56 27.41 -27.54
N ILE F 99 -7.74 27.68 -28.11
CA ILE F 99 -8.01 28.90 -28.86
C ILE F 99 -9.41 29.40 -28.53
N ASN F 100 -9.54 30.71 -28.28
CA ASN F 100 -10.86 31.34 -28.11
C ASN F 100 -11.47 31.70 -29.44
N PHE F 101 -12.80 31.57 -29.53
CA PHE F 101 -13.54 31.93 -30.74
C PHE F 101 -14.56 33.05 -30.50
N PHE F 102 -14.94 33.73 -31.58
CA PHE F 102 -16.09 34.64 -31.58
C PHE F 102 -17.33 33.89 -32.09
N VAL F 103 -18.48 34.17 -31.52
CA VAL F 103 -19.72 33.56 -31.96
C VAL F 103 -20.33 34.46 -33.06
N HIS F 104 -20.72 33.82 -34.17
CA HIS F 104 -21.32 34.49 -35.31
C HIS F 104 -22.65 33.84 -35.72
N ASP F 105 -23.54 34.63 -36.32
CA ASP F 105 -24.76 34.14 -36.94
C ASP F 105 -24.38 33.21 -38.11
N PRO F 106 -25.04 32.04 -38.20
CA PRO F 106 -24.69 31.06 -39.23
C PRO F 106 -25.14 31.46 -40.63
N PHE F 107 -26.10 32.39 -40.74
CA PHE F 107 -26.61 32.83 -42.04
C PHE F 107 -25.86 34.03 -42.56
N THR F 108 -25.83 35.11 -41.79
CA THR F 108 -25.26 36.39 -42.23
C THR F 108 -23.77 36.48 -41.92
N LEU F 109 -23.27 35.60 -41.07
CA LEU F 109 -21.88 35.64 -40.57
C LEU F 109 -21.55 36.90 -39.75
N GLU F 110 -22.57 37.66 -39.38
CA GLU F 110 -22.41 38.81 -38.48
C GLU F 110 -22.04 38.35 -37.07
N PRO F 111 -21.26 39.18 -36.35
CA PRO F 111 -21.01 38.90 -34.91
C PRO F 111 -22.33 38.81 -34.15
N TYR F 112 -22.38 37.87 -33.20
CA TYR F 112 -23.55 37.64 -32.33
C TYR F 112 -23.67 38.74 -31.29
N SER F 113 -24.89 39.25 -31.13
CA SER F 113 -25.19 40.33 -30.20
C SER F 113 -25.07 39.91 -28.74
N ARG F 114 -25.10 38.60 -28.48
CA ARG F 114 -24.95 38.09 -27.12
C ARG F 114 -23.66 37.26 -26.93
N ASP F 115 -22.68 37.45 -27.80
CA ASP F 115 -21.35 36.90 -27.55
C ASP F 115 -20.63 37.91 -26.66
N PRO F 116 -20.26 37.49 -25.44
CA PRO F 116 -19.54 38.36 -24.50
C PRO F 116 -18.25 38.93 -25.12
N ARG F 117 -17.54 38.12 -25.89
CA ARG F 117 -16.29 38.57 -26.50
C ARG F 117 -16.55 39.64 -27.56
N ASN F 118 -17.73 39.60 -28.17
CA ASN F 118 -18.11 40.61 -29.11
C ASN F 118 -18.39 41.95 -28.42
N ILE F 119 -18.95 41.87 -27.21
CA ILE F 119 -19.28 43.07 -26.46
C ILE F 119 -17.99 43.81 -26.15
N ALA F 120 -16.97 43.06 -25.75
CA ALA F 120 -15.65 43.64 -25.42
C ALA F 120 -15.05 44.30 -26.65
N ARG F 121 -15.17 43.62 -27.79
CA ARG F 121 -14.71 44.11 -29.08
C ARG F 121 -15.37 45.46 -29.33
N LYS F 122 -16.70 45.47 -29.25
CA LYS F 122 -17.49 46.66 -29.51
C LYS F 122 -17.10 47.78 -28.55
N ALA F 123 -16.90 47.44 -27.28
CA ALA F 123 -16.49 48.44 -26.30
C ALA F 123 -15.20 49.14 -26.71
N GLU F 124 -14.21 48.37 -27.15
CA GLU F 124 -12.91 48.95 -27.52
C GLU F 124 -13.05 49.88 -28.72
N ASN F 125 -13.92 49.51 -29.65
CA ASN F 125 -14.16 50.33 -30.84
C ASN F 125 -14.89 51.62 -30.51
N TYR F 126 -15.93 51.52 -29.69
CA TYR F 126 -16.65 52.70 -29.22
C TYR F 126 -15.73 53.69 -28.54
N LEU F 127 -14.84 53.21 -27.69
CA LEU F 127 -13.89 54.09 -27.02
C LEU F 127 -13.16 54.92 -28.06
N ILE F 128 -12.64 54.26 -29.09
CA ILE F 128 -11.87 54.93 -30.15
C ILE F 128 -12.74 55.97 -30.84
N SER F 129 -13.97 55.59 -31.15
CA SER F 129 -14.90 56.48 -31.84
C SER F 129 -15.30 57.73 -31.06
N THR F 130 -15.14 57.73 -29.74
CA THR F 130 -15.49 58.92 -28.93
C THR F 130 -14.42 60.00 -29.00
N GLY F 131 -13.20 59.62 -29.37
CA GLY F 131 -12.06 60.54 -29.35
C GLY F 131 -11.51 60.82 -27.96
N ILE F 132 -12.15 60.31 -26.92
CA ILE F 132 -11.70 60.51 -25.54
C ILE F 132 -10.34 59.86 -25.29
N ALA F 133 -10.17 58.64 -25.81
CA ALA F 133 -8.94 57.86 -25.66
C ALA F 133 -8.91 56.81 -26.73
N ASP F 134 -7.82 56.07 -26.83
CA ASP F 134 -7.81 54.96 -27.78
C ASP F 134 -7.61 53.61 -27.12
N THR F 135 -7.22 53.62 -25.84
CA THR F 135 -6.98 52.38 -25.08
C THR F 135 -7.52 52.48 -23.64
N ALA F 136 -8.24 51.45 -23.22
CA ALA F 136 -8.62 51.27 -21.82
C ALA F 136 -7.84 50.10 -21.22
N TYR F 137 -6.99 50.39 -20.25
CA TYR F 137 -6.21 49.36 -19.58
C TYR F 137 -6.92 48.87 -18.31
N PHE F 138 -7.00 47.55 -18.17
CA PHE F 138 -7.57 46.88 -16.99
C PHE F 138 -6.56 46.00 -16.30
N GLY F 139 -6.33 46.28 -15.02
CA GLY F 139 -5.55 45.43 -14.14
C GLY F 139 -6.50 44.85 -13.12
N ALA F 140 -6.55 43.53 -13.05
CA ALA F 140 -7.49 42.86 -12.17
C ALA F 140 -6.81 42.05 -11.08
N GLU F 141 -7.47 41.98 -9.93
CA GLU F 141 -7.07 41.09 -8.87
C GLU F 141 -8.22 40.14 -8.58
N ALA F 142 -8.15 38.93 -9.13
CA ALA F 142 -9.16 37.90 -8.87
C ALA F 142 -8.74 37.01 -7.71
N GLU F 143 -9.22 37.33 -6.51
CA GLU F 143 -8.97 36.55 -5.33
C GLU F 143 -9.77 35.25 -5.39
N PHE F 144 -9.27 34.23 -4.69
CA PHE F 144 -9.94 32.93 -4.64
C PHE F 144 -9.59 32.16 -3.37
N TYR F 145 -10.34 31.08 -3.12
CA TYR F 145 -10.12 30.21 -1.96
C TYR F 145 -9.67 28.86 -2.43
N ILE F 146 -8.60 28.37 -1.83
CA ILE F 146 -8.17 26.98 -2.07
C ILE F 146 -8.76 26.06 -0.98
N PHE F 147 -9.91 25.46 -1.29
CA PHE F 147 -10.56 24.54 -0.35
C PHE F 147 -10.11 23.08 -0.57
N ASP F 148 -10.36 22.26 0.45
CA ASP F 148 -10.14 20.81 0.36
C ASP F 148 -11.40 20.09 -0.11
N SER F 149 -12.56 20.58 0.29
CA SER F 149 -13.81 19.95 -0.09
C SER F 149 -15.03 20.88 -0.03
N VAL F 150 -16.09 20.45 -0.67
CA VAL F 150 -17.35 21.16 -0.67
C VAL F 150 -18.48 20.18 -0.94
N SER F 151 -19.56 20.32 -0.19
CA SER F 151 -20.80 19.62 -0.54
C SER F 151 -22.02 20.44 -0.14
N PHE F 152 -23.16 20.14 -0.76
CA PHE F 152 -24.36 20.96 -0.61
C PHE F 152 -25.54 20.24 -1.24
N ASP F 153 -26.74 20.52 -0.75
CA ASP F 153 -27.94 20.02 -1.40
C ASP F 153 -29.14 20.85 -1.04
N SER F 154 -30.27 20.53 -1.65
CA SER F 154 -31.52 21.27 -1.44
C SER F 154 -32.70 20.29 -1.68
N ARG F 155 -33.46 20.06 -0.62
CA ARG F 155 -34.51 19.04 -0.61
C ARG F 155 -35.77 19.62 0.04
N ALA F 156 -36.85 18.86 0.06
CA ALA F 156 -38.10 19.41 0.54
C ALA F 156 -38.02 19.72 2.02
N ASN F 157 -37.30 18.88 2.77
CA ASN F 157 -37.30 18.93 4.23
C ASN F 157 -35.97 19.41 4.83
N GLY F 158 -35.11 19.97 4.00
CA GLY F 158 -33.81 20.42 4.48
C GLY F 158 -32.86 20.78 3.37
N SER F 159 -31.78 21.45 3.78
CA SER F 159 -30.76 21.93 2.84
C SER F 159 -29.50 22.27 3.59
N PHE F 160 -28.34 22.15 2.92
CA PHE F 160 -27.06 22.46 3.59
C PHE F 160 -25.98 22.87 2.62
N TYR F 161 -24.92 23.47 3.14
CA TYR F 161 -23.64 23.47 2.46
C TYR F 161 -22.52 23.32 3.49
N GLU F 162 -21.36 22.88 3.03
CA GLU F 162 -20.16 22.89 3.85
C GLU F 162 -18.93 23.00 2.95
N VAL F 163 -18.07 23.95 3.26
CA VAL F 163 -16.74 24.02 2.64
C VAL F 163 -15.72 23.63 3.70
N ASP F 164 -14.64 23.00 3.28
CA ASP F 164 -13.61 22.62 4.23
C ASP F 164 -12.20 22.82 3.68
N ALA F 165 -11.26 22.98 4.59
CA ALA F 165 -9.89 23.36 4.25
C ALA F 165 -9.09 23.04 5.48
N ILE F 166 -7.94 22.41 5.29
CA ILE F 166 -7.07 22.01 6.38
C ILE F 166 -6.68 23.20 7.25
N SER F 167 -6.52 24.37 6.64
CA SER F 167 -6.04 25.56 7.35
C SER F 167 -7.15 26.42 7.96
N GLY F 168 -8.40 25.96 7.83
CA GLY F 168 -9.54 26.66 8.39
C GLY F 168 -9.52 26.72 9.92
N TRP F 169 -9.79 27.90 10.46
CA TRP F 169 -9.74 28.05 11.92
C TRP F 169 -10.78 27.13 12.64
N TRP F 170 -11.89 26.85 11.96
CA TRP F 170 -12.92 25.97 12.54
C TRP F 170 -12.35 24.54 12.84
N ASN F 171 -11.19 24.23 12.32
CA ASN F 171 -10.59 22.93 12.53
C ASN F 171 -9.52 22.86 13.64
N THR F 172 -9.32 23.93 14.41
CA THR F 172 -8.22 23.90 15.40
C THR F 172 -8.42 22.79 16.42
N GLY F 173 -9.68 22.44 16.68
CA GLY F 173 -9.99 21.42 17.66
C GLY F 173 -10.20 20.04 17.07
N ALA F 174 -9.92 19.84 15.79
CA ALA F 174 -10.09 18.49 15.19
C ALA F 174 -9.07 17.53 15.78
N ALA F 175 -9.52 16.32 16.10
CA ALA F 175 -8.64 15.29 16.65
C ALA F 175 -7.64 14.83 15.60
N THR F 176 -8.06 14.74 14.33
CA THR F 176 -7.17 14.35 13.24
C THR F 176 -7.55 15.10 11.98
N GLU F 177 -6.66 15.07 10.99
CA GLU F 177 -6.98 15.62 9.68
C GLU F 177 -7.95 14.68 8.96
N ALA F 178 -8.54 15.14 7.87
CA ALA F 178 -9.52 14.36 7.11
C ALA F 178 -9.00 12.98 6.69
N ASP F 179 -7.69 12.88 6.40
CA ASP F 179 -7.09 11.61 6.01
C ASP F 179 -6.68 10.76 7.23
N GLY F 180 -6.96 11.23 8.44
CA GLY F 180 -6.63 10.48 9.65
C GLY F 180 -5.28 10.80 10.27
N SER F 181 -4.48 11.61 9.58
CA SER F 181 -3.18 12.04 10.11
C SER F 181 -3.34 13.12 11.23
N PRO F 182 -2.28 13.35 12.01
CA PRO F 182 -2.46 14.21 13.19
C PRO F 182 -2.72 15.68 12.85
N ASN F 183 -3.38 16.39 13.76
CA ASN F 183 -3.61 17.83 13.66
C ASN F 183 -2.32 18.48 14.11
N ARG F 184 -1.71 19.25 13.23
CA ARG F 184 -0.41 19.83 13.52
C ARG F 184 -0.45 21.34 13.75
N GLY F 185 -1.66 21.87 13.91
CA GLY F 185 -1.88 23.29 14.20
C GLY F 185 -1.44 24.18 13.06
N TYR F 186 -0.99 25.40 13.38
CA TYR F 186 -0.63 26.40 12.36
C TYR F 186 -1.78 26.70 11.38
N LYS F 187 -3.01 26.58 11.86
CA LYS F 187 -4.16 26.93 11.02
C LYS F 187 -4.30 28.46 11.01
N VAL F 188 -4.99 28.99 10.00
CA VAL F 188 -5.09 30.43 9.85
C VAL F 188 -6.28 31.01 10.63
N ARG F 189 -6.03 32.06 11.41
CA ARG F 189 -7.10 32.76 12.13
C ARG F 189 -8.03 33.48 11.15
N HIS F 190 -9.29 33.64 11.51
CA HIS F 190 -10.18 34.45 10.71
C HIS F 190 -9.63 35.88 10.58
N LYS F 191 -9.64 36.39 9.35
CA LYS F 191 -9.05 37.71 9.03
C LYS F 191 -7.54 37.75 9.28
N GLY F 192 -6.90 36.60 9.42
CA GLY F 192 -5.43 36.57 9.68
C GLY F 192 -4.52 35.90 8.67
N GLY F 193 -5.00 35.70 7.43
CA GLY F 193 -4.21 34.99 6.42
C GLY F 193 -3.22 35.88 5.67
N TYR F 194 -3.37 37.19 5.81
CA TYR F 194 -2.52 38.15 5.09
C TYR F 194 -1.44 38.73 6.02
N PHE F 195 -0.20 38.25 5.92
CA PHE F 195 0.16 37.03 5.20
C PHE F 195 1.43 36.40 5.85
N PRO F 196 1.23 35.73 7.01
CA PRO F 196 2.35 35.11 7.76
C PRO F 196 3.09 34.03 6.95
N VAL F 197 4.40 33.91 7.20
CA VAL F 197 5.21 32.86 6.56
C VAL F 197 4.74 31.43 6.91
N ALA F 198 5.15 30.46 6.08
CA ALA F 198 4.95 29.04 6.37
C ALA F 198 5.61 28.72 7.71
N PRO F 199 5.07 27.71 8.42
CA PRO F 199 4.03 26.80 8.01
C PRO F 199 2.62 27.34 8.19
N ASN F 200 2.51 28.55 8.75
CA ASN F 200 1.19 29.17 8.91
C ASN F 200 0.49 29.33 7.55
N ASP F 201 1.27 29.72 6.54
CA ASP F 201 0.85 29.68 5.14
C ASP F 201 1.09 28.26 4.62
N GLN F 202 0.01 27.52 4.40
CA GLN F 202 0.08 26.11 4.03
C GLN F 202 -0.01 25.87 2.52
N TYR F 203 -0.02 26.94 1.73
CA TYR F 203 -0.25 26.80 0.31
C TYR F 203 0.89 27.35 -0.57
N VAL F 204 2.07 27.54 0.02
CA VAL F 204 3.21 28.14 -0.68
C VAL F 204 3.64 27.41 -1.96
N ASP F 205 3.90 26.12 -1.83
CA ASP F 205 4.20 25.26 -2.98
C ASP F 205 3.06 25.20 -4.01
N LEU F 206 1.81 25.12 -3.56
CA LEU F 206 0.71 25.04 -4.52
C LEU F 206 0.60 26.33 -5.33
N ARG F 207 0.67 27.49 -4.65
CA ARG F 207 0.64 28.78 -5.34
C ARG F 207 1.85 28.93 -6.30
N ASP F 208 2.99 28.35 -5.92
CA ASP F 208 4.15 28.38 -6.81
C ASP F 208 3.81 27.62 -8.10
N LYS F 209 3.12 26.49 -7.99
CA LYS F 209 2.71 25.73 -9.17
C LYS F 209 1.75 26.54 -10.05
N MET F 210 0.84 27.26 -9.40
CA MET F 210 -0.08 28.16 -10.09
C MET F 210 0.66 29.27 -10.82
N LEU F 211 1.61 29.89 -10.12
CA LEU F 211 2.46 30.91 -10.73
C LEU F 211 3.19 30.35 -11.97
N THR F 212 3.77 29.16 -11.84
CA THR F 212 4.56 28.54 -12.90
C THR F 212 3.70 28.19 -14.11
N ASN F 213 2.51 27.63 -13.86
CA ASN F 213 1.61 27.32 -14.94
C ASN F 213 1.14 28.58 -15.67
N LEU F 214 0.94 29.66 -14.93
CA LEU F 214 0.62 30.95 -15.55
C LEU F 214 1.77 31.46 -16.41
N ILE F 215 2.98 31.50 -15.84
CA ILE F 215 4.19 31.88 -16.58
C ILE F 215 4.32 31.07 -17.90
N ASN F 216 4.22 29.75 -17.80
CA ASN F 216 4.31 28.89 -18.98
C ASN F 216 3.14 29.03 -19.98
N SER F 217 2.07 29.74 -19.62
CA SER F 217 1.02 30.09 -20.60
C SER F 217 1.12 31.54 -21.06
N GLY F 218 2.29 32.12 -20.90
CA GLY F 218 2.56 33.46 -21.42
C GLY F 218 2.05 34.62 -20.59
N PHE F 219 1.59 34.36 -19.37
CA PHE F 219 1.22 35.45 -18.47
C PHE F 219 2.49 36.14 -18.00
N ILE F 220 2.40 37.45 -17.78
CA ILE F 220 3.48 38.20 -17.17
C ILE F 220 3.08 38.46 -15.73
N LEU F 221 3.85 37.85 -14.82
CA LEU F 221 3.45 37.74 -13.42
C LEU F 221 3.98 38.88 -12.58
N GLU F 222 3.25 39.21 -11.52
CA GLU F 222 3.66 40.28 -10.64
C GLU F 222 3.78 39.87 -9.21
N LYS F 223 2.78 39.18 -8.71
CA LYS F 223 2.90 38.63 -7.39
C LYS F 223 1.86 37.59 -7.08
N GLY F 224 2.17 36.76 -6.08
CA GLY F 224 1.25 35.80 -5.52
C GLY F 224 1.38 35.91 -4.00
N HIS F 225 0.25 35.75 -3.31
CA HIS F 225 0.27 35.66 -1.86
C HIS F 225 -0.99 35.03 -1.27
N HIS F 226 -0.89 34.61 -0.02
CA HIS F 226 -2.07 34.23 0.78
C HIS F 226 -2.91 35.48 1.04
N GLU F 227 -4.22 35.38 0.96
CA GLU F 227 -5.06 36.52 1.30
C GLU F 227 -5.58 36.47 2.75
N VAL F 228 -6.44 37.42 3.10
CA VAL F 228 -6.89 37.62 4.48
C VAL F 228 -7.68 36.41 5.03
N GLY F 229 -8.51 35.83 4.18
CA GLY F 229 -9.43 34.77 4.65
C GLY F 229 -8.75 33.50 5.15
N SER F 230 -9.29 32.95 6.23
CA SER F 230 -8.86 31.66 6.73
C SER F 230 -9.22 30.56 5.73
N GLY F 231 -8.54 29.42 5.82
CA GLY F 231 -8.90 28.29 4.97
C GLY F 231 -8.52 28.44 3.51
N GLY F 232 -7.38 29.11 3.29
CA GLY F 232 -6.71 29.07 2.01
C GLY F 232 -7.01 30.16 1.00
N GLN F 233 -7.38 31.34 1.47
CA GLN F 233 -7.62 32.41 0.50
C GLN F 233 -6.32 32.82 -0.18
N ALA F 234 -6.41 33.16 -1.47
CA ALA F 234 -5.19 33.52 -2.20
C ALA F 234 -5.39 34.62 -3.21
N GLU F 235 -4.26 35.19 -3.64
CA GLU F 235 -4.27 36.17 -4.70
C GLU F 235 -3.06 36.01 -5.57
N ILE F 236 -3.28 36.01 -6.89
CA ILE F 236 -2.19 36.10 -7.84
C ILE F 236 -2.47 37.24 -8.84
N ASN F 237 -1.43 38.02 -9.14
CA ASN F 237 -1.52 39.19 -9.98
C ASN F 237 -0.64 39.01 -11.20
N TYR F 238 -1.22 39.35 -12.35
CA TYR F 238 -0.51 39.40 -13.62
C TYR F 238 -0.66 40.79 -14.22
N GLN F 239 0.22 41.10 -15.18
CA GLN F 239 0.29 42.42 -15.81
C GLN F 239 -1.03 42.83 -16.43
N PHE F 240 -1.36 44.11 -16.31
CA PHE F 240 -2.55 44.70 -16.91
C PHE F 240 -2.48 44.62 -18.44
N ASN F 241 -3.63 44.79 -19.09
CA ASN F 241 -3.69 44.85 -20.56
C ASN F 241 -4.95 45.60 -21.05
N SER F 242 -5.05 45.83 -22.35
CA SER F 242 -6.26 46.45 -22.89
C SER F 242 -7.49 45.56 -22.67
N LEU F 243 -8.66 46.19 -22.68
CA LEU F 243 -9.91 45.59 -22.24
C LEU F 243 -10.10 44.14 -22.67
N LEU F 244 -10.22 43.89 -23.99
CA LEU F 244 -10.48 42.56 -24.49
C LEU F 244 -9.41 41.54 -24.07
N HIS F 245 -8.14 41.88 -24.29
CA HIS F 245 -7.05 41.02 -23.87
C HIS F 245 -7.12 40.69 -22.38
N ALA F 246 -7.46 41.69 -21.58
CA ALA F 246 -7.57 41.56 -20.12
C ALA F 246 -8.68 40.58 -19.73
N ALA F 247 -9.80 40.65 -20.44
CA ALA F 247 -10.91 39.77 -20.19
C ALA F 247 -10.55 38.33 -20.58
N ASP F 248 -9.89 38.18 -21.73
CA ASP F 248 -9.39 36.89 -22.14
C ASP F 248 -8.40 36.32 -21.12
N ASP F 249 -7.50 37.18 -20.64
CA ASP F 249 -6.54 36.85 -19.59
C ASP F 249 -7.24 36.35 -18.32
N MET F 250 -8.28 37.07 -17.91
CA MET F 250 -9.06 36.67 -16.72
C MET F 250 -9.64 35.26 -16.85
N GLN F 251 -10.31 34.98 -17.95
CA GLN F 251 -10.91 33.67 -18.18
C GLN F 251 -9.89 32.56 -18.15
N LEU F 252 -8.75 32.77 -18.79
CA LEU F 252 -7.69 31.78 -18.82
C LEU F 252 -7.08 31.58 -17.44
N TYR F 253 -6.84 32.68 -16.73
CA TYR F 253 -6.35 32.66 -15.35
C TYR F 253 -7.23 31.80 -14.44
N LYS F 254 -8.55 31.93 -14.57
CA LYS F 254 -9.46 31.16 -13.72
C LYS F 254 -9.28 29.68 -14.02
N TYR F 255 -9.24 29.36 -15.31
CA TYR F 255 -9.05 27.99 -15.77
C TYR F 255 -7.75 27.37 -15.23
N ILE F 256 -6.68 28.13 -15.32
CA ILE F 256 -5.40 27.68 -14.80
C ILE F 256 -5.42 27.51 -13.27
N ILE F 257 -5.99 28.47 -12.56
CA ILE F 257 -6.04 28.38 -11.10
C ILE F 257 -6.86 27.17 -10.70
N LYS F 258 -8.06 27.03 -11.29
CA LYS F 258 -8.96 25.95 -10.90
C LYS F 258 -8.36 24.56 -11.16
N ASN F 259 -7.72 24.41 -12.31
CA ASN F 259 -7.19 23.10 -12.70
C ASN F 259 -5.84 22.77 -12.11
N THR F 260 -5.02 23.78 -11.82
CA THR F 260 -3.82 23.53 -11.03
C THR F 260 -4.22 22.97 -9.67
N ALA F 261 -5.17 23.63 -9.00
CA ALA F 261 -5.71 23.12 -7.73
C ALA F 261 -6.24 21.70 -7.90
N TRP F 262 -7.02 21.46 -8.96
CA TRP F 262 -7.70 20.20 -9.13
C TRP F 262 -6.69 19.07 -9.23
N GLN F 263 -5.66 19.29 -10.06
CA GLN F 263 -4.59 18.31 -10.27
C GLN F 263 -3.76 18.04 -9.03
N ASN F 264 -3.83 18.95 -8.05
CA ASN F 264 -3.10 18.76 -6.81
C ASN F 264 -4.02 18.43 -5.62
N GLY F 265 -5.18 17.85 -5.91
CA GLY F 265 -6.06 17.37 -4.84
C GLY F 265 -6.81 18.42 -4.05
N LYS F 266 -6.91 19.63 -4.60
CA LYS F 266 -7.64 20.71 -3.93
C LYS F 266 -8.81 21.12 -4.81
N THR F 267 -9.59 22.10 -4.36
CA THR F 267 -10.72 22.60 -5.12
C THR F 267 -10.87 24.09 -4.88
N VAL F 268 -10.93 24.85 -5.96
CA VAL F 268 -10.92 26.32 -5.88
C VAL F 268 -12.28 26.88 -6.18
N THR F 269 -12.65 27.92 -5.43
CA THR F 269 -13.83 28.70 -5.76
C THR F 269 -13.52 30.18 -5.85
N PHE F 270 -14.10 30.81 -6.87
CA PHE F 270 -14.02 32.25 -7.00
C PHE F 270 -15.33 32.93 -6.55
N MET F 271 -16.20 32.21 -5.86
CA MET F 271 -17.43 32.84 -5.39
C MET F 271 -17.14 33.99 -4.41
N PRO F 272 -17.96 35.04 -4.45
CA PRO F 272 -17.69 36.28 -3.71
C PRO F 272 -17.56 36.06 -2.20
N LYS F 273 -18.39 35.17 -1.64
CA LYS F 273 -18.45 35.02 -0.19
C LYS F 273 -18.78 33.61 0.27
N PRO F 274 -17.79 32.68 0.22
CA PRO F 274 -18.05 31.30 0.66
C PRO F 274 -17.94 31.12 2.18
N LEU F 275 -17.34 32.10 2.86
CA LEU F 275 -17.17 32.03 4.32
C LEU F 275 -17.88 33.19 5.00
N PHE F 276 -18.65 32.87 6.03
CA PHE F 276 -19.38 33.85 6.75
C PHE F 276 -18.52 34.33 7.91
N GLY F 277 -18.35 35.66 8.03
CA GLY F 277 -17.51 36.20 9.09
C GLY F 277 -16.04 36.21 8.74
N ASP F 278 -15.73 36.03 7.47
CA ASP F 278 -14.35 36.23 7.03
C ASP F 278 -14.38 36.90 5.66
N ASN F 279 -13.23 37.36 5.18
CA ASN F 279 -13.19 38.12 3.94
C ASN F 279 -13.80 37.42 2.74
N GLY F 280 -14.49 38.19 1.93
CA GLY F 280 -14.95 37.71 0.63
C GLY F 280 -13.82 37.81 -0.38
N SER F 281 -14.10 37.34 -1.59
CA SER F 281 -13.15 37.41 -2.68
C SER F 281 -13.61 38.46 -3.71
N GLY F 282 -12.79 39.48 -3.91
CA GLY F 282 -13.08 40.51 -4.88
C GLY F 282 -12.35 40.33 -6.19
N MET F 283 -12.77 41.12 -7.18
CA MET F 283 -12.04 41.29 -8.41
C MET F 283 -11.90 42.80 -8.59
N HIS F 284 -10.96 43.39 -7.84
CA HIS F 284 -10.66 44.80 -7.96
C HIS F 284 -10.19 45.06 -9.37
N CYS F 285 -10.70 46.14 -9.97
CA CYS F 285 -10.30 46.55 -11.31
C CYS F 285 -9.61 47.90 -11.30
N HIS F 286 -8.29 47.85 -11.51
CA HIS F 286 -7.49 49.06 -11.72
C HIS F 286 -7.69 49.50 -13.16
N GLN F 287 -8.12 50.74 -13.34
CA GLN F 287 -8.45 51.25 -14.67
C GLN F 287 -7.72 52.55 -15.02
N SER F 288 -7.32 52.66 -16.29
CA SER F 288 -6.76 53.89 -16.85
C SER F 288 -7.05 54.01 -18.34
N LEU F 289 -7.16 55.25 -18.81
CA LEU F 289 -7.32 55.55 -20.23
C LEU F 289 -6.06 56.17 -20.81
N TRP F 290 -5.70 55.73 -22.03
CA TRP F 290 -4.53 56.24 -22.73
C TRP F 290 -4.92 56.71 -24.14
N LYS F 291 -4.23 57.73 -24.62
CA LYS F 291 -4.37 58.16 -26.01
C LYS F 291 -3.02 58.43 -26.65
N ASP F 292 -2.80 57.86 -27.83
CA ASP F 292 -1.54 58.00 -28.58
C ASP F 292 -0.31 57.67 -27.71
N GLY F 293 -0.40 56.62 -26.91
CA GLY F 293 0.71 56.19 -26.06
C GLY F 293 1.02 57.06 -24.85
N ALA F 294 0.14 58.02 -24.57
CA ALA F 294 0.27 58.86 -23.37
C ALA F 294 -0.90 58.64 -22.37
N PRO F 295 -0.57 58.63 -21.06
CA PRO F 295 -1.58 58.43 -20.01
C PRO F 295 -2.44 59.67 -19.81
N LEU F 296 -3.72 59.46 -19.49
CA LEU F 296 -4.70 60.55 -19.32
C LEU F 296 -5.15 60.79 -17.88
N MET F 297 -4.73 59.93 -16.96
CA MET F 297 -5.31 59.95 -15.61
C MET F 297 -4.68 60.95 -14.64
N TYR F 298 -3.51 61.46 -14.98
CA TYR F 298 -2.66 62.14 -14.01
C TYR F 298 -2.75 63.67 -14.12
N ASP F 299 -2.88 64.34 -12.98
CA ASP F 299 -2.74 65.79 -12.89
C ASP F 299 -2.23 66.12 -11.50
N GLU F 300 -0.98 66.56 -11.45
CA GLU F 300 -0.31 66.84 -10.21
C GLU F 300 -1.09 67.76 -9.25
N THR F 301 -2.03 68.54 -9.78
CA THR F 301 -2.76 69.52 -8.98
C THR F 301 -4.11 69.00 -8.46
N GLY F 302 -4.53 67.83 -8.95
CA GLY F 302 -5.81 67.21 -8.54
C GLY F 302 -5.69 66.44 -7.24
N TYR F 303 -6.80 66.33 -6.51
CA TYR F 303 -6.89 65.39 -5.38
C TYR F 303 -6.37 64.03 -5.82
N ALA F 304 -5.50 63.43 -5.00
CA ALA F 304 -4.86 62.13 -5.32
C ALA F 304 -4.20 62.04 -6.71
N GLY F 305 -3.70 63.19 -7.20
CA GLY F 305 -3.01 63.24 -8.48
C GLY F 305 -3.89 62.95 -9.69
N LEU F 306 -5.20 63.13 -9.55
CA LEU F 306 -6.14 62.73 -10.59
C LEU F 306 -6.50 63.86 -11.53
N SER F 307 -6.48 63.58 -12.84
CA SER F 307 -6.92 64.54 -13.84
C SER F 307 -8.44 64.73 -13.85
N ASP F 308 -8.93 65.67 -14.65
CA ASP F 308 -10.37 65.87 -14.80
C ASP F 308 -10.97 64.63 -15.43
N THR F 309 -10.32 64.10 -16.44
CA THR F 309 -10.80 62.91 -17.16
C THR F 309 -10.97 61.72 -16.21
N ALA F 310 -9.95 61.51 -15.38
CA ALA F 310 -9.98 60.50 -14.33
C ALA F 310 -11.14 60.73 -13.36
N ARG F 311 -11.22 61.96 -12.84
CA ARG F 311 -12.23 62.31 -11.83
C ARG F 311 -13.65 62.12 -12.39
N HIS F 312 -13.86 62.51 -13.64
CA HIS F 312 -15.15 62.28 -14.30
C HIS F 312 -15.43 60.82 -14.56
N TYR F 313 -14.38 60.04 -14.84
CA TYR F 313 -14.53 58.57 -14.98
C TYR F 313 -15.05 57.96 -13.66
N ILE F 314 -14.43 58.33 -12.56
CA ILE F 314 -14.90 57.93 -11.24
C ILE F 314 -16.36 58.36 -11.02
N GLY F 315 -16.66 59.61 -11.39
CA GLY F 315 -18.01 60.13 -11.29
C GLY F 315 -19.03 59.25 -12.01
N GLY F 316 -18.66 58.76 -13.19
CA GLY F 316 -19.47 57.82 -13.95
C GLY F 316 -19.69 56.50 -13.21
N LEU F 317 -18.61 55.90 -12.71
CA LEU F 317 -18.69 54.65 -11.98
C LEU F 317 -19.60 54.77 -10.77
N LEU F 318 -19.38 55.79 -9.96
CA LEU F 318 -20.15 55.97 -8.74
C LEU F 318 -21.58 56.37 -9.02
N HIS F 319 -21.79 57.15 -10.08
CA HIS F 319 -23.13 57.54 -10.47
C HIS F 319 -23.93 56.37 -11.02
N HIS F 320 -23.34 55.57 -11.90
CA HIS F 320 -24.05 54.44 -12.51
C HIS F 320 -24.08 53.15 -11.69
N ALA F 321 -23.29 53.12 -10.61
CA ALA F 321 -23.22 51.99 -9.67
C ALA F 321 -24.54 51.22 -9.45
N PRO F 322 -25.67 51.93 -9.17
CA PRO F 322 -26.89 51.18 -8.88
C PRO F 322 -27.36 50.28 -10.02
N SER F 323 -26.98 50.59 -11.25
CA SER F 323 -27.24 49.65 -12.35
C SER F 323 -25.98 48.85 -12.81
N LEU F 324 -24.83 49.52 -12.76
CA LEU F 324 -23.55 48.92 -13.15
C LEU F 324 -23.25 47.59 -12.44
N LEU F 325 -23.65 47.50 -11.17
CA LEU F 325 -23.37 46.31 -10.37
C LEU F 325 -24.09 45.06 -10.89
N ALA F 326 -25.09 45.24 -11.73
CA ALA F 326 -25.74 44.11 -12.37
C ALA F 326 -24.79 43.33 -13.26
N PHE F 327 -23.73 44.00 -13.69
CA PHE F 327 -22.67 43.30 -14.43
C PHE F 327 -21.36 43.10 -13.62
N THR F 328 -21.10 43.94 -12.66
CA THR F 328 -19.85 43.83 -11.91
C THR F 328 -19.99 42.93 -10.67
N ASN F 329 -21.24 42.82 -10.20
CA ASN F 329 -21.59 42.04 -9.01
C ASN F 329 -22.83 41.24 -9.29
N PRO F 330 -22.76 40.31 -10.24
CA PRO F 330 -23.97 39.77 -10.88
C PRO F 330 -24.69 38.59 -10.21
N THR F 331 -24.31 38.23 -9.00
CA THR F 331 -24.90 37.07 -8.36
C THR F 331 -25.53 37.42 -7.02
N VAL F 332 -26.36 36.52 -6.50
CA VAL F 332 -26.97 36.73 -5.19
C VAL F 332 -25.87 36.74 -4.13
N ASN F 333 -24.94 35.80 -4.24
CA ASN F 333 -23.80 35.73 -3.32
C ASN F 333 -22.96 37.02 -3.30
N SER F 334 -22.95 37.77 -4.41
CA SER F 334 -22.18 39.05 -4.49
C SER F 334 -22.50 39.96 -3.33
N TYR F 335 -23.78 39.99 -2.96
CA TYR F 335 -24.30 40.96 -2.00
C TYR F 335 -24.02 40.55 -0.56
N LYS F 336 -23.59 39.30 -0.35
CA LYS F 336 -23.13 38.84 0.93
C LYS F 336 -21.71 39.33 1.23
N ARG F 337 -21.00 39.77 0.19
CA ARG F 337 -19.66 40.35 0.33
C ARG F 337 -19.75 41.83 0.62
N LEU F 338 -20.79 42.49 0.10
CA LEU F 338 -20.89 43.96 0.26
C LEU F 338 -21.46 44.34 1.64
N VAL F 339 -20.73 43.94 2.68
CA VAL F 339 -21.10 44.12 4.09
C VAL F 339 -19.89 44.71 4.82
N PRO F 340 -20.11 45.48 5.89
CA PRO F 340 -18.93 46.19 6.44
C PRO F 340 -17.93 45.31 7.20
N GLY F 341 -16.64 45.70 7.19
CA GLY F 341 -15.61 45.06 8.00
C GLY F 341 -14.66 44.08 7.32
N TYR F 342 -14.72 43.98 5.99
CA TYR F 342 -13.94 42.97 5.28
C TYR F 342 -13.24 43.49 4.03
N GLU F 343 -12.92 44.78 4.04
CA GLU F 343 -12.18 45.43 2.96
C GLU F 343 -12.92 45.41 1.61
N ALA F 344 -14.24 45.27 1.66
CA ALA F 344 -15.08 45.46 0.48
C ALA F 344 -15.94 46.73 0.71
N PRO F 345 -16.41 47.37 -0.39
CA PRO F 345 -17.21 48.60 -0.29
C PRO F 345 -18.61 48.40 0.29
N ILE F 346 -19.10 49.42 1.02
CA ILE F 346 -20.49 49.45 1.49
C ILE F 346 -21.24 50.73 1.10
N ASN F 347 -20.56 51.62 0.39
CA ASN F 347 -21.13 52.89 -0.08
C ASN F 347 -20.32 53.43 -1.25
N LEU F 348 -20.85 54.44 -1.91
CA LEU F 348 -20.32 54.87 -3.20
C LEU F 348 -19.44 56.10 -3.06
N VAL F 349 -18.23 55.90 -2.52
CA VAL F 349 -17.27 56.99 -2.40
C VAL F 349 -15.92 56.59 -2.91
N TYR F 350 -15.13 57.57 -3.34
CA TYR F 350 -13.74 57.34 -3.68
C TYR F 350 -12.84 58.01 -2.66
N SER F 351 -11.64 57.46 -2.50
CA SER F 351 -10.70 57.95 -1.51
C SER F 351 -9.33 57.36 -1.75
N GLN F 352 -8.27 58.15 -1.64
CA GLN F 352 -6.96 57.59 -1.85
C GLN F 352 -6.56 56.73 -0.64
N ARG F 353 -5.79 55.68 -0.92
CA ARG F 353 -5.18 54.85 0.13
C ARG F 353 -6.23 54.07 0.95
N ASN F 354 -7.51 54.11 0.52
CA ASN F 354 -8.61 53.69 1.39
C ASN F 354 -9.28 52.36 1.03
N ARG F 355 -8.94 51.31 1.78
CA ARG F 355 -9.42 49.95 1.46
C ARG F 355 -10.86 49.68 1.92
N SER F 356 -11.48 50.69 2.56
CA SER F 356 -12.89 50.64 2.91
C SER F 356 -13.73 51.32 1.87
N ALA F 357 -13.12 51.94 0.88
CA ALA F 357 -13.86 52.72 -0.12
C ALA F 357 -14.27 51.92 -1.35
N CYS F 358 -15.22 52.47 -2.11
CA CYS F 358 -15.68 51.85 -3.35
C CYS F 358 -14.68 52.04 -4.48
N VAL F 359 -14.07 53.21 -4.55
CA VAL F 359 -12.97 53.43 -5.46
C VAL F 359 -11.80 53.93 -4.62
N ARG F 360 -10.71 53.15 -4.63
CA ARG F 360 -9.47 53.54 -4.00
C ARG F 360 -8.53 54.08 -5.05
N ILE F 361 -7.80 55.13 -4.69
CA ILE F 361 -6.69 55.59 -5.52
C ILE F 361 -5.39 55.14 -4.86
N PRO F 362 -4.72 54.15 -5.45
CA PRO F 362 -3.49 53.59 -4.84
C PRO F 362 -2.39 54.62 -4.87
N ILE F 363 -1.50 54.59 -3.87
CA ILE F 363 -0.39 55.55 -3.78
C ILE F 363 0.70 55.16 -4.76
N THR F 364 0.88 55.98 -5.79
CA THR F 364 1.80 55.62 -6.89
C THR F 364 2.84 56.69 -7.20
N GLY F 365 2.88 57.75 -6.37
CA GLY F 365 3.82 58.85 -6.56
C GLY F 365 3.54 59.71 -7.80
N SER F 366 4.60 60.32 -8.33
CA SER F 366 4.44 61.33 -9.35
C SER F 366 4.53 60.79 -10.78
N ASN F 367 4.79 59.50 -10.94
CA ASN F 367 4.87 58.89 -12.27
C ASN F 367 3.50 58.89 -12.91
N PRO F 368 3.33 59.66 -14.00
CA PRO F 368 2.02 59.79 -14.63
C PRO F 368 1.52 58.48 -15.23
N LYS F 369 2.44 57.60 -15.59
CA LYS F 369 2.05 56.32 -16.20
C LYS F 369 1.39 55.33 -15.20
N ALA F 370 1.64 55.54 -13.92
CA ALA F 370 1.18 54.64 -12.88
C ALA F 370 -0.17 55.06 -12.28
N LYS F 371 -0.63 56.28 -12.59
CA LYS F 371 -1.84 56.79 -11.99
C LYS F 371 -3.08 56.06 -12.53
N ARG F 372 -3.90 55.58 -11.60
CA ARG F 372 -5.13 54.90 -11.96
C ARG F 372 -6.10 54.86 -10.78
N LEU F 373 -7.33 54.47 -11.06
CA LEU F 373 -8.33 54.27 -10.03
C LEU F 373 -8.51 52.77 -9.84
N GLU F 374 -8.77 52.37 -8.59
CA GLU F 374 -9.09 50.98 -8.28
C GLU F 374 -10.55 50.86 -7.90
N PHE F 375 -11.33 50.28 -8.81
CA PHE F 375 -12.76 50.05 -8.57
C PHE F 375 -12.88 48.72 -7.79
N ARG F 376 -13.17 48.83 -6.49
CA ARG F 376 -13.10 47.69 -5.57
C ARG F 376 -14.39 46.89 -5.50
N SER F 377 -15.49 47.46 -6.01
CA SER F 377 -16.79 46.80 -5.99
C SER F 377 -16.87 45.41 -6.69
N PRO F 378 -16.32 45.28 -7.91
CA PRO F 378 -16.59 44.05 -8.69
C PRO F 378 -16.08 42.75 -8.03
N ASP F 379 -16.69 41.62 -8.41
CA ASP F 379 -16.21 40.30 -8.02
C ASP F 379 -16.08 39.38 -9.22
N SER F 380 -15.62 38.16 -8.99
CA SER F 380 -15.34 37.20 -10.07
C SER F 380 -16.53 36.29 -10.38
N SER F 381 -17.72 36.60 -9.87
CA SER F 381 -18.84 35.68 -9.98
C SER F 381 -19.61 35.74 -11.33
N GLY F 382 -19.13 36.52 -12.27
CA GLY F 382 -19.84 36.69 -13.52
C GLY F 382 -18.96 36.63 -14.76
N ASN F 383 -19.02 37.70 -15.56
CA ASN F 383 -18.46 37.70 -16.90
C ASN F 383 -17.58 38.91 -17.11
N PRO F 384 -16.25 38.69 -17.14
CA PRO F 384 -15.28 39.78 -17.22
C PRO F 384 -15.40 40.59 -18.50
N TYR F 385 -15.80 39.94 -19.61
CA TYR F 385 -16.04 40.67 -20.86
C TYR F 385 -17.12 41.71 -20.62
N LEU F 386 -18.22 41.29 -20.03
CA LEU F 386 -19.34 42.20 -19.79
C LEU F 386 -19.00 43.18 -18.68
N ALA F 387 -18.32 42.71 -17.64
CA ALA F 387 -18.03 43.56 -16.49
C ALA F 387 -17.10 44.69 -16.91
N PHE F 388 -15.99 44.34 -17.56
CA PHE F 388 -15.02 45.34 -17.99
C PHE F 388 -15.69 46.35 -18.90
N SER F 389 -16.44 45.85 -19.89
CA SER F 389 -17.13 46.70 -20.84
C SER F 389 -18.09 47.65 -20.13
N ALA F 390 -18.92 47.10 -19.22
CA ALA F 390 -19.88 47.92 -18.46
C ALA F 390 -19.19 49.04 -17.67
N MET F 391 -18.06 48.73 -17.02
CA MET F 391 -17.30 49.76 -16.29
C MET F 391 -16.83 50.87 -17.23
N LEU F 392 -16.39 50.48 -18.43
CA LEU F 392 -15.89 51.44 -19.41
C LEU F 392 -17.03 52.35 -19.83
N MET F 393 -18.20 51.75 -20.13
CA MET F 393 -19.35 52.54 -20.57
C MET F 393 -19.78 53.54 -19.48
N ALA F 394 -19.82 53.09 -18.24
CA ALA F 394 -20.13 54.00 -17.13
C ALA F 394 -19.07 55.11 -17.04
N GLY F 395 -17.81 54.72 -17.14
CA GLY F 395 -16.71 55.68 -17.03
C GLY F 395 -16.74 56.71 -18.14
N LEU F 396 -17.05 56.26 -19.35
CA LEU F 396 -17.11 57.13 -20.52
C LEU F 396 -18.28 58.10 -20.47
N ASP F 397 -19.43 57.61 -20.00
CA ASP F 397 -20.60 58.46 -19.81
C ASP F 397 -20.30 59.57 -18.83
N GLY F 398 -19.52 59.24 -17.79
CA GLY F 398 -19.06 60.21 -16.83
C GLY F 398 -18.21 61.31 -17.45
N ILE F 399 -17.26 60.95 -18.31
CA ILE F 399 -16.40 61.90 -18.99
C ILE F 399 -17.22 62.79 -19.93
N LYS F 400 -18.08 62.14 -20.72
CA LYS F 400 -18.92 62.81 -21.68
C LYS F 400 -19.84 63.83 -21.04
N ASN F 401 -20.44 63.47 -19.90
CA ASN F 401 -21.33 64.35 -19.19
C ASN F 401 -20.67 65.15 -18.08
N LYS F 402 -19.35 65.08 -18.00
CA LYS F 402 -18.58 65.73 -16.90
C LYS F 402 -19.22 65.53 -15.53
N ILE F 403 -19.56 64.29 -15.23
CA ILE F 403 -20.21 63.96 -13.96
C ILE F 403 -19.21 64.09 -12.80
N GLU F 404 -19.54 64.95 -11.84
CA GLU F 404 -18.66 65.19 -10.70
C GLU F 404 -18.97 64.20 -9.56
N PRO F 405 -17.96 63.41 -9.16
CA PRO F 405 -18.20 62.53 -8.02
C PRO F 405 -18.33 63.36 -6.74
N GLN F 406 -19.07 62.88 -5.75
CA GLN F 406 -19.15 63.59 -4.49
C GLN F 406 -17.79 63.54 -3.79
N ALA F 407 -17.55 64.51 -2.92
CA ALA F 407 -16.21 64.74 -2.38
C ALA F 407 -15.67 63.46 -1.75
N PRO F 408 -14.38 63.17 -1.97
CA PRO F 408 -13.78 62.01 -1.33
C PRO F 408 -13.92 62.05 0.19
N VAL F 409 -14.06 60.89 0.81
CA VAL F 409 -14.11 60.81 2.26
C VAL F 409 -12.94 59.96 2.78
N ASP F 410 -11.95 60.64 3.35
CA ASP F 410 -10.72 59.99 3.79
C ASP F 410 -10.82 59.46 5.24
N LYS F 411 -11.74 58.52 5.44
CA LYS F 411 -12.09 57.96 6.75
C LYS F 411 -12.36 56.47 6.61
N ASP F 412 -12.23 55.73 7.71
CA ASP F 412 -12.69 54.34 7.73
C ASP F 412 -14.20 54.39 7.60
N LEU F 413 -14.69 53.99 6.43
CA LEU F 413 -16.11 54.13 6.11
C LEU F 413 -17.02 53.16 6.84
N TYR F 414 -16.45 52.11 7.43
CA TYR F 414 -17.26 51.20 8.24
C TYR F 414 -17.52 51.82 9.59
N GLU F 415 -16.74 52.85 9.96
CA GLU F 415 -16.81 53.48 11.28
C GLU F 415 -17.45 54.87 11.31
N LEU F 416 -18.09 55.27 10.20
CA LEU F 416 -18.76 56.55 10.15
C LEU F 416 -19.87 56.63 11.19
N PRO F 417 -19.98 57.79 11.87
CA PRO F 417 -21.16 58.14 12.66
C PRO F 417 -22.45 57.93 11.86
N PRO F 418 -23.50 57.40 12.52
CA PRO F 418 -24.77 57.15 11.84
C PRO F 418 -25.31 58.27 10.93
N GLU F 419 -25.27 59.52 11.43
CA GLU F 419 -25.78 60.69 10.70
C GLU F 419 -25.00 60.95 9.40
N GLU F 420 -23.68 60.85 9.48
CA GLU F 420 -22.79 61.02 8.33
C GLU F 420 -22.91 59.86 7.33
N ALA F 421 -23.08 58.65 7.84
CA ALA F 421 -23.22 57.44 7.01
C ALA F 421 -24.45 57.54 6.12
N ALA F 422 -25.60 57.76 6.76
CA ALA F 422 -26.89 57.92 6.09
C ALA F 422 -26.92 58.95 4.95
N SER F 423 -26.07 59.98 5.03
CA SER F 423 -25.92 60.97 3.96
C SER F 423 -25.13 60.54 2.70
N ILE F 424 -24.39 59.44 2.77
CA ILE F 424 -23.67 58.92 1.61
C ILE F 424 -24.47 57.78 1.00
N PRO F 425 -24.62 57.76 -0.34
CA PRO F 425 -25.35 56.65 -0.99
C PRO F 425 -24.69 55.30 -0.69
N GLN F 426 -25.51 54.34 -0.27
CA GLN F 426 -25.05 52.98 0.04
C GLN F 426 -24.93 52.14 -1.23
N THR F 427 -24.10 51.10 -1.18
CA THR F 427 -24.09 50.06 -2.20
C THR F 427 -25.43 49.36 -2.10
N PRO F 428 -25.92 48.83 -3.21
CA PRO F 428 -27.17 48.07 -3.21
C PRO F 428 -27.15 46.88 -2.26
N THR F 429 -28.33 46.50 -1.77
CA THR F 429 -28.49 45.47 -0.74
C THR F 429 -28.51 44.08 -1.33
N GLN F 430 -29.10 43.95 -2.52
CA GLN F 430 -29.32 42.64 -3.12
C GLN F 430 -29.42 42.72 -4.65
N LEU F 431 -29.21 41.57 -5.30
CA LEU F 431 -29.19 41.46 -6.77
C LEU F 431 -30.48 41.95 -7.46
N SER F 432 -31.63 41.65 -6.86
CA SER F 432 -32.90 42.03 -7.42
C SER F 432 -33.01 43.55 -7.55
N ASP F 433 -32.36 44.28 -6.64
CA ASP F 433 -32.33 45.74 -6.70
C ASP F 433 -31.58 46.27 -7.93
N VAL F 434 -30.42 45.68 -8.22
CA VAL F 434 -29.61 46.17 -9.34
C VAL F 434 -30.19 45.75 -10.67
N ILE F 435 -30.85 44.59 -10.69
CA ILE F 435 -31.53 44.10 -11.89
C ILE F 435 -32.72 45.01 -12.20
N ASP F 436 -33.49 45.36 -11.18
CA ASP F 436 -34.59 46.29 -11.33
C ASP F 436 -34.08 47.61 -11.87
N ARG F 437 -32.97 48.08 -11.30
CA ARG F 437 -32.42 49.36 -11.70
C ARG F 437 -31.84 49.34 -13.12
N LEU F 438 -31.18 48.23 -13.48
CA LEU F 438 -30.67 48.04 -14.83
C LEU F 438 -31.81 48.12 -15.82
N GLU F 439 -32.91 47.44 -15.50
CA GLU F 439 -34.08 47.41 -16.36
C GLU F 439 -34.66 48.80 -16.58
N ALA F 440 -34.66 49.58 -15.51
CA ALA F 440 -35.22 50.93 -15.53
C ALA F 440 -34.32 51.89 -16.28
N ASP F 441 -33.01 51.78 -16.09
CA ASP F 441 -32.08 52.77 -16.61
C ASP F 441 -30.74 52.20 -17.07
N HIS F 442 -30.57 52.15 -18.39
CA HIS F 442 -29.41 51.49 -18.97
C HIS F 442 -28.91 52.12 -20.27
N GLU F 443 -29.33 53.36 -20.52
CA GLU F 443 -28.98 54.04 -21.76
C GLU F 443 -27.48 54.15 -21.96
N TYR F 444 -26.73 54.39 -20.88
CA TYR F 444 -25.27 54.52 -20.96
C TYR F 444 -24.55 53.28 -21.51
N LEU F 445 -25.21 52.13 -21.40
CA LEU F 445 -24.68 50.86 -21.90
C LEU F 445 -24.98 50.66 -23.36
N THR F 446 -26.09 51.23 -23.82
CA THR F 446 -26.55 51.05 -25.20
C THR F 446 -25.88 52.03 -26.16
N GLU F 447 -25.20 53.04 -25.63
CA GLU F 447 -24.40 53.97 -26.44
C GLU F 447 -23.53 53.22 -27.44
N GLY F 448 -23.56 53.68 -28.69
CA GLY F 448 -22.79 53.05 -29.77
C GLY F 448 -23.17 51.62 -30.07
N GLY F 449 -24.27 51.15 -29.51
CA GLY F 449 -24.65 49.75 -29.63
C GLY F 449 -23.72 48.74 -28.98
N VAL F 450 -22.92 49.18 -28.00
CA VAL F 450 -22.02 48.26 -27.28
C VAL F 450 -22.82 47.13 -26.59
N PHE F 451 -23.75 47.51 -25.72
CA PHE F 451 -24.76 46.58 -25.24
C PHE F 451 -26.00 46.85 -26.08
N THR F 452 -26.70 45.81 -26.48
CA THR F 452 -27.97 45.97 -27.19
C THR F 452 -29.14 45.57 -26.28
N ASN F 453 -30.35 46.02 -26.58
CA ASN F 453 -31.49 45.75 -25.69
C ASN F 453 -31.73 44.27 -25.47
N ASP F 454 -31.51 43.45 -26.50
CA ASP F 454 -31.70 42.01 -26.39
C ASP F 454 -30.71 41.35 -25.41
N LEU F 455 -29.47 41.84 -25.36
CA LEU F 455 -28.51 41.39 -24.36
C LEU F 455 -29.02 41.72 -22.95
N ILE F 456 -29.36 42.98 -22.74
CA ILE F 456 -29.80 43.47 -21.44
C ILE F 456 -31.06 42.77 -20.94
N GLU F 457 -32.01 42.55 -21.84
CA GLU F 457 -33.26 41.86 -21.51
C GLU F 457 -33.02 40.41 -21.14
N THR F 458 -32.13 39.74 -21.87
CA THR F 458 -31.79 38.34 -21.62
C THR F 458 -31.08 38.21 -20.29
N TRP F 459 -30.21 39.16 -20.00
CA TRP F 459 -29.49 39.20 -18.74
C TRP F 459 -30.46 39.33 -17.56
N ILE F 460 -31.32 40.34 -17.62
CA ILE F 460 -32.33 40.60 -16.60
C ILE F 460 -33.19 39.35 -16.39
N SER F 461 -33.72 38.83 -17.50
CA SER F 461 -34.57 37.65 -17.50
C SER F 461 -33.82 36.45 -16.91
N PHE F 462 -32.58 36.21 -17.34
CA PHE F 462 -31.81 35.07 -16.85
C PHE F 462 -31.63 35.13 -15.34
N LYS F 463 -31.20 36.28 -14.84
CA LYS F 463 -30.91 36.46 -13.43
C LYS F 463 -32.18 36.29 -12.57
N ARG F 464 -33.32 36.79 -13.07
CA ARG F 464 -34.56 36.69 -12.31
C ARG F 464 -35.00 35.24 -12.17
N GLU F 465 -35.07 34.54 -13.31
CA GLU F 465 -35.60 33.19 -13.38
C GLU F 465 -34.67 32.11 -12.83
N ASN F 466 -33.36 32.29 -13.00
CA ASN F 466 -32.40 31.24 -12.63
C ASN F 466 -31.63 31.48 -11.32
N GLU F 467 -31.66 32.70 -10.81
CA GLU F 467 -30.89 33.01 -9.61
C GLU F 467 -31.72 33.63 -8.51
N ILE F 468 -32.35 34.77 -8.80
CA ILE F 468 -33.08 35.53 -7.79
C ILE F 468 -34.24 34.73 -7.21
N GLU F 469 -35.13 34.29 -8.11
CA GLU F 469 -36.34 33.58 -7.72
C GLU F 469 -36.02 32.26 -7.02
N PRO F 470 -35.13 31.40 -7.61
CA PRO F 470 -34.81 30.12 -6.95
C PRO F 470 -34.25 30.28 -5.50
N VAL F 471 -33.49 31.33 -5.26
CA VAL F 471 -33.02 31.58 -3.91
C VAL F 471 -34.17 32.04 -3.03
N ASN F 472 -35.00 32.95 -3.55
CA ASN F 472 -36.12 33.52 -2.79
C ASN F 472 -37.12 32.53 -2.28
N ILE F 473 -37.40 31.51 -3.06
CA ILE F 473 -38.41 30.53 -2.67
C ILE F 473 -37.90 29.47 -1.67
N ARG F 474 -36.59 29.38 -1.50
CA ARG F 474 -36.04 28.36 -0.65
C ARG F 474 -35.76 28.90 0.74
N PRO F 475 -36.39 28.30 1.77
CA PRO F 475 -36.09 28.68 3.15
C PRO F 475 -34.59 28.60 3.47
N HIS F 476 -34.10 29.64 4.12
CA HIS F 476 -32.72 29.74 4.56
C HIS F 476 -32.59 29.00 5.92
N PRO F 477 -31.45 28.32 6.16
CA PRO F 477 -31.29 27.57 7.40
C PRO F 477 -31.39 28.47 8.62
N TYR F 478 -30.95 29.71 8.49
CA TYR F 478 -31.01 30.62 9.62
C TYR F 478 -32.46 30.99 10.01
N GLU F 479 -33.38 30.88 9.07
CA GLU F 479 -34.79 31.04 9.38
C GLU F 479 -35.27 30.01 10.42
N PHE F 480 -34.69 28.82 10.38
CA PHE F 480 -35.01 27.79 11.37
C PHE F 480 -34.46 28.12 12.75
N ALA F 481 -33.23 28.64 12.79
CA ALA F 481 -32.67 29.17 14.03
C ALA F 481 -33.58 30.26 14.57
N LEU F 482 -34.12 31.10 13.67
CA LEU F 482 -34.91 32.25 14.09
C LEU F 482 -36.32 31.87 14.48
N TYR F 483 -36.93 30.94 13.75
CA TYR F 483 -38.37 30.85 13.73
C TYR F 483 -38.99 29.50 14.03
N TYR F 484 -38.19 28.44 14.15
CA TYR F 484 -38.79 27.12 14.34
C TYR F 484 -39.82 27.13 15.50
N ASP F 485 -39.48 27.86 16.56
CA ASP F 485 -40.27 27.87 17.79
C ASP F 485 -41.27 29.02 17.92
N VAL F 486 -41.68 29.65 16.81
CA VAL F 486 -42.62 30.79 16.87
C VAL F 486 -44.02 30.45 17.45
#